data_1Q57
#
_entry.id   1Q57
#
_cell.length_a   117.179
_cell.length_b   171.567
_cell.length_c   118.581
_cell.angle_alpha   90.00
_cell.angle_beta   99.86
_cell.angle_gamma   90.00
#
_symmetry.space_group_name_H-M   'P 1 21 1'
#
_entity_poly.entity_id   1
_entity_poly.type   'polypeptide(L)'
_entity_poly.pdbx_seq_one_letter_code
;MTYNVWNFGESNGRYSALTARGISKETCQKAGYWIAKVDGVMYQVADYRDQNGNIVSQKVRDKDKNFKTTGSHKSDALFG
KHLWNGGKKIVVTEGEIDMLTVMELQDCKYPVVSLGHGASAAKKTCAANYEYFDQFEQIILMFDMDEAGRKAVEEAAQVL
PAGKVRVAVLPCKDANECHLNGHDREIMEQVWNAGPWIPDGVVSALSLRERIREHLSSEESVGLLFSGCTGINDKTLGAR
GGEVIMVTSGSGMVMSTFVRQQALQWGTAMGKKVGLAMLEESVEETAEDLIGLHNRVRLRQSDSLKREIIENGKFDQWFD
ELFGNDTFHLYDSFAEAETDRLLAKLAYMRSGLGCDVIILDHISIVVSASGESDERKMIDNLMTKLKGFAKSTGVVLVVI
CHLKNPDKGKAHEEGRPVSITDLRGSGALRQLSDTIIALERNQQGDMPNLVLVRILKCRFTGDTGIAGYMEYNKETGWLE
PSSYSGEEESHSESTDWSNDTDF
;
_entity_poly.pdbx_strand_id   A,B,C,D,E,F,G
#
# COMPACT_ATOMS: atom_id res chain seq x y z
N MET A 1 -44.45 39.04 25.83
CA MET A 1 -44.16 37.99 26.87
C MET A 1 -45.13 36.80 26.87
N THR A 2 -44.86 35.81 27.75
CA THR A 2 -45.66 34.56 27.87
C THR A 2 -47.01 34.70 28.62
N TYR A 3 -48.00 33.86 28.26
CA TYR A 3 -49.38 33.86 28.85
C TYR A 3 -49.43 33.95 30.39
N ASN A 4 -49.95 35.06 30.93
CA ASN A 4 -49.97 35.29 32.38
C ASN A 4 -50.61 34.14 33.12
N VAL A 5 -50.07 33.78 34.28
CA VAL A 5 -50.71 32.78 35.13
C VAL A 5 -52.08 33.27 35.54
N TRP A 6 -53.12 32.44 35.50
CA TRP A 6 -54.50 32.90 35.74
C TRP A 6 -54.88 33.04 37.18
N ASN A 7 -55.23 34.27 37.59
CA ASN A 7 -55.44 34.56 39.02
C ASN A 7 -56.80 34.03 39.48
N PHE A 8 -56.81 33.38 40.63
CA PHE A 8 -58.02 32.77 41.19
C PHE A 8 -58.78 33.92 41.75
N GLY A 9 -60.02 34.11 41.32
CA GLY A 9 -60.75 35.27 41.77
C GLY A 9 -60.85 36.23 40.63
N GLU A 10 -59.72 36.75 40.14
CA GLU A 10 -59.71 37.44 38.86
C GLU A 10 -60.61 36.68 37.84
N SER A 11 -60.31 35.39 37.64
CA SER A 11 -61.21 34.46 36.95
C SER A 11 -62.06 33.80 38.03
N ASN A 12 -63.36 33.72 37.81
CA ASN A 12 -64.31 33.46 38.90
C ASN A 12 -64.27 32.07 39.51
N GLY A 13 -63.23 31.86 40.31
CA GLY A 13 -62.74 30.55 40.64
C GLY A 13 -63.43 29.91 41.78
N ARG A 14 -63.63 28.60 41.67
CA ARG A 14 -64.32 27.81 42.68
C ARG A 14 -63.66 26.48 42.72
N TYR A 15 -63.53 25.91 43.91
CA TYR A 15 -63.06 24.53 44.00
C TYR A 15 -64.27 23.63 44.07
N SER A 16 -64.75 23.19 42.94
CA SER A 16 -65.96 22.37 42.92
C SER A 16 -65.62 20.95 42.54
N ALA A 17 -66.49 20.03 42.92
CA ALA A 17 -66.29 18.61 42.67
C ALA A 17 -66.56 18.27 41.23
N LEU A 18 -65.66 17.50 40.62
CA LEU A 18 -65.86 17.06 39.26
C LEU A 18 -66.83 15.89 39.23
N THR A 19 -68.14 16.16 39.07
CA THR A 19 -69.19 15.14 39.23
C THR A 19 -69.20 14.16 38.08
N ALA A 20 -68.62 14.61 36.98
CA ALA A 20 -68.45 13.79 35.80
C ALA A 20 -67.35 12.69 35.91
N ARG A 21 -66.50 12.80 36.92
CA ARG A 21 -65.33 11.96 37.04
C ARG A 21 -65.21 11.24 38.39
N GLY A 22 -66.14 11.49 39.29
CA GLY A 22 -66.04 10.88 40.58
C GLY A 22 -64.75 11.35 41.20
N ILE A 23 -64.48 12.62 41.10
CA ILE A 23 -63.47 13.26 41.91
C ILE A 23 -64.15 14.21 42.86
N SER A 24 -63.94 14.04 44.15
CA SER A 24 -64.64 14.89 45.10
C SER A 24 -64.17 16.35 45.10
N LYS A 25 -64.95 17.24 45.71
CA LYS A 25 -64.65 18.66 45.76
C LYS A 25 -63.40 18.79 46.57
N GLU A 26 -63.43 18.23 47.78
CA GLU A 26 -62.27 18.18 48.68
C GLU A 26 -60.96 17.72 48.00
N THR A 27 -61.10 16.86 47.00
CA THR A 27 -59.95 16.35 46.26
C THR A 27 -59.42 17.46 45.38
N CYS A 28 -60.21 17.95 44.44
CA CYS A 28 -59.74 18.98 43.53
C CYS A 28 -59.03 20.07 44.31
N GLN A 29 -59.57 20.33 45.49
CA GLN A 29 -59.03 21.33 46.37
C GLN A 29 -57.60 21.16 46.82
N LYS A 30 -57.14 19.93 47.05
CA LYS A 30 -55.74 19.67 47.49
C LYS A 30 -54.76 19.71 46.32
N ALA A 31 -55.11 19.13 45.18
CA ALA A 31 -54.14 19.06 44.13
C ALA A 31 -54.09 20.37 43.33
N GLY A 32 -55.07 21.24 43.58
CA GLY A 32 -55.15 22.49 42.83
C GLY A 32 -55.83 22.31 41.49
N TYR A 33 -57.02 21.70 41.45
CA TYR A 33 -57.76 21.55 40.22
C TYR A 33 -59.01 22.37 40.46
N TRP A 34 -58.93 23.64 40.03
CA TRP A 34 -60.00 24.61 40.25
C TRP A 34 -60.77 24.95 38.97
N ILE A 35 -61.98 25.52 39.13
CA ILE A 35 -62.92 25.78 38.03
C ILE A 35 -63.15 27.26 37.90
N ALA A 36 -62.49 27.89 36.95
CA ALA A 36 -62.69 29.34 36.74
C ALA A 36 -63.83 29.62 35.78
N LYS A 37 -64.10 30.89 35.46
CA LYS A 37 -64.92 31.25 34.26
C LYS A 37 -64.69 32.67 33.73
N VAL A 38 -63.95 32.76 32.62
CA VAL A 38 -63.51 34.02 32.08
C VAL A 38 -64.24 34.35 30.78
N ASP A 39 -64.63 35.62 30.68
CA ASP A 39 -65.26 36.21 29.51
C ASP A 39 -66.49 35.43 29.10
N GLY A 40 -66.94 34.52 29.96
CA GLY A 40 -68.23 33.90 29.80
C GLY A 40 -68.28 32.40 29.97
N VAL A 41 -67.26 31.72 29.42
CA VAL A 41 -67.26 30.26 29.35
C VAL A 41 -66.55 29.73 30.53
N MET A 42 -66.91 28.52 30.97
CA MET A 42 -66.33 27.98 32.23
C MET A 42 -65.19 26.95 32.05
N TYR A 43 -63.96 27.38 32.42
CA TYR A 43 -62.73 26.59 32.20
C TYR A 43 -62.18 25.76 33.40
N GLN A 44 -61.64 24.58 33.12
CA GLN A 44 -61.06 23.77 34.17
C GLN A 44 -59.56 23.98 34.27
N VAL A 45 -59.06 24.51 35.40
CA VAL A 45 -57.66 24.94 35.54
C VAL A 45 -56.85 24.06 36.47
N ALA A 46 -55.82 23.41 35.88
CA ALA A 46 -54.80 22.68 36.64
C ALA A 46 -53.55 23.53 37.00
N ASP A 47 -53.25 23.57 38.27
CA ASP A 47 -52.26 24.46 38.79
C ASP A 47 -50.97 23.73 39.02
N TYR A 48 -50.02 23.92 38.10
CA TYR A 48 -48.69 23.30 38.20
C TYR A 48 -47.79 24.19 39.06
N ARG A 49 -47.38 23.72 40.25
CA ARG A 49 -46.36 24.44 41.07
C ARG A 49 -45.06 23.65 41.21
N ASP A 50 -43.91 24.34 41.35
CA ASP A 50 -42.65 23.67 41.60
C ASP A 50 -42.60 23.19 43.02
N GLN A 51 -41.52 22.49 43.41
CA GLN A 51 -41.35 21.90 44.76
C GLN A 51 -41.37 22.93 45.86
N ASN A 52 -41.18 24.18 45.49
CA ASN A 52 -41.12 25.30 46.38
C ASN A 52 -42.49 25.91 46.68
N GLY A 53 -43.52 25.52 45.91
CA GLY A 53 -44.86 25.93 46.19
C GLY A 53 -45.45 26.94 45.22
N ASN A 54 -44.58 27.72 44.56
CA ASN A 54 -45.10 28.73 43.66
C ASN A 54 -45.73 28.15 42.37
N ILE A 55 -46.84 28.75 41.93
CA ILE A 55 -47.53 28.37 40.70
C ILE A 55 -46.75 28.78 39.50
N VAL A 56 -46.23 27.83 38.75
CA VAL A 56 -45.30 28.15 37.66
C VAL A 56 -46.00 28.17 36.32
N SER A 57 -47.13 27.51 36.28
CA SER A 57 -47.85 27.34 35.02
C SER A 57 -49.26 26.75 35.23
N GLN A 58 -50.13 27.01 34.26
CA GLN A 58 -51.46 26.47 34.32
C GLN A 58 -51.80 25.75 33.06
N LYS A 59 -52.56 24.67 33.20
CA LYS A 59 -53.13 23.98 32.05
C LYS A 59 -54.65 24.16 32.19
N VAL A 60 -55.21 24.97 31.29
CA VAL A 60 -56.65 25.27 31.32
C VAL A 60 -57.46 24.51 30.23
N ARG A 61 -58.68 24.06 30.57
CA ARG A 61 -59.49 23.30 29.64
C ARG A 61 -60.82 23.95 29.38
N ASP A 62 -61.39 23.74 28.19
CA ASP A 62 -62.79 24.11 28.07
C ASP A 62 -63.49 22.83 27.62
N LYS A 63 -64.67 22.50 28.16
CA LYS A 63 -65.55 21.35 27.80
C LYS A 63 -65.36 20.62 26.47
N ASP A 64 -65.43 21.41 25.34
CA ASP A 64 -65.31 20.85 23.97
C ASP A 64 -64.05 20.04 23.79
N LYS A 65 -63.06 20.19 24.67
CA LYS A 65 -61.88 19.34 24.48
C LYS A 65 -60.67 20.13 23.99
N ASN A 66 -60.75 21.45 24.13
CA ASN A 66 -59.60 22.32 23.94
C ASN A 66 -58.61 22.49 25.12
N PHE A 67 -57.55 23.24 24.86
CA PHE A 67 -56.75 23.79 25.94
C PHE A 67 -56.37 25.31 25.90
N LYS A 68 -55.56 25.70 26.91
CA LYS A 68 -54.81 26.98 26.95
C LYS A 68 -53.81 26.86 28.09
N THR A 69 -52.52 27.02 27.80
CA THR A 69 -51.47 26.80 28.84
C THR A 69 -50.74 28.05 29.38
N THR A 70 -50.97 28.38 30.65
CA THR A 70 -50.51 29.66 31.18
C THR A 70 -49.17 29.49 31.82
N GLY A 71 -48.44 30.58 31.90
CA GLY A 71 -47.20 30.54 32.65
C GLY A 71 -46.13 29.94 31.80
N SER A 72 -45.11 29.35 32.44
CA SER A 72 -44.04 28.72 31.68
C SER A 72 -43.98 27.25 32.02
N HIS A 73 -44.50 26.42 31.13
CA HIS A 73 -44.65 24.99 31.39
C HIS A 73 -43.37 24.28 31.06
N LYS A 74 -42.43 24.30 32.00
CA LYS A 74 -41.06 23.79 31.80
C LYS A 74 -41.05 22.26 31.50
N SER A 75 -39.93 21.81 30.94
CA SER A 75 -39.77 20.42 30.46
C SER A 75 -39.86 19.39 31.53
N ASP A 76 -39.92 19.86 32.78
CA ASP A 76 -39.92 19.04 33.98
C ASP A 76 -41.21 19.16 34.84
N ALA A 77 -42.29 19.61 34.21
CA ALA A 77 -43.51 19.88 34.93
C ALA A 77 -44.16 18.59 35.39
N LEU A 78 -44.57 18.53 36.64
CA LEU A 78 -45.28 17.39 37.17
C LEU A 78 -46.44 17.99 37.93
N PHE A 79 -47.68 17.68 37.57
CA PHE A 79 -48.82 18.21 38.31
C PHE A 79 -48.98 17.44 39.58
N GLY A 80 -48.84 18.17 40.69
CA GLY A 80 -48.98 17.61 42.02
C GLY A 80 -47.66 17.55 42.75
N LYS A 81 -46.60 17.79 42.00
CA LYS A 81 -45.25 17.61 42.49
C LYS A 81 -45.02 18.28 43.84
N HIS A 82 -45.65 19.42 44.06
CA HIS A 82 -45.29 20.27 45.18
C HIS A 82 -45.85 19.68 46.46
N LEU A 83 -46.74 18.71 46.30
CA LEU A 83 -47.41 18.08 47.46
C LEU A 83 -46.49 17.20 48.28
N TRP A 84 -45.67 16.44 47.57
CA TRP A 84 -44.77 15.46 48.15
C TRP A 84 -43.28 15.78 47.99
N ASN A 85 -42.55 15.70 49.08
CA ASN A 85 -41.08 15.74 49.07
C ASN A 85 -40.66 14.61 49.97
N GLY A 86 -40.56 13.45 49.32
CA GLY A 86 -40.19 12.19 49.93
C GLY A 86 -41.37 11.24 50.07
N GLY A 87 -41.10 10.00 50.49
CA GLY A 87 -42.15 9.05 50.72
C GLY A 87 -41.71 7.66 50.38
N LYS A 88 -42.53 6.66 50.69
CA LYS A 88 -42.21 5.28 50.43
C LYS A 88 -42.63 4.80 49.06
N LYS A 89 -43.45 5.56 48.36
CA LYS A 89 -44.02 5.12 47.10
C LYS A 89 -44.81 6.26 46.46
N ILE A 90 -44.56 6.57 45.19
CA ILE A 90 -45.30 7.65 44.49
C ILE A 90 -45.83 7.16 43.18
N VAL A 91 -47.14 7.24 43.00
CA VAL A 91 -47.81 6.85 41.76
C VAL A 91 -47.60 8.00 40.75
N VAL A 92 -47.28 7.64 39.52
CA VAL A 92 -47.16 8.68 38.53
C VAL A 92 -48.13 8.39 37.39
N THR A 93 -49.15 9.25 37.22
CA THR A 93 -50.15 9.03 36.16
C THR A 93 -49.99 9.92 34.98
N GLU A 94 -50.59 9.46 33.87
CA GLU A 94 -50.49 10.06 32.56
C GLU A 94 -51.02 11.51 32.56
N GLY A 95 -52.24 11.68 33.05
CA GLY A 95 -52.89 13.01 33.08
C GLY A 95 -53.44 13.53 34.41
N GLU A 96 -53.89 14.78 34.41
CA GLU A 96 -54.28 15.39 35.66
C GLU A 96 -55.46 14.64 36.30
N ILE A 97 -56.45 14.29 35.52
CA ILE A 97 -57.67 13.73 36.08
C ILE A 97 -57.32 12.42 36.78
N ASP A 98 -56.45 11.63 36.16
CA ASP A 98 -56.09 10.32 36.70
C ASP A 98 -55.31 10.45 38.02
N MET A 99 -54.55 11.53 38.16
CA MET A 99 -53.94 11.89 39.42
C MET A 99 -55.04 12.12 40.43
N LEU A 100 -55.94 13.04 40.14
CA LEU A 100 -57.12 13.27 40.96
C LEU A 100 -57.80 11.98 41.44
N THR A 101 -57.80 10.97 40.58
CA THR A 101 -58.43 9.69 40.90
C THR A 101 -57.69 8.95 42.03
N VAL A 102 -56.39 8.74 41.83
CA VAL A 102 -55.58 7.98 42.77
C VAL A 102 -55.65 8.75 44.04
N MET A 103 -55.72 10.08 43.88
CA MET A 103 -55.80 10.99 45.03
C MET A 103 -57.08 10.83 45.81
N GLU A 104 -57.95 9.91 45.41
CA GLU A 104 -59.25 9.81 46.01
C GLU A 104 -59.40 8.53 46.78
N LEU A 105 -58.91 7.50 46.11
CA LEU A 105 -59.04 6.15 46.65
C LEU A 105 -58.15 5.87 47.83
N GLN A 106 -58.69 5.06 48.72
CA GLN A 106 -57.87 4.49 49.85
C GLN A 106 -58.37 5.31 50.96
N ASP A 107 -59.19 6.31 50.61
CA ASP A 107 -59.42 7.48 51.46
C ASP A 107 -58.29 8.47 51.27
N CYS A 108 -57.66 8.31 50.09
CA CYS A 108 -56.34 8.86 49.69
C CYS A 108 -55.13 8.80 50.68
N LYS A 109 -54.33 7.78 50.47
CA LYS A 109 -53.07 7.78 51.12
C LYS A 109 -51.65 7.94 50.71
N TYR A 110 -51.36 7.84 49.41
CA TYR A 110 -49.97 8.03 48.86
C TYR A 110 -49.82 9.17 47.84
N PRO A 111 -48.61 9.61 47.62
CA PRO A 111 -48.35 10.69 46.69
C PRO A 111 -48.73 10.29 45.29
N VAL A 112 -49.24 11.25 44.53
CA VAL A 112 -49.51 11.08 43.09
C VAL A 112 -49.18 12.33 42.37
N VAL A 113 -48.49 12.22 41.28
CA VAL A 113 -48.27 13.40 40.47
C VAL A 113 -48.64 12.93 39.08
N SER A 114 -48.86 13.87 38.13
CA SER A 114 -49.14 13.51 36.72
C SER A 114 -48.12 14.11 35.79
N LEU A 115 -47.90 13.46 34.64
CA LEU A 115 -46.90 13.90 33.65
C LEU A 115 -47.24 15.25 33.12
N GLY A 116 -46.24 16.12 32.95
CA GLY A 116 -46.46 17.52 32.55
C GLY A 116 -46.90 17.72 31.09
N HIS A 117 -46.38 16.85 30.24
CA HIS A 117 -46.76 16.82 28.84
C HIS A 117 -46.99 15.34 28.52
N GLY A 118 -47.03 14.59 29.61
CA GLY A 118 -47.58 13.24 29.66
C GLY A 118 -47.34 12.32 28.50
N ALA A 119 -48.43 11.99 27.84
CA ALA A 119 -48.36 11.24 26.63
C ALA A 119 -46.93 10.90 26.14
N SER A 120 -46.50 11.75 25.20
CA SER A 120 -45.37 11.52 24.34
C SER A 120 -44.10 11.94 25.01
N ALA A 121 -44.16 12.96 25.84
CA ALA A 121 -42.95 13.48 26.50
C ALA A 121 -42.61 12.71 27.77
N ALA A 122 -42.86 11.41 27.79
CA ALA A 122 -42.74 10.65 29.04
C ALA A 122 -41.27 10.62 29.41
N LYS A 123 -40.42 10.34 28.42
CA LYS A 123 -38.98 10.25 28.59
C LYS A 123 -38.44 11.56 29.13
N LYS A 124 -38.66 12.67 28.43
CA LYS A 124 -38.10 13.96 28.84
C LYS A 124 -38.55 14.37 30.24
N THR A 125 -39.87 14.51 30.41
CA THR A 125 -40.44 14.95 31.68
C THR A 125 -39.88 14.12 32.80
N CYS A 126 -39.70 12.84 32.54
CA CYS A 126 -39.26 12.01 33.60
C CYS A 126 -37.82 12.23 33.99
N ALA A 127 -36.89 12.09 33.04
CA ALA A 127 -35.48 12.18 33.35
C ALA A 127 -35.18 13.55 33.87
N ALA A 128 -36.04 14.49 33.52
CA ALA A 128 -35.94 15.85 34.02
C ALA A 128 -36.03 15.87 35.53
N ASN A 129 -36.58 14.80 36.06
CA ASN A 129 -37.02 14.74 37.44
C ASN A 129 -36.41 13.62 38.28
N TYR A 130 -35.31 13.03 37.81
CA TYR A 130 -34.63 11.92 38.48
C TYR A 130 -34.49 12.15 39.95
N GLU A 131 -33.85 13.23 40.32
CA GLU A 131 -33.68 13.58 41.72
C GLU A 131 -35.04 13.63 42.43
N TYR A 132 -36.01 14.38 41.92
CA TYR A 132 -37.33 14.44 42.57
C TYR A 132 -37.90 13.06 42.85
N PHE A 133 -37.96 12.22 41.82
CA PHE A 133 -38.50 10.88 41.96
C PHE A 133 -37.67 9.96 42.84
N ASP A 134 -36.34 10.09 42.86
CA ASP A 134 -35.49 9.24 43.69
C ASP A 134 -35.74 9.48 45.14
N GLN A 135 -36.41 10.58 45.47
CA GLN A 135 -36.89 10.91 46.81
C GLN A 135 -37.86 9.86 47.39
N PHE A 136 -38.35 8.97 46.54
CA PHE A 136 -39.25 7.92 46.97
C PHE A 136 -38.65 6.54 46.75
N GLU A 137 -39.10 5.57 47.57
CA GLU A 137 -38.62 4.19 47.60
C GLU A 137 -38.97 3.41 46.32
N GLN A 138 -40.22 3.54 45.87
CA GLN A 138 -40.59 2.95 44.59
C GLN A 138 -41.51 3.85 43.75
N ILE A 139 -41.27 3.89 42.43
CA ILE A 139 -42.00 4.77 41.52
C ILE A 139 -42.97 3.91 40.74
N ILE A 140 -44.26 4.10 40.96
CA ILE A 140 -45.31 3.29 40.29
C ILE A 140 -45.88 3.96 39.05
N LEU A 141 -45.50 3.46 37.88
CA LEU A 141 -45.95 4.06 36.64
C LEU A 141 -47.34 3.53 36.31
N MET A 142 -48.34 4.39 36.45
CA MET A 142 -49.72 4.02 36.16
C MET A 142 -50.19 4.81 34.96
N PHE A 143 -49.69 4.41 33.79
CA PHE A 143 -49.98 5.09 32.53
C PHE A 143 -51.14 4.43 31.80
N ASP A 144 -51.51 5.00 30.64
CA ASP A 144 -52.56 4.46 29.76
C ASP A 144 -52.36 2.99 29.39
N MET A 145 -53.47 2.28 29.20
CA MET A 145 -53.42 0.86 28.90
C MET A 145 -53.55 0.58 27.41
N ASP A 146 -52.78 1.31 26.58
CA ASP A 146 -52.88 1.20 25.13
C ASP A 146 -51.51 1.21 24.46
N GLU A 147 -51.51 1.00 23.15
CA GLU A 147 -50.32 1.14 22.29
C GLU A 147 -49.32 2.14 22.91
N ALA A 148 -49.56 3.43 22.68
CA ALA A 148 -48.58 4.47 23.01
C ALA A 148 -48.37 4.63 24.49
N GLY A 149 -49.27 4.04 25.26
CA GLY A 149 -49.28 4.13 26.71
C GLY A 149 -48.35 3.12 27.34
N ARG A 150 -48.26 1.94 26.74
CA ARG A 150 -47.26 1.01 27.20
C ARG A 150 -45.90 1.54 26.79
N LYS A 151 -45.83 2.11 25.60
CA LYS A 151 -44.57 2.66 25.13
C LYS A 151 -44.11 3.67 26.11
N ALA A 152 -45.01 4.56 26.53
CA ALA A 152 -44.66 5.62 27.45
C ALA A 152 -43.99 5.08 28.69
N VAL A 153 -44.63 4.09 29.32
CA VAL A 153 -44.02 3.34 30.40
C VAL A 153 -42.56 2.99 30.10
N GLU A 154 -42.35 2.29 29.00
CA GLU A 154 -41.02 1.85 28.61
C GLU A 154 -39.99 2.98 28.56
N GLU A 155 -40.29 4.06 27.84
CA GLU A 155 -39.36 5.16 27.66
C GLU A 155 -39.16 5.82 28.99
N ALA A 156 -40.17 5.76 29.83
CA ALA A 156 -40.15 6.37 31.16
C ALA A 156 -39.17 5.68 32.07
N ALA A 157 -39.42 4.39 32.33
CA ALA A 157 -38.57 3.61 33.20
C ALA A 157 -37.12 3.66 32.76
N GLN A 158 -36.87 3.67 31.46
CA GLN A 158 -35.51 3.70 30.94
C GLN A 158 -34.76 4.82 31.61
N VAL A 159 -35.35 6.02 31.67
CA VAL A 159 -34.68 7.18 32.19
C VAL A 159 -34.85 7.35 33.72
N LEU A 160 -35.72 6.55 34.34
CA LEU A 160 -36.05 6.66 35.79
C LEU A 160 -35.16 5.80 36.65
N PRO A 161 -34.95 6.18 37.90
CA PRO A 161 -33.93 5.61 38.77
C PRO A 161 -33.94 4.11 39.01
N ALA A 162 -32.85 3.37 38.73
CA ALA A 162 -32.59 2.03 39.29
C ALA A 162 -33.70 1.00 39.38
N GLY A 163 -33.73 0.24 40.46
CA GLY A 163 -34.74 -0.80 40.57
C GLY A 163 -36.02 -0.39 41.30
N LYS A 164 -36.51 0.80 40.97
CA LYS A 164 -37.60 1.38 41.70
C LYS A 164 -38.88 1.34 40.92
N VAL A 165 -38.80 1.35 39.60
CA VAL A 165 -40.00 1.46 38.77
C VAL A 165 -40.88 0.24 38.79
N ARG A 166 -42.18 0.40 38.98
CA ARG A 166 -43.05 -0.73 38.76
C ARG A 166 -44.23 -0.34 37.90
N VAL A 167 -44.62 -1.24 37.00
CA VAL A 167 -45.71 -0.93 36.08
C VAL A 167 -47.10 -1.28 36.59
N ALA A 168 -47.99 -0.31 36.49
CA ALA A 168 -49.38 -0.50 36.88
C ALA A 168 -50.10 -1.16 35.73
N VAL A 169 -51.04 -2.04 36.08
CA VAL A 169 -51.81 -2.76 35.07
C VAL A 169 -53.29 -2.77 35.43
N LEU A 170 -54.04 -1.85 34.83
CA LEU A 170 -55.45 -1.70 35.11
C LEU A 170 -56.30 -2.46 34.11
N PRO A 171 -57.56 -2.73 34.48
CA PRO A 171 -58.54 -3.32 33.58
C PRO A 171 -59.02 -2.42 32.45
N CYS A 172 -58.86 -1.10 32.55
CA CYS A 172 -59.30 -0.21 31.48
C CYS A 172 -58.29 0.84 31.05
N LYS A 173 -58.68 1.68 30.08
CA LYS A 173 -57.75 2.59 29.42
C LYS A 173 -56.91 3.31 30.45
N ASP A 174 -57.55 3.92 31.45
CA ASP A 174 -56.81 4.58 32.51
C ASP A 174 -57.42 4.39 33.89
N ALA A 175 -56.68 4.85 34.89
CA ALA A 175 -57.09 4.78 36.27
C ALA A 175 -58.48 5.43 36.55
N ASN A 176 -58.89 6.39 35.73
CA ASN A 176 -60.20 7.01 35.93
C ASN A 176 -61.29 6.23 35.24
N GLU A 177 -60.98 5.66 34.08
CA GLU A 177 -61.94 4.79 33.42
C GLU A 177 -62.35 3.70 34.40
N CYS A 178 -61.45 3.29 35.27
CA CYS A 178 -61.76 2.27 36.27
C CYS A 178 -62.70 2.84 37.31
N HIS A 179 -62.28 3.93 37.93
CA HIS A 179 -63.11 4.58 38.93
C HIS A 179 -64.53 4.75 38.42
N LEU A 180 -64.65 5.47 37.29
CA LEU A 180 -65.96 5.73 36.65
C LEU A 180 -66.62 4.40 36.52
N ASN A 181 -67.48 4.14 37.48
CA ASN A 181 -68.03 2.82 37.67
C ASN A 181 -67.17 1.69 37.02
N GLY A 182 -66.52 0.98 37.92
CA GLY A 182 -65.89 -0.27 37.59
C GLY A 182 -65.19 -0.77 38.84
N HIS A 183 -63.86 -0.65 38.84
CA HIS A 183 -63.04 -1.40 39.74
C HIS A 183 -62.07 -0.49 40.45
N ASP A 184 -62.55 0.21 41.45
CA ASP A 184 -61.63 0.99 42.28
C ASP A 184 -60.64 0.06 42.87
N ARG A 185 -61.12 -1.08 43.40
CA ARG A 185 -60.28 -2.08 44.06
C ARG A 185 -59.19 -2.62 43.15
N GLU A 186 -59.37 -2.47 41.84
CA GLU A 186 -58.38 -2.92 40.88
C GLU A 186 -57.20 -1.95 40.89
N ILE A 187 -57.52 -0.64 40.91
CA ILE A 187 -56.53 0.45 41.05
C ILE A 187 -55.75 0.30 42.35
N MET A 188 -56.45 -0.03 43.39
CA MET A 188 -55.92 -0.25 44.73
C MET A 188 -54.86 -1.33 44.78
N GLU A 189 -55.21 -2.49 44.25
CA GLU A 189 -54.33 -3.65 44.22
C GLU A 189 -53.02 -3.35 43.48
N GLN A 190 -52.96 -2.24 42.78
CA GLN A 190 -51.77 -1.86 42.04
C GLN A 190 -50.92 -0.82 42.76
N VAL A 191 -51.55 0.29 43.18
CA VAL A 191 -50.90 1.27 44.03
C VAL A 191 -50.13 0.58 45.15
N TRP A 192 -50.79 -0.33 45.92
CA TRP A 192 -50.03 -1.28 46.77
C TRP A 192 -49.46 -2.25 45.80
N ASN A 193 -48.12 -2.35 45.91
CA ASN A 193 -47.21 -3.36 45.28
C ASN A 193 -47.09 -3.57 43.75
N ALA A 194 -48.05 -3.06 42.98
CA ALA A 194 -48.26 -3.42 41.58
C ALA A 194 -46.99 -3.75 40.80
N GLY A 195 -46.65 -5.04 40.67
CA GLY A 195 -45.48 -5.48 39.89
C GLY A 195 -44.37 -4.52 39.48
N PRO A 196 -43.20 -5.06 39.13
CA PRO A 196 -42.03 -4.25 38.79
C PRO A 196 -41.55 -4.53 37.38
N TRP A 197 -40.97 -3.55 36.67
CA TRP A 197 -40.18 -3.90 35.49
C TRP A 197 -39.65 -2.83 34.53
N ILE A 198 -38.97 -3.32 33.51
CA ILE A 198 -38.20 -2.64 32.39
C ILE A 198 -36.58 -2.52 32.30
N PRO A 199 -36.02 -3.69 32.61
CA PRO A 199 -34.85 -4.36 32.08
C PRO A 199 -35.23 -5.25 30.91
N ASP A 200 -34.80 -4.98 29.70
CA ASP A 200 -35.25 -5.80 28.60
C ASP A 200 -34.27 -6.88 28.26
N GLY A 201 -33.91 -7.69 29.22
CA GLY A 201 -32.94 -8.75 28.97
C GLY A 201 -32.19 -9.22 30.23
N VAL A 202 -32.44 -8.53 31.31
CA VAL A 202 -32.09 -9.01 32.61
C VAL A 202 -33.29 -9.82 33.08
N VAL A 203 -33.07 -10.91 33.79
CA VAL A 203 -34.13 -11.84 34.09
C VAL A 203 -33.93 -12.61 35.37
N SER A 204 -34.47 -12.18 36.51
CA SER A 204 -34.18 -12.88 37.76
C SER A 204 -34.53 -14.37 37.67
N ALA A 205 -33.74 -15.20 38.33
CA ALA A 205 -33.86 -16.64 38.22
C ALA A 205 -35.23 -17.13 38.61
N LEU A 206 -35.74 -16.60 39.71
CA LEU A 206 -37.04 -16.99 40.23
C LEU A 206 -37.98 -16.98 39.11
N SER A 207 -37.87 -15.95 38.28
CA SER A 207 -38.82 -15.73 37.21
C SER A 207 -38.63 -16.64 36.01
N LEU A 208 -37.88 -17.72 36.17
CA LEU A 208 -37.62 -18.68 35.09
C LEU A 208 -38.17 -20.07 35.36
N ARG A 209 -38.78 -20.27 36.53
CA ARG A 209 -39.26 -21.58 36.92
C ARG A 209 -39.93 -22.26 35.78
N GLU A 210 -40.93 -21.59 35.23
CA GLU A 210 -41.71 -22.26 34.23
C GLU A 210 -40.86 -22.55 33.01
N ARG A 211 -40.14 -21.56 32.52
CA ARG A 211 -39.35 -21.74 31.30
C ARG A 211 -38.41 -22.92 31.45
N ILE A 212 -37.87 -23.11 32.66
CA ILE A 212 -36.95 -24.20 32.96
C ILE A 212 -37.61 -25.56 32.92
N ARG A 213 -38.74 -25.69 33.62
CA ARG A 213 -39.53 -26.93 33.65
C ARG A 213 -39.78 -27.41 32.24
N GLU A 214 -40.41 -26.53 31.46
CA GLU A 214 -40.75 -26.90 30.12
C GLU A 214 -39.50 -27.24 29.30
N HIS A 215 -38.39 -26.57 29.57
CA HIS A 215 -37.11 -26.97 28.95
C HIS A 215 -36.77 -28.41 29.29
N LEU A 216 -36.70 -28.71 30.58
CA LEU A 216 -36.22 -29.99 31.06
C LEU A 216 -36.92 -31.16 30.38
N SER A 217 -38.24 -31.06 30.22
CA SER A 217 -39.02 -32.08 29.52
C SER A 217 -38.75 -32.10 28.03
N SER A 218 -38.87 -30.92 27.42
CA SER A 218 -38.64 -30.74 25.98
C SER A 218 -37.27 -31.22 25.43
N GLU A 219 -36.19 -30.68 25.97
CA GLU A 219 -34.87 -31.01 25.43
C GLU A 219 -33.98 -32.04 26.16
N GLU A 220 -33.18 -32.68 25.32
CA GLU A 220 -32.81 -34.07 25.50
C GLU A 220 -31.28 -34.38 25.37
N SER A 221 -30.70 -34.57 26.55
CA SER A 221 -29.30 -34.90 26.92
C SER A 221 -28.33 -35.63 25.96
N VAL A 222 -28.56 -36.94 25.84
CA VAL A 222 -27.73 -37.87 25.11
C VAL A 222 -28.24 -37.98 23.68
N GLY A 223 -28.49 -36.83 23.05
CA GLY A 223 -28.95 -36.80 21.66
C GLY A 223 -28.06 -37.40 20.57
N LEU A 224 -28.49 -38.56 20.03
CA LEU A 224 -27.87 -39.14 18.84
C LEU A 224 -26.38 -39.39 19.03
N LEU A 225 -26.00 -40.65 19.14
CA LEU A 225 -24.62 -40.93 19.54
C LEU A 225 -23.66 -41.15 18.39
N PHE A 226 -22.58 -40.37 18.37
CA PHE A 226 -21.57 -40.52 17.36
C PHE A 226 -21.13 -41.97 17.30
N SER A 227 -20.89 -42.46 16.09
CA SER A 227 -20.58 -43.85 15.98
C SER A 227 -19.24 -44.05 15.44
N GLY A 228 -18.51 -44.91 16.14
CA GLY A 228 -17.20 -45.37 15.70
C GLY A 228 -16.10 -44.89 16.59
N CYS A 229 -16.47 -44.34 17.76
CA CYS A 229 -15.50 -43.83 18.71
C CYS A 229 -16.17 -43.27 19.95
N THR A 230 -16.64 -44.16 20.82
CA THR A 230 -17.10 -43.71 22.14
C THR A 230 -15.93 -42.93 22.69
N GLY A 231 -16.22 -41.72 23.13
CA GLY A 231 -15.16 -40.76 23.17
C GLY A 231 -15.83 -39.58 22.56
N ILE A 232 -15.87 -39.48 21.23
CA ILE A 232 -16.69 -38.45 20.64
C ILE A 232 -17.93 -38.32 21.52
N ASN A 233 -18.49 -39.46 21.96
CA ASN A 233 -19.72 -39.42 22.74
C ASN A 233 -19.46 -38.98 24.15
N ASP A 234 -18.60 -39.74 24.82
CA ASP A 234 -18.12 -39.41 26.14
C ASP A 234 -17.88 -37.92 26.35
N LYS A 235 -17.28 -37.25 25.38
CA LYS A 235 -16.91 -35.85 25.52
C LYS A 235 -18.01 -34.91 25.07
N THR A 236 -18.79 -35.29 24.08
CA THR A 236 -19.77 -34.34 23.55
C THR A 236 -21.18 -34.70 23.95
N LEU A 237 -21.36 -35.94 24.39
CA LEU A 237 -22.70 -36.35 24.82
C LEU A 237 -23.64 -36.33 23.65
N GLY A 238 -23.06 -36.34 22.45
CA GLY A 238 -23.80 -36.56 21.22
C GLY A 238 -24.15 -35.33 20.41
N ALA A 239 -25.08 -35.52 19.50
CA ALA A 239 -25.53 -34.44 18.67
C ALA A 239 -26.97 -34.15 19.00
N ARG A 240 -27.13 -33.17 19.85
CA ARG A 240 -28.41 -32.70 20.29
C ARG A 240 -29.02 -31.85 19.20
N GLY A 241 -30.33 -31.97 19.03
CA GLY A 241 -31.04 -31.21 18.01
C GLY A 241 -30.84 -29.71 18.15
N GLY A 242 -31.00 -28.97 17.06
CA GLY A 242 -30.78 -27.53 17.09
C GLY A 242 -29.32 -27.10 17.23
N GLU A 243 -28.45 -28.02 17.66
CA GLU A 243 -27.00 -27.77 17.64
C GLU A 243 -26.50 -27.59 16.18
N VAL A 244 -25.22 -27.25 16.06
CA VAL A 244 -24.52 -27.28 14.77
C VAL A 244 -23.15 -28.00 14.91
N ILE A 245 -23.10 -29.30 14.62
CA ILE A 245 -21.85 -30.03 14.71
C ILE A 245 -21.04 -29.69 13.50
N MET A 246 -19.74 -29.50 13.68
CA MET A 246 -18.87 -29.15 12.57
C MET A 246 -17.65 -30.09 12.49
N VAL A 247 -17.67 -30.95 11.46
CA VAL A 247 -16.56 -31.85 11.24
C VAL A 247 -15.54 -31.16 10.38
N THR A 248 -14.29 -31.19 10.82
CA THR A 248 -13.20 -30.62 10.05
C THR A 248 -11.93 -31.44 10.08
N SER A 249 -11.10 -31.26 9.06
CA SER A 249 -9.76 -31.79 9.11
C SER A 249 -8.99 -31.61 7.83
N GLY A 250 -7.74 -32.00 7.87
CA GLY A 250 -6.88 -31.94 6.74
C GLY A 250 -7.50 -32.65 5.54
N SER A 251 -6.66 -33.10 4.61
CA SER A 251 -7.11 -33.69 3.35
C SER A 251 -8.29 -34.65 3.55
N GLY A 252 -8.43 -35.08 4.76
CA GLY A 252 -9.47 -35.95 5.11
C GLY A 252 -10.62 -36.26 4.12
N MET A 253 -10.54 -37.44 3.54
CA MET A 253 -11.69 -38.08 2.95
C MET A 253 -12.22 -38.94 4.09
N VAL A 254 -11.23 -39.26 4.89
CA VAL A 254 -11.38 -39.74 6.25
C VAL A 254 -12.54 -38.97 6.87
N MET A 255 -12.51 -37.65 6.61
CA MET A 255 -13.56 -36.75 7.07
C MET A 255 -14.86 -37.06 6.37
N SER A 256 -14.84 -37.09 5.05
CA SER A 256 -16.04 -37.41 4.30
C SER A 256 -16.60 -38.82 4.51
N THR A 257 -15.80 -39.72 5.11
CA THR A 257 -16.24 -41.07 5.47
C THR A 257 -16.86 -41.02 6.81
N PHE A 258 -16.20 -40.31 7.71
CA PHE A 258 -16.68 -40.23 9.07
C PHE A 258 -18.09 -39.70 9.05
N VAL A 259 -18.32 -38.59 8.36
CA VAL A 259 -19.65 -38.04 8.26
C VAL A 259 -20.60 -39.05 7.65
N ARG A 260 -20.16 -39.68 6.57
CA ARG A 260 -21.00 -40.66 5.87
C ARG A 260 -21.40 -41.77 6.80
N GLN A 261 -20.44 -42.22 7.58
CA GLN A 261 -20.67 -43.29 8.52
C GLN A 261 -21.79 -42.91 9.48
N GLN A 262 -21.70 -41.72 10.08
CA GLN A 262 -22.73 -41.22 10.98
C GLN A 262 -24.06 -41.18 10.32
N ALA A 263 -24.15 -40.52 9.18
CA ALA A 263 -25.33 -40.61 8.29
C ALA A 263 -25.87 -42.04 8.24
N LEU A 264 -25.01 -42.98 7.90
CA LEU A 264 -25.41 -44.37 7.88
C LEU A 264 -26.07 -44.82 9.15
N GLN A 265 -25.37 -44.89 10.26
CA GLN A 265 -25.96 -45.46 11.48
C GLN A 265 -27.15 -44.67 12.07
N TRP A 266 -27.25 -43.36 11.81
CA TRP A 266 -28.39 -42.59 12.28
C TRP A 266 -29.66 -42.95 11.52
N GLY A 267 -29.48 -43.26 10.26
CA GLY A 267 -30.60 -43.48 9.37
C GLY A 267 -30.96 -44.94 9.24
N THR A 268 -30.45 -45.75 10.16
CA THR A 268 -30.71 -47.20 10.09
C THR A 268 -30.85 -47.82 11.50
N ALA A 269 -29.78 -47.77 12.27
CA ALA A 269 -29.78 -48.26 13.64
C ALA A 269 -30.81 -47.45 14.41
N MET A 270 -30.52 -46.15 14.49
CA MET A 270 -31.50 -45.19 15.01
C MET A 270 -32.58 -45.01 13.95
N GLY A 271 -33.72 -44.50 14.38
CA GLY A 271 -34.85 -44.32 13.49
C GLY A 271 -34.66 -43.14 12.56
N LYS A 272 -33.76 -42.24 12.93
CA LYS A 272 -33.77 -40.92 12.35
C LYS A 272 -33.65 -40.89 10.83
N LYS A 273 -34.37 -39.92 10.25
CA LYS A 273 -34.38 -39.62 8.83
C LYS A 273 -33.21 -38.73 8.54
N VAL A 274 -32.26 -39.20 7.76
CA VAL A 274 -31.13 -38.34 7.39
C VAL A 274 -31.34 -37.56 6.10
N GLY A 275 -30.92 -36.30 6.06
CA GLY A 275 -30.96 -35.54 4.83
C GLY A 275 -29.56 -35.17 4.45
N LEU A 276 -29.19 -35.40 3.21
CA LEU A 276 -27.83 -35.15 2.83
C LEU A 276 -27.74 -34.13 1.72
N ALA A 277 -26.92 -33.12 1.92
CA ALA A 277 -26.51 -32.26 0.83
C ALA A 277 -25.03 -32.47 0.62
N MET A 278 -24.69 -33.44 -0.21
CA MET A 278 -23.30 -33.74 -0.49
C MET A 278 -22.89 -32.89 -1.70
N LEU A 279 -22.48 -31.64 -1.50
CA LEU A 279 -22.36 -30.76 -2.67
C LEU A 279 -21.25 -31.12 -3.63
N GLU A 280 -20.28 -31.91 -3.17
CA GLU A 280 -19.10 -32.29 -3.98
C GLU A 280 -19.45 -33.23 -5.12
N GLU A 281 -20.16 -34.31 -4.75
CA GLU A 281 -20.44 -35.43 -5.62
C GLU A 281 -21.92 -35.52 -6.02
N SER A 282 -22.23 -36.46 -6.93
CA SER A 282 -23.58 -36.61 -7.47
C SER A 282 -24.50 -37.30 -6.48
N VAL A 283 -25.78 -37.24 -6.71
CA VAL A 283 -26.67 -37.84 -5.76
C VAL A 283 -26.60 -39.35 -5.96
N GLU A 284 -26.41 -39.78 -7.20
CA GLU A 284 -26.25 -41.20 -7.46
C GLU A 284 -25.01 -41.71 -6.72
N GLU A 285 -23.94 -40.97 -6.87
CA GLU A 285 -22.65 -41.34 -6.32
C GLU A 285 -22.78 -41.58 -4.85
N THR A 286 -23.26 -40.57 -4.12
CA THR A 286 -23.26 -40.69 -2.68
C THR A 286 -24.10 -41.90 -2.28
N ALA A 287 -25.22 -42.10 -2.93
CA ALA A 287 -26.06 -43.27 -2.70
C ALA A 287 -25.26 -44.58 -2.82
N GLU A 288 -24.44 -44.72 -3.85
CA GLU A 288 -23.63 -45.91 -3.99
C GLU A 288 -22.75 -46.01 -2.81
N ASP A 289 -22.09 -44.91 -2.47
CA ASP A 289 -21.15 -44.91 -1.36
C ASP A 289 -21.79 -45.33 -0.07
N LEU A 290 -23.05 -44.98 0.14
CA LEU A 290 -23.78 -45.43 1.30
C LEU A 290 -23.94 -46.94 1.18
N ILE A 291 -24.70 -47.41 0.21
CA ILE A 291 -24.91 -48.82 -0.03
C ILE A 291 -23.68 -49.64 0.22
N GLY A 292 -22.59 -49.30 -0.44
CA GLY A 292 -21.38 -50.07 -0.25
C GLY A 292 -20.94 -50.07 1.19
N LEU A 293 -20.93 -48.89 1.79
CA LEU A 293 -20.46 -48.70 3.14
C LEU A 293 -21.31 -49.52 4.07
N HIS A 294 -22.58 -49.64 3.73
CA HIS A 294 -23.50 -50.33 4.59
C HIS A 294 -23.25 -51.82 4.50
N ASN A 295 -22.78 -52.26 3.35
CA ASN A 295 -22.48 -53.66 3.15
C ASN A 295 -20.98 -53.94 3.31
N ARG A 296 -20.26 -52.98 3.88
CA ARG A 296 -18.83 -53.15 4.15
C ARG A 296 -18.03 -53.61 2.97
N VAL A 297 -18.30 -53.04 1.81
CA VAL A 297 -17.60 -53.39 0.58
C VAL A 297 -17.32 -52.11 -0.18
N ARG A 298 -16.16 -51.96 -0.83
CA ARG A 298 -15.92 -50.69 -1.49
C ARG A 298 -16.61 -50.70 -2.83
N LEU A 299 -17.89 -50.43 -2.82
CA LEU A 299 -18.66 -50.62 -4.03
C LEU A 299 -18.15 -49.83 -5.25
N ARG A 300 -18.11 -48.50 -5.24
CA ARG A 300 -17.89 -47.81 -6.52
C ARG A 300 -16.54 -48.15 -7.03
N GLN A 301 -15.71 -48.49 -6.04
CA GLN A 301 -14.28 -48.68 -6.21
C GLN A 301 -13.95 -50.09 -6.77
N SER A 302 -14.89 -50.67 -7.50
CA SER A 302 -14.73 -52.02 -8.03
C SER A 302 -15.66 -52.42 -9.19
N ASP A 303 -15.12 -52.32 -10.40
CA ASP A 303 -15.79 -52.74 -11.62
C ASP A 303 -16.56 -54.08 -11.40
N SER A 304 -15.82 -55.11 -10.97
CA SER A 304 -16.33 -56.49 -10.93
C SER A 304 -17.57 -56.68 -10.06
N LEU A 305 -17.50 -56.17 -8.84
CA LEU A 305 -18.57 -56.30 -7.88
C LEU A 305 -19.79 -55.54 -8.33
N LYS A 306 -19.59 -54.37 -8.92
CA LYS A 306 -20.72 -53.63 -9.44
C LYS A 306 -21.49 -54.62 -10.32
N ARG A 307 -20.83 -55.15 -11.35
CA ARG A 307 -21.48 -56.00 -12.34
C ARG A 307 -22.18 -57.14 -11.67
N GLU A 308 -21.42 -57.77 -10.78
CA GLU A 308 -21.88 -58.92 -10.02
C GLU A 308 -23.24 -58.71 -9.38
N ILE A 309 -23.37 -57.71 -8.51
CA ILE A 309 -24.64 -57.46 -7.80
C ILE A 309 -25.77 -56.84 -8.64
N ILE A 310 -25.43 -56.23 -9.76
CA ILE A 310 -26.46 -55.83 -10.69
C ILE A 310 -27.15 -57.06 -11.18
N GLU A 311 -26.36 -58.04 -11.62
CA GLU A 311 -26.92 -59.28 -12.18
C GLU A 311 -27.53 -60.23 -11.14
N ASN A 312 -26.79 -60.53 -10.07
CA ASN A 312 -27.21 -61.55 -9.10
C ASN A 312 -28.27 -61.05 -8.17
N GLY A 313 -28.94 -59.96 -8.56
CA GLY A 313 -30.05 -59.39 -7.81
C GLY A 313 -29.71 -58.73 -6.49
N LYS A 314 -28.46 -58.85 -6.05
CA LYS A 314 -28.08 -58.37 -4.73
C LYS A 314 -28.20 -56.86 -4.64
N PHE A 315 -28.12 -56.19 -5.79
CA PHE A 315 -28.25 -54.72 -5.81
C PHE A 315 -29.59 -54.27 -5.29
N ASP A 316 -30.61 -54.74 -6.00
CA ASP A 316 -32.00 -54.40 -5.72
C ASP A 316 -32.34 -54.85 -4.31
N GLN A 317 -31.60 -55.86 -3.83
CA GLN A 317 -31.79 -56.41 -2.51
C GLN A 317 -31.16 -55.54 -1.46
N TRP A 318 -29.92 -55.13 -1.71
CA TRP A 318 -29.15 -54.30 -0.77
C TRP A 318 -29.82 -52.96 -0.69
N PHE A 319 -30.29 -52.54 -1.85
CA PHE A 319 -30.83 -51.24 -2.01
C PHE A 319 -32.06 -51.12 -1.18
N ASP A 320 -33.00 -52.02 -1.38
CA ASP A 320 -34.18 -52.08 -0.53
C ASP A 320 -33.77 -52.09 0.96
N GLU A 321 -32.97 -53.08 1.31
CA GLU A 321 -32.46 -53.27 2.65
C GLU A 321 -32.10 -51.98 3.34
N LEU A 322 -31.27 -51.18 2.67
CA LEU A 322 -30.78 -49.95 3.27
C LEU A 322 -31.81 -48.84 3.14
N PHE A 323 -32.30 -48.63 1.93
CA PHE A 323 -33.07 -47.43 1.65
C PHE A 323 -34.58 -47.47 1.90
N GLY A 324 -35.16 -48.66 1.82
CA GLY A 324 -36.58 -48.79 1.75
C GLY A 324 -37.28 -48.52 3.05
N ASN A 325 -36.82 -47.54 3.75
CA ASN A 325 -37.50 -47.14 4.96
C ASN A 325 -37.62 -45.64 4.91
N ASP A 326 -37.65 -45.12 3.67
CA ASP A 326 -37.75 -43.68 3.38
C ASP A 326 -37.05 -42.79 4.40
N THR A 327 -35.79 -43.14 4.68
CA THR A 327 -35.12 -42.55 5.80
C THR A 327 -33.98 -41.68 5.32
N PHE A 328 -33.37 -42.03 4.20
CA PHE A 328 -32.38 -41.15 3.56
C PHE A 328 -32.99 -40.33 2.43
N HIS A 329 -32.59 -39.06 2.35
CA HIS A 329 -33.00 -38.14 1.29
C HIS A 329 -31.87 -37.18 0.98
N LEU A 330 -31.60 -36.94 -0.28
CA LEU A 330 -30.45 -36.10 -0.68
C LEU A 330 -30.83 -34.88 -1.50
N TYR A 331 -30.23 -33.75 -1.17
CA TYR A 331 -30.24 -32.62 -2.08
C TYR A 331 -29.34 -32.97 -3.25
N ASP A 332 -29.86 -32.82 -4.47
CA ASP A 332 -29.11 -33.13 -5.69
C ASP A 332 -28.96 -31.86 -6.43
N SER A 333 -27.74 -31.54 -6.87
CA SER A 333 -27.49 -30.19 -7.41
C SER A 333 -27.43 -29.89 -8.95
N PHE A 334 -26.28 -29.35 -9.34
CA PHE A 334 -26.12 -28.34 -10.43
C PHE A 334 -26.83 -27.02 -10.07
N GLU A 338 -27.44 -20.92 -5.28
CA GLU A 338 -27.15 -19.78 -4.39
C GLU A 338 -26.96 -20.21 -2.92
N THR A 339 -26.66 -19.25 -2.04
CA THR A 339 -26.70 -19.48 -0.58
C THR A 339 -28.15 -19.56 -0.09
N ASP A 340 -28.91 -18.49 -0.36
CA ASP A 340 -30.33 -18.43 -0.08
C ASP A 340 -31.04 -19.66 -0.70
N ARG A 341 -30.87 -19.84 -2.02
CA ARG A 341 -31.42 -21.01 -2.71
C ARG A 341 -31.15 -22.32 -1.99
N LEU A 342 -29.91 -22.53 -1.53
CA LEU A 342 -29.58 -23.80 -0.88
C LEU A 342 -30.31 -23.93 0.44
N LEU A 343 -30.12 -22.93 1.26
CA LEU A 343 -30.71 -22.89 2.58
C LEU A 343 -32.18 -23.25 2.50
N ALA A 344 -32.84 -22.76 1.47
CA ALA A 344 -34.24 -23.00 1.30
C ALA A 344 -34.51 -24.49 1.16
N LYS A 345 -33.75 -25.14 0.26
CA LYS A 345 -33.91 -26.56 0.00
C LYS A 345 -33.70 -27.33 1.31
N LEU A 346 -32.62 -26.99 2.01
CA LEU A 346 -32.29 -27.64 3.27
C LEU A 346 -33.43 -27.56 4.26
N ALA A 347 -34.07 -26.39 4.29
CA ALA A 347 -35.22 -26.13 5.17
C ALA A 347 -36.41 -27.06 4.86
N TYR A 348 -36.74 -27.20 3.58
CA TYR A 348 -37.83 -28.07 3.20
C TYR A 348 -37.49 -29.52 3.50
N MET A 349 -36.21 -29.85 3.60
CA MET A 349 -35.85 -31.19 4.03
C MET A 349 -36.35 -31.34 5.45
N ARG A 350 -35.90 -30.42 6.29
CA ARG A 350 -36.29 -30.35 7.69
C ARG A 350 -37.79 -30.22 7.85
N SER A 351 -38.44 -29.33 7.09
CA SER A 351 -39.80 -28.95 7.41
C SER A 351 -40.83 -29.78 6.69
N GLY A 352 -40.51 -30.13 5.46
CA GLY A 352 -41.40 -30.91 4.59
C GLY A 352 -41.27 -32.41 4.82
N LEU A 353 -40.14 -32.97 4.40
CA LEU A 353 -39.85 -34.38 4.68
C LEU A 353 -39.47 -34.64 6.15
N GLY A 354 -39.29 -33.59 6.94
CA GLY A 354 -39.03 -33.77 8.36
C GLY A 354 -37.93 -34.77 8.74
N CYS A 355 -36.71 -34.55 8.23
CA CYS A 355 -35.57 -35.29 8.72
C CYS A 355 -35.04 -34.50 9.87
N ASP A 356 -34.31 -35.19 10.74
CA ASP A 356 -33.82 -34.60 11.98
C ASP A 356 -32.33 -34.39 11.94
N VAL A 357 -31.64 -35.01 11.00
CA VAL A 357 -30.29 -34.59 10.71
C VAL A 357 -30.20 -34.12 9.27
N ILE A 358 -29.47 -33.03 9.06
CA ILE A 358 -29.09 -32.59 7.74
C ILE A 358 -27.60 -32.60 7.77
N ILE A 359 -26.96 -33.34 6.88
CA ILE A 359 -25.53 -33.28 6.78
C ILE A 359 -25.17 -32.41 5.58
N LEU A 360 -24.36 -31.37 5.79
CA LEU A 360 -23.98 -30.48 4.71
C LEU A 360 -22.52 -30.63 4.41
N ASP A 361 -22.22 -31.44 3.39
CA ASP A 361 -20.83 -31.73 3.04
C ASP A 361 -20.25 -30.71 2.14
N HIS A 362 -19.65 -29.91 2.98
CA HIS A 362 -18.57 -29.07 2.64
C HIS A 362 -18.91 -27.66 2.21
N ILE A 363 -18.90 -26.93 3.32
CA ILE A 363 -19.27 -25.52 3.47
C ILE A 363 -18.42 -24.64 2.57
N SER A 364 -17.16 -25.02 2.39
CA SER A 364 -16.19 -24.31 1.54
C SER A 364 -16.84 -23.85 0.23
N ILE A 365 -17.62 -24.74 -0.40
CA ILE A 365 -18.50 -24.34 -1.50
C ILE A 365 -19.62 -23.46 -0.99
N VAL A 366 -19.51 -22.17 -1.25
CA VAL A 366 -20.62 -21.22 -1.02
C VAL A 366 -21.79 -21.54 -2.08
N VAL A 367 -21.75 -20.82 -3.31
CA VAL A 367 -22.48 -20.90 -4.66
C VAL A 367 -23.96 -20.61 -5.06
N SER A 368 -23.81 -19.44 -5.85
CA SER A 368 -24.53 -18.49 -6.80
C SER A 368 -25.33 -17.23 -6.36
N ALA A 369 -24.64 -16.11 -6.74
CA ALA A 369 -24.92 -14.66 -6.57
C ALA A 369 -23.62 -13.82 -6.76
N SER A 370 -22.88 -14.05 -7.84
CA SER A 370 -21.50 -13.46 -8.11
C SER A 370 -21.23 -11.99 -8.53
N GLY A 371 -20.78 -11.20 -7.53
CA GLY A 371 -20.33 -9.81 -7.69
C GLY A 371 -19.66 -9.31 -6.41
N GLU A 372 -19.40 -10.29 -5.52
CA GLU A 372 -19.06 -10.07 -4.10
C GLU A 372 -17.70 -10.61 -3.63
N SER A 373 -17.04 -9.82 -2.77
CA SER A 373 -15.70 -10.11 -2.25
C SER A 373 -15.59 -11.23 -1.16
N ASP A 374 -14.52 -11.19 -0.36
CA ASP A 374 -13.98 -12.33 0.42
C ASP A 374 -14.90 -13.46 0.83
N GLU A 375 -14.56 -14.69 0.42
CA GLU A 375 -15.18 -15.89 0.98
C GLU A 375 -14.97 -15.88 2.51
N ARG A 376 -13.94 -15.14 2.96
CA ARG A 376 -13.69 -14.81 4.38
C ARG A 376 -14.97 -14.33 5.05
N LYS A 377 -15.54 -13.26 4.49
CA LYS A 377 -16.75 -12.64 4.98
C LYS A 377 -17.97 -13.53 4.77
N MET A 378 -18.19 -13.91 3.51
CA MET A 378 -19.39 -14.64 3.13
C MET A 378 -19.55 -15.97 3.89
N ILE A 379 -18.44 -16.69 4.07
CA ILE A 379 -18.48 -17.94 4.82
C ILE A 379 -19.26 -17.71 6.11
N ASP A 380 -18.99 -16.58 6.74
CA ASP A 380 -19.65 -16.19 7.97
C ASP A 380 -21.16 -15.93 7.80
N ASN A 381 -21.53 -15.06 6.86
CA ASN A 381 -22.94 -14.84 6.51
C ASN A 381 -23.75 -16.16 6.41
N LEU A 382 -23.29 -17.09 5.58
CA LEU A 382 -23.99 -18.37 5.50
C LEU A 382 -24.02 -19.01 6.89
N MET A 383 -22.85 -19.08 7.52
CA MET A 383 -22.69 -19.71 8.83
C MET A 383 -23.90 -19.42 9.68
N THR A 384 -24.27 -18.15 9.70
CA THR A 384 -25.31 -17.70 10.60
C THR A 384 -26.67 -18.23 10.15
N LYS A 385 -27.02 -18.02 8.88
CA LYS A 385 -28.30 -18.52 8.37
C LYS A 385 -28.46 -19.98 8.79
N LEU A 386 -27.35 -20.71 8.72
CA LEU A 386 -27.30 -22.10 9.13
C LEU A 386 -27.63 -22.27 10.59
N LYS A 387 -26.84 -21.65 11.45
CA LYS A 387 -27.05 -21.77 12.89
C LYS A 387 -28.47 -21.39 13.29
N GLY A 388 -29.03 -20.48 12.49
CA GLY A 388 -30.42 -20.06 12.59
C GLY A 388 -31.32 -21.21 12.27
N PHE A 389 -31.37 -21.59 11.00
CA PHE A 389 -32.02 -22.83 10.58
C PHE A 389 -32.01 -23.88 11.66
N ALA A 390 -30.81 -24.13 12.19
CA ALA A 390 -30.55 -25.14 13.21
C ALA A 390 -31.39 -24.96 14.45
N LYS A 391 -31.03 -23.94 15.24
CA LYS A 391 -31.69 -23.59 16.47
C LYS A 391 -33.17 -23.23 16.28
N SER A 392 -33.46 -22.47 15.24
CA SER A 392 -34.85 -22.14 14.88
C SER A 392 -35.73 -23.38 14.65
N THR A 393 -35.17 -24.50 14.19
CA THR A 393 -36.03 -25.64 13.83
C THR A 393 -35.68 -26.97 14.48
N GLY A 394 -34.55 -26.97 15.20
CA GLY A 394 -34.12 -28.06 16.06
C GLY A 394 -33.57 -29.26 15.35
N VAL A 395 -33.48 -29.13 14.04
CA VAL A 395 -32.78 -30.11 13.21
C VAL A 395 -31.31 -30.15 13.67
N VAL A 396 -30.69 -31.33 13.58
CA VAL A 396 -29.27 -31.46 13.84
C VAL A 396 -28.61 -31.17 12.53
N LEU A 397 -27.74 -30.17 12.54
CA LEU A 397 -27.00 -29.80 11.37
C LEU A 397 -25.50 -30.08 11.50
N VAL A 398 -25.06 -31.20 10.91
CA VAL A 398 -23.63 -31.49 10.78
C VAL A 398 -23.17 -30.68 9.62
N VAL A 399 -22.04 -30.02 9.79
CA VAL A 399 -21.45 -29.26 8.71
C VAL A 399 -19.98 -29.61 8.55
N ILE A 400 -19.64 -30.05 7.35
CA ILE A 400 -18.28 -30.45 7.04
C ILE A 400 -17.53 -29.21 6.61
N CYS A 401 -16.24 -29.17 6.89
CA CYS A 401 -15.50 -28.04 6.46
C CYS A 401 -14.00 -28.30 6.40
N HIS A 402 -13.40 -27.83 5.32
CA HIS A 402 -12.03 -28.19 5.03
C HIS A 402 -11.03 -27.15 5.47
N LEU A 403 -9.78 -27.57 5.68
CA LEU A 403 -8.80 -26.73 6.34
C LEU A 403 -7.92 -25.97 5.39
N LYS A 404 -7.72 -24.68 5.68
CA LYS A 404 -6.64 -23.89 5.07
C LYS A 404 -5.27 -24.57 5.30
N ASN A 405 -4.24 -24.25 4.51
CA ASN A 405 -2.97 -24.98 4.64
C ASN A 405 -1.70 -24.27 5.11
N PRO A 406 -1.23 -24.76 6.27
CA PRO A 406 -0.35 -24.06 7.23
C PRO A 406 0.52 -22.87 6.78
N ASP A 407 1.48 -23.15 5.92
CA ASP A 407 2.62 -22.27 5.75
C ASP A 407 3.69 -22.59 6.83
N LYS A 408 3.27 -23.34 7.86
CA LYS A 408 4.18 -23.76 8.94
C LYS A 408 4.62 -25.24 8.91
N GLY A 409 5.87 -25.44 8.48
CA GLY A 409 6.59 -26.71 8.52
C GLY A 409 5.90 -27.99 8.10
N LYS A 410 5.24 -28.64 9.08
CA LYS A 410 4.59 -29.92 8.87
C LYS A 410 3.16 -29.74 8.35
N ALA A 411 2.86 -30.44 7.25
CA ALA A 411 1.56 -30.32 6.57
C ALA A 411 0.44 -31.05 7.28
N HIS A 412 -0.57 -31.47 6.51
CA HIS A 412 -1.74 -32.09 7.11
C HIS A 412 -1.62 -33.60 7.17
N GLU A 413 -1.01 -34.13 6.11
CA GLU A 413 -0.78 -35.55 5.97
C GLU A 413 0.46 -35.95 6.79
N GLU A 414 1.14 -34.94 7.35
CA GLU A 414 2.21 -35.14 8.34
C GLU A 414 1.61 -35.14 9.76
N GLY A 415 0.28 -35.32 9.80
CA GLY A 415 -0.48 -35.47 11.03
C GLY A 415 -0.87 -34.16 11.67
N ARG A 416 0.01 -33.14 11.60
CA ARG A 416 -0.12 -31.88 12.33
C ARG A 416 -1.50 -31.61 12.93
N PRO A 417 -1.55 -31.50 14.25
CA PRO A 417 -2.82 -31.26 14.96
C PRO A 417 -3.43 -29.93 14.53
N VAL A 418 -4.70 -29.75 14.84
CA VAL A 418 -5.39 -28.55 14.43
C VAL A 418 -6.03 -27.88 15.62
N SER A 419 -5.98 -26.56 15.62
CA SER A 419 -6.62 -25.77 16.65
C SER A 419 -7.72 -24.93 16.04
N ILE A 420 -8.48 -24.23 16.90
CA ILE A 420 -9.59 -23.39 16.44
C ILE A 420 -9.04 -22.16 15.75
N THR A 421 -7.87 -21.73 16.18
CA THR A 421 -7.06 -20.78 15.44
C THR A 421 -6.79 -21.36 14.07
N ASP A 422 -6.29 -22.60 14.08
CA ASP A 422 -6.02 -23.39 12.88
C ASP A 422 -7.21 -23.29 11.95
N LEU A 423 -8.34 -22.88 12.52
CA LEU A 423 -9.60 -22.75 11.82
C LEU A 423 -9.62 -21.87 10.55
N ARG A 424 -10.36 -22.38 9.56
CA ARG A 424 -10.86 -21.61 8.42
C ARG A 424 -11.95 -20.59 8.87
N GLY A 425 -12.60 -19.96 7.88
CA GLY A 425 -13.51 -18.86 8.12
C GLY A 425 -12.82 -17.60 8.66
N SER A 426 -13.61 -16.73 9.28
CA SER A 426 -13.06 -15.56 9.94
C SER A 426 -13.81 -15.30 11.24
N GLY A 427 -14.45 -16.35 11.73
CA GLY A 427 -15.02 -16.30 13.06
C GLY A 427 -16.39 -16.92 13.21
N ALA A 428 -17.18 -16.90 12.14
CA ALA A 428 -18.57 -17.34 12.26
C ALA A 428 -18.66 -18.79 12.75
N LEU A 429 -17.93 -19.68 12.09
CA LEU A 429 -17.93 -21.09 12.46
C LEU A 429 -17.22 -21.26 13.78
N ARG A 430 -16.02 -20.68 13.86
CA ARG A 430 -15.25 -20.70 15.09
C ARG A 430 -16.17 -20.30 16.25
N GLN A 431 -17.31 -19.70 15.92
CA GLN A 431 -18.31 -19.29 16.92
C GLN A 431 -19.56 -20.11 16.82
N LEU A 432 -20.41 -19.77 15.85
CA LEU A 432 -21.76 -20.35 15.67
C LEU A 432 -21.94 -21.87 15.87
N SER A 433 -20.86 -22.61 15.65
CA SER A 433 -20.86 -24.07 15.79
C SER A 433 -20.88 -24.51 17.24
N ASP A 434 -21.71 -25.50 17.55
CA ASP A 434 -21.84 -25.94 18.92
C ASP A 434 -20.77 -26.97 19.28
N THR A 435 -20.63 -28.06 18.51
CA THR A 435 -19.50 -28.97 18.74
C THR A 435 -18.61 -28.95 17.52
N ILE A 436 -17.30 -28.85 17.71
CA ILE A 436 -16.33 -28.97 16.64
C ILE A 436 -15.54 -30.28 16.77
N ILE A 437 -15.78 -31.25 15.89
CA ILE A 437 -14.94 -32.44 15.86
C ILE A 437 -13.93 -32.33 14.74
N ALA A 438 -12.66 -32.52 15.07
CA ALA A 438 -11.60 -32.51 14.10
C ALA A 438 -11.01 -33.91 14.01
N LEU A 439 -10.53 -34.28 12.83
CA LEU A 439 -9.87 -35.57 12.65
C LEU A 439 -8.55 -35.38 11.99
N GLU A 440 -7.50 -35.95 12.58
CA GLU A 440 -6.14 -35.79 12.09
C GLU A 440 -5.66 -37.12 11.61
N ARG A 441 -4.77 -37.09 10.62
CA ARG A 441 -4.26 -38.32 10.04
C ARG A 441 -2.92 -38.09 9.40
N ASN A 442 -1.88 -38.65 10.01
CA ASN A 442 -0.53 -38.55 9.47
C ASN A 442 -0.26 -39.65 8.45
N GLN A 443 -0.75 -39.45 7.23
CA GLN A 443 -0.78 -40.51 6.23
C GLN A 443 0.58 -40.96 5.72
N GLN A 444 1.64 -40.32 6.21
CA GLN A 444 2.96 -40.85 5.97
C GLN A 444 3.67 -41.07 7.31
N GLY A 445 3.40 -42.22 7.92
CA GLY A 445 3.95 -42.47 9.24
C GLY A 445 3.86 -43.89 9.77
N ASP A 446 3.69 -43.96 11.09
CA ASP A 446 3.70 -45.21 11.82
C ASP A 446 2.38 -45.92 11.59
N MET A 447 1.28 -45.16 11.72
CA MET A 447 -0.07 -45.60 11.42
C MET A 447 -0.76 -44.62 10.45
N PRO A 448 -0.48 -44.85 9.15
CA PRO A 448 -1.03 -44.03 8.07
C PRO A 448 -2.52 -44.16 7.99
N ASN A 449 -2.96 -45.24 8.59
CA ASN A 449 -4.39 -45.48 8.62
C ASN A 449 -4.93 -45.11 10.00
N LEU A 450 -4.06 -44.69 10.93
CA LEU A 450 -4.56 -44.24 12.23
C LEU A 450 -4.99 -42.80 12.21
N VAL A 451 -6.19 -42.55 12.69
CA VAL A 451 -6.69 -41.18 12.72
C VAL A 451 -7.23 -40.75 14.08
N LEU A 452 -6.79 -39.56 14.47
CA LEU A 452 -7.04 -39.02 15.79
C LEU A 452 -8.28 -38.15 15.77
N VAL A 453 -8.97 -38.04 16.90
CA VAL A 453 -10.12 -37.15 16.94
C VAL A 453 -9.99 -36.16 18.10
N ARG A 454 -9.84 -34.89 17.77
CA ARG A 454 -9.89 -33.82 18.76
C ARG A 454 -11.32 -33.34 18.88
N ILE A 455 -11.81 -33.15 20.10
CA ILE A 455 -13.00 -32.31 20.26
C ILE A 455 -12.46 -30.93 20.42
N LEU A 456 -12.77 -30.09 19.44
CA LEU A 456 -12.19 -28.77 19.43
C LEU A 456 -13.12 -27.83 20.17
N LYS A 457 -14.29 -28.32 20.54
CA LYS A 457 -15.23 -27.46 21.23
C LYS A 457 -16.59 -28.13 21.35
N CYS A 458 -17.35 -27.74 22.37
CA CYS A 458 -18.58 -28.44 22.70
C CYS A 458 -19.30 -27.65 23.78
N ARG A 459 -20.12 -26.70 23.34
CA ARG A 459 -20.90 -25.84 24.23
C ARG A 459 -21.52 -26.64 25.36
N PHE A 460 -22.49 -27.45 24.97
CA PHE A 460 -23.19 -28.34 25.89
C PHE A 460 -22.33 -29.02 26.99
N THR A 461 -21.04 -29.25 26.79
CA THR A 461 -20.29 -29.83 27.87
C THR A 461 -19.00 -29.11 28.12
N GLY A 462 -18.37 -28.60 27.07
CA GLY A 462 -17.08 -27.95 27.25
C GLY A 462 -15.96 -28.89 27.68
N ASP A 463 -16.30 -30.18 27.78
CA ASP A 463 -15.28 -31.21 27.92
C ASP A 463 -14.73 -31.39 26.53
N THR A 464 -13.46 -31.07 26.34
CA THR A 464 -12.86 -31.12 25.00
C THR A 464 -11.53 -31.85 24.98
N GLY A 465 -10.95 -31.93 23.80
CA GLY A 465 -9.64 -32.52 23.64
C GLY A 465 -9.61 -33.80 22.83
N ILE A 466 -8.45 -34.46 22.85
CA ILE A 466 -8.28 -35.78 22.29
C ILE A 466 -9.41 -36.64 22.82
N ALA A 467 -10.05 -37.37 21.93
CA ALA A 467 -11.26 -38.06 22.33
C ALA A 467 -11.28 -39.50 21.87
N GLY A 468 -10.18 -39.95 21.27
CA GLY A 468 -10.11 -41.32 20.78
C GLY A 468 -9.55 -41.45 19.39
N TYR A 469 -9.46 -42.69 18.92
CA TYR A 469 -8.79 -42.95 17.66
C TYR A 469 -9.65 -43.89 16.87
N MET A 470 -9.47 -43.85 15.55
CA MET A 470 -10.03 -44.84 14.66
C MET A 470 -8.99 -45.25 13.66
N GLU A 471 -9.30 -46.29 12.92
CA GLU A 471 -8.38 -46.79 11.91
C GLU A 471 -9.10 -47.02 10.59
N TYR A 472 -8.51 -46.61 9.48
CA TYR A 472 -9.16 -46.79 8.21
C TYR A 472 -8.99 -48.23 7.80
N ASN A 473 -10.09 -48.91 7.47
CA ASN A 473 -9.99 -50.19 6.79
C ASN A 473 -10.06 -49.94 5.27
N LYS A 474 -8.91 -49.81 4.60
CA LYS A 474 -8.87 -49.62 3.14
C LYS A 474 -9.74 -50.65 2.43
N GLU A 475 -10.05 -51.70 3.17
CA GLU A 475 -10.69 -52.89 2.65
C GLU A 475 -12.21 -52.88 2.72
N THR A 476 -12.77 -52.57 3.87
CA THR A 476 -14.23 -52.41 4.00
C THR A 476 -14.70 -50.99 3.79
N GLY A 477 -13.83 -50.02 4.06
CA GLY A 477 -14.08 -48.62 3.73
C GLY A 477 -14.49 -47.85 4.95
N TRP A 478 -14.57 -48.53 6.08
CA TRP A 478 -14.99 -47.96 7.36
C TRP A 478 -13.95 -47.36 8.25
N LEU A 479 -14.36 -46.34 8.98
CA LEU A 479 -13.55 -45.84 10.04
C LEU A 479 -13.88 -46.71 11.26
N GLU A 480 -13.16 -47.82 11.42
CA GLU A 480 -13.24 -48.67 12.66
C GLU A 480 -12.70 -47.96 13.91
N PRO A 481 -13.29 -48.24 15.06
CA PRO A 481 -12.78 -47.74 16.35
C PRO A 481 -11.46 -48.43 16.68
N SER A 482 -10.54 -47.79 17.39
CA SER A 482 -9.25 -48.42 17.67
C SER A 482 -8.80 -48.29 19.08
N SER A 483 -8.11 -49.33 19.55
CA SER A 483 -7.31 -49.29 20.78
C SER A 483 -6.16 -48.30 20.65
N TYR A 484 -6.07 -47.33 21.57
CA TYR A 484 -4.94 -46.40 21.55
C TYR A 484 -4.88 -45.35 22.66
N SER A 485 -3.66 -45.10 23.15
CA SER A 485 -3.39 -43.95 24.00
C SER A 485 -1.88 -43.63 24.09
N GLY A 486 -1.41 -43.30 25.30
CA GLY A 486 -0.03 -42.86 25.55
C GLY A 486 1.11 -43.79 25.12
N MET B 1 -7.60 29.53 -6.51
CA MET B 1 -7.28 30.13 -5.18
C MET B 1 -8.48 30.28 -4.28
N THR B 2 -8.25 30.72 -3.04
CA THR B 2 -9.31 30.89 -2.03
C THR B 2 -10.12 32.20 -2.16
N TYR B 3 -11.38 32.17 -1.68
CA TYR B 3 -12.31 33.32 -1.74
C TYR B 3 -11.68 34.64 -1.27
N ASN B 4 -11.59 35.62 -2.17
CA ASN B 4 -11.00 36.92 -1.84
C ASN B 4 -11.64 37.59 -0.64
N VAL B 5 -10.82 38.24 0.19
CA VAL B 5 -11.34 39.04 1.30
C VAL B 5 -12.15 40.20 0.74
N TRP B 6 -13.34 40.40 1.30
CA TRP B 6 -14.29 41.39 0.79
C TRP B 6 -13.87 42.83 1.09
N ASN B 7 -13.62 43.61 0.04
CA ASN B 7 -13.21 45.00 0.22
C ASN B 7 -14.36 45.92 0.61
N PHE B 8 -14.15 46.69 1.67
CA PHE B 8 -15.13 47.66 2.13
C PHE B 8 -15.21 48.80 1.13
N GLY B 9 -16.40 49.02 0.60
CA GLY B 9 -16.56 50.00 -0.46
C GLY B 9 -16.78 49.31 -1.79
N GLU B 10 -15.85 48.42 -2.16
CA GLU B 10 -16.06 47.52 -3.28
C GLU B 10 -17.46 46.93 -3.15
N SER B 11 -17.72 46.30 -2.00
CA SER B 11 -19.08 45.95 -1.58
C SER B 11 -19.62 47.08 -0.72
N ASN B 12 -20.85 47.51 -0.99
CA ASN B 12 -21.38 48.80 -0.52
C ASN B 12 -21.56 48.94 1.00
N GLY B 13 -20.42 49.04 1.67
CA GLY B 13 -20.30 48.90 3.11
C GLY B 13 -20.67 50.11 3.93
N ARG B 14 -21.33 49.82 5.04
CA ARG B 14 -21.72 50.83 6.00
C ARG B 14 -21.55 50.19 7.37
N TYR B 15 -21.11 50.97 8.34
CA TYR B 15 -21.10 50.51 9.72
C TYR B 15 -22.41 50.94 10.37
N SER B 16 -23.46 50.14 10.20
CA SER B 16 -24.79 50.48 10.71
C SER B 16 -25.12 49.70 11.96
N ALA B 17 -25.99 50.27 12.78
CA ALA B 17 -26.38 49.65 14.03
C ALA B 17 -27.31 48.46 13.78
N LEU B 18 -27.05 47.36 14.46
CA LEU B 18 -27.92 46.19 14.37
C LEU B 18 -29.15 46.40 15.25
N THR B 19 -30.21 46.97 14.70
CA THR B 19 -31.40 47.33 15.48
C THR B 19 -32.13 46.12 16.01
N ALA B 20 -31.92 45.02 15.30
CA ALA B 20 -32.55 43.76 15.62
C ALA B 20 -31.98 43.08 16.87
N ARG B 21 -30.77 43.51 17.27
CA ARG B 21 -30.01 42.84 18.29
C ARG B 21 -29.64 43.73 19.47
N GLY B 22 -30.00 45.01 19.42
CA GLY B 22 -29.60 45.93 20.47
C GLY B 22 -28.08 46.08 20.51
N ILE B 23 -27.46 46.05 19.35
CA ILE B 23 -26.05 46.38 19.20
C ILE B 23 -26.00 47.74 18.53
N SER B 24 -25.36 48.70 19.18
CA SER B 24 -25.30 50.07 18.66
C SER B 24 -24.44 50.16 17.40
N LYS B 25 -24.61 51.25 16.64
CA LYS B 25 -23.82 51.45 15.42
C LYS B 25 -22.35 51.59 15.76
N GLU B 26 -22.06 52.41 16.78
CA GLU B 26 -20.70 52.62 17.30
C GLU B 26 -20.00 51.34 17.74
N THR B 27 -20.78 50.39 18.24
CA THR B 27 -20.26 49.08 18.62
C THR B 27 -19.77 48.27 17.40
N CYS B 28 -20.68 47.95 16.45
CA CYS B 28 -20.31 47.22 15.23
C CYS B 28 -19.04 47.79 14.61
N GLN B 29 -18.92 49.11 14.66
CA GLN B 29 -17.75 49.85 14.18
C GLN B 29 -16.39 49.46 14.80
N LYS B 30 -16.37 49.19 16.11
CA LYS B 30 -15.11 48.84 16.80
C LYS B 30 -14.68 47.40 16.57
N ALA B 31 -15.60 46.45 16.66
CA ALA B 31 -15.25 45.04 16.48
C ALA B 31 -15.05 44.65 15.01
N GLY B 32 -15.58 45.47 14.10
CA GLY B 32 -15.50 45.15 12.68
C GLY B 32 -16.68 44.30 12.25
N TYR B 33 -17.88 44.75 12.58
CA TYR B 33 -19.10 44.14 12.09
C TYR B 33 -19.79 45.13 11.16
N TRP B 34 -19.48 44.99 9.87
CA TRP B 34 -20.00 45.90 8.87
C TRP B 34 -21.08 45.28 7.97
N ILE B 35 -21.87 46.15 7.32
CA ILE B 35 -23.00 45.76 6.48
C ILE B 35 -22.79 46.11 5.00
N ALA B 36 -22.38 45.12 4.21
CA ALA B 36 -22.17 45.32 2.78
C ALA B 36 -23.45 45.07 1.99
N LYS B 37 -23.37 45.20 0.67
CA LYS B 37 -24.42 44.71 -0.23
C LYS B 37 -23.93 44.50 -1.67
N VAL B 38 -23.66 43.23 -2.01
CA VAL B 38 -23.11 42.86 -3.31
C VAL B 38 -24.14 42.19 -4.24
N ASP B 39 -24.11 42.61 -5.51
CA ASP B 39 -24.95 42.06 -6.58
C ASP B 39 -26.45 42.11 -6.31
N GLY B 40 -26.85 42.88 -5.30
CA GLY B 40 -28.26 43.09 -5.01
C GLY B 40 -28.67 42.90 -3.57
N VAL B 41 -28.24 41.79 -2.98
CA VAL B 41 -28.66 41.43 -1.61
C VAL B 41 -27.69 42.00 -0.56
N MET B 42 -28.21 42.28 0.64
CA MET B 42 -27.43 42.96 1.70
C MET B 42 -26.87 42.03 2.79
N TYR B 43 -25.54 41.87 2.81
CA TYR B 43 -24.88 40.88 3.67
C TYR B 43 -24.26 41.49 4.92
N GLN B 44 -24.24 40.72 6.01
CA GLN B 44 -23.59 41.09 7.27
C GLN B 44 -22.17 40.50 7.35
N VAL B 45 -21.14 41.35 7.36
CA VAL B 45 -19.75 40.88 7.32
C VAL B 45 -18.99 41.06 8.63
N ALA B 46 -18.48 39.94 9.15
CA ALA B 46 -17.63 39.96 10.32
C ALA B 46 -16.15 39.87 9.92
N ASP B 47 -15.38 40.84 10.38
CA ASP B 47 -13.98 40.97 9.99
C ASP B 47 -13.05 40.33 10.99
N TYR B 48 -12.53 39.16 10.65
CA TYR B 48 -11.54 38.48 11.48
C TYR B 48 -10.14 38.94 11.11
N ARG B 49 -9.45 39.61 12.03
CA ARG B 49 -8.05 39.97 11.85
C ARG B 49 -7.14 39.31 12.89
N ASP B 50 -5.88 39.07 12.52
CA ASP B 50 -4.88 38.53 13.46
C ASP B 50 -4.43 39.62 14.44
N GLN B 51 -3.60 39.24 15.41
CA GLN B 51 -3.12 40.17 16.44
C GLN B 51 -2.35 41.36 15.85
N ASN B 52 -1.92 41.22 14.60
CA ASN B 52 -1.16 42.22 13.88
C ASN B 52 -2.00 43.31 13.22
N GLY B 53 -3.31 43.09 13.14
CA GLY B 53 -4.21 44.09 12.59
C GLY B 53 -4.78 43.78 11.22
N ASN B 54 -4.07 43.01 10.42
CA ASN B 54 -4.50 42.69 9.06
C ASN B 54 -5.71 41.74 8.99
N ILE B 55 -6.64 42.04 8.09
CA ILE B 55 -7.81 41.20 7.91
C ILE B 55 -7.43 39.90 7.23
N VAL B 56 -7.56 38.78 7.95
CA VAL B 56 -7.14 37.50 7.40
C VAL B 56 -8.31 36.72 6.82
N SER B 57 -9.52 37.04 7.25
CA SER B 57 -10.72 36.31 6.82
C SER B 57 -12.02 37.03 7.15
N GLN B 58 -13.09 36.64 6.46
CA GLN B 58 -14.41 37.21 6.69
C GLN B 58 -15.45 36.11 6.88
N LYS B 59 -16.39 36.34 7.79
CA LYS B 59 -17.60 35.51 7.87
C LYS B 59 -18.79 36.38 7.48
N VAL B 60 -19.37 36.10 6.32
CA VAL B 60 -20.47 36.91 5.78
C VAL B 60 -21.82 36.19 5.91
N ARG B 61 -22.87 36.98 6.17
CA ARG B 61 -24.22 36.44 6.37
C ARG B 61 -25.19 37.03 5.36
N ASP B 62 -26.19 36.25 4.99
CA ASP B 62 -27.39 36.83 4.39
C ASP B 62 -28.63 36.57 5.25
N LYS B 63 -29.63 37.42 5.05
CA LYS B 63 -30.89 37.39 5.81
C LYS B 63 -31.33 35.99 6.26
N ASP B 64 -31.62 35.13 5.29
CA ASP B 64 -32.28 33.83 5.50
C ASP B 64 -31.54 32.85 6.42
N LYS B 65 -30.31 33.22 6.83
CA LYS B 65 -29.57 32.35 7.73
C LYS B 65 -28.44 31.54 7.09
N ASN B 66 -27.98 31.97 5.93
CA ASN B 66 -26.83 31.41 5.20
C ASN B 66 -25.47 32.01 5.58
N PHE B 67 -24.42 31.48 4.99
CA PHE B 67 -23.08 32.07 5.14
C PHE B 67 -22.24 32.11 3.86
N LYS B 68 -21.01 32.59 4.01
CA LYS B 68 -20.01 32.67 2.95
C LYS B 68 -18.74 33.16 3.65
N THR B 69 -17.69 32.34 3.68
CA THR B 69 -16.50 32.69 4.45
C THR B 69 -15.29 33.10 3.58
N THR B 70 -14.87 34.36 3.69
CA THR B 70 -13.80 34.92 2.86
C THR B 70 -12.41 34.77 3.47
N GLY B 71 -11.38 34.86 2.64
CA GLY B 71 -10.01 34.77 3.11
C GLY B 71 -9.66 33.37 3.54
N SER B 72 -8.74 33.26 4.50
CA SER B 72 -8.33 31.96 5.01
C SER B 72 -8.62 31.92 6.50
N HIS B 73 -9.74 31.27 6.85
CA HIS B 73 -10.20 31.17 8.23
C HIS B 73 -9.42 30.12 9.02
N LYS B 74 -8.23 30.47 9.49
CA LYS B 74 -7.33 29.50 10.13
C LYS B 74 -7.95 28.89 11.39
N SER B 75 -7.38 27.75 11.80
CA SER B 75 -7.94 26.97 12.91
C SER B 75 -7.88 27.70 14.27
N ASP B 76 -7.29 28.89 14.28
CA ASP B 76 -7.11 29.69 15.50
C ASP B 76 -7.85 31.04 15.47
N ALA B 77 -8.84 31.16 14.59
CA ALA B 77 -9.57 32.40 14.40
C ALA B 77 -10.35 32.79 15.66
N LEU B 78 -10.16 34.04 16.07
CA LEU B 78 -10.94 34.61 17.16
C LEU B 78 -11.42 35.97 16.69
N PHE B 79 -12.73 36.16 16.65
CA PHE B 79 -13.28 37.43 16.22
C PHE B 79 -13.19 38.44 17.36
N GLY B 80 -12.42 39.49 17.13
CA GLY B 80 -12.20 40.51 18.15
C GLY B 80 -10.78 40.47 18.69
N LYS B 81 -10.09 39.37 18.39
CA LYS B 81 -8.75 39.09 18.90
C LYS B 81 -7.79 40.26 18.76
N HIS B 82 -7.85 40.95 17.64
CA HIS B 82 -6.88 42.01 17.34
C HIS B 82 -7.02 43.23 18.25
N LEU B 83 -8.16 43.34 18.93
CA LEU B 83 -8.46 44.49 19.78
C LEU B 83 -7.68 44.50 21.09
N TRP B 84 -7.46 43.31 21.66
CA TRP B 84 -6.82 43.15 22.97
C TRP B 84 -5.53 42.34 22.93
N ASN B 85 -4.45 42.94 23.41
CA ASN B 85 -3.21 42.22 23.65
C ASN B 85 -2.85 42.43 25.11
N GLY B 86 -3.41 41.56 25.95
CA GLY B 86 -3.27 41.65 27.40
C GLY B 86 -4.53 42.15 28.09
N GLY B 87 -4.54 42.06 29.41
CA GLY B 87 -5.64 42.56 30.21
C GLY B 87 -5.85 41.75 31.48
N LYS B 88 -6.74 42.23 32.34
CA LYS B 88 -7.06 41.52 33.58
C LYS B 88 -8.13 40.42 33.42
N LYS B 89 -8.87 40.45 32.31
CA LYS B 89 -10.02 39.56 32.13
C LYS B 89 -10.58 39.66 30.71
N ILE B 90 -10.75 38.53 30.05
CA ILE B 90 -11.31 38.49 28.69
C ILE B 90 -12.46 37.50 28.56
N VAL B 91 -13.66 38.02 28.25
CA VAL B 91 -14.82 37.18 28.01
C VAL B 91 -14.66 36.54 26.64
N VAL B 92 -15.05 35.28 26.53
CA VAL B 92 -14.98 34.58 25.25
C VAL B 92 -16.34 33.99 24.97
N THR B 93 -17.01 34.53 23.94
CA THR B 93 -18.36 34.10 23.57
C THR B 93 -18.40 33.16 22.37
N GLU B 94 -19.50 32.41 22.28
CA GLU B 94 -19.73 31.44 21.22
C GLU B 94 -19.69 32.05 19.80
N GLY B 95 -20.50 33.07 19.57
CA GLY B 95 -20.60 33.71 18.25
C GLY B 95 -20.32 35.21 18.17
N GLU B 96 -20.30 35.73 16.95
CA GLU B 96 -19.95 37.13 16.74
C GLU B 96 -20.96 38.06 17.39
N ILE B 97 -22.24 37.77 17.24
CA ILE B 97 -23.27 38.67 17.74
C ILE B 97 -23.16 38.83 19.25
N ASP B 98 -22.90 37.72 19.93
CA ASP B 98 -22.79 37.72 21.39
C ASP B 98 -21.56 38.49 21.85
N MET B 99 -20.48 38.45 21.07
CA MET B 99 -19.32 39.31 21.33
C MET B 99 -19.74 40.79 21.28
N LEU B 100 -20.42 41.18 20.19
CA LEU B 100 -20.98 42.53 20.04
C LEU B 100 -21.78 42.98 21.25
N THR B 101 -22.45 42.01 21.89
CA THR B 101 -23.29 42.26 23.06
C THR B 101 -22.47 42.70 24.28
N VAL B 102 -21.52 41.85 24.69
CA VAL B 102 -20.68 42.12 25.86
C VAL B 102 -19.89 43.40 25.63
N MET B 103 -19.55 43.62 24.36
CA MET B 103 -18.86 44.81 23.90
C MET B 103 -19.72 46.05 24.04
N GLU B 104 -20.93 45.90 24.53
CA GLU B 104 -21.86 47.00 24.62
C GLU B 104 -22.08 47.40 26.05
N LEU B 105 -22.75 46.36 26.36
CA LEU B 105 -22.92 46.50 27.78
C LEU B 105 -21.71 47.04 28.51
N GLN B 106 -20.54 46.95 27.92
CA GLN B 106 -19.37 47.45 28.61
C GLN B 106 -18.85 48.72 28.00
N ASP B 107 -19.56 49.24 27.00
CA ASP B 107 -19.13 50.44 26.32
C ASP B 107 -17.78 50.15 25.63
N CYS B 108 -17.67 48.94 25.08
CA CYS B 108 -16.46 48.46 24.39
C CYS B 108 -15.14 48.72 25.08
N LYS B 109 -15.11 48.75 26.41
CA LYS B 109 -13.88 49.05 27.12
C LYS B 109 -13.09 47.86 27.65
N TYR B 110 -13.61 46.65 27.47
CA TYR B 110 -12.89 45.49 27.99
C TYR B 110 -12.86 44.29 27.05
N PRO B 111 -12.20 43.23 27.40
CA PRO B 111 -12.01 42.49 26.14
C PRO B 111 -13.05 41.40 25.90
N VAL B 112 -13.49 41.28 24.66
CA VAL B 112 -14.34 40.18 24.24
C VAL B 112 -13.92 39.72 22.85
N VAL B 113 -13.81 38.42 22.69
CA VAL B 113 -13.56 37.84 21.40
C VAL B 113 -14.54 36.73 21.30
N SER B 114 -14.79 36.26 20.08
CA SER B 114 -15.71 35.15 19.84
C SER B 114 -15.00 34.00 19.12
N LEU B 115 -15.47 32.79 19.36
CA LEU B 115 -14.90 31.60 18.76
C LEU B 115 -14.99 31.65 17.23
N GLY B 116 -13.91 31.26 16.56
CA GLY B 116 -13.80 31.33 15.10
C GLY B 116 -14.71 30.35 14.37
N HIS B 117 -14.85 29.16 14.94
CA HIS B 117 -15.74 28.13 14.40
C HIS B 117 -16.59 27.66 15.56
N GLY B 118 -16.54 28.49 16.61
CA GLY B 118 -17.35 28.41 17.81
C GLY B 118 -17.87 27.06 18.25
N ALA B 119 -19.19 26.92 18.13
CA ALA B 119 -19.93 25.70 18.43
C ALA B 119 -19.03 24.49 18.76
N SER B 120 -18.71 23.74 17.71
CA SER B 120 -18.11 22.42 17.82
C SER B 120 -16.59 22.47 17.99
N ALA B 121 -15.96 23.46 17.34
CA ALA B 121 -14.50 23.57 17.32
C ALA B 121 -14.00 24.37 18.53
N ALA B 122 -14.68 24.18 19.66
CA ALA B 122 -14.31 24.84 20.89
C ALA B 122 -12.91 24.41 21.33
N LYS B 123 -12.67 23.10 21.33
CA LYS B 123 -11.38 22.57 21.73
C LYS B 123 -10.24 23.06 20.86
N LYS B 124 -10.34 22.86 19.54
CA LYS B 124 -9.26 23.23 18.60
C LYS B 124 -8.97 24.73 18.59
N THR B 125 -9.99 25.55 18.30
CA THR B 125 -9.84 27.01 18.28
C THR B 125 -9.16 27.53 19.55
N CYS B 126 -9.50 26.92 20.69
CA CYS B 126 -8.99 27.38 21.97
C CYS B 126 -7.52 27.05 22.19
N ALA B 127 -7.16 25.77 22.10
CA ALA B 127 -5.78 25.35 22.34
C ALA B 127 -4.84 25.95 21.31
N ALA B 128 -5.38 26.31 20.15
CA ALA B 128 -4.64 27.03 19.12
C ALA B 128 -4.19 28.39 19.63
N ASN B 129 -4.81 28.85 20.71
CA ASN B 129 -4.64 30.21 21.21
C ASN B 129 -4.12 30.34 22.64
N TYR B 130 -3.57 29.25 23.19
CA TYR B 130 -3.12 29.20 24.59
C TYR B 130 -2.39 30.46 24.96
N GLU B 131 -1.34 30.75 24.21
CA GLU B 131 -0.52 31.93 24.41
C GLU B 131 -1.34 33.23 24.42
N TYR B 132 -2.14 33.43 23.37
CA TYR B 132 -2.97 34.63 23.28
C TYR B 132 -3.81 34.85 24.53
N PHE B 133 -4.57 33.82 24.93
CA PHE B 133 -5.41 33.88 26.13
C PHE B 133 -4.63 34.02 27.47
N ASP B 134 -3.44 33.44 27.55
CA ASP B 134 -2.66 33.51 28.77
C ASP B 134 -2.21 34.93 29.00
N GLN B 135 -2.35 35.76 27.98
CA GLN B 135 -2.09 37.20 28.07
C GLN B 135 -3.01 37.87 29.08
N PHE B 136 -4.08 37.19 29.48
CA PHE B 136 -5.03 37.73 30.44
C PHE B 136 -5.04 36.94 31.74
N GLU B 137 -5.43 37.61 32.83
CA GLU B 137 -5.44 37.05 34.19
C GLU B 137 -6.50 35.96 34.38
N GLN B 138 -7.71 36.21 33.88
CA GLN B 138 -8.77 35.20 33.90
C GLN B 138 -9.61 35.16 32.61
N ILE B 139 -9.90 33.94 32.15
CA ILE B 139 -10.63 33.68 30.90
C ILE B 139 -12.07 33.25 31.19
N ILE B 140 -13.02 34.11 30.86
CA ILE B 140 -14.43 33.90 31.17
C ILE B 140 -15.20 33.30 30.00
N LEU B 141 -15.42 31.99 30.03
CA LEU B 141 -16.14 31.34 28.96
C LEU B 141 -17.65 31.59 29.06
N MET B 142 -18.15 32.48 28.21
CA MET B 142 -19.57 32.76 28.18
C MET B 142 -20.19 32.13 26.95
N PHE B 143 -20.35 30.81 26.99
CA PHE B 143 -20.90 30.04 25.87
C PHE B 143 -22.43 29.82 26.00
N ASP B 144 -23.00 29.17 24.97
CA ASP B 144 -24.42 28.82 24.95
C ASP B 144 -24.86 28.05 26.21
N MET B 145 -26.10 28.28 26.61
CA MET B 145 -26.68 27.64 27.80
C MET B 145 -27.49 26.38 27.47
N ASP B 146 -26.92 25.51 26.65
CA ASP B 146 -27.61 24.28 26.19
C ASP B 146 -26.71 23.05 26.22
N GLU B 147 -27.29 21.89 25.91
CA GLU B 147 -26.57 20.64 25.71
C GLU B 147 -25.12 20.87 25.23
N ALA B 148 -24.99 21.12 23.92
CA ALA B 148 -23.69 21.18 23.26
C ALA B 148 -22.86 22.39 23.70
N GLY B 149 -23.54 23.36 24.31
CA GLY B 149 -22.91 24.59 24.76
C GLY B 149 -22.18 24.44 26.07
N ARG B 150 -22.74 23.65 26.98
CA ARG B 150 -22.03 23.31 28.20
C ARG B 150 -20.84 22.42 27.82
N LYS B 151 -21.07 21.49 26.89
CA LYS B 151 -20.00 20.62 26.38
C LYS B 151 -18.84 21.46 25.83
N ALA B 152 -19.17 22.46 25.03
CA ALA B 152 -18.18 23.34 24.47
C ALA B 152 -17.31 23.89 25.59
N VAL B 153 -17.95 24.43 26.61
CA VAL B 153 -17.23 24.95 27.77
C VAL B 153 -16.23 23.94 28.29
N GLU B 154 -16.72 22.72 28.51
CA GLU B 154 -15.89 21.63 29.03
C GLU B 154 -14.63 21.33 28.20
N GLU B 155 -14.82 21.07 26.91
CA GLU B 155 -13.71 20.80 26.00
C GLU B 155 -12.76 21.98 25.92
N ALA B 156 -13.33 23.17 26.07
CA ALA B 156 -12.59 24.42 25.98
C ALA B 156 -11.59 24.56 27.12
N ALA B 157 -12.12 24.59 28.34
CA ALA B 157 -11.32 24.74 29.53
C ALA B 157 -10.22 23.68 29.62
N GLN B 158 -10.53 22.47 29.16
CA GLN B 158 -9.57 21.38 29.17
C GLN B 158 -8.27 21.82 28.53
N VAL B 159 -8.38 22.45 27.37
CA VAL B 159 -7.20 22.87 26.63
C VAL B 159 -6.70 24.29 26.98
N LEU B 160 -7.49 25.03 27.77
CA LEU B 160 -7.15 26.40 28.19
C LEU B 160 -6.27 26.46 29.45
N PRO B 161 -5.51 27.53 29.57
CA PRO B 161 -4.46 27.65 30.60
C PRO B 161 -4.91 27.58 32.06
N ALA B 162 -4.37 26.62 32.81
CA ALA B 162 -4.36 26.61 34.28
C ALA B 162 -5.66 27.02 35.03
N GLY B 163 -5.50 27.76 36.14
CA GLY B 163 -6.62 28.11 37.00
C GLY B 163 -7.25 29.45 36.67
N LYS B 164 -7.36 29.72 35.38
CA LYS B 164 -7.85 31.00 34.89
C LYS B 164 -9.31 30.93 34.40
N VAL B 165 -9.74 29.77 33.91
CA VAL B 165 -11.06 29.66 33.31
C VAL B 165 -12.17 29.74 34.32
N ARG B 166 -13.17 30.56 34.01
CA ARG B 166 -14.40 30.58 34.79
C ARG B 166 -15.63 30.55 33.87
N VAL B 167 -16.62 29.74 34.23
CA VAL B 167 -17.81 29.58 33.39
C VAL B 167 -18.88 30.65 33.67
N ALA B 168 -19.37 31.23 32.57
CA ALA B 168 -20.49 32.16 32.62
C ALA B 168 -21.79 31.38 32.69
N VAL B 169 -22.74 31.92 33.45
CA VAL B 169 -24.03 31.27 33.59
C VAL B 169 -25.15 32.29 33.45
N LEU B 170 -25.75 32.33 32.27
CA LEU B 170 -26.81 33.28 31.97
C LEU B 170 -28.19 32.66 32.09
N PRO B 171 -29.20 33.51 32.27
CA PRO B 171 -30.61 33.09 32.31
C PRO B 171 -31.20 32.51 31.00
N CYS B 172 -30.58 32.80 29.85
CA CYS B 172 -31.11 32.34 28.56
C CYS B 172 -30.06 31.71 27.63
N LYS B 173 -30.49 31.30 26.44
CA LYS B 173 -29.60 30.56 25.53
C LYS B 173 -28.20 31.18 25.43
N ASP B 174 -28.13 32.46 25.07
CA ASP B 174 -26.85 33.18 24.98
C ASP B 174 -26.88 34.59 25.56
N ALA B 175 -25.71 35.22 25.60
CA ALA B 175 -25.59 36.57 26.15
C ALA B 175 -26.43 37.62 25.42
N ASN B 176 -26.78 37.38 24.15
CA ASN B 176 -27.66 38.28 23.38
C ASN B 176 -29.13 38.04 23.65
N GLU B 177 -29.54 36.79 23.81
CA GLU B 177 -30.92 36.50 24.20
C GLU B 177 -31.28 37.26 25.48
N CYS B 178 -30.28 37.43 26.35
CA CYS B 178 -30.44 38.21 27.57
C CYS B 178 -30.67 39.68 27.24
N HIS B 179 -29.71 40.27 26.52
CA HIS B 179 -29.79 41.68 26.12
C HIS B 179 -31.11 42.01 25.45
N LEU B 180 -31.44 41.25 24.39
CA LEU B 180 -32.72 41.35 23.69
C LEU B 180 -33.82 41.26 24.73
N ASN B 181 -34.23 42.45 25.13
CA ASN B 181 -34.98 42.67 26.35
C ASN B 181 -35.06 41.46 27.34
N GLY B 182 -34.38 41.67 28.46
CA GLY B 182 -34.31 40.72 29.55
C GLY B 182 -33.40 41.29 30.62
N HIS B 183 -32.24 40.68 30.77
CA HIS B 183 -31.40 40.90 31.93
C HIS B 183 -29.98 41.26 31.53
N ASP B 184 -29.79 42.52 31.15
CA ASP B 184 -28.45 43.00 30.93
C ASP B 184 -27.63 42.79 32.19
N ARG B 185 -28.21 43.14 33.34
CA ARG B 185 -27.55 43.07 34.65
C ARG B 185 -27.16 41.64 35.04
N GLU B 186 -27.82 40.66 34.42
CA GLU B 186 -27.45 39.26 34.61
C GLU B 186 -26.10 38.95 33.93
N ILE B 187 -25.94 39.42 32.68
CA ILE B 187 -24.67 39.32 31.94
C ILE B 187 -23.53 40.00 32.68
N MET B 188 -23.83 41.16 33.25
CA MET B 188 -22.87 41.95 34.00
C MET B 188 -22.34 41.21 35.20
N GLU B 189 -23.26 40.65 36.00
CA GLU B 189 -22.91 39.92 37.23
C GLU B 189 -21.99 38.73 36.95
N GLN B 190 -21.81 38.39 35.68
CA GLN B 190 -20.95 37.29 35.26
C GLN B 190 -19.61 37.76 34.72
N VAL B 191 -19.63 38.76 33.84
CA VAL B 191 -18.40 39.39 33.36
C VAL B 191 -17.48 39.78 34.53
N TRP B 192 -18.01 40.51 35.51
CA TRP B 192 -17.33 40.62 36.80
C TRP B 192 -17.60 39.35 37.60
N ASN B 193 -16.57 38.83 38.25
CA ASN B 193 -16.67 37.85 39.36
C ASN B 193 -17.59 36.58 39.27
N ALA B 194 -17.91 36.12 38.05
CA ALA B 194 -18.74 34.91 37.83
C ALA B 194 -18.13 33.57 38.32
N GLY B 195 -18.79 32.47 38.00
CA GLY B 195 -18.35 31.15 38.44
C GLY B 195 -17.00 30.77 37.87
N PRO B 196 -16.16 30.13 38.68
CA PRO B 196 -14.80 29.77 38.30
C PRO B 196 -14.56 28.28 37.98
N TRP B 197 -15.62 27.50 37.90
CA TRP B 197 -15.50 26.05 38.03
C TRP B 197 -14.77 25.29 36.91
N ILE B 198 -13.91 24.38 37.32
CA ILE B 198 -13.54 23.26 36.47
C ILE B 198 -13.10 21.97 37.19
N PRO B 199 -13.18 21.80 38.52
CA PRO B 199 -12.82 20.43 38.90
C PRO B 199 -13.88 19.33 38.88
N ASP B 200 -14.14 18.74 37.72
CA ASP B 200 -15.10 17.65 37.69
C ASP B 200 -14.39 16.31 37.78
N GLY B 201 -13.62 16.12 38.83
CA GLY B 201 -12.94 14.87 39.02
C GLY B 201 -11.75 15.01 39.97
N VAL B 202 -11.42 16.25 40.29
CA VAL B 202 -10.46 16.51 41.32
C VAL B 202 -11.26 16.63 42.59
N VAL B 203 -10.72 16.14 43.68
CA VAL B 203 -11.51 15.92 44.88
C VAL B 203 -10.67 15.99 46.12
N SER B 204 -10.66 17.11 46.84
CA SER B 204 -9.78 17.23 48.01
C SER B 204 -10.09 16.16 49.04
N ALA B 205 -9.04 15.66 49.72
CA ALA B 205 -9.18 14.55 50.67
C ALA B 205 -10.20 14.87 51.74
N LEU B 206 -10.13 16.08 52.30
CA LEU B 206 -11.04 16.48 53.35
C LEU B 206 -12.45 16.13 52.97
N SER B 207 -12.76 16.31 51.70
CA SER B 207 -14.12 16.22 51.24
C SER B 207 -14.49 14.81 50.95
N LEU B 208 -13.75 13.85 51.49
CA LEU B 208 -14.08 12.42 51.30
C LEU B 208 -14.43 11.70 52.59
N ARG B 209 -14.39 12.41 53.72
CA ARG B 209 -14.64 11.80 55.03
C ARG B 209 -15.81 10.85 54.91
N GLU B 210 -16.96 11.40 54.58
CA GLU B 210 -18.13 10.55 54.56
C GLU B 210 -17.94 9.39 53.61
N ARG B 211 -17.56 9.66 52.38
CA ARG B 211 -17.47 8.59 51.44
C ARG B 211 -16.58 7.50 51.98
N ILE B 212 -15.56 7.87 52.77
CA ILE B 212 -14.60 6.92 53.35
C ILE B 212 -15.20 6.10 54.46
N ARG B 213 -15.81 6.78 55.42
CA ARG B 213 -16.49 6.08 56.52
C ARG B 213 -17.40 4.98 56.01
N GLU B 214 -18.31 5.36 55.13
CA GLU B 214 -19.26 4.41 54.58
C GLU B 214 -18.59 3.29 53.76
N HIS B 215 -17.47 3.57 53.12
CA HIS B 215 -16.69 2.51 52.51
C HIS B 215 -16.26 1.50 53.57
N LEU B 216 -15.63 2.02 54.63
CA LEU B 216 -14.93 1.19 55.58
C LEU B 216 -15.86 0.16 56.20
N SER B 217 -17.06 0.58 56.52
CA SER B 217 -18.11 -0.37 56.93
C SER B 217 -18.66 -1.36 55.85
N SER B 218 -19.16 -0.81 54.74
CA SER B 218 -19.55 -1.60 53.56
C SER B 218 -18.67 -2.78 53.00
N GLU B 219 -17.40 -2.42 52.57
CA GLU B 219 -16.40 -3.33 51.87
C GLU B 219 -15.22 -3.82 52.68
N GLU B 220 -15.18 -5.11 52.57
CA GLU B 220 -14.50 -6.04 53.45
C GLU B 220 -13.13 -6.61 53.06
N SER B 221 -12.05 -6.37 53.85
CA SER B 221 -10.66 -6.93 53.71
C SER B 221 -10.60 -8.35 53.06
N VAL B 222 -11.39 -9.21 53.69
CA VAL B 222 -11.67 -10.60 53.32
C VAL B 222 -12.99 -10.68 52.49
N GLY B 223 -13.16 -9.74 51.57
CA GLY B 223 -14.36 -9.66 50.77
C GLY B 223 -14.69 -10.91 49.97
N LEU B 224 -15.53 -11.76 50.52
CA LEU B 224 -15.97 -12.88 49.68
C LEU B 224 -14.88 -13.91 49.47
N LEU B 225 -15.01 -15.08 50.09
CA LEU B 225 -13.90 -15.98 49.99
C LEU B 225 -14.12 -16.92 48.87
N PHE B 226 -13.10 -17.12 48.06
CA PHE B 226 -13.19 -18.09 47.01
C PHE B 226 -13.44 -19.47 47.63
N SER B 227 -14.18 -20.29 46.92
CA SER B 227 -14.53 -21.56 47.52
C SER B 227 -14.00 -22.72 46.76
N GLY B 228 -13.41 -23.63 47.52
CA GLY B 228 -12.98 -24.89 46.98
C GLY B 228 -11.49 -24.94 46.96
N CYS B 229 -10.84 -23.98 47.58
CA CYS B 229 -9.39 -24.02 47.65
C CYS B 229 -8.84 -22.87 48.47
N THR B 230 -8.89 -23.02 49.79
CA THR B 230 -8.18 -22.07 50.67
C THR B 230 -6.77 -22.11 50.17
N GLY B 231 -6.25 -20.93 49.92
CA GLY B 231 -5.15 -20.88 49.00
C GLY B 231 -5.57 -19.76 48.16
N ILE B 232 -6.40 -19.97 47.14
CA ILE B 232 -7.01 -18.82 46.46
C ILE B 232 -7.24 -17.71 47.50
N ASN B 233 -7.76 -18.07 48.68
CA ASN B 233 -8.05 -17.08 49.73
C ASN B 233 -6.82 -16.62 50.46
N ASP B 234 -6.10 -17.57 51.03
CA ASP B 234 -4.80 -17.28 51.62
C ASP B 234 -3.91 -16.28 50.87
N LYS B 235 -3.89 -16.40 49.56
CA LYS B 235 -3.05 -15.55 48.73
C LYS B 235 -3.77 -14.28 48.32
N THR B 236 -5.06 -14.34 48.01
CA THR B 236 -5.65 -13.16 47.45
C THR B 236 -6.51 -12.48 48.45
N LEU B 237 -6.79 -13.14 49.57
CA LEU B 237 -7.61 -12.49 50.59
C LEU B 237 -9.06 -12.19 50.16
N GLY B 238 -9.45 -12.74 49.02
CA GLY B 238 -10.83 -12.78 48.56
C GLY B 238 -11.11 -11.90 47.38
N ALA B 239 -12.39 -11.71 47.12
CA ALA B 239 -12.82 -10.85 46.01
C ALA B 239 -13.50 -9.67 46.61
N ARG B 240 -12.71 -8.62 46.75
CA ARG B 240 -13.11 -7.39 47.37
C ARG B 240 -13.93 -6.66 46.35
N GLY B 241 -14.96 -5.91 46.77
CA GLY B 241 -15.80 -5.26 45.79
C GLY B 241 -15.08 -4.17 45.02
N GLY B 242 -15.52 -3.88 43.79
CA GLY B 242 -14.87 -2.86 43.01
C GLY B 242 -13.67 -3.43 42.29
N GLU B 243 -13.13 -4.53 42.80
CA GLU B 243 -12.10 -5.32 42.07
C GLU B 243 -12.61 -5.87 40.72
N VAL B 244 -11.67 -6.40 39.95
CA VAL B 244 -12.05 -7.16 38.78
C VAL B 244 -11.24 -8.46 38.83
N ILE B 245 -11.84 -9.55 39.32
CA ILE B 245 -11.18 -10.88 39.29
C ILE B 245 -11.22 -11.47 37.88
N MET B 246 -10.14 -12.05 37.44
CA MET B 246 -10.12 -12.60 36.12
C MET B 246 -9.71 -14.06 36.16
N VAL B 247 -10.65 -14.95 35.85
CA VAL B 247 -10.39 -16.37 35.79
C VAL B 247 -10.02 -16.76 34.37
N THR B 248 -8.91 -17.47 34.20
CA THR B 248 -8.42 -17.85 32.90
C THR B 248 -7.86 -19.23 32.96
N SER B 249 -7.83 -19.85 31.79
CA SER B 249 -7.09 -21.09 31.64
C SER B 249 -7.31 -21.76 30.31
N GLY B 250 -6.57 -22.84 30.13
CA GLY B 250 -6.60 -23.62 28.91
C GLY B 250 -8.05 -23.94 28.55
N SER B 251 -8.21 -25.13 27.92
CA SER B 251 -9.54 -25.58 27.50
C SER B 251 -10.58 -25.53 28.62
N GLY B 252 -10.06 -25.45 29.82
CA GLY B 252 -10.87 -25.37 30.97
C GLY B 252 -12.35 -25.14 30.79
N MET B 253 -13.08 -26.22 30.93
CA MET B 253 -14.48 -26.13 31.33
C MET B 253 -14.42 -26.14 32.86
N VAL B 254 -13.43 -26.87 33.38
CA VAL B 254 -12.80 -26.65 34.68
C VAL B 254 -12.93 -25.19 35.01
N MET B 255 -12.63 -24.31 34.08
CA MET B 255 -12.77 -22.90 34.33
C MET B 255 -14.22 -22.49 34.48
N SER B 256 -15.04 -22.85 33.53
CA SER B 256 -16.47 -22.49 33.63
C SER B 256 -17.23 -23.15 34.86
N THR B 257 -16.59 -24.14 35.49
CA THR B 257 -17.15 -24.82 36.62
C THR B 257 -16.68 -24.02 37.74
N PHE B 258 -15.40 -23.75 37.77
CA PHE B 258 -14.86 -23.06 38.89
C PHE B 258 -15.67 -21.82 39.08
N VAL B 259 -15.87 -21.04 38.03
CA VAL B 259 -16.64 -19.79 38.17
C VAL B 259 -18.05 -20.06 38.72
N ARG B 260 -18.70 -21.06 38.13
CA ARG B 260 -20.04 -21.49 38.45
C ARG B 260 -20.13 -21.86 39.93
N GLN B 261 -19.18 -22.64 40.35
CA GLN B 261 -19.08 -23.03 41.69
C GLN B 261 -19.08 -21.80 42.57
N GLN B 262 -18.16 -20.86 42.35
CA GLN B 262 -18.16 -19.62 43.11
C GLN B 262 -19.51 -18.85 43.15
N ALA B 263 -20.09 -18.66 41.95
CA ALA B 263 -21.41 -18.10 41.80
C ALA B 263 -22.31 -18.79 42.82
N LEU B 264 -22.32 -20.13 42.75
CA LEU B 264 -23.09 -20.94 43.66
C LEU B 264 -22.87 -20.48 45.08
N GLN B 265 -21.69 -20.71 45.63
CA GLN B 265 -21.50 -20.47 47.08
C GLN B 265 -21.74 -19.01 47.58
N TRP B 266 -21.46 -18.02 46.74
CA TRP B 266 -21.69 -16.61 47.10
C TRP B 266 -23.19 -16.27 47.13
N GLY B 267 -23.96 -17.01 46.34
CA GLY B 267 -25.38 -16.76 46.18
C GLY B 267 -26.23 -17.61 47.09
N THR B 268 -25.61 -18.30 48.03
CA THR B 268 -26.37 -19.20 48.85
C THR B 268 -25.78 -19.27 50.24
N ALA B 269 -24.49 -19.59 50.30
CA ALA B 269 -23.83 -19.70 51.58
C ALA B 269 -23.77 -18.32 52.19
N MET B 270 -23.14 -17.46 51.42
CA MET B 270 -23.09 -16.03 51.63
C MET B 270 -24.43 -15.43 51.17
N GLY B 271 -24.73 -14.24 51.64
CA GLY B 271 -26.01 -13.65 51.37
C GLY B 271 -26.07 -13.14 49.95
N LYS B 272 -24.87 -12.94 49.37
CA LYS B 272 -24.73 -12.09 48.19
C LYS B 272 -25.59 -12.49 46.97
N LYS B 273 -26.17 -11.48 46.32
CA LYS B 273 -26.91 -11.60 45.07
C LYS B 273 -25.93 -11.71 43.89
N VAL B 274 -25.95 -12.82 43.17
CA VAL B 274 -25.05 -12.98 42.04
C VAL B 274 -25.76 -12.60 40.79
N GLY B 275 -25.10 -11.88 39.90
CA GLY B 275 -25.67 -11.71 38.58
C GLY B 275 -24.78 -12.40 37.54
N LEU B 276 -25.40 -13.09 36.57
CA LEU B 276 -24.59 -13.86 35.66
C LEU B 276 -24.87 -13.44 34.25
N ALA B 277 -23.81 -13.23 33.50
CA ALA B 277 -23.96 -13.10 32.07
C ALA B 277 -23.17 -14.22 31.48
N MET B 278 -23.80 -15.35 31.27
CA MET B 278 -23.11 -16.47 30.74
C MET B 278 -23.28 -16.44 29.22
N LEU B 279 -22.43 -15.70 28.53
CA LEU B 279 -22.76 -15.37 27.14
C LEU B 279 -22.81 -16.58 26.20
N GLU B 280 -22.14 -17.66 26.61
CA GLU B 280 -21.92 -18.85 25.77
C GLU B 280 -23.20 -19.61 25.62
N GLU B 281 -23.88 -19.83 26.76
CA GLU B 281 -25.06 -20.70 26.87
C GLU B 281 -26.38 -19.95 27.15
N SER B 282 -27.51 -20.66 27.05
CA SER B 282 -28.83 -20.07 27.28
C SER B 282 -29.03 -19.74 28.74
N VAL B 283 -30.14 -19.08 29.06
CA VAL B 283 -30.37 -18.71 30.45
C VAL B 283 -30.97 -19.89 31.19
N GLU B 284 -31.84 -20.62 30.52
CA GLU B 284 -32.34 -21.87 31.05
C GLU B 284 -31.19 -22.85 31.30
N GLU B 285 -30.28 -23.02 30.33
CA GLU B 285 -29.16 -23.96 30.48
C GLU B 285 -28.38 -23.66 31.75
N THR B 286 -27.93 -22.42 31.91
CA THR B 286 -27.07 -22.12 33.03
C THR B 286 -27.82 -22.39 34.36
N ALA B 287 -29.07 -21.93 34.45
CA ALA B 287 -29.96 -22.29 35.57
C ALA B 287 -29.94 -23.80 35.91
N GLU B 288 -30.07 -24.67 34.91
CA GLU B 288 -29.98 -26.10 35.15
C GLU B 288 -28.63 -26.44 35.74
N ASP B 289 -27.58 -25.95 35.10
CA ASP B 289 -26.26 -26.28 35.57
C ASP B 289 -26.07 -25.88 37.01
N LEU B 290 -26.70 -24.80 37.40
CA LEU B 290 -26.65 -24.39 38.78
C LEU B 290 -27.35 -25.43 39.69
N ILE B 291 -28.66 -25.52 39.59
CA ILE B 291 -29.44 -26.57 40.23
C ILE B 291 -28.73 -27.89 40.38
N GLY B 292 -28.23 -28.43 39.27
CA GLY B 292 -27.54 -29.71 39.26
C GLY B 292 -26.35 -29.64 40.17
N LEU B 293 -25.60 -28.55 40.04
CA LEU B 293 -24.36 -28.36 40.76
C LEU B 293 -24.66 -28.21 42.21
N HIS B 294 -25.76 -27.58 42.49
CA HIS B 294 -26.07 -27.31 43.86
C HIS B 294 -26.49 -28.61 44.49
N ASN B 295 -27.04 -29.51 43.68
CA ASN B 295 -27.50 -30.79 44.16
C ASN B 295 -26.47 -31.93 43.91
N ARG B 296 -25.25 -31.56 43.58
CA ARG B 296 -24.18 -32.54 43.38
C ARG B 296 -24.57 -33.69 42.46
N VAL B 297 -25.26 -33.36 41.39
CA VAL B 297 -25.67 -34.33 40.42
C VAL B 297 -25.49 -33.69 39.05
N ARG B 298 -25.10 -34.49 38.04
CA ARG B 298 -24.89 -33.94 36.69
C ARG B 298 -26.21 -33.82 35.94
N LEU B 299 -26.97 -32.77 36.25
CA LEU B 299 -28.34 -32.71 35.84
C LEU B 299 -28.57 -32.71 34.37
N ARG B 300 -28.06 -31.75 33.61
CA ARG B 300 -28.41 -31.75 32.16
C ARG B 300 -27.86 -32.94 31.43
N GLN B 301 -26.72 -33.42 31.91
CA GLN B 301 -25.99 -34.56 31.36
C GLN B 301 -26.64 -35.97 31.60
N SER B 302 -27.96 -36.02 31.82
CA SER B 302 -28.66 -37.25 32.20
C SER B 302 -30.17 -37.24 31.95
N ASP B 303 -30.54 -37.88 30.84
CA ASP B 303 -31.93 -38.04 30.43
C ASP B 303 -32.77 -38.49 31.62
N SER B 304 -32.36 -39.59 32.23
CA SER B 304 -33.16 -40.29 33.25
C SER B 304 -33.53 -39.42 34.44
N LEU B 305 -32.51 -38.80 35.01
CA LEU B 305 -32.68 -37.98 36.19
C LEU B 305 -33.54 -36.74 35.90
N LYS B 306 -33.37 -36.13 34.74
CA LYS B 306 -34.26 -35.04 34.34
C LYS B 306 -35.72 -35.51 34.51
N ARG B 307 -36.09 -36.56 33.79
CA ARG B 307 -37.46 -37.07 33.84
C ARG B 307 -37.87 -37.28 35.28
N GLU B 308 -37.01 -37.99 36.01
CA GLU B 308 -37.24 -38.37 37.38
C GLU B 308 -37.73 -37.19 38.22
N ILE B 309 -36.93 -36.14 38.29
CA ILE B 309 -37.27 -35.02 39.18
C ILE B 309 -38.37 -34.12 38.68
N ILE B 310 -38.66 -34.16 37.38
CA ILE B 310 -39.83 -33.43 36.88
C ILE B 310 -41.06 -34.05 37.47
N GLU B 311 -41.11 -35.37 37.45
CA GLU B 311 -42.28 -36.08 37.90
C GLU B 311 -42.38 -36.17 39.43
N ASN B 312 -41.28 -36.52 40.10
CA ASN B 312 -41.30 -36.77 41.54
C ASN B 312 -41.29 -35.49 42.37
N GLY B 313 -41.62 -34.38 41.73
CA GLY B 313 -41.74 -33.12 42.42
C GLY B 313 -40.40 -32.52 42.84
N LYS B 314 -39.33 -33.32 42.77
CA LYS B 314 -38.04 -32.87 43.27
C LYS B 314 -37.57 -31.64 42.54
N PHE B 315 -37.97 -31.49 41.28
CA PHE B 315 -37.53 -30.31 40.51
C PHE B 315 -38.00 -29.02 41.15
N ASP B 316 -39.31 -28.91 41.28
CA ASP B 316 -39.93 -27.72 41.82
C ASP B 316 -39.37 -27.47 43.23
N GLN B 317 -38.98 -28.55 43.88
CA GLN B 317 -38.45 -28.50 45.23
C GLN B 317 -37.06 -27.96 45.21
N TRP B 318 -36.20 -28.54 44.37
CA TRP B 318 -34.80 -28.17 44.28
C TRP B 318 -34.70 -26.73 43.85
N PHE B 319 -35.60 -26.38 42.95
CA PHE B 319 -35.61 -25.08 42.31
C PHE B 319 -35.88 -24.02 43.32
N ASP B 320 -36.98 -24.19 44.06
CA ASP B 320 -37.30 -23.29 45.16
C ASP B 320 -36.08 -23.22 46.05
N GLU B 321 -35.64 -24.38 46.53
CA GLU B 321 -34.50 -24.50 47.43
C GLU B 321 -33.30 -23.63 47.08
N LEU B 322 -32.90 -23.67 45.83
CA LEU B 322 -31.73 -22.92 45.42
C LEU B 322 -32.08 -21.49 45.09
N PHE B 323 -33.14 -21.33 44.33
CA PHE B 323 -33.38 -20.05 43.70
C PHE B 323 -34.24 -19.06 44.46
N GLY B 324 -35.05 -19.56 45.37
CA GLY B 324 -36.20 -18.81 45.85
C GLY B 324 -35.88 -17.82 46.90
N ASN B 325 -34.72 -17.22 46.75
CA ASN B 325 -34.28 -16.19 47.63
C ASN B 325 -33.84 -15.04 46.78
N ASP B 326 -34.47 -14.86 45.62
CA ASP B 326 -34.17 -13.81 44.64
C ASP B 326 -32.74 -13.36 44.65
N THR B 327 -31.85 -14.34 44.59
CA THR B 327 -30.45 -14.06 44.80
C THR B 327 -29.60 -14.25 43.49
N PHE B 328 -30.01 -15.17 42.61
CA PHE B 328 -29.41 -15.32 41.30
C PHE B 328 -30.22 -14.55 40.25
N HIS B 329 -29.55 -13.85 39.34
CA HIS B 329 -30.18 -13.19 38.20
C HIS B 329 -29.31 -13.21 36.97
N LEU B 330 -29.91 -13.49 35.80
CA LEU B 330 -29.09 -13.76 34.64
C LEU B 330 -29.36 -12.81 33.53
N TYR B 331 -28.34 -12.25 32.89
CA TYR B 331 -28.50 -11.64 31.57
C TYR B 331 -28.78 -12.72 30.57
N ASP B 332 -29.86 -12.60 29.80
CA ASP B 332 -30.20 -13.63 28.80
C ASP B 332 -30.13 -12.97 27.42
N SER B 333 -29.41 -13.59 26.48
CA SER B 333 -29.07 -12.92 25.22
C SER B 333 -29.91 -13.16 23.91
N PHE B 334 -29.18 -13.61 22.88
CA PHE B 334 -29.37 -13.22 21.45
C PHE B 334 -29.11 -11.73 21.21
N GLU B 338 -24.27 -5.62 21.57
CA GLU B 338 -23.12 -4.74 21.44
C GLU B 338 -22.22 -4.80 22.69
N THR B 339 -21.13 -4.03 22.68
CA THR B 339 -20.32 -3.84 23.88
C THR B 339 -21.06 -2.89 24.82
N ASP B 340 -21.38 -1.69 24.29
CA ASP B 340 -22.10 -0.65 25.03
C ASP B 340 -23.42 -1.24 25.57
N ARG B 341 -24.17 -1.90 24.68
CA ARG B 341 -25.42 -2.58 25.04
C ARG B 341 -25.30 -3.61 26.20
N LEU B 342 -24.27 -4.44 26.17
CA LEU B 342 -24.09 -5.40 27.26
C LEU B 342 -23.79 -4.67 28.56
N LEU B 343 -22.71 -3.88 28.54
CA LEU B 343 -22.26 -3.08 29.67
C LEU B 343 -23.44 -2.44 30.40
N ALA B 344 -24.40 -1.93 29.62
CA ALA B 344 -25.59 -1.27 30.16
C ALA B 344 -26.50 -2.21 30.94
N LYS B 345 -26.72 -3.39 30.38
CA LYS B 345 -27.50 -4.41 31.05
C LYS B 345 -26.83 -4.80 32.35
N LEU B 346 -25.50 -4.99 32.33
CA LEU B 346 -24.78 -5.48 33.48
C LEU B 346 -24.87 -4.41 34.56
N ALA B 347 -24.97 -3.16 34.13
CA ALA B 347 -25.03 -2.03 35.04
C ALA B 347 -26.31 -2.03 35.82
N TYR B 348 -27.40 -2.18 35.11
CA TYR B 348 -28.68 -2.29 35.77
C TYR B 348 -28.78 -3.51 36.67
N MET B 349 -28.10 -4.61 36.39
CA MET B 349 -28.04 -5.68 37.40
C MET B 349 -27.42 -5.16 38.70
N ARG B 350 -26.28 -4.50 38.58
CA ARG B 350 -25.67 -3.80 39.70
C ARG B 350 -26.55 -2.77 40.32
N SER B 351 -27.12 -1.90 39.51
CA SER B 351 -27.72 -0.70 40.02
C SER B 351 -29.11 -0.85 40.37
N GLY B 352 -29.82 -1.62 39.57
CA GLY B 352 -31.25 -1.86 39.77
C GLY B 352 -31.59 -3.02 40.67
N LEU B 353 -31.28 -4.23 40.26
CA LEU B 353 -31.43 -5.38 41.14
C LEU B 353 -30.30 -5.49 42.22
N GLY B 354 -29.28 -4.68 42.10
CA GLY B 354 -28.31 -4.62 43.15
C GLY B 354 -27.68 -5.93 43.58
N CYS B 355 -27.09 -6.61 42.62
CA CYS B 355 -26.25 -7.75 42.95
C CYS B 355 -24.88 -7.22 43.17
N ASP B 356 -24.11 -7.97 43.95
CA ASP B 356 -22.78 -7.53 44.39
C ASP B 356 -21.68 -8.30 43.72
N VAL B 357 -22.03 -9.38 43.03
CA VAL B 357 -21.12 -9.94 42.08
C VAL B 357 -21.81 -9.98 40.73
N ILE B 358 -21.07 -9.74 39.66
CA ILE B 358 -21.56 -9.99 38.32
C ILE B 358 -20.54 -10.88 37.70
N ILE B 359 -20.90 -12.05 37.22
CA ILE B 359 -19.89 -12.94 36.60
C ILE B 359 -20.13 -12.90 35.13
N LEU B 360 -19.09 -12.57 34.38
CA LEU B 360 -19.19 -12.37 32.92
C LEU B 360 -18.38 -13.42 32.27
N ASP B 361 -19.07 -14.50 31.89
CA ASP B 361 -18.46 -15.65 31.22
C ASP B 361 -18.29 -15.45 29.76
N HIS B 362 -17.05 -15.02 29.70
CA HIS B 362 -16.17 -15.18 28.62
C HIS B 362 -16.02 -14.05 27.64
N ILE B 363 -15.10 -13.21 28.14
CA ILE B 363 -14.80 -11.92 27.53
C ILE B 363 -14.55 -12.04 26.05
N SER B 364 -13.98 -13.18 25.65
CA SER B 364 -13.55 -13.41 24.28
C SER B 364 -14.65 -13.01 23.30
N ILE B 365 -15.89 -13.31 23.69
CA ILE B 365 -17.05 -12.78 22.96
C ILE B 365 -17.21 -11.30 23.22
N VAL B 366 -16.74 -10.48 22.24
CA VAL B 366 -17.00 -9.02 22.28
C VAL B 366 -18.60 -8.79 22.13
N VAL B 367 -19.06 -8.56 20.80
CA VAL B 367 -20.43 -8.51 20.12
C VAL B 367 -21.62 -7.48 20.22
N SER B 368 -21.59 -6.91 18.94
CA SER B 368 -22.33 -5.99 17.96
C SER B 368 -22.14 -4.45 17.88
N ALA B 369 -21.47 -4.15 16.71
CA ALA B 369 -21.03 -2.86 16.13
C ALA B 369 -19.97 -3.09 15.02
N SER B 370 -20.23 -3.98 14.07
CA SER B 370 -19.23 -4.48 13.02
C SER B 370 -18.77 -3.66 11.78
N GLY B 371 -17.61 -3.05 11.91
CA GLY B 371 -16.88 -2.37 10.82
C GLY B 371 -15.42 -2.10 11.25
N GLU B 372 -15.06 -2.75 12.38
CA GLU B 372 -13.84 -2.48 13.18
C GLU B 372 -12.80 -3.64 13.34
N SER B 373 -11.52 -3.25 13.25
CA SER B 373 -10.36 -4.16 13.29
C SER B 373 -10.01 -4.75 14.68
N ASP B 374 -8.76 -5.18 14.85
CA ASP B 374 -8.32 -6.18 15.86
C ASP B 374 -9.12 -6.34 17.15
N GLU B 375 -9.58 -7.58 17.40
CA GLU B 375 -10.09 -7.98 18.73
C GLU B 375 -8.98 -7.70 19.77
N ARG B 376 -7.73 -7.71 19.31
CA ARG B 376 -6.56 -7.27 20.09
C ARG B 376 -6.87 -5.94 20.81
N LYS B 377 -7.22 -4.93 20.01
CA LYS B 377 -7.50 -3.57 20.47
C LYS B 377 -8.81 -3.51 21.26
N MET B 378 -9.87 -4.00 20.61
CA MET B 378 -11.18 -3.89 21.19
C MET B 378 -11.27 -4.60 22.51
N ILE B 379 -10.72 -5.80 22.63
CA ILE B 379 -10.74 -6.49 23.93
C ILE B 379 -10.38 -5.51 25.05
N ASP B 380 -9.39 -4.68 24.77
CA ASP B 380 -8.89 -3.67 25.68
C ASP B 380 -9.94 -2.59 26.00
N ASN B 381 -10.40 -1.88 24.97
CA ASN B 381 -11.57 -0.98 25.10
C ASN B 381 -12.72 -1.50 26.01
N LEU B 382 -13.22 -2.70 25.78
CA LEU B 382 -14.18 -3.25 26.71
C LEU B 382 -13.59 -3.35 28.14
N MET B 383 -12.41 -3.94 28.22
CA MET B 383 -11.69 -4.15 29.47
C MET B 383 -11.83 -2.96 30.39
N THR B 384 -11.55 -1.79 29.84
CA THR B 384 -11.62 -0.58 30.65
C THR B 384 -13.03 -0.24 31.09
N LYS B 385 -14.02 -0.21 30.19
CA LYS B 385 -15.38 0.11 30.57
C LYS B 385 -15.75 -0.74 31.75
N LEU B 386 -15.33 -2.00 31.69
CA LEU B 386 -15.60 -2.96 32.74
C LEU B 386 -14.96 -2.57 34.04
N LYS B 387 -13.65 -2.33 34.05
CA LYS B 387 -12.92 -1.95 35.25
C LYS B 387 -13.56 -0.71 35.86
N GLY B 388 -14.02 0.18 34.98
CA GLY B 388 -14.75 1.36 35.37
C GLY B 388 -15.99 0.94 36.09
N PHE B 389 -16.93 0.36 35.38
CA PHE B 389 -18.08 -0.26 36.00
C PHE B 389 -17.78 -0.77 37.40
N ALA B 390 -16.77 -1.60 37.50
CA ALA B 390 -16.32 -2.21 38.74
C ALA B 390 -16.04 -1.23 39.81
N LYS B 391 -14.97 -0.45 39.65
CA LYS B 391 -14.50 0.51 40.66
C LYS B 391 -15.51 1.61 40.92
N SER B 392 -16.16 2.02 39.84
CA SER B 392 -17.12 3.09 39.90
C SER B 392 -18.31 2.66 40.69
N THR B 393 -18.57 1.37 40.82
CA THR B 393 -19.80 0.97 41.49
C THR B 393 -19.66 -0.06 42.57
N GLY B 394 -18.43 -0.53 42.75
CA GLY B 394 -18.12 -1.44 43.84
C GLY B 394 -18.62 -2.86 43.69
N VAL B 395 -19.25 -3.12 42.57
CA VAL B 395 -19.66 -4.47 42.30
C VAL B 395 -18.42 -5.29 42.16
N VAL B 396 -18.46 -6.58 42.52
CA VAL B 396 -17.37 -7.51 42.25
C VAL B 396 -17.63 -8.06 40.88
N LEU B 397 -16.67 -7.85 39.98
CA LEU B 397 -16.79 -8.32 38.61
C LEU B 397 -15.76 -9.36 38.34
N VAL B 398 -16.21 -10.64 38.35
CA VAL B 398 -15.42 -11.80 37.90
C VAL B 398 -15.57 -11.81 36.41
N VAL B 399 -14.49 -12.06 35.69
CA VAL B 399 -14.51 -12.08 34.24
C VAL B 399 -13.67 -13.22 33.77
N ILE B 400 -14.32 -14.15 33.10
CA ILE B 400 -13.70 -15.34 32.58
C ILE B 400 -13.04 -14.98 31.30
N CYS B 401 -11.96 -15.67 31.00
CA CYS B 401 -11.28 -15.42 29.77
C CYS B 401 -10.39 -16.57 29.28
N HIS B 402 -10.48 -16.85 27.99
CA HIS B 402 -9.86 -18.04 27.42
C HIS B 402 -8.51 -17.81 26.79
N LEU B 403 -7.70 -18.85 26.72
CA LEU B 403 -6.30 -18.66 26.39
C LEU B 403 -5.98 -18.84 24.95
N LYS B 404 -5.23 -17.93 24.37
CA LYS B 404 -4.65 -18.19 23.06
C LYS B 404 -3.81 -19.51 23.11
N ASN B 405 -3.46 -20.10 21.97
CA ASN B 405 -2.72 -21.39 22.00
C ASN B 405 -1.29 -21.48 21.45
N PRO B 406 -0.43 -21.89 22.37
CA PRO B 406 1.04 -21.71 22.35
C PRO B 406 1.77 -21.44 21.02
N ASP B 407 1.80 -22.47 20.17
CA ASP B 407 2.79 -22.58 19.10
C ASP B 407 4.08 -23.24 19.67
N LYS B 408 4.17 -23.28 21.00
CA LYS B 408 5.32 -23.89 21.70
C LYS B 408 5.05 -25.27 22.34
N GLY B 409 5.61 -26.29 21.68
CA GLY B 409 5.63 -27.68 22.15
C GLY B 409 4.42 -28.28 22.86
N LYS B 410 4.34 -28.06 24.18
CA LYS B 410 3.31 -28.69 24.99
C LYS B 410 2.09 -27.80 25.06
N ALA B 411 0.93 -28.42 24.83
CA ALA B 411 -0.35 -27.72 24.72
C ALA B 411 -0.93 -27.43 26.07
N HIS B 412 -2.25 -27.27 26.12
CA HIS B 412 -2.89 -26.86 27.36
C HIS B 412 -3.36 -28.04 28.15
N GLU B 413 -3.72 -29.09 27.43
CA GLU B 413 -4.24 -30.31 28.02
C GLU B 413 -3.03 -31.13 28.45
N GLU B 414 -1.86 -30.65 28.02
CA GLU B 414 -0.58 -31.23 28.45
C GLU B 414 -0.11 -30.50 29.71
N GLY B 415 -1.06 -29.81 30.33
CA GLY B 415 -0.81 -29.11 31.57
C GLY B 415 -0.14 -27.74 31.48
N ARG B 416 0.79 -27.58 30.53
CA ARG B 416 1.60 -26.36 30.40
C ARG B 416 1.12 -25.21 31.22
N PRO B 417 1.95 -24.74 32.13
CA PRO B 417 1.61 -23.62 33.00
C PRO B 417 1.42 -22.32 32.22
N VAL B 418 0.80 -21.34 32.84
CA VAL B 418 0.47 -20.12 32.15
C VAL B 418 1.09 -18.94 32.87
N SER B 419 1.56 -17.96 32.12
CA SER B 419 2.06 -16.71 32.70
C SER B 419 1.22 -15.55 32.20
N ILE B 420 1.54 -14.35 32.68
CA ILE B 420 0.75 -13.20 32.25
C ILE B 420 1.15 -12.80 30.80
N THR B 421 2.41 -13.06 30.46
CA THR B 421 2.82 -13.03 29.07
C THR B 421 1.88 -13.97 28.31
N ASP B 422 1.81 -15.22 28.80
CA ASP B 422 0.94 -16.26 28.26
C ASP B 422 -0.42 -15.69 28.00
N LEU B 423 -0.62 -14.47 28.49
CA LEU B 423 -1.90 -13.81 28.46
C LEU B 423 -2.42 -13.50 27.04
N ARG B 424 -3.74 -13.71 26.86
CA ARG B 424 -4.55 -13.03 25.81
C ARG B 424 -4.66 -11.45 25.94
N GLY B 425 -5.56 -10.85 25.14
CA GLY B 425 -5.59 -9.39 24.99
C GLY B 425 -4.30 -8.79 24.41
N SER B 426 -4.12 -7.48 24.66
CA SER B 426 -2.88 -6.80 24.30
C SER B 426 -2.49 -5.81 25.41
N GLY B 427 -3.02 -6.07 26.62
CA GLY B 427 -2.53 -5.40 27.79
C GLY B 427 -3.61 -4.96 28.73
N ALA B 428 -4.81 -4.73 28.25
CA ALA B 428 -5.80 -4.12 29.13
C ALA B 428 -6.17 -5.03 30.30
N LEU B 429 -6.35 -6.34 30.05
CA LEU B 429 -6.65 -7.29 31.12
C LEU B 429 -5.41 -7.50 31.90
N ARG B 430 -4.34 -7.78 31.17
CA ARG B 430 -3.06 -7.93 31.81
C ARG B 430 -2.80 -6.78 32.80
N GLN B 431 -3.57 -5.70 32.67
CA GLN B 431 -3.43 -4.55 33.53
C GLN B 431 -4.65 -4.31 34.40
N LEU B 432 -5.70 -3.77 33.81
CA LEU B 432 -6.96 -3.47 34.51
C LEU B 432 -7.54 -4.48 35.54
N SER B 433 -7.22 -5.77 35.42
CA SER B 433 -7.72 -6.80 36.33
C SER B 433 -7.00 -6.79 37.63
N ASP B 434 -7.71 -6.94 38.73
CA ASP B 434 -7.04 -6.85 40.03
C ASP B 434 -6.43 -8.14 40.55
N THR B 435 -7.16 -9.24 40.49
CA THR B 435 -6.62 -10.56 40.77
C THR B 435 -6.75 -11.40 39.51
N ILE B 436 -5.72 -12.14 39.14
CA ILE B 436 -5.77 -13.06 38.01
C ILE B 436 -5.63 -14.47 38.58
N ILE B 437 -6.66 -15.29 38.50
CA ILE B 437 -6.57 -16.70 38.91
C ILE B 437 -6.54 -17.56 37.67
N ALA B 438 -5.51 -18.41 37.54
CA ALA B 438 -5.41 -19.28 36.38
C ALA B 438 -5.53 -20.67 36.87
N LEU B 439 -6.11 -21.55 36.07
CA LEU B 439 -6.22 -22.95 36.45
C LEU B 439 -5.65 -23.80 35.33
N GLU B 440 -4.76 -24.71 35.68
CA GLU B 440 -4.12 -25.54 34.72
C GLU B 440 -4.57 -26.94 34.94
N ARG B 441 -4.63 -27.73 33.86
CA ARG B 441 -5.07 -29.11 33.95
C ARG B 441 -4.45 -29.95 32.85
N ASN B 442 -3.59 -30.89 33.22
CA ASN B 442 -2.95 -31.78 32.25
C ASN B 442 -3.80 -33.05 31.99
N GLN B 443 -4.85 -32.86 31.20
CA GLN B 443 -5.88 -33.88 31.06
C GLN B 443 -5.42 -35.19 30.43
N GLN B 444 -4.16 -35.27 30.03
CA GLN B 444 -3.61 -36.56 29.62
C GLN B 444 -2.35 -36.89 30.42
N GLY B 445 -2.54 -37.41 31.63
CA GLY B 445 -1.41 -37.66 32.49
C GLY B 445 -1.64 -38.51 33.72
N ASP B 446 -1.02 -38.07 34.82
CA ASP B 446 -1.03 -38.80 36.09
C ASP B 446 -2.34 -38.59 36.83
N MET B 447 -2.73 -37.32 36.98
CA MET B 447 -4.04 -36.97 37.49
C MET B 447 -4.68 -36.10 36.45
N PRO B 448 -5.35 -36.75 35.52
CA PRO B 448 -6.09 -36.08 34.47
C PRO B 448 -7.26 -35.32 35.07
N ASN B 449 -7.58 -35.61 36.32
CA ASN B 449 -8.60 -34.85 36.96
C ASN B 449 -8.02 -33.81 37.91
N LEU B 450 -6.70 -33.80 38.10
CA LEU B 450 -6.07 -32.83 39.01
C LEU B 450 -5.86 -31.51 38.37
N VAL B 451 -6.32 -30.44 39.03
CA VAL B 451 -6.13 -29.11 38.48
C VAL B 451 -5.44 -28.13 39.42
N LEU B 452 -4.48 -27.39 38.86
CA LEU B 452 -3.62 -26.52 39.61
C LEU B 452 -4.19 -25.13 39.62
N VAL B 453 -3.87 -24.34 40.62
CA VAL B 453 -4.30 -22.96 40.60
C VAL B 453 -3.13 -22.05 40.83
N ARG B 454 -2.79 -21.26 39.83
CA ARG B 454 -1.83 -20.17 39.96
C ARG B 454 -2.59 -18.88 40.26
N ILE B 455 -2.10 -18.11 41.21
CA ILE B 455 -2.50 -16.73 41.29
C ILE B 455 -1.51 -15.97 40.43
N LEU B 456 -1.99 -15.41 39.35
CA LEU B 456 -1.12 -14.76 38.41
C LEU B 456 -0.91 -13.32 38.80
N LYS B 457 -1.63 -12.85 39.79
CA LYS B 457 -1.54 -11.47 40.16
C LYS B 457 -2.65 -11.10 41.11
N CYS B 458 -2.35 -10.13 41.97
CA CYS B 458 -3.26 -9.77 43.03
C CYS B 458 -2.82 -8.46 43.66
N ARG B 459 -3.40 -7.35 43.18
CA ARG B 459 -3.01 -6.00 43.58
C ARG B 459 -3.05 -5.97 45.08
N PHE B 460 -4.22 -6.17 45.64
CA PHE B 460 -4.42 -6.05 47.07
C PHE B 460 -3.40 -6.73 47.94
N THR B 461 -2.77 -7.80 47.48
CA THR B 461 -1.77 -8.44 48.31
C THR B 461 -0.48 -8.64 47.59
N GLY B 462 -0.52 -8.97 46.32
CA GLY B 462 0.72 -9.18 45.60
C GLY B 462 1.44 -10.45 46.04
N ASP B 463 0.77 -11.20 46.90
CA ASP B 463 1.18 -12.56 47.19
C ASP B 463 0.62 -13.42 46.06
N THR B 464 1.51 -14.00 45.26
CA THR B 464 1.10 -14.70 44.06
C THR B 464 1.79 -16.04 43.95
N GLY B 465 1.42 -16.79 42.92
CA GLY B 465 1.97 -18.12 42.68
C GLY B 465 1.01 -19.28 42.83
N ILE B 466 1.57 -20.48 42.79
CA ILE B 466 0.82 -21.70 43.00
C ILE B 466 0.08 -21.53 44.29
N ALA B 467 -1.19 -21.88 44.32
CA ALA B 467 -1.98 -21.57 45.46
C ALA B 467 -2.83 -22.72 45.95
N GLY B 468 -2.66 -23.89 45.34
CA GLY B 468 -3.43 -25.06 45.74
C GLY B 468 -3.94 -25.88 44.58
N TYR B 469 -4.61 -26.98 44.91
CA TYR B 469 -5.07 -27.89 43.88
C TYR B 469 -6.52 -28.26 44.12
N MET B 470 -7.21 -28.64 43.06
CA MET B 470 -8.52 -29.22 43.20
C MET B 470 -8.58 -30.44 42.29
N GLU B 471 -9.63 -31.24 42.42
CA GLU B 471 -9.79 -32.41 41.61
C GLU B 471 -11.18 -32.45 41.02
N TYR B 472 -11.32 -32.71 39.73
CA TYR B 472 -12.64 -32.81 39.15
C TYR B 472 -13.34 -34.11 39.57
N ASN B 473 -14.56 -33.98 40.12
CA ASN B 473 -15.39 -35.16 40.32
C ASN B 473 -16.31 -35.27 39.13
N LYS B 474 -15.89 -36.04 38.14
CA LYS B 474 -16.69 -36.31 36.93
C LYS B 474 -18.15 -36.67 37.33
N GLU B 475 -18.27 -37.18 38.55
CA GLU B 475 -19.44 -37.82 39.02
C GLU B 475 -20.43 -36.84 39.59
N THR B 476 -19.99 -35.91 40.45
CA THR B 476 -20.86 -34.87 41.03
C THR B 476 -20.85 -33.59 40.22
N GLY B 477 -19.71 -33.30 39.61
CA GLY B 477 -19.64 -32.20 38.69
C GLY B 477 -18.77 -31.14 39.26
N TRP B 478 -18.35 -31.32 40.53
CA TRP B 478 -17.62 -30.29 41.30
C TRP B 478 -16.11 -30.23 41.20
N LEU B 479 -15.57 -29.04 41.37
CA LEU B 479 -14.18 -28.96 41.60
C LEU B 479 -13.97 -29.11 43.11
N GLU B 480 -13.81 -30.35 43.58
CA GLU B 480 -13.43 -30.63 44.99
C GLU B 480 -12.02 -30.15 45.36
N PRO B 481 -11.83 -29.72 46.61
CA PRO B 481 -10.48 -29.35 47.08
C PRO B 481 -9.58 -30.58 47.19
N SER B 482 -8.27 -30.46 46.98
CA SER B 482 -7.37 -31.63 47.08
C SER B 482 -6.07 -31.43 47.86
N SER B 483 -5.74 -32.47 48.60
CA SER B 483 -4.41 -32.69 49.17
C SER B 483 -3.35 -32.71 48.04
N TYR B 484 -2.31 -31.88 48.18
CA TYR B 484 -1.21 -31.89 47.20
C TYR B 484 -0.10 -30.88 47.39
N SER B 485 1.13 -31.34 47.19
CA SER B 485 2.27 -30.42 47.05
C SER B 485 3.47 -31.06 46.35
N GLY B 486 4.68 -30.79 46.86
CA GLY B 486 5.94 -31.24 46.26
C GLY B 486 6.08 -32.74 46.04
N MET C 1 -58.81 11.79 -4.29
CA MET C 1 -58.67 10.61 -3.39
C MET C 1 -59.14 9.30 -4.02
N THR C 2 -58.89 8.19 -3.31
CA THR C 2 -59.23 6.82 -3.77
C THR C 2 -60.73 6.44 -3.57
N TYR C 3 -61.21 5.51 -4.42
CA TYR C 3 -62.60 5.04 -4.41
C TYR C 3 -63.09 4.66 -3.00
N ASN C 4 -64.07 5.39 -2.48
CA ASN C 4 -64.64 5.12 -1.16
C ASN C 4 -65.08 3.66 -0.98
N VAL C 5 -64.82 3.11 0.20
CA VAL C 5 -65.32 1.79 0.53
C VAL C 5 -66.83 1.80 0.55
N TRP C 6 -67.44 0.78 -0.03
CA TRP C 6 -68.88 0.77 -0.21
C TRP C 6 -69.67 0.49 1.07
N ASN C 7 -70.52 1.42 1.50
CA ASN C 7 -71.29 1.23 2.72
C ASN C 7 -72.48 0.31 2.54
N PHE C 8 -72.61 -0.64 3.45
CA PHE C 8 -73.73 -1.59 3.42
C PHE C 8 -74.97 -0.88 3.86
N GLY C 9 -75.99 -0.89 3.03
CA GLY C 9 -77.18 -0.11 3.32
C GLY C 9 -77.23 1.12 2.43
N GLU C 10 -76.18 1.95 2.51
CA GLU C 10 -75.98 3.01 1.51
C GLU C 10 -76.27 2.43 0.12
N SER C 11 -75.54 1.37 -0.23
CA SER C 11 -75.86 0.50 -1.38
C SER C 11 -76.70 -0.66 -0.88
N ASN C 12 -77.83 -0.91 -1.56
CA ASN C 12 -78.93 -1.72 -1.01
C ASN C 12 -78.60 -3.19 -0.74
N GLY C 13 -77.83 -3.38 0.32
CA GLY C 13 -77.14 -4.63 0.58
C GLY C 13 -77.98 -5.69 1.25
N ARG C 14 -77.74 -6.92 0.80
CA ARG C 14 -78.38 -8.09 1.35
C ARG C 14 -77.34 -9.21 1.36
N TYR C 15 -77.36 -10.03 2.40
CA TYR C 15 -76.53 -11.22 2.41
C TYR C 15 -77.36 -12.37 1.83
N SER C 16 -77.40 -12.47 0.51
CA SER C 16 -78.19 -13.52 -0.12
C SER C 16 -77.31 -14.68 -0.59
N ALA C 17 -77.92 -15.85 -0.70
CA ALA C 17 -77.22 -17.05 -1.15
C ALA C 17 -76.94 -17.02 -2.65
N LEU C 18 -75.71 -17.34 -3.01
CA LEU C 18 -75.32 -17.44 -4.41
C LEU C 18 -75.85 -18.77 -4.98
N THR C 19 -77.06 -18.76 -5.53
CA THR C 19 -77.72 -19.97 -6.03
C THR C 19 -77.02 -20.55 -7.26
N ALA C 20 -76.32 -19.69 -7.98
CA ALA C 20 -75.58 -20.06 -9.18
C ALA C 20 -74.29 -20.83 -8.90
N ARG C 21 -73.85 -20.82 -7.64
CA ARG C 21 -72.55 -21.37 -7.27
C ARG C 21 -72.60 -22.42 -6.15
N GLY C 22 -73.79 -22.67 -5.62
CA GLY C 22 -73.92 -23.60 -4.51
C GLY C 22 -73.19 -23.08 -3.28
N ILE C 23 -73.25 -21.78 -3.08
CA ILE C 23 -72.78 -21.17 -1.86
C ILE C 23 -74.02 -20.73 -1.11
N SER C 24 -74.17 -21.21 0.12
CA SER C 24 -75.36 -20.91 0.92
C SER C 24 -75.37 -19.44 1.35
N LYS C 25 -76.55 -18.96 1.77
CA LYS C 25 -76.70 -17.57 2.23
C LYS C 25 -75.89 -17.35 3.50
N GLU C 26 -76.00 -18.29 4.43
CA GLU C 26 -75.24 -18.28 5.68
C GLU C 26 -73.73 -18.19 5.47
N THR C 27 -73.27 -18.79 4.38
CA THR C 27 -71.85 -18.78 4.03
C THR C 27 -71.42 -17.37 3.62
N CYS C 28 -71.99 -16.83 2.54
CA CYS C 28 -71.64 -15.49 2.11
C CYS C 28 -71.58 -14.55 3.30
N GLN C 29 -72.49 -14.77 4.25
CA GLN C 29 -72.60 -13.94 5.44
C GLN C 29 -71.35 -13.89 6.31
N LYS C 30 -70.66 -15.02 6.45
CA LYS C 30 -69.49 -15.10 7.33
C LYS C 30 -68.22 -14.52 6.71
N ALA C 31 -67.97 -14.81 5.42
CA ALA C 31 -66.76 -14.32 4.76
C ALA C 31 -66.87 -12.84 4.32
N GLY C 32 -68.10 -12.33 4.32
CA GLY C 32 -68.33 -10.99 3.84
C GLY C 32 -68.45 -10.96 2.32
N TYR C 33 -69.33 -11.80 1.78
CA TYR C 33 -69.70 -11.72 0.37
C TYR C 33 -71.16 -11.25 0.27
N TRP C 34 -71.34 -9.94 0.13
CA TRP C 34 -72.67 -9.34 0.12
C TRP C 34 -73.09 -8.84 -1.28
N ILE C 35 -74.41 -8.68 -1.46
CA ILE C 35 -75.03 -8.30 -2.74
C ILE C 35 -75.68 -6.93 -2.65
N ALA C 36 -74.99 -5.90 -3.13
CA ALA C 36 -75.53 -4.56 -3.14
C ALA C 36 -76.32 -4.27 -4.43
N LYS C 37 -76.84 -3.05 -4.56
CA LYS C 37 -77.35 -2.56 -5.86
C LYS C 37 -77.43 -1.03 -5.94
N VAL C 38 -76.46 -0.44 -6.61
CA VAL C 38 -76.34 1.01 -6.71
C VAL C 38 -76.72 1.55 -8.08
N ASP C 39 -77.46 2.65 -8.07
CA ASP C 39 -77.87 3.38 -9.28
C ASP C 39 -78.63 2.54 -10.33
N GLY C 40 -79.11 1.38 -9.92
CA GLY C 40 -79.93 0.55 -10.78
C GLY C 40 -79.51 -0.90 -10.89
N VAL C 41 -78.23 -1.14 -11.14
CA VAL C 41 -77.69 -2.50 -11.39
C VAL C 41 -77.24 -3.18 -10.09
N MET C 42 -77.35 -4.50 -10.04
CA MET C 42 -77.06 -5.25 -8.82
C MET C 42 -75.63 -5.89 -8.78
N TYR C 43 -74.77 -5.37 -7.89
CA TYR C 43 -73.35 -5.77 -7.79
C TYR C 43 -73.00 -6.76 -6.66
N GLN C 44 -72.05 -7.66 -6.94
CA GLN C 44 -71.52 -8.61 -5.96
C GLN C 44 -70.26 -8.07 -5.26
N VAL C 45 -70.36 -7.79 -3.96
CA VAL C 45 -69.27 -7.15 -3.20
C VAL C 45 -68.54 -8.06 -2.23
N ALA C 46 -67.22 -8.16 -2.43
CA ALA C 46 -66.34 -8.90 -1.55
C ALA C 46 -65.58 -7.98 -0.61
N ASP C 47 -65.75 -8.21 0.68
CA ASP C 47 -65.24 -7.34 1.69
C ASP C 47 -63.90 -7.80 2.19
N TYR C 48 -62.83 -7.11 1.78
CA TYR C 48 -61.49 -7.41 2.27
C TYR C 48 -61.19 -6.60 3.52
N ARG C 49 -61.02 -7.27 4.65
CA ARG C 49 -60.59 -6.59 5.89
C ARG C 49 -59.24 -7.14 6.37
N ASP C 50 -58.47 -6.29 7.06
CA ASP C 50 -57.21 -6.71 7.66
C ASP C 50 -57.45 -7.58 8.89
N GLN C 51 -56.39 -8.13 9.47
CA GLN C 51 -56.50 -9.02 10.65
C GLN C 51 -57.17 -8.36 11.87
N ASN C 52 -57.21 -7.03 11.84
CA ASN C 52 -57.81 -6.20 12.89
C ASN C 52 -59.34 -6.07 12.79
N GLY C 53 -59.91 -6.44 11.64
CA GLY C 53 -61.35 -6.46 11.49
C GLY C 53 -61.91 -5.40 10.56
N ASN C 54 -61.20 -4.27 10.44
CA ASN C 54 -61.66 -3.13 9.65
C ASN C 54 -61.63 -3.42 8.15
N ILE C 55 -62.66 -2.95 7.43
CA ILE C 55 -62.76 -3.12 5.99
C ILE C 55 -61.80 -2.17 5.31
N VAL C 56 -60.80 -2.71 4.63
CA VAL C 56 -59.76 -1.89 4.03
C VAL C 56 -60.00 -1.70 2.55
N SER C 57 -60.75 -2.61 1.94
CA SER C 57 -61.00 -2.59 0.49
C SER C 57 -62.12 -3.51 0.04
N GLN C 58 -62.65 -3.22 -1.14
CA GLN C 58 -63.73 -4.02 -1.70
C GLN C 58 -63.39 -4.48 -3.13
N LYS C 59 -63.82 -5.67 -3.49
CA LYS C 59 -63.80 -6.04 -4.89
C LYS C 59 -65.24 -6.26 -5.30
N VAL C 60 -65.75 -5.41 -6.19
CA VAL C 60 -67.15 -5.46 -6.59
C VAL C 60 -67.29 -6.03 -8.00
N ARG C 61 -68.36 -6.79 -8.24
CA ARG C 61 -68.66 -7.39 -9.55
C ARG C 61 -69.99 -6.94 -10.13
N ASP C 62 -70.06 -6.83 -11.45
CA ASP C 62 -71.37 -6.82 -12.09
C ASP C 62 -71.56 -8.06 -12.98
N LYS C 63 -72.83 -8.40 -13.22
CA LYS C 63 -73.25 -9.55 -14.02
C LYS C 63 -72.27 -9.94 -15.13
N ASP C 64 -72.13 -9.05 -16.12
CA ASP C 64 -71.40 -9.30 -17.37
C ASP C 64 -69.91 -9.68 -17.22
N LYS C 65 -69.36 -9.57 -16.01
CA LYS C 65 -67.95 -9.95 -15.87
C LYS C 65 -66.98 -8.82 -15.83
N ASN C 66 -67.48 -7.77 -15.28
CA ASN C 66 -66.68 -6.58 -14.93
C ASN C 66 -66.24 -6.51 -13.46
N PHE C 67 -65.45 -5.48 -13.15
CA PHE C 67 -65.13 -5.17 -11.75
C PHE C 67 -65.18 -3.66 -11.36
N LYS C 68 -64.86 -3.42 -10.09
CA LYS C 68 -64.72 -2.09 -9.51
C LYS C 68 -64.12 -2.35 -8.12
N THR C 69 -62.90 -1.86 -7.86
CA THR C 69 -62.25 -2.12 -6.58
C THR C 69 -62.20 -0.89 -5.61
N THR C 70 -62.89 -1.00 -4.48
CA THR C 70 -63.02 0.07 -3.53
C THR C 70 -61.93 0.03 -2.47
N GLY C 71 -61.74 1.16 -1.81
CA GLY C 71 -60.76 1.31 -0.74
C GLY C 71 -59.35 1.26 -1.28
N SER C 72 -58.43 0.77 -0.45
CA SER C 72 -57.05 0.65 -0.85
C SER C 72 -56.65 -0.82 -0.81
N HIS C 73 -56.64 -1.48 -1.97
CA HIS C 73 -56.33 -2.91 -2.08
C HIS C 73 -54.83 -3.17 -2.00
N LYS C 74 -54.28 -3.19 -0.78
CA LYS C 74 -52.84 -3.31 -0.58
C LYS C 74 -52.26 -4.62 -1.15
N SER C 75 -50.95 -4.63 -1.39
CA SER C 75 -50.26 -5.76 -2.04
C SER C 75 -50.31 -7.11 -1.28
N ASP C 76 -50.89 -7.08 -0.08
CA ASP C 76 -50.98 -8.20 0.84
C ASP C 76 -52.42 -8.62 1.13
N ALA C 77 -53.36 -8.18 0.30
CA ALA C 77 -54.78 -8.47 0.55
C ALA C 77 -55.03 -9.97 0.48
N LEU C 78 -55.76 -10.46 1.50
CA LEU C 78 -56.25 -11.84 1.53
C LEU C 78 -57.71 -11.81 1.95
N PHE C 79 -58.59 -12.29 1.10
CA PHE C 79 -60.03 -12.26 1.38
C PHE C 79 -60.38 -13.40 2.30
N GLY C 80 -60.81 -13.05 3.49
CA GLY C 80 -61.10 -14.05 4.49
C GLY C 80 -60.08 -13.99 5.61
N LYS C 81 -58.95 -13.31 5.35
CA LYS C 81 -57.84 -13.19 6.31
C LYS C 81 -58.25 -12.86 7.75
N HIS C 82 -59.22 -11.98 7.91
CA HIS C 82 -59.57 -11.49 9.23
C HIS C 82 -60.26 -12.54 10.10
N LEU C 83 -60.74 -13.62 9.46
CA LEU C 83 -61.49 -14.68 10.14
C LEU C 83 -60.61 -15.58 10.98
N TRP C 84 -59.38 -15.81 10.53
CA TRP C 84 -58.45 -16.75 11.18
C TRP C 84 -57.14 -16.13 11.62
N ASN C 85 -56.82 -16.27 12.90
CA ASN C 85 -55.52 -15.88 13.43
C ASN C 85 -54.97 -17.10 14.14
N GLY C 86 -54.31 -17.96 13.36
CA GLY C 86 -53.80 -19.23 13.83
C GLY C 86 -54.63 -20.43 13.37
N GLY C 87 -54.12 -21.62 13.65
CA GLY C 87 -54.82 -22.85 13.29
C GLY C 87 -53.87 -23.97 12.88
N LYS C 88 -54.41 -25.16 12.65
CA LYS C 88 -53.61 -26.31 12.25
C LYS C 88 -53.41 -26.41 10.73
N LYS C 89 -54.21 -25.68 9.96
CA LYS C 89 -54.23 -25.85 8.50
C LYS C 89 -55.12 -24.77 7.85
N ILE C 90 -54.58 -24.06 6.86
CA ILE C 90 -55.35 -23.04 6.13
C ILE C 90 -55.28 -23.24 4.63
N VAL C 91 -56.44 -23.49 4.00
CA VAL C 91 -56.54 -23.57 2.54
C VAL C 91 -56.45 -22.14 1.97
N VAL C 92 -55.74 -22.01 0.85
CA VAL C 92 -55.59 -20.73 0.19
C VAL C 92 -55.98 -20.91 -1.28
N THR C 93 -57.12 -20.36 -1.65
CA THR C 93 -57.64 -20.48 -3.02
C THR C 93 -57.36 -19.26 -3.90
N GLU C 94 -57.47 -19.49 -5.20
CA GLU C 94 -57.21 -18.48 -6.21
C GLU C 94 -58.16 -17.30 -6.10
N GLY C 95 -59.48 -17.55 -6.12
CA GLY C 95 -60.48 -16.49 -6.10
C GLY C 95 -61.48 -16.49 -4.94
N GLU C 96 -62.29 -15.42 -4.84
CA GLU C 96 -63.23 -15.27 -3.72
C GLU C 96 -64.29 -16.36 -3.71
N ILE C 97 -64.81 -16.70 -4.89
CA ILE C 97 -65.88 -17.69 -5.00
C ILE C 97 -65.40 -19.08 -4.53
N ASP C 98 -64.17 -19.43 -4.90
CA ASP C 98 -63.59 -20.69 -4.47
C ASP C 98 -63.35 -20.76 -2.96
N MET C 99 -63.02 -19.63 -2.34
CA MET C 99 -62.94 -19.53 -0.89
C MET C 99 -64.30 -19.84 -0.26
N LEU C 100 -65.34 -19.15 -0.73
CA LEU C 100 -66.73 -19.44 -0.35
C LEU C 100 -67.09 -20.93 -0.43
N THR C 101 -66.52 -21.61 -1.42
CA THR C 101 -66.73 -23.05 -1.63
C THR C 101 -66.19 -23.90 -0.48
N VAL C 102 -64.88 -23.81 -0.23
CA VAL C 102 -64.24 -24.58 0.84
C VAL C 102 -64.86 -24.22 2.19
N MET C 103 -65.30 -22.97 2.30
CA MET C 103 -65.99 -22.44 3.47
C MET C 103 -67.36 -23.08 3.68
N GLU C 104 -67.74 -23.98 2.79
CA GLU C 104 -69.06 -24.57 2.82
C GLU C 104 -69.00 -26.05 3.22
N LEU C 105 -68.44 -26.44 2.11
CA LEU C 105 -68.13 -27.82 2.37
C LEU C 105 -67.64 -28.09 3.78
N GLN C 106 -67.13 -27.09 4.47
CA GLN C 106 -66.63 -27.35 5.79
C GLN C 106 -67.52 -26.77 6.87
N ASP C 107 -68.65 -26.20 6.44
CA ASP C 107 -69.57 -25.57 7.37
C ASP C 107 -68.84 -24.40 8.04
N CYS C 108 -68.06 -23.69 7.23
CA CYS C 108 -67.28 -22.53 7.67
C CYS C 108 -66.50 -22.68 8.98
N LYS C 109 -66.05 -23.88 9.31
CA LYS C 109 -65.35 -24.10 10.56
C LYS C 109 -63.83 -24.11 10.52
N TYR C 110 -63.26 -23.97 9.33
CA TYR C 110 -61.80 -24.01 9.24
C TYR C 110 -61.20 -22.97 8.30
N PRO C 111 -59.97 -22.83 8.20
CA PRO C 111 -59.72 -21.52 7.61
C PRO C 111 -59.54 -21.57 6.11
N VAL C 112 -60.14 -20.60 5.41
CA VAL C 112 -59.90 -20.39 3.99
C VAL C 112 -59.79 -18.90 3.74
N VAL C 113 -58.78 -18.53 2.99
CA VAL C 113 -58.63 -17.18 2.52
C VAL C 113 -58.37 -17.32 1.03
N SER C 114 -58.61 -16.25 0.27
CA SER C 114 -58.32 -16.23 -1.17
C SER C 114 -57.29 -15.15 -1.53
N LEU C 115 -56.52 -15.36 -2.59
CA LEU C 115 -55.52 -14.40 -3.04
C LEU C 115 -56.16 -13.07 -3.44
N GLY C 116 -55.52 -11.97 -3.02
CA GLY C 116 -56.04 -10.60 -3.19
C GLY C 116 -56.04 -10.12 -4.64
N HIS C 117 -55.00 -10.50 -5.35
CA HIS C 117 -54.88 -10.24 -6.77
C HIS C 117 -54.61 -11.59 -7.45
N GLY C 118 -54.84 -12.64 -6.65
CA GLY C 118 -54.80 -14.03 -7.05
C GLY C 118 -53.90 -14.45 -8.20
N ALA C 119 -54.57 -14.79 -9.30
CA ALA C 119 -53.94 -15.17 -10.56
C ALA C 119 -52.41 -14.99 -10.57
N SER C 120 -52.03 -13.81 -11.05
CA SER C 120 -50.66 -13.45 -11.42
C SER C 120 -49.78 -13.03 -10.23
N ALA C 121 -50.39 -12.32 -9.28
CA ALA C 121 -49.70 -11.78 -8.11
C ALA C 121 -49.61 -12.79 -6.99
N ALA C 122 -49.45 -14.06 -7.36
CA ALA C 122 -49.33 -15.16 -6.40
C ALA C 122 -48.08 -14.99 -5.55
N LYS C 123 -46.96 -14.73 -6.20
CA LYS C 123 -45.70 -14.50 -5.50
C LYS C 123 -45.77 -13.32 -4.50
N LYS C 124 -46.16 -12.12 -4.98
CA LYS C 124 -46.18 -10.91 -4.16
C LYS C 124 -47.17 -11.01 -3.00
N THR C 125 -48.44 -11.26 -3.30
CA THR C 125 -49.48 -11.35 -2.27
C THR C 125 -49.05 -12.33 -1.19
N CYS C 126 -48.35 -13.38 -1.58
CA CYS C 126 -47.96 -14.43 -0.64
C CYS C 126 -46.83 -14.05 0.29
N ALA C 127 -45.70 -13.65 -0.27
CA ALA C 127 -44.53 -13.25 0.53
C ALA C 127 -44.86 -12.05 1.40
N ALA C 128 -45.82 -11.25 0.97
CA ALA C 128 -46.34 -10.15 1.77
C ALA C 128 -46.96 -10.65 3.09
N ASN C 129 -47.27 -11.93 3.14
CA ASN C 129 -48.03 -12.48 4.23
C ASN C 129 -47.34 -13.58 5.02
N TYR C 130 -46.02 -13.74 4.84
CA TYR C 130 -45.24 -14.84 5.45
C TYR C 130 -45.65 -15.10 6.89
N GLU C 131 -45.56 -14.04 7.71
CA GLU C 131 -45.96 -14.08 9.11
C GLU C 131 -47.41 -14.58 9.28
N TYR C 132 -48.37 -13.94 8.61
CA TYR C 132 -49.77 -14.35 8.73
C TYR C 132 -49.96 -15.87 8.49
N PHE C 133 -49.45 -16.37 7.37
CA PHE C 133 -49.53 -17.80 7.03
C PHE C 133 -48.75 -18.75 7.96
N ASP C 134 -47.63 -18.28 8.50
CA ASP C 134 -46.83 -19.09 9.42
C ASP C 134 -47.57 -19.36 10.73
N GLN C 135 -48.63 -18.58 10.96
CA GLN C 135 -49.55 -18.78 12.07
C GLN C 135 -50.21 -20.17 12.05
N PHE C 136 -50.13 -20.82 10.89
CA PHE C 136 -50.74 -22.13 10.70
C PHE C 136 -49.68 -23.21 10.49
N GLU C 137 -50.04 -24.45 10.85
CA GLU C 137 -49.16 -25.61 10.77
C GLU C 137 -48.84 -26.01 9.33
N GLN C 138 -49.85 -26.07 8.47
CA GLN C 138 -49.64 -26.36 7.04
C GLN C 138 -50.52 -25.49 6.09
N ILE C 139 -49.91 -25.01 5.01
CA ILE C 139 -50.57 -24.11 4.08
C ILE C 139 -50.92 -24.84 2.81
N ILE C 140 -52.22 -25.02 2.56
CA ILE C 140 -52.72 -25.82 1.45
C ILE C 140 -53.10 -24.99 0.25
N LEU C 141 -52.21 -24.91 -0.74
CA LEU C 141 -52.47 -24.16 -1.94
C LEU C 141 -53.43 -24.86 -2.88
N MET C 142 -54.68 -24.44 -2.85
CA MET C 142 -55.71 -24.95 -3.76
C MET C 142 -55.98 -23.94 -4.88
N PHE C 143 -55.06 -23.87 -5.84
CA PHE C 143 -55.17 -22.95 -6.97
C PHE C 143 -55.79 -23.62 -8.20
N ASP C 144 -55.94 -22.82 -9.27
CA ASP C 144 -56.47 -23.27 -10.56
C ASP C 144 -55.70 -24.46 -11.14
N MET C 145 -56.41 -25.35 -11.81
CA MET C 145 -55.84 -26.56 -12.35
C MET C 145 -55.45 -26.37 -13.81
N ASP C 146 -54.75 -25.28 -14.10
CA ASP C 146 -54.37 -24.97 -15.48
C ASP C 146 -52.93 -24.46 -15.58
N GLU C 147 -52.49 -24.23 -16.82
CA GLU C 147 -51.20 -23.63 -17.15
C GLU C 147 -50.74 -22.65 -16.06
N ALA C 148 -51.32 -21.45 -16.09
CA ALA C 148 -50.89 -20.37 -15.21
C ALA C 148 -51.20 -20.64 -13.73
N GLY C 149 -52.08 -21.60 -13.49
CA GLY C 149 -52.54 -21.96 -12.15
C GLY C 149 -51.57 -22.84 -11.40
N ARG C 150 -50.96 -23.80 -12.10
CA ARG C 150 -49.86 -24.56 -11.54
C ARG C 150 -48.65 -23.65 -11.31
N LYS C 151 -48.40 -22.73 -12.25
CA LYS C 151 -47.33 -21.74 -12.13
C LYS C 151 -47.51 -20.94 -10.87
N ALA C 152 -48.75 -20.51 -10.61
CA ALA C 152 -49.08 -19.72 -9.44
C ALA C 152 -48.66 -20.46 -8.19
N VAL C 153 -49.07 -21.72 -8.09
CA VAL C 153 -48.63 -22.59 -7.00
C VAL C 153 -47.12 -22.54 -6.81
N GLU C 154 -46.38 -22.75 -7.89
CA GLU C 154 -44.92 -22.74 -7.86
C GLU C 154 -44.31 -21.47 -7.27
N GLU C 155 -44.68 -20.32 -7.85
CA GLU C 155 -44.18 -19.02 -7.42
C GLU C 155 -44.60 -18.74 -5.98
N ALA C 156 -45.76 -19.27 -5.61
CA ALA C 156 -46.34 -19.08 -4.29
C ALA C 156 -45.51 -19.75 -3.24
N ALA C 157 -45.33 -21.06 -3.39
CA ALA C 157 -44.63 -21.88 -2.43
C ALA C 157 -43.19 -21.42 -2.30
N GLN C 158 -42.60 -20.94 -3.39
CA GLN C 158 -41.23 -20.40 -3.33
C GLN C 158 -41.04 -19.37 -2.21
N VAL C 159 -42.02 -18.47 -2.08
CA VAL C 159 -41.97 -17.37 -1.11
C VAL C 159 -42.65 -17.69 0.22
N LEU C 160 -43.40 -18.79 0.27
CA LEU C 160 -44.10 -19.23 1.49
C LEU C 160 -43.19 -20.04 2.44
N PRO C 161 -43.57 -20.07 3.72
CA PRO C 161 -42.73 -20.64 4.80
C PRO C 161 -42.40 -22.14 4.73
N ALA C 162 -41.10 -22.48 4.68
CA ALA C 162 -40.58 -23.81 4.98
C ALA C 162 -41.36 -25.02 4.42
N GLY C 163 -41.45 -26.08 5.21
CA GLY C 163 -42.05 -27.35 4.77
C GLY C 163 -43.54 -27.48 5.06
N LYS C 164 -44.24 -26.37 4.89
CA LYS C 164 -45.64 -26.27 5.25
C LYS C 164 -46.55 -26.41 4.04
N VAL C 165 -46.06 -25.98 2.88
CA VAL C 165 -46.90 -25.91 1.69
C VAL C 165 -47.22 -27.29 1.12
N ARG C 166 -48.50 -27.50 0.82
CA ARG C 166 -48.92 -28.70 0.11
C ARG C 166 -49.89 -28.32 -1.00
N VAL C 167 -49.67 -28.86 -2.20
CA VAL C 167 -50.49 -28.53 -3.35
C VAL C 167 -51.80 -29.30 -3.37
N ALA C 168 -52.88 -28.58 -3.65
CA ALA C 168 -54.19 -29.19 -3.85
C ALA C 168 -54.30 -29.66 -5.31
N VAL C 169 -54.94 -30.80 -5.52
CA VAL C 169 -55.10 -31.33 -6.87
C VAL C 169 -56.55 -31.77 -7.10
N LEU C 170 -57.31 -30.95 -7.80
CA LEU C 170 -58.74 -31.20 -8.02
C LEU C 170 -58.99 -31.75 -9.40
N PRO C 171 -60.12 -32.44 -9.59
CA PRO C 171 -60.54 -32.99 -10.89
C PRO C 171 -60.90 -31.94 -11.97
N CYS C 172 -61.19 -30.70 -11.58
CA CYS C 172 -61.58 -29.65 -12.52
C CYS C 172 -60.84 -28.31 -12.32
N LYS C 173 -61.18 -27.33 -13.15
CA LYS C 173 -60.46 -26.06 -13.17
C LYS C 173 -60.20 -25.54 -11.76
N ASP C 174 -61.27 -25.36 -10.98
CA ASP C 174 -61.11 -24.89 -9.59
C ASP C 174 -62.01 -25.62 -8.59
N ALA C 175 -61.87 -25.27 -7.31
CA ALA C 175 -62.61 -25.91 -6.24
C ALA C 175 -64.13 -25.74 -6.35
N ASN C 176 -64.59 -24.68 -7.04
CA ASN C 176 -66.02 -24.46 -7.30
C ASN C 176 -66.58 -25.24 -8.48
N GLU C 177 -65.80 -25.36 -9.55
CA GLU C 177 -66.19 -26.18 -10.69
C GLU C 177 -66.51 -27.58 -10.18
N CYS C 178 -65.79 -28.00 -9.14
CA CYS C 178 -66.02 -29.30 -8.50
C CYS C 178 -67.36 -29.33 -7.79
N HIS C 179 -67.54 -28.37 -6.88
CA HIS C 179 -68.79 -28.24 -6.14
C HIS C 179 -70.00 -28.18 -7.07
N LEU C 180 -69.99 -27.23 -8.02
CA LEU C 180 -71.01 -27.13 -9.07
C LEU C 180 -71.21 -28.49 -9.73
N ASN C 181 -72.20 -29.21 -9.24
CA ASN C 181 -72.34 -30.64 -9.48
C ASN C 181 -71.06 -31.34 -9.97
N GLY C 182 -70.46 -32.09 -9.06
CA GLY C 182 -69.33 -32.92 -9.36
C GLY C 182 -68.91 -33.66 -8.11
N HIS C 183 -67.76 -33.25 -7.58
CA HIS C 183 -67.07 -34.02 -6.57
C HIS C 183 -66.72 -33.15 -5.40
N ASP C 184 -67.70 -32.93 -4.53
CA ASP C 184 -67.41 -32.30 -3.24
C ASP C 184 -66.36 -33.12 -2.50
N ARG C 185 -66.57 -34.45 -2.46
CA ARG C 185 -65.68 -35.38 -1.76
C ARG C 185 -64.23 -35.37 -2.27
N GLU C 186 -64.05 -34.93 -3.51
CA GLU C 186 -62.72 -34.75 -4.09
C GLU C 186 -61.98 -33.56 -3.46
N ILE C 187 -62.69 -32.43 -3.32
CA ILE C 187 -62.18 -31.25 -2.60
C ILE C 187 -61.82 -31.58 -1.15
N MET C 188 -62.67 -32.39 -0.51
CA MET C 188 -62.49 -32.83 0.87
C MET C 188 -61.22 -33.63 1.08
N GLU C 189 -61.00 -34.62 0.21
CA GLU C 189 -59.85 -35.50 0.28
C GLU C 189 -58.54 -34.73 0.12
N GLN C 190 -58.63 -33.44 -0.25
CA GLN C 190 -57.46 -32.57 -0.40
C GLN C 190 -57.24 -31.64 0.81
N VAL C 191 -58.31 -30.95 1.23
CA VAL C 191 -58.28 -30.13 2.44
C VAL C 191 -57.66 -30.86 3.61
N TRP C 192 -58.18 -32.05 3.92
CA TRP C 192 -57.42 -33.01 4.72
C TRP C 192 -56.35 -33.62 3.81
N ASN C 193 -55.11 -33.71 4.25
CA ASN C 193 -54.10 -34.51 3.51
C ASN C 193 -53.90 -34.31 2.00
N ALA C 194 -53.56 -33.08 1.60
CA ALA C 194 -53.17 -32.81 0.21
C ALA C 194 -51.72 -33.25 -0.08
N GLY C 195 -51.26 -32.97 -1.29
CA GLY C 195 -49.90 -33.31 -1.74
C GLY C 195 -48.88 -32.23 -1.41
N PRO C 196 -47.83 -32.59 -0.68
CA PRO C 196 -46.95 -31.61 -0.04
C PRO C 196 -45.61 -31.38 -0.72
N TRP C 197 -45.42 -30.24 -1.38
CA TRP C 197 -44.08 -29.91 -1.90
C TRP C 197 -43.82 -28.67 -2.78
N ILE C 198 -42.61 -28.71 -3.37
CA ILE C 198 -42.14 -28.00 -4.57
C ILE C 198 -40.69 -28.45 -4.97
N PRO C 199 -40.02 -29.13 -4.06
CA PRO C 199 -38.56 -29.23 -3.99
C PRO C 199 -37.82 -29.40 -5.32
N ASP C 200 -37.22 -28.35 -5.88
CA ASP C 200 -36.57 -28.51 -7.17
C ASP C 200 -35.06 -28.78 -7.06
N GLY C 201 -34.71 -29.82 -6.32
CA GLY C 201 -33.33 -30.17 -6.15
C GLY C 201 -33.13 -31.06 -4.92
N VAL C 202 -34.19 -31.18 -4.14
CA VAL C 202 -34.19 -32.13 -3.05
C VAL C 202 -34.73 -33.40 -3.65
N VAL C 203 -34.21 -34.53 -3.22
CA VAL C 203 -34.40 -35.77 -3.94
C VAL C 203 -34.29 -36.99 -3.04
N SER C 204 -35.38 -37.52 -2.52
CA SER C 204 -35.27 -38.67 -1.62
C SER C 204 -34.52 -39.83 -2.25
N ALA C 205 -33.74 -40.54 -1.42
CA ALA C 205 -32.85 -41.60 -1.92
C ALA C 205 -33.62 -42.66 -2.67
N LEU C 206 -34.73 -43.09 -2.07
CA LEU C 206 -35.60 -44.09 -2.65
C LEU C 206 -35.81 -43.78 -4.11
N SER C 207 -36.00 -42.50 -4.39
CA SER C 207 -36.32 -42.06 -5.74
C SER C 207 -35.11 -42.01 -6.65
N LEU C 208 -34.04 -42.67 -6.27
CA LEU C 208 -32.87 -42.66 -7.12
C LEU C 208 -32.51 -44.04 -7.64
N ARG C 209 -33.24 -45.07 -7.21
CA ARG C 209 -32.88 -46.45 -7.55
C ARG C 209 -32.39 -46.51 -8.97
N GLU C 210 -33.26 -46.11 -9.89
CA GLU C 210 -32.95 -46.29 -11.28
C GLU C 210 -31.71 -45.52 -11.66
N ARG C 211 -31.67 -44.23 -11.33
CA ARG C 211 -30.52 -43.43 -11.74
C ARG C 211 -29.18 -44.07 -11.31
N ILE C 212 -29.20 -44.68 -10.13
CA ILE C 212 -28.04 -45.34 -9.53
C ILE C 212 -27.63 -46.57 -10.32
N ARG C 213 -28.58 -47.49 -10.51
CA ARG C 213 -28.34 -48.72 -11.26
C ARG C 213 -27.65 -48.34 -12.54
N GLU C 214 -28.28 -47.48 -13.31
CA GLU C 214 -27.74 -47.15 -14.61
C GLU C 214 -26.38 -46.50 -14.48
N HIS C 215 -26.18 -45.76 -13.38
CA HIS C 215 -24.84 -45.23 -13.08
C HIS C 215 -23.84 -46.36 -12.94
N LEU C 216 -24.17 -47.35 -12.10
CA LEU C 216 -23.23 -48.40 -11.74
C LEU C 216 -22.65 -49.11 -12.95
N SER C 217 -23.52 -49.42 -13.91
CA SER C 217 -23.11 -50.04 -15.16
C SER C 217 -22.32 -49.07 -16.05
N SER C 218 -22.90 -47.91 -16.26
CA SER C 218 -22.26 -46.89 -17.10
C SER C 218 -20.84 -46.54 -16.69
N GLU C 219 -20.69 -46.01 -15.48
CA GLU C 219 -19.41 -45.44 -15.07
C GLU C 219 -18.47 -46.27 -14.23
N GLU C 220 -17.20 -45.99 -14.48
CA GLU C 220 -16.24 -47.06 -14.53
C GLU C 220 -15.08 -46.72 -13.68
N SER C 221 -15.37 -47.16 -12.49
CA SER C 221 -14.43 -47.77 -11.62
C SER C 221 -12.96 -47.78 -12.15
N VAL C 222 -12.67 -48.73 -13.04
CA VAL C 222 -11.30 -49.06 -13.49
C VAL C 222 -10.90 -48.29 -14.76
N GLY C 223 -11.34 -47.04 -14.84
CA GLY C 223 -11.03 -46.22 -16.01
C GLY C 223 -9.56 -46.10 -16.47
N LEU C 224 -9.24 -46.78 -17.57
CA LEU C 224 -7.99 -46.50 -18.29
C LEU C 224 -6.75 -46.67 -17.43
N LEU C 225 -6.04 -47.77 -17.67
CA LEU C 225 -5.05 -48.19 -16.70
C LEU C 225 -3.68 -47.68 -16.99
N PHE C 226 -3.06 -47.10 -15.98
CA PHE C 226 -1.73 -46.53 -16.13
C PHE C 226 -0.80 -47.62 -16.55
N SER C 227 0.12 -47.24 -17.41
CA SER C 227 1.00 -48.25 -18.01
C SER C 227 2.46 -48.07 -17.57
N GLY C 228 2.99 -49.20 -17.11
CA GLY C 228 4.39 -49.27 -16.85
C GLY C 228 4.65 -49.38 -15.38
N CYS C 229 3.59 -49.61 -14.62
CA CYS C 229 3.74 -49.87 -13.20
C CYS C 229 2.45 -50.22 -12.49
N THR C 230 1.95 -51.45 -12.61
CA THR C 230 0.77 -51.79 -11.84
C THR C 230 1.13 -51.48 -10.40
N GLY C 231 0.30 -50.71 -9.73
CA GLY C 231 0.83 -49.97 -8.65
C GLY C 231 0.13 -48.72 -8.95
N ILE C 232 0.70 -47.83 -9.72
CA ILE C 232 -0.08 -46.69 -10.16
C ILE C 232 -1.55 -47.14 -10.22
N ASN C 233 -1.81 -48.28 -10.85
CA ASN C 233 -3.19 -48.74 -11.00
C ASN C 233 -3.82 -49.21 -9.70
N ASP C 234 -3.15 -50.18 -9.08
CA ASP C 234 -3.51 -50.69 -7.79
C ASP C 234 -3.91 -49.61 -6.81
N LYS C 235 -3.23 -48.49 -6.81
CA LYS C 235 -3.56 -47.46 -5.88
C LYS C 235 -4.60 -46.49 -6.45
N THR C 236 -4.54 -46.19 -7.73
CA THR C 236 -5.44 -45.16 -8.18
C THR C 236 -6.56 -45.74 -8.97
N LEU C 237 -6.48 -47.01 -9.33
CA LEU C 237 -7.60 -47.61 -10.02
C LEU C 237 -7.80 -46.95 -11.36
N GLY C 238 -6.77 -46.24 -11.82
CA GLY C 238 -6.70 -45.64 -13.15
C GLY C 238 -7.07 -44.16 -13.35
N ALA C 239 -7.31 -43.83 -14.62
CA ALA C 239 -7.74 -42.48 -14.96
C ALA C 239 -9.16 -42.46 -15.46
N ARG C 240 -10.02 -42.15 -14.51
CA ARG C 240 -11.43 -42.04 -14.76
C ARG C 240 -11.64 -40.72 -15.49
N GLY C 241 -12.55 -40.75 -16.44
CA GLY C 241 -12.93 -39.51 -17.11
C GLY C 241 -13.49 -38.40 -16.24
N GLY C 242 -13.25 -37.17 -16.67
CA GLY C 242 -13.65 -36.01 -15.92
C GLY C 242 -12.78 -35.76 -14.69
N GLU C 243 -11.90 -36.73 -14.33
CA GLU C 243 -10.84 -36.50 -13.32
C GLU C 243 -9.79 -35.57 -13.88
N VAL C 244 -8.85 -35.16 -13.03
CA VAL C 244 -7.72 -34.40 -13.54
C VAL C 244 -6.47 -35.05 -12.99
N ILE C 245 -5.77 -35.87 -13.79
CA ILE C 245 -4.53 -36.51 -13.33
C ILE C 245 -3.40 -35.52 -13.50
N MET C 246 -2.52 -35.44 -12.50
CA MET C 246 -1.44 -34.46 -12.49
C MET C 246 -0.13 -35.17 -12.21
N VAL C 247 0.67 -35.34 -13.25
CA VAL C 247 2.03 -35.87 -13.17
C VAL C 247 3.08 -34.80 -12.86
N THR C 248 3.95 -35.12 -11.93
CA THR C 248 4.91 -34.13 -11.47
C THR C 248 6.18 -34.78 -11.02
N SER C 249 7.25 -34.01 -11.06
CA SER C 249 8.51 -34.47 -10.48
C SER C 249 9.64 -33.53 -10.78
N GLY C 250 10.81 -33.90 -10.23
CA GLY C 250 12.03 -33.17 -10.38
C GLY C 250 12.33 -32.96 -11.87
N SER C 251 13.65 -32.86 -12.23
CA SER C 251 14.11 -32.64 -13.63
C SER C 251 13.40 -33.57 -14.64
N GLY C 252 12.89 -34.71 -14.16
CA GLY C 252 12.05 -35.54 -14.96
C GLY C 252 11.77 -35.09 -16.38
N MET C 253 12.49 -35.74 -17.29
CA MET C 253 12.08 -35.91 -18.65
C MET C 253 11.42 -37.26 -18.50
N VAL C 254 11.96 -38.01 -17.55
CA VAL C 254 11.30 -39.12 -16.90
C VAL C 254 9.82 -38.83 -16.83
N MET C 255 9.52 -37.60 -16.48
CA MET C 255 8.15 -37.15 -16.42
C MET C 255 7.50 -36.97 -17.80
N SER C 256 8.16 -36.27 -18.69
CA SER C 256 7.64 -36.17 -20.05
C SER C 256 7.63 -37.50 -20.89
N THR C 257 8.30 -38.56 -20.41
CA THR C 257 8.29 -39.88 -21.04
C THR C 257 7.10 -40.60 -20.54
N PHE C 258 6.97 -40.53 -19.22
CA PHE C 258 5.94 -41.24 -18.56
C PHE C 258 4.65 -40.88 -19.22
N VAL C 259 4.43 -39.57 -19.36
CA VAL C 259 3.19 -39.08 -19.97
C VAL C 259 3.01 -39.51 -21.43
N ARG C 260 4.13 -39.51 -22.14
CA ARG C 260 4.20 -40.00 -23.52
C ARG C 260 3.85 -41.47 -23.63
N GLN C 261 4.41 -42.26 -22.73
CA GLN C 261 4.14 -43.67 -22.73
C GLN C 261 2.67 -43.83 -22.67
N GLN C 262 2.04 -43.26 -21.64
CA GLN C 262 0.56 -43.32 -21.42
C GLN C 262 -0.34 -42.93 -22.63
N ALA C 263 -0.09 -41.74 -23.15
CA ALA C 263 -0.55 -41.34 -24.48
C ALA C 263 -0.49 -42.45 -25.51
N LEU C 264 0.75 -43.00 -25.68
CA LEU C 264 1.06 -44.06 -26.64
C LEU C 264 0.08 -45.14 -26.51
N GLN C 265 0.38 -46.17 -25.77
CA GLN C 265 -0.60 -47.23 -25.60
C GLN C 265 -2.11 -46.90 -25.48
N TRP C 266 -2.51 -45.82 -24.71
CA TRP C 266 -3.98 -45.45 -24.55
C TRP C 266 -4.62 -45.27 -25.90
N GLY C 267 -3.85 -44.69 -26.81
CA GLY C 267 -4.29 -44.44 -28.17
C GLY C 267 -3.97 -45.60 -29.08
N THR C 268 -3.68 -46.75 -28.53
CA THR C 268 -3.33 -47.87 -29.36
C THR C 268 -3.86 -49.21 -28.78
N ALA C 269 -3.36 -49.60 -27.62
CA ALA C 269 -3.80 -50.83 -27.03
C ALA C 269 -5.24 -50.57 -26.80
N MET C 270 -5.55 -49.54 -25.98
CA MET C 270 -6.93 -49.06 -25.74
C MET C 270 -7.39 -48.27 -26.97
N GLY C 271 -8.70 -48.14 -27.09
CA GLY C 271 -9.28 -47.59 -28.30
C GLY C 271 -9.15 -46.07 -28.26
N LYS C 272 -9.01 -45.53 -27.07
CA LYS C 272 -9.13 -44.12 -26.84
C LYS C 272 -8.33 -43.20 -27.78
N LYS C 273 -8.95 -42.06 -28.09
CA LYS C 273 -8.42 -40.97 -28.91
C LYS C 273 -7.68 -40.07 -28.02
N VAL C 274 -6.39 -39.92 -28.22
CA VAL C 274 -5.61 -39.04 -27.36
C VAL C 274 -5.44 -37.74 -28.07
N GLY C 275 -5.66 -36.64 -27.33
CA GLY C 275 -5.31 -35.28 -27.73
C GLY C 275 -4.10 -34.74 -26.95
N LEU C 276 -3.12 -34.17 -27.68
CA LEU C 276 -1.86 -33.81 -27.05
C LEU C 276 -1.55 -32.36 -27.26
N ALA C 277 -1.39 -31.64 -26.15
CA ALA C 277 -0.85 -30.30 -26.21
C ALA C 277 0.49 -30.38 -25.53
N MET C 278 1.50 -30.60 -26.31
CA MET C 278 2.90 -30.68 -25.81
C MET C 278 3.56 -29.31 -25.96
N LEU C 279 3.29 -28.39 -25.04
CA LEU C 279 3.57 -26.98 -25.32
C LEU C 279 5.05 -26.72 -25.50
N GLU C 280 5.87 -27.67 -25.04
CA GLU C 280 7.32 -27.48 -24.99
C GLU C 280 7.91 -27.53 -26.37
N GLU C 281 7.54 -28.60 -27.06
CA GLU C 281 8.14 -28.95 -28.35
C GLU C 281 7.20 -28.74 -29.56
N SER C 282 7.71 -28.97 -30.75
CA SER C 282 6.91 -28.85 -31.96
C SER C 282 5.96 -30.02 -32.11
N VAL C 283 5.07 -29.96 -33.10
CA VAL C 283 4.10 -31.01 -33.26
C VAL C 283 4.73 -32.15 -34.08
N GLU C 284 5.62 -31.79 -35.00
CA GLU C 284 6.40 -32.79 -35.70
C GLU C 284 7.25 -33.56 -34.71
N GLU C 285 7.98 -32.83 -33.86
CA GLU C 285 8.86 -33.42 -32.88
C GLU C 285 8.10 -34.46 -32.10
N THR C 286 7.05 -34.05 -31.40
CA THR C 286 6.41 -34.97 -30.50
C THR C 286 5.96 -36.21 -31.30
N ALA C 287 5.41 -36.02 -32.51
CA ALA C 287 5.04 -37.17 -33.36
C ALA C 287 6.18 -38.17 -33.56
N GLU C 288 7.38 -37.69 -33.85
CA GLU C 288 8.54 -38.55 -33.99
C GLU C 288 8.80 -39.29 -32.71
N ASP C 289 8.78 -38.58 -31.60
CA ASP C 289 9.02 -39.18 -30.33
C ASP C 289 8.06 -40.31 -30.04
N LEU C 290 6.81 -40.13 -30.46
CA LEU C 290 5.80 -41.17 -30.33
C LEU C 290 6.22 -42.38 -31.14
N ILE C 291 6.16 -42.29 -32.48
CA ILE C 291 6.68 -43.30 -33.42
C ILE C 291 7.91 -44.07 -32.93
N GLY C 292 8.99 -43.38 -32.55
CA GLY C 292 10.18 -44.05 -32.09
C GLY C 292 9.85 -44.83 -30.84
N LEU C 293 9.16 -44.20 -29.91
CA LEU C 293 8.68 -44.83 -28.69
C LEU C 293 7.87 -46.10 -29.00
N HIS C 294 7.15 -46.06 -30.08
CA HIS C 294 6.20 -47.09 -30.35
C HIS C 294 6.96 -48.23 -30.91
N ASN C 295 8.07 -47.88 -31.53
CA ASN C 295 8.92 -48.91 -32.08
C ASN C 295 10.13 -49.29 -31.18
N ARG C 296 10.11 -48.88 -29.92
CA ARG C 296 11.21 -49.12 -29.02
C ARG C 296 12.57 -48.83 -29.62
N VAL C 297 12.72 -47.60 -30.15
CA VAL C 297 13.95 -47.13 -30.74
C VAL C 297 13.99 -45.65 -30.46
N ARG C 298 15.15 -45.09 -30.10
CA ARG C 298 15.26 -43.64 -29.87
C ARG C 298 15.41 -42.90 -31.18
N LEU C 299 14.27 -42.61 -31.80
CA LEU C 299 14.24 -42.16 -33.19
C LEU C 299 14.92 -40.79 -33.46
N ARG C 300 14.43 -39.72 -32.87
CA ARG C 300 15.02 -38.47 -33.23
C ARG C 300 16.48 -38.48 -32.86
N GLN C 301 16.80 -39.23 -31.79
CA GLN C 301 18.11 -39.21 -31.18
C GLN C 301 19.16 -40.04 -31.97
N SER C 302 18.90 -40.24 -33.26
CA SER C 302 19.80 -40.97 -34.14
C SER C 302 19.80 -40.63 -35.65
N ASP C 303 20.84 -39.92 -36.10
CA ASP C 303 21.00 -39.49 -37.48
C ASP C 303 20.77 -40.68 -38.36
N SER C 304 21.49 -41.77 -38.07
CA SER C 304 21.61 -42.93 -38.98
C SER C 304 20.28 -43.59 -39.25
N LEU C 305 19.56 -43.84 -38.16
CA LEU C 305 18.29 -44.51 -38.25
C LEU C 305 17.23 -43.66 -38.94
N LYS C 306 17.17 -42.36 -38.64
CA LYS C 306 16.27 -41.49 -39.36
C LYS C 306 16.40 -41.79 -40.88
N ARG C 307 17.62 -41.61 -41.41
CA ARG C 307 17.91 -41.75 -42.84
C ARG C 307 17.45 -43.11 -43.34
N GLU C 308 17.84 -44.11 -42.56
CA GLU C 308 17.53 -45.49 -42.82
C GLU C 308 16.05 -45.73 -43.12
N ILE C 309 15.17 -45.45 -42.17
CA ILE C 309 13.75 -45.69 -42.35
C ILE C 309 13.04 -44.73 -43.36
N ILE C 310 13.61 -43.55 -43.62
CA ILE C 310 13.04 -42.70 -44.67
C ILE C 310 13.14 -43.43 -45.96
N GLU C 311 14.32 -43.99 -46.20
CA GLU C 311 14.64 -44.66 -47.46
C GLU C 311 14.05 -46.05 -47.60
N ASN C 312 14.24 -46.89 -46.59
CA ASN C 312 13.76 -48.28 -46.61
C ASN C 312 12.25 -48.45 -46.42
N GLY C 313 11.53 -47.34 -46.56
CA GLY C 313 10.07 -47.34 -46.48
C GLY C 313 9.50 -47.56 -45.09
N LYS C 314 10.35 -47.95 -44.14
CA LYS C 314 9.87 -48.27 -42.80
C LYS C 314 9.18 -47.06 -42.17
N PHE C 315 9.59 -45.85 -42.50
CA PHE C 315 8.94 -44.67 -41.91
C PHE C 315 7.44 -44.63 -42.19
N ASP C 316 7.13 -44.68 -43.49
CA ASP C 316 5.77 -44.58 -43.98
C ASP C 316 5.01 -45.76 -43.44
N GLN C 317 5.73 -46.84 -43.17
CA GLN C 317 5.13 -48.06 -42.66
C GLN C 317 4.78 -47.94 -41.18
N TRP C 318 5.77 -47.54 -40.38
CA TRP C 318 5.63 -47.35 -38.94
C TRP C 318 4.59 -46.26 -38.70
N PHE C 319 4.66 -45.22 -39.55
CA PHE C 319 3.78 -44.07 -39.47
C PHE C 319 2.31 -44.49 -39.58
N ASP C 320 1.97 -45.13 -40.68
CA ASP C 320 0.66 -45.74 -40.81
C ASP C 320 0.34 -46.59 -39.58
N GLU C 321 1.23 -47.54 -39.30
CA GLU C 321 1.06 -48.47 -38.21
C GLU C 321 0.52 -47.85 -36.93
N LEU C 322 1.18 -46.79 -36.48
CA LEU C 322 0.81 -46.13 -35.24
C LEU C 322 -0.37 -45.18 -35.43
N PHE C 323 -0.23 -44.29 -36.37
CA PHE C 323 -1.13 -43.15 -36.50
C PHE C 323 -2.41 -43.37 -37.30
N GLY C 324 -2.38 -44.28 -38.26
CA GLY C 324 -3.45 -44.41 -39.22
C GLY C 324 -4.77 -44.93 -38.72
N ASN C 325 -5.10 -44.54 -37.50
CA ASN C 325 -6.33 -44.94 -36.87
C ASN C 325 -6.96 -43.68 -36.28
N ASP C 326 -6.58 -42.54 -36.86
CA ASP C 326 -7.06 -41.24 -36.46
C ASP C 326 -7.32 -41.10 -34.98
N THR C 327 -6.34 -41.54 -34.20
CA THR C 327 -6.52 -41.65 -32.76
C THR C 327 -5.65 -40.59 -31.99
N PHE C 328 -4.50 -40.24 -32.56
CA PHE C 328 -3.70 -39.16 -32.02
C PHE C 328 -3.97 -37.88 -32.80
N HIS C 329 -4.11 -36.80 -32.02
CA HIS C 329 -4.26 -35.43 -32.50
C HIS C 329 -3.56 -34.43 -31.56
N LEU C 330 -2.85 -33.49 -32.16
CA LEU C 330 -2.02 -32.59 -31.37
C LEU C 330 -2.40 -31.13 -31.61
N TYR C 331 -2.47 -30.37 -30.52
CA TYR C 331 -2.43 -28.92 -30.55
C TYR C 331 -1.02 -28.53 -30.96
N ASP C 332 -0.90 -27.70 -31.98
CA ASP C 332 0.40 -27.24 -32.49
C ASP C 332 0.44 -25.76 -32.33
N SER C 333 1.52 -25.25 -31.73
CA SER C 333 1.52 -23.85 -31.29
C SER C 333 2.16 -22.71 -32.14
N PHE C 334 3.08 -22.00 -31.49
CA PHE C 334 3.30 -20.53 -31.62
C PHE C 334 2.09 -19.67 -31.18
N GLU C 338 -2.87 -17.49 -25.60
CA GLU C 338 -3.48 -17.11 -24.32
C GLU C 338 -3.65 -18.30 -23.36
N THR C 339 -4.40 -18.04 -22.25
CA THR C 339 -4.98 -19.09 -21.37
C THR C 339 -6.35 -19.50 -21.94
N ASP C 340 -7.19 -18.46 -22.15
CA ASP C 340 -8.52 -18.60 -22.73
C ASP C 340 -8.39 -19.24 -24.13
N ARG C 341 -7.54 -18.63 -24.96
CA ARG C 341 -7.21 -19.20 -26.29
C ARG C 341 -6.83 -20.69 -26.30
N LEU C 342 -5.95 -21.10 -25.39
CA LEU C 342 -5.55 -22.49 -25.33
C LEU C 342 -6.74 -23.36 -24.96
N LEU C 343 -7.36 -23.02 -23.82
CA LEU C 343 -8.47 -23.77 -23.25
C LEU C 343 -9.54 -24.04 -24.30
N ALA C 344 -9.70 -23.07 -25.21
CA ALA C 344 -10.67 -23.18 -26.27
C ALA C 344 -10.27 -24.25 -27.24
N LYS C 345 -9.00 -24.26 -27.65
CA LYS C 345 -8.48 -25.29 -28.54
C LYS C 345 -8.65 -26.66 -27.93
N LEU C 346 -8.20 -26.80 -26.68
CA LEU C 346 -8.34 -28.03 -25.91
C LEU C 346 -9.76 -28.58 -25.93
N ALA C 347 -10.73 -27.68 -25.84
CA ALA C 347 -12.13 -28.01 -25.74
C ALA C 347 -12.66 -28.58 -27.02
N TYR C 348 -12.28 -27.99 -28.15
CA TYR C 348 -12.68 -28.48 -29.45
C TYR C 348 -12.03 -29.81 -29.72
N MET C 349 -10.87 -30.10 -29.11
CA MET C 349 -10.30 -31.43 -29.20
C MET C 349 -11.32 -32.36 -28.58
N ARG C 350 -11.70 -32.08 -27.34
CA ARG C 350 -12.75 -32.84 -26.66
C ARG C 350 -14.06 -32.89 -27.41
N SER C 351 -14.53 -31.73 -27.84
CA SER C 351 -15.91 -31.58 -28.33
C SER C 351 -16.11 -31.83 -29.81
N GLY C 352 -15.17 -31.34 -30.62
CA GLY C 352 -15.17 -31.56 -32.05
C GLY C 352 -14.60 -32.90 -32.51
N LEU C 353 -13.30 -33.14 -32.27
CA LEU C 353 -12.68 -34.44 -32.56
C LEU C 353 -12.94 -35.50 -31.51
N GLY C 354 -13.57 -35.12 -30.41
CA GLY C 354 -13.95 -36.10 -29.41
C GLY C 354 -12.88 -37.09 -28.96
N CYS C 355 -11.76 -36.57 -28.46
CA CYS C 355 -10.85 -37.41 -27.78
C CYS C 355 -11.26 -37.46 -26.34
N ASP C 356 -10.81 -38.49 -25.62
CA ASP C 356 -11.28 -38.72 -24.28
C ASP C 356 -10.14 -38.49 -23.30
N VAL C 357 -8.93 -38.42 -23.83
CA VAL C 357 -7.82 -37.94 -23.02
C VAL C 357 -7.22 -36.71 -23.69
N ILE C 358 -6.87 -35.73 -22.87
CA ILE C 358 -6.12 -34.59 -23.36
C ILE C 358 -4.95 -34.57 -22.43
N ILE C 359 -3.74 -34.67 -22.99
CA ILE C 359 -2.52 -34.54 -22.19
C ILE C 359 -1.97 -33.12 -22.37
N LEU C 360 -1.78 -32.38 -21.28
CA LEU C 360 -1.34 -31.01 -21.40
C LEU C 360 0.01 -30.95 -20.79
N ASP C 361 1.04 -30.99 -21.62
CA ASP C 361 2.42 -31.04 -21.12
C ASP C 361 2.98 -29.71 -20.88
N HIS C 362 2.82 -29.49 -19.57
CA HIS C 362 3.56 -28.59 -18.76
C HIS C 362 2.94 -27.24 -18.51
N ILE C 363 2.20 -27.32 -17.37
CA ILE C 363 1.27 -26.27 -17.02
C ILE C 363 2.02 -24.99 -16.77
N SER C 364 3.27 -25.13 -16.34
CA SER C 364 4.16 -24.03 -15.99
C SER C 364 4.11 -22.94 -17.04
N ILE C 365 4.12 -23.35 -18.31
CA ILE C 365 3.78 -22.42 -19.37
C ILE C 365 2.33 -21.99 -19.32
N VAL C 366 2.09 -20.76 -18.75
CA VAL C 366 0.75 -20.15 -18.81
C VAL C 366 0.44 -19.81 -20.37
N VAL C 367 0.77 -18.49 -20.80
CA VAL C 367 0.87 -17.76 -22.15
C VAL C 367 -0.24 -17.32 -23.17
N SER C 368 -0.16 -15.92 -23.07
CA SER C 368 -0.64 -14.61 -23.69
C SER C 368 -1.94 -13.86 -23.29
N ALA C 369 -1.61 -12.71 -22.62
CA ALA C 369 -2.43 -11.63 -22.01
C ALA C 369 -1.61 -10.82 -20.97
N SER C 370 -0.41 -10.37 -21.35
CA SER C 370 0.62 -9.71 -20.44
C SER C 370 0.50 -8.27 -19.88
N GLY C 371 0.06 -8.17 -18.65
CA GLY C 371 0.00 -6.95 -17.84
C GLY C 371 -0.24 -7.28 -16.36
N GLU C 372 -0.11 -8.59 -16.07
CA GLU C 372 -0.55 -9.25 -14.82
C GLU C 372 0.54 -9.96 -13.94
N SER C 373 0.40 -9.78 -12.62
CA SER C 373 1.33 -10.30 -11.60
C SER C 373 1.26 -11.84 -11.34
N ASP C 374 1.73 -12.24 -10.16
CA ASP C 374 2.20 -13.61 -9.85
C ASP C 374 1.67 -14.77 -10.65
N GLU C 375 2.57 -15.52 -11.30
CA GLU C 375 2.26 -16.85 -11.84
C GLU C 375 1.67 -17.75 -10.70
N ARG C 376 2.02 -17.41 -9.44
CA ARG C 376 1.44 -17.96 -8.20
C ARG C 376 -0.09 -17.99 -8.29
N LYS C 377 -0.66 -16.80 -8.50
CA LYS C 377 -2.10 -16.59 -8.63
C LYS C 377 -2.66 -17.23 -9.92
N MET C 378 -2.09 -16.82 -11.05
CA MET C 378 -2.60 -17.23 -12.35
C MET C 378 -2.61 -18.74 -12.55
N ILE C 379 -1.54 -19.39 -12.10
CA ILE C 379 -1.48 -20.85 -12.23
C ILE C 379 -2.80 -21.43 -11.75
N ASP C 380 -3.31 -20.87 -10.66
CA ASP C 380 -4.56 -21.29 -10.03
C ASP C 380 -5.79 -21.02 -10.92
N ASN C 381 -5.91 -19.79 -11.40
CA ASN C 381 -6.97 -19.42 -12.34
C ASN C 381 -7.08 -20.42 -13.49
N LEU C 382 -5.99 -20.69 -14.18
CA LEU C 382 -6.04 -21.68 -15.24
C LEU C 382 -6.48 -23.03 -14.69
N MET C 383 -5.82 -23.45 -13.61
CA MET C 383 -6.11 -24.70 -12.93
C MET C 383 -7.62 -25.00 -12.92
N THR C 384 -8.37 -24.02 -12.45
CA THR C 384 -9.81 -24.18 -12.33
C THR C 384 -10.46 -24.35 -13.69
N LYS C 385 -10.24 -23.43 -14.64
CA LYS C 385 -10.84 -23.56 -15.96
C LYS C 385 -10.64 -24.96 -16.44
N LEU C 386 -9.46 -25.50 -16.14
CA LEU C 386 -9.10 -26.85 -16.51
C LEU C 386 -10.01 -27.89 -15.87
N LYS C 387 -10.04 -27.89 -14.55
CA LYS C 387 -10.84 -28.86 -13.82
C LYS C 387 -12.28 -28.79 -14.27
N GLY C 388 -12.72 -27.58 -14.63
CA GLY C 388 -14.03 -27.29 -15.16
C GLY C 388 -14.17 -28.05 -16.44
N PHE C 389 -13.46 -27.62 -17.47
CA PHE C 389 -13.29 -28.43 -18.71
C PHE C 389 -13.40 -29.95 -18.48
N ALA C 390 -12.59 -30.43 -17.54
CA ALA C 390 -12.55 -31.83 -17.14
C ALA C 390 -13.92 -32.42 -16.78
N LYS C 391 -14.40 -32.01 -15.61
CA LYS C 391 -15.65 -32.46 -15.00
C LYS C 391 -16.89 -32.06 -15.82
N SER C 392 -16.87 -30.85 -16.36
CA SER C 392 -17.93 -30.41 -17.26
C SER C 392 -18.06 -31.28 -18.52
N THR C 393 -16.98 -31.93 -18.97
CA THR C 393 -17.07 -32.66 -20.23
C THR C 393 -16.67 -34.12 -20.19
N GLY C 394 -16.14 -34.53 -19.05
CA GLY C 394 -15.84 -35.94 -18.84
C GLY C 394 -14.59 -36.47 -19.55
N VAL C 395 -13.92 -35.56 -20.24
CA VAL C 395 -12.62 -35.88 -20.79
C VAL C 395 -11.67 -36.20 -19.64
N VAL C 396 -10.72 -37.10 -19.95
CA VAL C 396 -9.57 -37.33 -19.07
C VAL C 396 -8.46 -36.30 -19.34
N LEU C 397 -8.15 -35.48 -18.32
CA LEU C 397 -7.13 -34.46 -18.44
C LEU C 397 -5.94 -34.79 -17.59
N VAL C 398 -4.90 -35.35 -18.23
CA VAL C 398 -3.56 -35.48 -17.64
C VAL C 398 -2.87 -34.12 -17.78
N VAL C 399 -2.22 -33.63 -16.73
CA VAL C 399 -1.60 -32.33 -16.78
C VAL C 399 -0.28 -32.56 -16.14
N ILE C 400 0.77 -32.23 -16.87
CA ILE C 400 2.14 -32.33 -16.38
C ILE C 400 2.47 -31.06 -15.64
N CYS C 401 3.38 -31.21 -14.70
CA CYS C 401 3.75 -30.01 -13.95
C CYS C 401 5.09 -30.08 -13.19
N HIS C 402 5.91 -29.03 -13.34
CA HIS C 402 7.28 -29.08 -12.90
C HIS C 402 7.46 -28.47 -11.51
N LEU C 403 8.48 -28.92 -10.80
CA LEU C 403 8.63 -28.61 -9.39
C LEU C 403 9.53 -27.47 -9.17
N LYS C 404 9.12 -26.60 -8.24
CA LYS C 404 10.03 -25.57 -7.70
C LYS C 404 11.24 -26.23 -7.04
N ASN C 405 12.31 -25.46 -6.80
CA ASN C 405 13.53 -26.13 -6.30
C ASN C 405 14.04 -25.81 -4.89
N PRO C 406 14.08 -26.88 -4.08
CA PRO C 406 14.11 -26.85 -2.61
C PRO C 406 14.60 -25.59 -1.86
N ASP C 407 15.89 -25.31 -1.99
CA ASP C 407 16.57 -24.48 -1.01
C ASP C 407 17.04 -25.34 0.20
N LYS C 408 16.49 -26.56 0.31
CA LYS C 408 16.88 -27.51 1.36
C LYS C 408 17.77 -28.71 0.91
N GLY C 409 19.05 -28.60 1.31
CA GLY C 409 20.07 -29.64 1.16
C GLY C 409 20.14 -30.47 -0.13
N LYS C 410 19.37 -31.57 -0.19
CA LYS C 410 19.47 -32.49 -1.31
C LYS C 410 18.50 -32.08 -2.41
N ALA C 411 19.02 -32.04 -3.64
CA ALA C 411 18.29 -31.57 -4.81
C ALA C 411 17.31 -32.60 -5.34
N HIS C 412 16.99 -32.47 -6.63
CA HIS C 412 15.99 -33.37 -7.23
C HIS C 412 16.62 -34.60 -7.86
N GLU C 413 17.79 -34.39 -8.42
CA GLU C 413 18.56 -35.46 -9.03
C GLU C 413 19.27 -36.26 -7.91
N GLU C 414 19.25 -35.70 -6.70
CA GLU C 414 19.67 -36.42 -5.50
C GLU C 414 18.51 -37.26 -4.93
N GLY C 415 17.51 -37.52 -5.77
CA GLY C 415 16.39 -38.34 -5.41
C GLY C 415 15.29 -37.65 -4.61
N ARG C 416 15.67 -36.85 -3.61
CA ARG C 416 14.75 -36.24 -2.64
C ARG C 416 13.27 -36.35 -2.98
N PRO C 417 12.54 -36.99 -2.09
CA PRO C 417 11.10 -37.25 -2.25
C PRO C 417 10.29 -35.98 -2.31
N VAL C 418 9.07 -36.07 -2.81
CA VAL C 418 8.26 -34.88 -2.98
C VAL C 418 6.97 -35.03 -2.23
N SER C 419 6.50 -33.94 -1.63
CA SER C 419 5.21 -33.93 -0.93
C SER C 419 4.31 -32.91 -1.56
N ILE C 420 3.07 -32.85 -1.14
CA ILE C 420 2.14 -31.91 -1.75
C ILE C 420 2.48 -30.50 -1.30
N THR C 421 3.07 -30.38 -0.12
CA THR C 421 3.67 -29.13 0.28
C THR C 421 4.76 -28.79 -0.72
N ASP C 422 5.60 -29.78 -0.99
CA ASP C 422 6.67 -29.70 -1.98
C ASP C 422 6.13 -29.12 -3.28
N LEU C 423 4.82 -29.08 -3.35
CA LEU C 423 4.10 -28.68 -4.55
C LEU C 423 4.33 -27.26 -5.01
N ARG C 424 4.32 -27.13 -6.33
CA ARG C 424 4.20 -25.82 -7.02
C ARG C 424 2.75 -25.22 -6.91
N GLY C 425 2.52 -24.11 -7.63
CA GLY C 425 1.26 -23.43 -7.53
C GLY C 425 1.13 -22.71 -6.19
N SER C 426 -0.11 -22.36 -5.85
CA SER C 426 -0.43 -21.78 -4.52
C SER C 426 -1.74 -22.37 -3.97
N GLY C 427 -2.08 -23.56 -4.47
CA GLY C 427 -3.17 -24.31 -3.92
C GLY C 427 -4.08 -24.92 -4.95
N ALA C 428 -4.23 -24.31 -6.11
CA ALA C 428 -5.26 -24.75 -7.06
C ALA C 428 -5.09 -26.21 -7.45
N LEU C 429 -3.88 -26.57 -7.87
CA LEU C 429 -3.54 -27.93 -8.32
C LEU C 429 -3.51 -28.83 -7.13
N ARG C 430 -2.80 -28.37 -6.09
CA ARG C 430 -2.77 -29.06 -4.80
C ARG C 430 -4.20 -29.43 -4.37
N GLN C 431 -5.20 -28.79 -5.00
CA GLN C 431 -6.63 -29.05 -4.74
C GLN C 431 -7.28 -29.66 -5.96
N LEU C 432 -7.63 -28.82 -6.93
CA LEU C 432 -8.42 -29.22 -8.10
C LEU C 432 -8.10 -30.54 -8.73
N SER C 433 -6.84 -30.96 -8.68
CA SER C 433 -6.43 -32.25 -9.29
C SER C 433 -6.98 -33.46 -8.56
N ASP C 434 -7.36 -34.47 -9.31
CA ASP C 434 -7.95 -35.67 -8.70
C ASP C 434 -6.91 -36.74 -8.24
N THR C 435 -6.05 -37.20 -9.14
CA THR C 435 -4.89 -37.99 -8.73
C THR C 435 -3.61 -37.23 -8.98
N ILE C 436 -2.69 -37.25 -8.01
CA ILE C 436 -1.36 -36.67 -8.16
C ILE C 436 -0.29 -37.80 -8.21
N ILE C 437 0.32 -38.04 -9.37
CA ILE C 437 1.39 -39.03 -9.44
C ILE C 437 2.69 -38.27 -9.53
N ALA C 438 3.61 -38.57 -8.62
CA ALA C 438 4.93 -37.99 -8.62
C ALA C 438 5.96 -39.03 -8.91
N LEU C 439 7.02 -38.65 -9.61
CA LEU C 439 8.06 -39.60 -9.96
C LEU C 439 9.37 -39.00 -9.53
N GLU C 440 10.13 -39.76 -8.76
CA GLU C 440 11.39 -39.30 -8.23
C GLU C 440 12.48 -40.10 -8.83
N ARG C 441 13.66 -39.48 -8.99
CA ARG C 441 14.79 -40.10 -9.67
C ARG C 441 16.10 -39.55 -9.17
N ASN C 442 16.84 -40.36 -8.43
CA ASN C 442 18.14 -39.90 -7.91
C ASN C 442 19.29 -40.15 -8.92
N GLN C 443 19.36 -39.31 -9.94
CA GLN C 443 20.21 -39.59 -11.09
C GLN C 443 21.69 -39.56 -10.84
N GLN C 444 22.09 -39.41 -9.60
CA GLN C 444 23.47 -39.67 -9.24
C GLN C 444 23.52 -40.63 -8.06
N GLY C 445 23.31 -41.92 -8.34
CA GLY C 445 23.28 -42.91 -7.28
C GLY C 445 23.46 -44.39 -7.64
N ASP C 446 22.70 -45.21 -6.92
CA ASP C 446 22.82 -46.67 -6.99
C ASP C 446 22.15 -47.13 -8.28
N MET C 447 20.93 -46.66 -8.46
CA MET C 447 20.25 -46.89 -9.71
C MET C 447 19.88 -45.52 -10.24
N PRO C 448 20.80 -44.94 -10.97
CA PRO C 448 20.62 -43.65 -11.62
C PRO C 448 19.53 -43.75 -12.65
N ASN C 449 19.16 -44.96 -13.05
CA ASN C 449 18.03 -45.13 -13.95
C ASN C 449 16.78 -45.57 -13.21
N LEU C 450 16.87 -45.80 -11.89
CA LEU C 450 15.69 -46.22 -11.11
C LEU C 450 14.82 -45.05 -10.77
N VAL C 451 13.54 -45.13 -11.07
CA VAL C 451 12.64 -44.07 -10.68
C VAL C 451 11.43 -44.54 -9.86
N LEU C 452 11.19 -43.83 -8.77
CA LEU C 452 10.14 -44.14 -7.82
C LEU C 452 8.82 -43.43 -8.17
N VAL C 453 7.69 -44.03 -7.80
CA VAL C 453 6.42 -43.39 -8.06
C VAL C 453 5.65 -43.27 -6.75
N ARG C 454 5.43 -42.04 -6.33
CA ARG C 454 4.54 -41.75 -5.22
C ARG C 454 3.18 -41.42 -5.75
N ILE C 455 2.15 -42.00 -5.15
CA ILE C 455 0.83 -41.44 -5.33
C ILE C 455 0.66 -40.40 -4.24
N LEU C 456 0.60 -39.15 -4.64
CA LEU C 456 0.56 -38.06 -3.70
C LEU C 456 -0.87 -37.77 -3.35
N LYS C 457 -1.82 -38.37 -4.07
CA LYS C 457 -3.23 -38.11 -3.82
C LYS C 457 -4.12 -38.74 -4.85
N CYS C 458 -5.35 -39.04 -4.45
CA CYS C 458 -6.23 -39.85 -5.32
C CYS C 458 -7.69 -39.93 -4.83
N ARG C 459 -8.54 -39.02 -5.32
CA ARG C 459 -9.81 -38.72 -4.65
C ARG C 459 -10.49 -40.00 -4.59
N PHE C 460 -10.63 -40.55 -5.78
CA PHE C 460 -11.36 -41.76 -6.01
C PHE C 460 -11.05 -42.95 -5.10
N THR C 461 -9.86 -42.98 -4.51
CA THR C 461 -9.58 -44.07 -3.61
C THR C 461 -8.92 -43.66 -2.34
N GLY C 462 -8.14 -42.60 -2.39
CA GLY C 462 -7.46 -42.15 -1.18
C GLY C 462 -6.42 -43.11 -0.69
N ASP C 463 -6.28 -44.22 -1.42
CA ASP C 463 -5.13 -45.07 -1.26
C ASP C 463 -3.94 -44.35 -1.88
N THR C 464 -2.93 -43.96 -1.07
CA THR C 464 -1.80 -43.20 -1.60
C THR C 464 -0.49 -43.75 -1.14
N GLY C 465 0.59 -43.11 -1.58
CA GLY C 465 1.93 -43.51 -1.19
C GLY C 465 2.81 -44.07 -2.28
N ILE C 466 3.94 -44.67 -1.88
CA ILE C 466 4.85 -45.35 -2.78
C ILE C 466 4.06 -46.38 -3.50
N ALA C 467 4.21 -46.47 -4.81
CA ALA C 467 3.30 -47.28 -5.52
C ALA C 467 4.02 -48.21 -6.45
N GLY C 468 5.36 -48.17 -6.41
CA GLY C 468 6.18 -48.96 -7.31
C GLY C 468 7.39 -48.28 -7.93
N TYR C 469 8.10 -49.02 -8.79
CA TYR C 469 9.30 -48.49 -9.47
C TYR C 469 9.34 -48.79 -10.98
N MET C 470 10.03 -47.93 -11.69
CA MET C 470 10.31 -48.20 -13.06
C MET C 470 11.78 -47.92 -13.29
N GLU C 471 12.26 -48.25 -14.48
CA GLU C 471 13.65 -48.07 -14.79
C GLU C 471 13.69 -47.52 -16.22
N TYR C 472 14.52 -46.53 -16.43
CA TYR C 472 14.68 -46.00 -17.76
C TYR C 472 15.54 -46.89 -18.61
N ASN C 473 15.01 -47.23 -19.79
CA ASN C 473 15.83 -47.92 -20.78
C ASN C 473 16.45 -46.94 -21.70
N LYS C 474 17.67 -46.46 -21.38
CA LYS C 474 18.40 -45.41 -22.17
C LYS C 474 18.39 -45.77 -23.66
N GLU C 475 18.09 -47.06 -23.88
CA GLU C 475 18.30 -47.76 -25.13
C GLU C 475 17.07 -47.77 -26.00
N THR C 476 15.94 -48.13 -25.40
CA THR C 476 14.63 -48.18 -26.11
C THR C 476 13.79 -46.95 -25.88
N GLY C 477 14.05 -46.34 -24.74
CA GLY C 477 13.47 -45.04 -24.47
C GLY C 477 12.26 -45.10 -23.61
N TRP C 478 11.89 -46.32 -23.24
CA TRP C 478 10.79 -46.59 -22.30
C TRP C 478 11.03 -46.60 -20.81
N LEU C 479 9.95 -46.30 -20.12
CA LEU C 479 9.94 -46.42 -18.71
C LEU C 479 9.40 -47.79 -18.45
N GLU C 480 10.28 -48.79 -18.33
CA GLU C 480 9.96 -50.20 -18.09
C GLU C 480 9.65 -50.38 -16.64
N PRO C 481 8.76 -51.31 -16.31
CA PRO C 481 8.42 -51.63 -14.92
C PRO C 481 9.57 -52.37 -14.25
N SER C 482 9.75 -52.19 -12.96
CA SER C 482 10.84 -52.88 -12.28
C SER C 482 10.52 -53.57 -10.97
N SER C 483 11.30 -54.64 -10.73
CA SER C 483 11.32 -55.35 -9.47
C SER C 483 11.98 -54.45 -8.45
N TYR C 484 11.30 -54.32 -7.30
CA TYR C 484 11.78 -53.44 -6.21
C TYR C 484 10.90 -53.22 -4.97
N SER C 485 11.55 -53.31 -3.83
CA SER C 485 10.96 -52.83 -2.58
C SER C 485 12.01 -52.62 -1.45
N GLY C 486 11.65 -53.05 -0.23
CA GLY C 486 12.45 -52.81 0.95
C GLY C 486 13.93 -53.13 0.84
N MET D 1 -30.72 0.50 -65.06
CA MET D 1 -31.00 -0.80 -64.37
C MET D 1 -29.87 -1.82 -64.45
N THR D 2 -30.03 -2.95 -63.77
CA THR D 2 -29.01 -4.00 -63.71
C THR D 2 -29.01 -4.92 -64.95
N TYR D 3 -27.84 -5.54 -65.23
CA TYR D 3 -27.60 -6.43 -66.38
C TYR D 3 -28.69 -7.51 -66.51
N ASN D 4 -29.44 -7.47 -67.61
CA ASN D 4 -30.52 -8.43 -67.85
C ASN D 4 -30.06 -9.88 -67.78
N VAL D 5 -30.88 -10.74 -67.18
CA VAL D 5 -30.60 -12.17 -67.19
C VAL D 5 -30.58 -12.69 -68.63
N TRP D 6 -29.56 -13.49 -68.95
CA TRP D 6 -29.35 -13.97 -70.32
C TRP D 6 -30.36 -15.02 -70.76
N ASN D 7 -31.18 -14.71 -71.76
CA ASN D 7 -32.18 -15.67 -72.21
C ASN D 7 -31.56 -16.80 -73.03
N PHE D 8 -31.90 -18.05 -72.69
CA PHE D 8 -31.47 -19.23 -73.45
C PHE D 8 -32.19 -19.26 -74.80
N GLY D 9 -31.44 -19.28 -75.88
CA GLY D 9 -32.04 -19.16 -77.20
C GLY D 9 -31.77 -17.78 -77.80
N GLU D 10 -32.22 -16.74 -77.09
CA GLU D 10 -31.80 -15.37 -77.38
C GLU D 10 -30.29 -15.39 -77.66
N SER D 11 -29.51 -15.85 -76.68
CA SER D 11 -28.09 -16.22 -76.87
C SER D 11 -28.01 -17.69 -77.23
N ASN D 12 -27.28 -18.02 -78.29
CA ASN D 12 -27.39 -19.32 -78.97
C ASN D 12 -27.00 -20.55 -78.18
N GLY D 13 -27.87 -20.87 -77.22
CA GLY D 13 -27.57 -21.75 -76.13
C GLY D 13 -27.66 -23.23 -76.45
N ARG D 14 -26.73 -23.96 -75.85
CA ARG D 14 -26.66 -25.39 -76.00
C ARG D 14 -26.21 -25.97 -74.66
N TYR D 15 -26.78 -27.11 -74.25
CA TYR D 15 -26.26 -27.83 -73.09
C TYR D 15 -25.20 -28.85 -73.54
N SER D 16 -23.97 -28.38 -73.76
CA SER D 16 -22.92 -29.25 -74.29
C SER D 16 -21.97 -29.66 -73.20
N ALA D 17 -21.36 -30.83 -73.40
CA ALA D 17 -20.46 -31.42 -72.44
C ALA D 17 -19.14 -30.64 -72.38
N LEU D 18 -18.66 -30.34 -71.18
CA LEU D 18 -17.36 -29.68 -70.99
C LEU D 18 -16.26 -30.73 -71.12
N THR D 19 -15.77 -30.93 -72.35
CA THR D 19 -14.79 -31.98 -72.63
C THR D 19 -13.46 -31.70 -71.95
N ALA D 20 -13.22 -30.42 -71.68
CA ALA D 20 -12.00 -29.96 -71.06
C ALA D 20 -11.91 -30.30 -69.57
N ARG D 21 -13.04 -30.65 -68.98
CA ARG D 21 -13.12 -30.81 -67.52
C ARG D 21 -13.62 -32.18 -67.07
N GLY D 22 -13.97 -33.04 -68.02
CA GLY D 22 -14.57 -34.31 -67.67
C GLY D 22 -15.92 -34.14 -66.97
N ILE D 23 -16.69 -33.13 -67.39
CA ILE D 23 -18.07 -32.99 -66.98
C ILE D 23 -18.92 -33.40 -68.17
N SER D 24 -19.82 -34.35 -67.97
CA SER D 24 -20.65 -34.87 -69.07
C SER D 24 -21.72 -33.86 -69.53
N LYS D 25 -22.28 -34.08 -70.73
CA LYS D 25 -23.25 -33.14 -71.24
C LYS D 25 -24.47 -33.19 -70.36
N GLU D 26 -24.87 -34.41 -70.00
CA GLU D 26 -26.02 -34.65 -69.15
C GLU D 26 -25.91 -33.97 -67.80
N THR D 27 -24.68 -33.84 -67.31
CA THR D 27 -24.40 -33.15 -66.04
C THR D 27 -24.68 -31.64 -66.12
N CYS D 28 -23.98 -30.95 -67.02
CA CYS D 28 -24.18 -29.51 -67.21
C CYS D 28 -25.65 -29.19 -67.32
N GLN D 29 -26.40 -30.08 -67.98
CA GLN D 29 -27.82 -29.93 -68.16
C GLN D 29 -28.64 -29.85 -66.86
N LYS D 30 -28.27 -30.62 -65.84
CA LYS D 30 -29.00 -30.63 -64.55
C LYS D 30 -28.69 -29.45 -63.61
N ALA D 31 -27.42 -29.06 -63.51
CA ALA D 31 -27.07 -27.95 -62.65
C ALA D 31 -27.32 -26.60 -63.31
N GLY D 32 -27.46 -26.61 -64.62
CA GLY D 32 -27.72 -25.37 -65.33
C GLY D 32 -26.42 -24.71 -65.69
N TYR D 33 -25.53 -25.49 -66.32
CA TYR D 33 -24.31 -24.96 -66.92
C TYR D 33 -24.41 -25.06 -68.42
N TRP D 34 -24.86 -23.96 -69.03
CA TRP D 34 -25.12 -23.93 -70.47
C TRP D 34 -24.12 -23.05 -71.25
N ILE D 35 -23.99 -23.33 -72.54
CA ILE D 35 -23.01 -22.70 -73.45
C ILE D 35 -23.71 -21.82 -74.51
N ALA D 36 -23.79 -20.52 -74.24
CA ALA D 36 -24.35 -19.57 -75.19
C ALA D 36 -23.30 -19.10 -76.21
N LYS D 37 -23.69 -18.19 -77.10
CA LYS D 37 -22.73 -17.44 -77.93
C LYS D 37 -23.33 -16.15 -78.51
N VAL D 38 -23.01 -15.01 -77.89
CA VAL D 38 -23.57 -13.72 -78.27
C VAL D 38 -22.57 -12.81 -78.99
N ASP D 39 -23.06 -12.15 -80.04
CA ASP D 39 -22.29 -11.19 -80.83
C ASP D 39 -20.99 -11.73 -81.43
N GLY D 40 -20.82 -13.06 -81.41
CA GLY D 40 -19.68 -13.70 -82.03
C GLY D 40 -18.93 -14.72 -81.19
N VAL D 41 -18.61 -14.34 -79.96
CA VAL D 41 -17.78 -15.17 -79.07
C VAL D 41 -18.63 -16.10 -78.21
N MET D 42 -18.07 -17.26 -77.85
CA MET D 42 -18.83 -18.30 -77.16
C MET D 42 -18.60 -18.35 -75.64
N TYR D 43 -19.64 -18.00 -74.87
CA TYR D 43 -19.58 -17.88 -73.42
C TYR D 43 -20.18 -19.06 -72.63
N GLN D 44 -19.59 -19.36 -71.47
CA GLN D 44 -20.07 -20.41 -70.56
C GLN D 44 -20.95 -19.77 -69.48
N VAL D 45 -22.24 -20.11 -69.44
CA VAL D 45 -23.15 -19.47 -68.50
C VAL D 45 -23.64 -20.37 -67.36
N ALA D 46 -23.43 -19.91 -66.12
CA ALA D 46 -23.90 -20.61 -64.92
C ALA D 46 -25.17 -19.96 -64.40
N ASP D 47 -26.21 -20.76 -64.27
CA ASP D 47 -27.53 -20.27 -63.93
C ASP D 47 -27.80 -20.39 -62.45
N TYR D 48 -27.77 -19.25 -61.77
CA TYR D 48 -28.05 -19.22 -60.34
C TYR D 48 -29.56 -18.99 -60.15
N ARG D 49 -30.26 -19.97 -59.60
CA ARG D 49 -31.68 -19.79 -59.23
C ARG D 49 -31.92 -19.96 -57.73
N ASP D 50 -32.91 -19.25 -57.20
CA ASP D 50 -33.28 -19.40 -55.79
C ASP D 50 -34.00 -20.73 -55.56
N GLN D 51 -34.31 -21.04 -54.30
CA GLN D 51 -34.95 -22.30 -53.90
C GLN D 51 -36.29 -22.49 -54.59
N ASN D 52 -36.85 -21.38 -55.06
CA ASN D 52 -38.14 -21.36 -55.72
C ASN D 52 -38.08 -21.76 -57.19
N GLY D 53 -36.86 -21.82 -57.74
CA GLY D 53 -36.66 -22.25 -59.10
C GLY D 53 -36.34 -21.18 -60.14
N ASN D 54 -36.81 -19.94 -59.90
CA ASN D 54 -36.60 -18.83 -60.84
C ASN D 54 -35.13 -18.37 -60.93
N ILE D 55 -34.66 -18.09 -62.14
CA ILE D 55 -33.26 -17.67 -62.35
C ILE D 55 -33.07 -16.26 -61.84
N VAL D 56 -32.27 -16.09 -60.80
CA VAL D 56 -32.11 -14.78 -60.22
C VAL D 56 -30.87 -14.06 -60.73
N SER D 57 -29.90 -14.83 -61.23
CA SER D 57 -28.64 -14.27 -61.70
C SER D 57 -27.82 -15.24 -62.57
N GLN D 58 -26.88 -14.70 -63.32
CA GLN D 58 -25.98 -15.50 -64.13
C GLN D 58 -24.51 -15.16 -63.90
N LYS D 59 -23.64 -16.15 -63.93
CA LYS D 59 -22.23 -15.85 -63.98
C LYS D 59 -21.73 -16.38 -65.32
N VAL D 60 -21.37 -15.48 -66.22
CA VAL D 60 -20.94 -15.85 -67.57
C VAL D 60 -19.42 -15.77 -67.75
N ARG D 61 -18.86 -16.68 -68.54
CA ARG D 61 -17.42 -16.76 -68.79
C ARG D 61 -17.09 -16.61 -70.28
N ASP D 62 -15.93 -16.02 -70.57
CA ASP D 62 -15.34 -16.21 -71.89
C ASP D 62 -13.97 -16.91 -71.81
N LYS D 63 -13.58 -17.53 -72.91
CA LYS D 63 -12.36 -18.32 -73.02
C LYS D 63 -11.21 -17.82 -72.14
N ASP D 64 -10.76 -16.61 -72.42
CA ASP D 64 -9.52 -16.05 -71.86
C ASP D 64 -9.48 -15.93 -70.33
N LYS D 65 -10.61 -16.26 -69.69
CA LYS D 65 -10.56 -16.19 -68.26
C LYS D 65 -11.18 -14.93 -67.69
N ASN D 66 -12.10 -14.30 -68.39
CA ASN D 66 -12.95 -13.18 -67.98
C ASN D 66 -14.31 -13.58 -67.38
N PHE D 67 -15.07 -12.58 -66.95
CA PHE D 67 -16.46 -12.78 -66.51
C PHE D 67 -17.45 -11.72 -66.99
N LYS D 68 -18.70 -11.93 -66.57
CA LYS D 68 -19.83 -11.02 -66.80
C LYS D 68 -21.00 -11.60 -65.97
N THR D 69 -21.44 -10.89 -64.94
CA THR D 69 -22.50 -11.37 -64.04
C THR D 69 -23.90 -10.74 -64.25
N THR D 70 -24.85 -11.55 -64.72
CA THR D 70 -26.19 -11.09 -65.04
C THR D 70 -27.16 -11.19 -63.86
N GLY D 71 -28.25 -10.46 -63.92
CA GLY D 71 -29.24 -10.50 -62.87
C GLY D 71 -28.75 -9.80 -61.62
N SER D 72 -29.29 -10.21 -60.50
CA SER D 72 -28.89 -9.62 -59.23
C SER D 72 -28.31 -10.72 -58.37
N HIS D 73 -26.97 -10.77 -58.31
CA HIS D 73 -26.23 -11.82 -57.60
C HIS D 73 -26.18 -11.57 -56.10
N LYS D 74 -27.25 -11.95 -55.40
CA LYS D 74 -27.42 -11.58 -53.99
C LYS D 74 -26.36 -12.22 -53.12
N SER D 75 -26.16 -11.63 -51.94
CA SER D 75 -25.10 -12.04 -51.02
C SER D 75 -25.20 -13.49 -50.49
N ASP D 76 -26.28 -14.18 -50.90
CA ASP D 76 -26.59 -15.54 -50.47
C ASP D 76 -26.65 -16.56 -51.63
N ALA D 77 -26.06 -16.18 -52.76
CA ALA D 77 -26.14 -17.02 -53.97
C ALA D 77 -25.43 -18.33 -53.76
N LEU D 78 -26.11 -19.42 -54.10
CA LEU D 78 -25.51 -20.76 -54.10
C LEU D 78 -25.85 -21.44 -55.41
N PHE D 79 -24.84 -21.78 -56.19
CA PHE D 79 -25.07 -22.39 -57.49
C PHE D 79 -25.39 -23.86 -57.31
N GLY D 80 -26.62 -24.22 -57.62
CA GLY D 80 -27.07 -25.58 -57.46
C GLY D 80 -28.12 -25.66 -56.38
N LYS D 81 -28.19 -24.59 -55.58
CA LYS D 81 -29.11 -24.49 -54.43
C LYS D 81 -30.55 -24.98 -54.73
N HIS D 82 -31.07 -24.62 -55.89
CA HIS D 82 -32.48 -24.89 -56.18
C HIS D 82 -32.78 -26.39 -56.34
N LEU D 83 -31.72 -27.17 -56.49
CA LEU D 83 -31.85 -28.59 -56.80
C LEU D 83 -32.24 -29.43 -55.58
N TRP D 84 -31.71 -29.03 -54.41
CA TRP D 84 -31.87 -29.75 -53.12
C TRP D 84 -32.54 -28.94 -52.00
N ASN D 85 -33.65 -29.45 -51.51
CA ASN D 85 -34.31 -28.86 -50.35
C ASN D 85 -34.41 -30.00 -49.37
N GLY D 86 -33.34 -30.14 -48.58
CA GLY D 86 -33.21 -31.22 -47.60
C GLY D 86 -32.28 -32.33 -48.06
N GLY D 87 -31.94 -33.23 -47.15
CA GLY D 87 -31.10 -34.36 -47.49
C GLY D 87 -30.28 -34.79 -46.31
N LYS D 88 -29.58 -35.92 -46.45
CA LYS D 88 -28.70 -36.41 -45.39
C LYS D 88 -27.29 -35.77 -45.37
N LYS D 89 -26.88 -35.12 -46.46
CA LYS D 89 -25.50 -34.64 -46.62
C LYS D 89 -25.38 -33.78 -47.88
N ILE D 90 -24.77 -32.62 -47.77
CA ILE D 90 -24.59 -31.73 -48.93
C ILE D 90 -23.14 -31.23 -49.02
N VAL D 91 -22.44 -31.59 -50.09
CA VAL D 91 -21.09 -31.11 -50.34
C VAL D 91 -21.20 -29.68 -50.75
N VAL D 92 -20.28 -28.85 -50.29
CA VAL D 92 -20.28 -27.46 -50.72
C VAL D 92 -18.90 -27.10 -51.27
N THR D 93 -18.83 -26.83 -52.58
CA THR D 93 -17.56 -26.57 -53.27
C THR D 93 -17.32 -25.08 -53.57
N GLU D 94 -16.04 -24.75 -53.77
CA GLU D 94 -15.58 -23.39 -53.99
C GLU D 94 -16.18 -22.77 -55.24
N GLY D 95 -16.00 -23.43 -56.39
CA GLY D 95 -16.54 -22.95 -57.67
C GLY D 95 -17.58 -23.79 -58.43
N GLU D 96 -18.15 -23.20 -59.49
CA GLU D 96 -19.17 -23.89 -60.28
C GLU D 96 -18.65 -25.20 -60.88
N ILE D 97 -17.44 -25.17 -61.43
CA ILE D 97 -16.88 -26.33 -62.14
C ILE D 97 -16.72 -27.51 -61.19
N ASP D 98 -16.26 -27.22 -59.97
CA ASP D 98 -16.07 -28.27 -58.97
C ASP D 98 -17.39 -28.87 -58.51
N MET D 99 -18.44 -28.06 -58.44
CA MET D 99 -19.79 -28.56 -58.20
C MET D 99 -20.17 -29.57 -59.29
N LEU D 100 -20.05 -29.15 -60.54
CA LEU D 100 -20.26 -30.03 -61.70
C LEU D 100 -19.50 -31.36 -61.57
N THR D 101 -18.34 -31.32 -60.93
CA THR D 101 -17.52 -32.52 -60.73
C THR D 101 -18.14 -33.56 -59.78
N VAL D 102 -18.44 -33.14 -58.55
CA VAL D 102 -19.09 -33.99 -57.53
C VAL D 102 -20.44 -34.49 -58.05
N MET D 103 -21.12 -33.63 -58.81
CA MET D 103 -22.39 -33.94 -59.48
C MET D 103 -22.28 -35.05 -60.50
N GLU D 104 -21.07 -35.54 -60.71
CA GLU D 104 -20.78 -36.52 -61.75
C GLU D 104 -20.50 -37.85 -61.12
N LEU D 105 -19.33 -37.52 -60.67
CA LEU D 105 -18.96 -38.68 -59.89
C LEU D 105 -20.10 -39.32 -59.14
N GLN D 106 -21.16 -38.58 -58.89
CA GLN D 106 -22.26 -39.16 -58.14
C GLN D 106 -23.47 -39.45 -59.01
N ASP D 107 -23.32 -39.20 -60.31
CA ASP D 107 -24.42 -39.41 -61.24
C ASP D 107 -25.55 -38.45 -60.84
N CYS D 108 -25.15 -37.25 -60.45
CA CYS D 108 -26.08 -36.18 -60.02
C CYS D 108 -27.19 -36.57 -59.06
N LYS D 109 -26.95 -37.56 -58.20
CA LYS D 109 -28.01 -38.02 -57.30
C LYS D 109 -27.99 -37.47 -55.88
N TYR D 110 -26.99 -36.66 -55.56
CA TYR D 110 -26.89 -36.14 -54.21
C TYR D 110 -26.52 -34.67 -54.12
N PRO D 111 -26.48 -34.04 -53.00
CA PRO D 111 -26.55 -32.59 -53.28
C PRO D 111 -25.19 -31.91 -53.28
N VAL D 112 -25.00 -31.05 -54.25
CA VAL D 112 -23.82 -30.21 -54.33
C VAL D 112 -24.28 -28.83 -54.77
N VAL D 113 -23.75 -27.82 -54.09
CA VAL D 113 -23.97 -26.45 -54.44
C VAL D 113 -22.58 -25.88 -54.42
N SER D 114 -22.36 -24.76 -55.10
CA SER D 114 -21.07 -24.04 -55.02
C SER D 114 -21.25 -22.60 -54.47
N LEU D 115 -20.20 -22.08 -53.83
CA LEU D 115 -20.24 -20.74 -53.27
C LEU D 115 -20.51 -19.69 -54.35
N GLY D 116 -21.34 -18.70 -54.03
CA GLY D 116 -21.78 -17.70 -55.00
C GLY D 116 -20.69 -16.69 -55.36
N HIS D 117 -19.90 -16.35 -54.35
CA HIS D 117 -18.77 -15.46 -54.54
C HIS D 117 -17.57 -16.19 -53.93
N GLY D 118 -17.82 -17.48 -53.69
CA GLY D 118 -16.84 -18.47 -53.29
C GLY D 118 -15.63 -18.01 -52.48
N ALA D 119 -14.46 -18.13 -53.12
CA ALA D 119 -13.19 -17.66 -52.62
C ALA D 119 -13.29 -16.94 -51.27
N SER D 120 -13.43 -15.62 -51.38
CA SER D 120 -13.27 -14.69 -50.26
C SER D 120 -14.55 -14.52 -49.44
N ALA D 121 -15.69 -14.57 -50.12
CA ALA D 121 -17.00 -14.37 -49.48
C ALA D 121 -17.55 -15.66 -48.91
N ALA D 122 -16.65 -16.48 -48.37
CA ALA D 122 -17.03 -17.73 -47.76
C ALA D 122 -17.88 -17.49 -46.51
N LYS D 123 -17.42 -16.59 -45.63
CA LYS D 123 -18.15 -16.27 -44.41
C LYS D 123 -19.56 -15.71 -44.68
N LYS D 124 -19.66 -14.66 -45.50
CA LYS D 124 -20.96 -14.02 -45.83
C LYS D 124 -21.94 -14.94 -46.56
N THR D 125 -21.53 -15.48 -47.71
CA THR D 125 -22.39 -16.36 -48.49
C THR D 125 -22.96 -17.48 -47.64
N CYS D 126 -22.14 -17.96 -46.72
CA CYS D 126 -22.52 -19.09 -45.88
C CYS D 126 -23.53 -18.75 -44.79
N ALA D 127 -23.24 -17.78 -43.94
CA ALA D 127 -24.16 -17.36 -42.86
C ALA D 127 -25.49 -16.82 -43.41
N ALA D 128 -25.44 -16.31 -44.63
CA ALA D 128 -26.62 -15.92 -45.34
C ALA D 128 -27.56 -17.11 -45.55
N ASN D 129 -27.02 -18.31 -45.46
CA ASN D 129 -27.73 -19.53 -45.82
C ASN D 129 -27.94 -20.54 -44.72
N TYR D 130 -27.80 -20.11 -43.45
CA TYR D 130 -27.86 -20.98 -42.27
C TYR D 130 -29.03 -21.93 -42.36
N GLU D 131 -30.22 -21.36 -42.49
CA GLU D 131 -31.44 -22.12 -42.66
C GLU D 131 -31.34 -23.15 -43.80
N TYR D 132 -31.00 -22.69 -45.02
CA TYR D 132 -30.91 -23.59 -46.16
C TYR D 132 -30.02 -24.81 -45.87
N PHE D 133 -28.79 -24.57 -45.42
CA PHE D 133 -27.86 -25.65 -45.12
C PHE D 133 -28.27 -26.55 -43.95
N ASP D 134 -28.99 -25.99 -42.97
CA ASP D 134 -29.46 -26.76 -41.80
C ASP D 134 -30.51 -27.79 -42.22
N GLN D 135 -31.04 -27.61 -43.44
CA GLN D 135 -31.93 -28.60 -44.07
C GLN D 135 -31.27 -29.97 -44.25
N PHE D 136 -29.95 -30.02 -44.13
CA PHE D 136 -29.21 -31.26 -44.25
C PHE D 136 -28.54 -31.67 -42.94
N GLU D 137 -28.32 -32.97 -42.80
CA GLU D 137 -27.73 -33.59 -41.60
C GLU D 137 -26.25 -33.21 -41.40
N GLN D 138 -25.45 -33.26 -42.45
CA GLN D 138 -24.04 -32.84 -42.38
C GLN D 138 -23.59 -32.02 -43.60
N ILE D 139 -22.79 -30.98 -43.36
CA ILE D 139 -22.34 -30.08 -44.42
C ILE D 139 -20.85 -30.32 -44.67
N ILE D 140 -20.53 -30.84 -45.84
CA ILE D 140 -19.17 -31.20 -46.18
C ILE D 140 -18.49 -30.10 -46.98
N LEU D 141 -17.62 -29.36 -46.33
CA LEU D 141 -16.93 -28.28 -47.02
C LEU D 141 -15.77 -28.81 -47.88
N MET D 142 -15.97 -28.88 -49.20
CA MET D 142 -14.92 -29.29 -50.14
C MET D 142 -14.32 -28.08 -50.88
N PHE D 143 -13.55 -27.27 -50.16
CA PHE D 143 -12.95 -26.08 -50.75
C PHE D 143 -11.55 -26.35 -51.32
N ASP D 144 -10.94 -25.30 -51.89
CA ASP D 144 -9.56 -25.32 -52.40
C ASP D 144 -8.54 -25.81 -51.36
N MET D 145 -7.52 -26.53 -51.84
CA MET D 145 -6.47 -27.10 -50.97
C MET D 145 -5.24 -26.20 -50.87
N ASP D 146 -5.46 -24.91 -50.63
CA ASP D 146 -4.38 -23.92 -50.59
C ASP D 146 -4.54 -22.95 -49.42
N GLU D 147 -3.53 -22.10 -49.23
CA GLU D 147 -3.57 -20.95 -48.30
C GLU D 147 -5.01 -20.46 -48.03
N ALA D 148 -5.52 -19.65 -48.95
CA ALA D 148 -6.80 -18.97 -48.78
C ALA D 148 -8.01 -19.92 -48.75
N GLY D 149 -7.79 -21.12 -49.27
CA GLY D 149 -8.84 -22.13 -49.40
C GLY D 149 -9.12 -22.85 -48.09
N ARG D 150 -8.06 -23.12 -47.31
CA ARG D 150 -8.22 -23.61 -45.94
C ARG D 150 -8.85 -22.50 -45.09
N LYS D 151 -8.43 -21.25 -45.33
CA LYS D 151 -8.99 -20.10 -44.61
C LYS D 151 -10.48 -20.02 -44.88
N ALA D 152 -10.86 -20.17 -46.14
CA ALA D 152 -12.25 -20.14 -46.50
C ALA D 152 -13.04 -21.11 -45.64
N VAL D 153 -12.60 -22.36 -45.62
CA VAL D 153 -13.20 -23.39 -44.76
C VAL D 153 -13.41 -22.89 -43.33
N GLU D 154 -12.35 -22.39 -42.72
CA GLU D 154 -12.39 -21.87 -41.35
C GLU D 154 -13.48 -20.83 -41.09
N GLU D 155 -13.47 -19.76 -41.88
CA GLU D 155 -14.45 -18.68 -41.79
C GLU D 155 -15.85 -19.18 -42.09
N ALA D 156 -15.91 -20.19 -42.96
CA ALA D 156 -17.17 -20.80 -43.34
C ALA D 156 -17.83 -21.52 -42.17
N ALA D 157 -17.11 -22.48 -41.61
CA ALA D 157 -17.62 -23.33 -40.54
C ALA D 157 -18.02 -22.50 -39.31
N GLN D 158 -17.24 -21.46 -39.04
CA GLN D 158 -17.55 -20.54 -37.95
C GLN D 158 -19.01 -20.10 -37.99
N VAL D 159 -19.48 -19.65 -39.16
CA VAL D 159 -20.84 -19.13 -39.33
C VAL D 159 -21.87 -20.22 -39.64
N LEU D 160 -21.41 -21.44 -39.96
CA LEU D 160 -22.28 -22.59 -40.30
C LEU D 160 -22.79 -23.34 -39.07
N PRO D 161 -23.94 -24.00 -39.23
CA PRO D 161 -24.68 -24.62 -38.11
C PRO D 161 -24.00 -25.76 -37.34
N ALA D 162 -23.82 -25.55 -36.02
CA ALA D 162 -23.51 -26.61 -35.06
C ALA D 162 -22.46 -27.68 -35.46
N GLY D 163 -22.69 -28.94 -35.10
CA GLY D 163 -21.73 -30.01 -35.32
C GLY D 163 -21.94 -30.75 -36.63
N LYS D 164 -22.21 -29.99 -37.67
CA LYS D 164 -22.53 -30.59 -38.95
C LYS D 164 -21.38 -30.49 -39.92
N VAL D 165 -20.55 -29.49 -39.77
CA VAL D 165 -19.51 -29.27 -40.75
C VAL D 165 -18.39 -30.29 -40.72
N ARG D 166 -18.01 -30.78 -41.89
CA ARG D 166 -16.82 -31.62 -41.99
C ARG D 166 -15.97 -31.19 -43.19
N VAL D 167 -14.66 -31.07 -43.00
CA VAL D 167 -13.80 -30.59 -44.06
C VAL D 167 -13.38 -31.71 -45.02
N ALA D 168 -13.45 -31.40 -46.30
CA ALA D 168 -12.98 -32.30 -47.35
C ALA D 168 -11.46 -32.13 -47.50
N VAL D 169 -10.75 -33.21 -47.77
CA VAL D 169 -9.30 -33.18 -47.93
C VAL D 169 -8.87 -33.96 -49.17
N LEU D 170 -8.64 -33.25 -50.26
CA LEU D 170 -8.27 -33.86 -51.53
C LEU D 170 -6.76 -33.85 -51.75
N PRO D 171 -6.31 -34.70 -52.63
CA PRO D 171 -4.90 -34.74 -53.06
C PRO D 171 -4.41 -33.52 -53.88
N CYS D 172 -5.32 -32.74 -54.48
CA CYS D 172 -4.91 -31.61 -55.34
C CYS D 172 -5.68 -30.33 -55.07
N LYS D 173 -5.40 -29.29 -55.85
CA LYS D 173 -5.95 -27.97 -55.58
C LYS D 173 -7.45 -28.01 -55.30
N ASP D 174 -8.23 -28.59 -56.21
CA ASP D 174 -9.67 -28.70 -56.02
C ASP D 174 -10.25 -30.02 -56.49
N ALA D 175 -11.54 -30.24 -56.25
CA ALA D 175 -12.19 -31.50 -56.60
C ALA D 175 -12.13 -31.86 -58.11
N ASN D 176 -12.01 -30.85 -58.96
CA ASN D 176 -11.86 -31.06 -60.41
C ASN D 176 -10.44 -31.43 -60.85
N GLU D 177 -9.44 -30.82 -60.21
CA GLU D 177 -8.04 -31.15 -60.50
C GLU D 177 -7.85 -32.64 -60.27
N CYS D 178 -8.62 -33.16 -59.32
CA CYS D 178 -8.60 -34.59 -59.02
C CYS D 178 -9.20 -35.38 -60.17
N HIS D 179 -10.44 -35.06 -60.51
CA HIS D 179 -11.14 -35.70 -61.62
C HIS D 179 -10.30 -35.70 -62.92
N LEU D 180 -9.90 -34.50 -63.36
CA LEU D 180 -9.01 -34.33 -64.50
C LEU D 180 -7.82 -35.26 -64.31
N ASN D 181 -7.93 -36.42 -64.93
CA ASN D 181 -7.06 -37.56 -64.62
C ASN D 181 -6.31 -37.47 -63.27
N GLY D 182 -6.79 -38.29 -62.34
CA GLY D 182 -6.13 -38.49 -61.07
C GLY D 182 -6.93 -39.48 -60.26
N HIS D 183 -7.62 -38.94 -59.26
CA HIS D 183 -8.20 -39.75 -58.22
C HIS D 183 -9.65 -39.38 -57.98
N ASP D 184 -10.52 -39.91 -58.83
CA ASP D 184 -11.94 -39.82 -58.59
C ASP D 184 -12.24 -40.43 -57.23
N ARG D 185 -11.69 -41.61 -56.98
CA ARG D 185 -11.96 -42.37 -55.76
C ARG D 185 -11.52 -41.63 -54.49
N GLU D 186 -10.60 -40.67 -54.65
CA GLU D 186 -10.17 -39.83 -53.54
C GLU D 186 -11.27 -38.84 -53.18
N ILE D 187 -11.89 -38.22 -54.19
CA ILE D 187 -13.04 -37.35 -53.99
C ILE D 187 -14.17 -38.10 -53.28
N MET D 188 -14.43 -39.31 -53.76
CA MET D 188 -15.47 -40.20 -53.23
C MET D 188 -15.30 -40.51 -51.75
N GLU D 189 -14.10 -40.97 -51.36
CA GLU D 189 -13.80 -41.31 -49.98
C GLU D 189 -14.06 -40.14 -49.03
N GLN D 190 -14.29 -38.93 -49.59
CA GLN D 190 -14.56 -37.69 -48.82
C GLN D 190 -16.04 -37.32 -48.72
N VAL D 191 -16.70 -37.28 -49.87
CA VAL D 191 -18.16 -37.12 -49.94
C VAL D 191 -18.85 -38.03 -48.91
N TRP D 192 -18.61 -39.34 -49.00
CA TRP D 192 -18.94 -40.21 -47.88
C TRP D 192 -17.91 -39.97 -46.82
N ASN D 193 -18.37 -39.58 -45.65
CA ASN D 193 -17.52 -39.77 -44.47
C ASN D 193 -16.22 -38.93 -44.51
N ALA D 194 -16.34 -37.61 -44.54
CA ALA D 194 -15.15 -36.78 -44.42
C ALA D 194 -14.87 -36.46 -42.97
N GLY D 195 -13.66 -35.99 -42.70
CA GLY D 195 -13.25 -35.54 -41.37
C GLY D 195 -14.00 -34.30 -40.89
N PRO D 196 -13.83 -34.04 -39.50
CA PRO D 196 -14.52 -32.87 -38.73
C PRO D 196 -13.65 -31.65 -38.39
N TRP D 197 -13.99 -30.41 -38.66
CA TRP D 197 -13.12 -29.32 -38.10
C TRP D 197 -13.20 -27.83 -38.58
N ILE D 198 -13.09 -26.89 -37.63
CA ILE D 198 -12.71 -25.48 -37.92
C ILE D 198 -11.63 -24.90 -36.92
N PRO D 199 -10.74 -25.82 -36.56
CA PRO D 199 -9.50 -25.76 -35.80
C PRO D 199 -8.24 -25.13 -36.39
N ASP D 200 -7.85 -23.93 -35.95
CA ASP D 200 -6.70 -23.28 -36.55
C ASP D 200 -5.47 -23.48 -35.68
N GLY D 201 -5.17 -24.73 -35.38
CA GLY D 201 -3.98 -25.02 -34.60
C GLY D 201 -4.05 -26.42 -34.05
N VAL D 202 -5.21 -27.04 -34.17
CA VAL D 202 -5.36 -28.42 -33.85
C VAL D 202 -5.03 -29.14 -35.13
N VAL D 203 -4.34 -30.28 -35.01
CA VAL D 203 -3.73 -30.93 -36.15
C VAL D 203 -3.64 -32.42 -36.01
N SER D 204 -4.59 -33.19 -36.57
CA SER D 204 -4.57 -34.64 -36.41
C SER D 204 -3.24 -35.26 -36.89
N ALA D 205 -2.78 -36.31 -36.21
CA ALA D 205 -1.46 -36.88 -36.46
C ALA D 205 -1.33 -37.34 -37.87
N LEU D 206 -2.33 -38.07 -38.34
CA LEU D 206 -2.41 -38.58 -39.70
C LEU D 206 -2.00 -37.50 -40.68
N SER D 207 -2.49 -36.31 -40.45
CA SER D 207 -2.27 -35.20 -41.35
C SER D 207 -0.91 -34.58 -41.26
N LEU D 208 0.03 -35.29 -40.65
CA LEU D 208 1.39 -34.78 -40.49
C LEU D 208 2.44 -35.60 -41.22
N ARG D 209 2.01 -36.73 -41.81
CA ARG D 209 2.94 -37.64 -42.47
C ARG D 209 4.02 -36.84 -43.17
N GLU D 210 3.59 -36.00 -44.10
CA GLU D 210 4.56 -35.37 -44.97
C GLU D 210 5.45 -34.45 -44.20
N ARG D 211 4.86 -33.58 -43.38
CA ARG D 211 5.67 -32.66 -42.59
C ARG D 211 6.78 -33.39 -41.80
N ILE D 212 6.42 -34.56 -41.26
CA ILE D 212 7.32 -35.44 -40.52
C ILE D 212 8.48 -35.93 -41.39
N ARG D 213 8.13 -36.65 -42.46
CA ARG D 213 9.11 -37.21 -43.37
C ARG D 213 10.15 -36.15 -43.64
N GLU D 214 9.70 -34.99 -44.10
CA GLU D 214 10.62 -33.96 -44.56
C GLU D 214 11.43 -33.45 -43.38
N HIS D 215 10.83 -33.49 -42.18
CA HIS D 215 11.59 -33.18 -40.96
C HIS D 215 12.75 -34.15 -40.77
N LEU D 216 12.43 -35.43 -40.74
CA LEU D 216 13.41 -36.46 -40.45
C LEU D 216 14.69 -36.32 -41.27
N SER D 217 14.53 -36.06 -42.56
CA SER D 217 15.66 -35.85 -43.45
C SER D 217 16.34 -34.52 -43.20
N SER D 218 15.55 -33.46 -43.13
CA SER D 218 16.09 -32.11 -42.90
C SER D 218 16.94 -31.89 -41.64
N GLU D 219 16.34 -32.18 -40.48
CA GLU D 219 17.01 -31.93 -39.18
C GLU D 219 17.63 -33.11 -38.41
N GLU D 220 18.67 -32.72 -37.65
CA GLU D 220 19.85 -33.57 -37.52
C GLU D 220 20.37 -33.87 -36.09
N SER D 221 19.99 -35.08 -35.57
CA SER D 221 20.45 -35.84 -34.36
C SER D 221 21.68 -35.31 -33.68
N VAL D 222 22.80 -35.42 -34.42
CA VAL D 222 24.12 -34.93 -34.02
C VAL D 222 24.37 -33.49 -34.44
N GLY D 223 23.36 -32.63 -34.25
CA GLY D 223 23.42 -31.22 -34.65
C GLY D 223 24.57 -30.38 -34.09
N LEU D 224 25.57 -30.09 -34.93
CA LEU D 224 26.57 -29.09 -34.55
C LEU D 224 27.30 -29.44 -33.25
N LEU D 225 28.57 -29.80 -33.34
CA LEU D 225 29.20 -30.36 -32.15
C LEU D 225 30.00 -29.34 -31.41
N PHE D 226 29.74 -29.29 -30.10
CA PHE D 226 30.42 -28.36 -29.25
C PHE D 226 31.91 -28.64 -29.39
N SER D 227 32.68 -27.57 -29.35
CA SER D 227 34.10 -27.74 -29.55
C SER D 227 34.93 -27.37 -28.34
N GLY D 228 35.81 -28.32 -27.99
CA GLY D 228 36.77 -28.07 -26.95
C GLY D 228 36.49 -28.95 -25.76
N CYS D 229 35.61 -29.92 -25.95
CA CYS D 229 35.31 -30.79 -24.84
C CYS D 229 34.31 -31.89 -25.21
N THR D 230 34.73 -32.85 -26.04
CA THR D 230 33.89 -34.01 -26.27
C THR D 230 33.51 -34.44 -24.89
N GLY D 231 32.23 -34.58 -24.68
CA GLY D 231 31.76 -34.53 -23.33
C GLY D 231 30.55 -33.67 -23.48
N ILE D 232 30.73 -32.37 -23.49
CA ILE D 232 29.63 -31.53 -23.92
C ILE D 232 28.85 -32.27 -25.02
N ASN D 233 29.55 -32.92 -25.96
CA ASN D 233 28.92 -33.55 -27.12
C ASN D 233 28.34 -34.88 -26.72
N ASP D 234 29.19 -35.73 -26.17
CA ASP D 234 28.77 -37.00 -25.60
C ASP D 234 27.44 -36.91 -24.82
N LYS D 235 27.28 -35.87 -24.02
CA LYS D 235 26.13 -35.81 -23.15
C LYS D 235 24.99 -35.09 -23.82
N THR D 236 25.25 -34.09 -24.65
CA THR D 236 24.14 -33.31 -25.25
C THR D 236 23.87 -33.64 -26.69
N LEU D 237 24.78 -34.36 -27.33
CA LEU D 237 24.56 -34.70 -28.72
C LEU D 237 24.49 -33.47 -29.59
N GLY D 238 24.98 -32.36 -29.06
CA GLY D 238 25.20 -31.15 -29.84
C GLY D 238 24.13 -30.09 -29.70
N ALA D 239 24.20 -29.16 -30.64
CA ALA D 239 23.24 -28.09 -30.70
C ALA D 239 22.37 -28.29 -31.93
N ARG D 240 21.23 -28.91 -31.68
CA ARG D 240 20.24 -29.11 -32.70
C ARG D 240 19.49 -27.81 -32.95
N GLY D 241 19.21 -27.53 -34.21
CA GLY D 241 18.46 -26.33 -34.58
C GLY D 241 17.12 -26.22 -33.84
N GLY D 242 16.64 -24.98 -33.67
CA GLY D 242 15.38 -24.72 -32.97
C GLY D 242 15.49 -24.87 -31.47
N GLU D 243 16.58 -25.51 -31.00
CA GLU D 243 16.91 -25.61 -29.57
C GLU D 243 17.22 -24.21 -29.02
N VAL D 244 17.46 -24.12 -27.72
CA VAL D 244 17.97 -22.91 -27.13
C VAL D 244 19.05 -23.27 -26.13
N ILE D 245 20.31 -23.23 -26.55
CA ILE D 245 21.42 -23.57 -25.65
C ILE D 245 21.69 -22.40 -24.74
N MET D 246 21.98 -22.65 -23.48
CA MET D 246 22.19 -21.58 -22.53
C MET D 246 23.49 -21.85 -21.80
N VAL D 247 24.48 -21.01 -22.07
CA VAL D 247 25.76 -21.11 -21.38
C VAL D 247 25.71 -20.22 -20.18
N THR D 248 26.10 -20.74 -19.01
CA THR D 248 26.11 -19.94 -17.80
C THR D 248 27.32 -20.21 -16.95
N SER D 249 27.64 -19.25 -16.10
CA SER D 249 28.58 -19.50 -15.02
C SER D 249 28.97 -18.27 -14.25
N GLY D 250 29.79 -18.51 -13.25
CA GLY D 250 30.33 -17.47 -12.41
C GLY D 250 30.95 -16.37 -13.25
N SER D 251 31.88 -15.62 -12.62
CA SER D 251 32.55 -14.48 -13.27
C SER D 251 32.99 -14.78 -14.71
N GLY D 252 33.07 -16.06 -15.06
CA GLY D 252 33.28 -16.48 -16.43
C GLY D 252 33.37 -15.39 -17.49
N MET D 253 34.60 -15.06 -17.85
CA MET D 253 34.89 -14.54 -19.16
C MET D 253 35.19 -15.85 -19.90
N VAL D 254 35.75 -16.78 -19.15
CA VAL D 254 35.77 -18.20 -19.47
C VAL D 254 34.52 -18.49 -20.24
N MET D 255 33.40 -17.99 -19.73
CA MET D 255 32.11 -18.17 -20.39
C MET D 255 32.06 -17.47 -21.74
N SER D 256 32.41 -16.21 -21.77
CA SER D 256 32.43 -15.46 -23.04
C SER D 256 33.48 -15.89 -24.09
N THR D 257 34.47 -16.67 -23.66
CA THR D 257 35.44 -17.28 -24.56
C THR D 257 34.83 -18.53 -25.12
N PHE D 258 34.29 -19.34 -24.20
CA PHE D 258 33.74 -20.61 -24.57
C PHE D 258 32.78 -20.34 -25.71
N VAL D 259 31.84 -19.44 -25.53
CA VAL D 259 30.87 -19.17 -26.57
C VAL D 259 31.55 -18.73 -27.81
N ARG D 260 32.55 -17.88 -27.62
CA ARG D 260 33.28 -17.27 -28.73
C ARG D 260 33.96 -18.37 -29.57
N GLN D 261 34.58 -19.29 -28.85
CA GLN D 261 35.25 -20.39 -29.47
C GLN D 261 34.26 -21.11 -30.37
N GLN D 262 33.12 -21.50 -29.82
CA GLN D 262 32.10 -22.20 -30.57
C GLN D 262 31.74 -21.43 -31.84
N ALA D 263 31.32 -20.17 -31.67
CA ALA D 263 31.08 -19.24 -32.80
C ALA D 263 32.15 -19.51 -33.83
N LEU D 264 33.40 -19.41 -33.38
CA LEU D 264 34.55 -19.62 -34.23
C LEU D 264 34.42 -20.89 -35.02
N GLN D 265 34.56 -22.05 -34.40
CA GLN D 265 34.61 -23.32 -35.18
C GLN D 265 33.33 -23.66 -35.98
N TRP D 266 32.16 -23.18 -35.54
CA TRP D 266 30.92 -23.35 -36.33
C TRP D 266 30.92 -22.56 -37.63
N GLY D 267 31.56 -21.40 -37.60
CA GLY D 267 31.58 -20.49 -38.72
C GLY D 267 32.75 -20.72 -39.65
N THR D 268 33.53 -21.77 -39.40
CA THR D 268 34.72 -21.94 -40.20
C THR D 268 34.94 -23.38 -40.51
N ALA D 269 35.08 -24.19 -39.48
CA ALA D 269 35.24 -25.64 -39.69
C ALA D 269 33.98 -26.16 -40.38
N MET D 270 32.89 -25.99 -39.65
CA MET D 270 31.59 -26.25 -40.17
C MET D 270 31.20 -25.14 -41.12
N GLY D 271 30.24 -25.38 -41.99
CA GLY D 271 29.89 -24.36 -42.96
C GLY D 271 29.08 -23.21 -42.36
N LYS D 272 28.51 -23.45 -41.20
CA LYS D 272 27.41 -22.62 -40.74
C LYS D 272 27.74 -21.14 -40.60
N LYS D 273 26.76 -20.31 -40.93
CA LYS D 273 26.79 -18.86 -40.76
C LYS D 273 26.44 -18.46 -39.33
N VAL D 274 27.38 -17.90 -38.59
CA VAL D 274 27.06 -17.45 -37.26
C VAL D 274 26.59 -16.00 -37.22
N GLY D 275 25.59 -15.73 -36.40
CA GLY D 275 25.18 -14.36 -36.13
C GLY D 275 25.42 -14.05 -34.67
N LEU D 276 26.05 -12.91 -34.36
CA LEU D 276 26.46 -12.59 -33.00
C LEU D 276 25.88 -11.30 -32.57
N ALA D 277 25.26 -11.33 -31.41
CA ALA D 277 24.78 -10.13 -30.73
C ALA D 277 25.53 -10.11 -29.43
N MET D 278 26.69 -9.48 -29.49
CA MET D 278 27.54 -9.42 -28.34
C MET D 278 27.21 -8.12 -27.62
N LEU D 279 26.11 -8.06 -26.87
CA LEU D 279 25.62 -6.74 -26.37
C LEU D 279 26.55 -5.98 -25.46
N GLU D 280 27.55 -6.67 -24.90
CA GLU D 280 28.46 -6.10 -23.92
C GLU D 280 29.40 -5.16 -24.60
N GLU D 281 30.04 -5.69 -25.65
CA GLU D 281 31.13 -5.02 -26.34
C GLU D 281 30.77 -4.52 -27.75
N SER D 282 31.69 -3.78 -28.37
CA SER D 282 31.47 -3.19 -29.69
C SER D 282 31.55 -4.26 -30.76
N VAL D 283 31.17 -3.92 -31.97
CA VAL D 283 31.18 -4.91 -33.01
C VAL D 283 32.62 -5.04 -33.55
N GLU D 284 33.34 -3.92 -33.58
CA GLU D 284 34.76 -3.95 -33.91
C GLU D 284 35.46 -4.88 -32.93
N GLU D 285 35.26 -4.60 -31.65
CA GLU D 285 35.88 -5.32 -30.55
C GLU D 285 35.75 -6.80 -30.72
N THR D 286 34.52 -7.29 -30.82
CA THR D 286 34.32 -8.73 -30.90
C THR D 286 35.01 -9.33 -32.14
N ALA D 287 34.93 -8.62 -33.25
CA ALA D 287 35.63 -9.01 -34.48
C ALA D 287 37.10 -9.25 -34.23
N GLU D 288 37.78 -8.31 -33.57
CA GLU D 288 39.18 -8.48 -33.17
C GLU D 288 39.36 -9.77 -32.38
N ASP D 289 38.51 -9.95 -31.38
CA ASP D 289 38.63 -11.06 -30.47
C ASP D 289 38.49 -12.34 -31.22
N LEU D 290 37.70 -12.34 -32.28
CA LEU D 290 37.58 -13.54 -33.11
C LEU D 290 38.92 -13.76 -33.81
N ILE D 291 39.31 -12.81 -34.67
CA ILE D 291 40.56 -12.84 -35.43
C ILE D 291 41.74 -13.32 -34.64
N GLY D 292 41.94 -12.74 -33.48
CA GLY D 292 43.03 -13.12 -32.61
C GLY D 292 42.86 -14.55 -32.15
N LEU D 293 41.64 -14.89 -31.77
CA LEU D 293 41.34 -16.21 -31.26
C LEU D 293 41.55 -17.26 -32.36
N HIS D 294 41.23 -16.86 -33.57
CA HIS D 294 41.37 -17.75 -34.69
C HIS D 294 42.81 -17.96 -34.99
N ASN D 295 43.63 -16.97 -34.70
CA ASN D 295 45.05 -17.08 -34.93
C ASN D 295 45.80 -17.41 -33.65
N ARG D 296 45.08 -17.85 -32.63
CA ARG D 296 45.76 -18.25 -31.41
C ARG D 296 46.76 -17.23 -30.87
N VAL D 297 46.37 -15.97 -30.84
CA VAL D 297 47.19 -14.92 -30.31
C VAL D 297 46.26 -13.96 -29.65
N ARG D 298 46.66 -13.38 -28.52
CA ARG D 298 45.79 -12.44 -27.78
C ARG D 298 45.82 -11.06 -28.41
N LEU D 299 45.04 -10.87 -29.46
CA LEU D 299 45.27 -9.73 -30.29
C LEU D 299 45.02 -8.39 -29.59
N ARG D 300 43.82 -8.14 -29.08
CA ARG D 300 43.58 -6.78 -28.57
C ARG D 300 44.52 -6.50 -27.43
N GLN D 301 44.80 -7.55 -26.69
CA GLN D 301 45.56 -7.45 -25.47
C GLN D 301 47.07 -7.23 -25.72
N SER D 302 47.44 -6.61 -26.84
CA SER D 302 48.87 -6.41 -27.16
C SER D 302 49.16 -5.31 -28.18
N ASP D 303 49.62 -4.17 -27.66
CA ASP D 303 49.99 -3.00 -28.44
C ASP D 303 50.89 -3.35 -29.63
N SER D 304 51.99 -4.04 -29.34
CA SER D 304 53.02 -4.35 -30.33
C SER D 304 52.53 -5.13 -31.54
N LEU D 305 51.82 -6.24 -31.27
CA LEU D 305 51.36 -7.13 -32.32
C LEU D 305 50.32 -6.42 -33.18
N LYS D 306 49.43 -5.66 -32.56
CA LYS D 306 48.46 -4.91 -33.32
C LYS D 306 49.23 -4.18 -34.40
N ARG D 307 50.19 -3.37 -33.99
CA ARG D 307 50.93 -2.53 -34.93
C ARG D 307 51.56 -3.37 -36.02
N GLU D 308 52.24 -4.41 -35.54
CA GLU D 308 52.93 -5.33 -36.38
C GLU D 308 52.07 -5.83 -37.52
N ILE D 309 50.93 -6.45 -37.24
CA ILE D 309 50.13 -6.98 -38.33
C ILE D 309 49.41 -5.93 -39.16
N ILE D 310 49.23 -4.73 -38.65
CA ILE D 310 48.65 -3.69 -39.49
C ILE D 310 49.60 -3.38 -40.61
N GLU D 311 50.88 -3.23 -40.26
CA GLU D 311 51.92 -2.88 -41.22
C GLU D 311 52.37 -4.05 -42.14
N ASN D 312 52.64 -5.21 -41.56
CA ASN D 312 53.18 -6.33 -42.32
C ASN D 312 52.13 -7.03 -43.14
N GLY D 313 50.98 -6.39 -43.30
CA GLY D 313 49.93 -6.91 -44.13
C GLY D 313 49.21 -8.11 -43.57
N LYS D 314 49.67 -8.61 -42.43
CA LYS D 314 49.10 -9.82 -41.88
C LYS D 314 47.66 -9.62 -41.47
N PHE D 315 47.30 -8.42 -41.05
CA PHE D 315 45.91 -8.13 -40.69
C PHE D 315 44.93 -8.37 -41.82
N ASP D 316 45.15 -7.71 -42.94
CA ASP D 316 44.25 -7.83 -44.07
C ASP D 316 44.22 -9.29 -44.53
N GLN D 317 45.28 -10.01 -44.21
CA GLN D 317 45.45 -11.40 -44.61
C GLN D 317 44.63 -12.30 -43.70
N TRP D 318 44.84 -12.17 -42.40
CA TRP D 318 44.11 -12.94 -41.43
C TRP D 318 42.65 -12.68 -41.54
N PHE D 319 42.30 -11.41 -41.73
CA PHE D 319 40.93 -10.94 -41.79
C PHE D 319 40.22 -11.59 -42.92
N ASP D 320 40.76 -11.48 -44.14
CA ASP D 320 40.25 -12.23 -45.27
C ASP D 320 40.12 -13.70 -44.88
N GLU D 321 41.23 -14.31 -44.48
CA GLU D 321 41.26 -15.70 -44.06
C GLU D 321 40.06 -16.16 -43.26
N LEU D 322 39.77 -15.44 -42.17
CA LEU D 322 38.68 -15.80 -41.29
C LEU D 322 37.33 -15.36 -41.80
N PHE D 323 37.24 -14.11 -42.21
CA PHE D 323 35.93 -13.55 -42.45
C PHE D 323 35.36 -13.70 -43.84
N GLY D 324 36.22 -13.75 -44.84
CA GLY D 324 35.83 -13.63 -46.23
C GLY D 324 35.06 -14.76 -46.85
N ASN D 325 34.18 -15.31 -46.04
CA ASN D 325 33.31 -16.37 -46.46
C ASN D 325 31.93 -15.97 -46.00
N ASP D 326 31.71 -14.66 -45.86
CA ASP D 326 30.43 -14.08 -45.44
C ASP D 326 29.67 -14.98 -44.54
N THR D 327 30.36 -15.44 -43.51
CA THR D 327 29.81 -16.43 -42.64
C THR D 327 29.49 -15.82 -41.25
N PHE D 328 30.31 -14.90 -40.76
CA PHE D 328 30.03 -14.21 -39.51
C PHE D 328 29.33 -12.91 -39.79
N HIS D 329 28.36 -12.58 -38.95
CA HIS D 329 27.67 -11.29 -38.98
C HIS D 329 27.26 -10.85 -37.59
N LEU D 330 27.36 -9.59 -37.29
CA LEU D 330 27.12 -9.16 -35.91
C LEU D 330 26.09 -8.06 -35.76
N TYR D 331 25.21 -8.20 -34.77
CA TYR D 331 24.35 -7.10 -34.38
C TYR D 331 25.22 -6.07 -33.71
N ASP D 332 25.16 -4.84 -34.15
CA ASP D 332 25.98 -3.80 -33.55
C ASP D 332 25.02 -2.78 -32.98
N SER D 333 25.22 -2.43 -31.71
CA SER D 333 24.23 -1.64 -30.94
C SER D 333 24.37 -0.10 -30.77
N PHE D 334 24.38 0.30 -29.49
CA PHE D 334 23.76 1.54 -28.98
C PHE D 334 22.23 1.55 -29.14
N GLU D 338 15.46 -1.83 -27.42
CA GLU D 338 14.33 -2.48 -26.74
C GLU D 338 14.54 -4.02 -26.57
N THR D 339 13.49 -4.72 -26.10
CA THR D 339 13.40 -6.18 -26.20
C THR D 339 12.84 -6.51 -27.59
N ASP D 340 11.71 -5.89 -27.92
CA ASP D 340 11.01 -6.13 -29.18
C ASP D 340 11.95 -5.76 -30.31
N ARG D 341 12.56 -4.58 -30.21
CA ARG D 341 13.57 -4.07 -31.15
C ARG D 341 14.76 -5.03 -31.37
N LEU D 342 15.25 -5.64 -30.30
CA LEU D 342 16.34 -6.60 -30.45
C LEU D 342 15.88 -7.81 -31.18
N LEU D 343 14.88 -8.43 -30.61
CA LEU D 343 14.30 -9.65 -31.15
C LEU D 343 14.08 -9.58 -32.65
N ALA D 344 13.68 -8.40 -33.10
CA ALA D 344 13.45 -8.15 -34.52
C ALA D 344 14.75 -8.24 -35.32
N LYS D 345 15.80 -7.58 -34.82
CA LYS D 345 17.09 -7.62 -35.48
C LYS D 345 17.56 -9.08 -35.60
N LEU D 346 17.55 -9.77 -34.48
CA LEU D 346 17.90 -11.19 -34.40
C LEU D 346 17.16 -12.02 -35.41
N ALA D 347 15.90 -11.71 -35.60
CA ALA D 347 15.07 -12.40 -36.56
C ALA D 347 15.59 -12.22 -37.97
N TYR D 348 15.84 -10.97 -38.37
CA TYR D 348 16.33 -10.73 -39.71
C TYR D 348 17.70 -11.34 -39.93
N MET D 349 18.45 -11.59 -38.86
CA MET D 349 19.70 -12.33 -39.04
C MET D 349 19.33 -13.71 -39.55
N ARG D 350 18.40 -14.33 -38.84
CA ARG D 350 17.87 -15.65 -39.18
C ARG D 350 17.23 -15.68 -40.54
N SER D 351 16.39 -14.69 -40.81
CA SER D 351 15.45 -14.81 -41.92
C SER D 351 15.98 -14.22 -43.16
N GLY D 352 16.72 -13.15 -42.98
CA GLY D 352 17.29 -12.40 -44.09
C GLY D 352 18.62 -12.98 -44.48
N LEU D 353 19.65 -12.76 -43.65
CA LEU D 353 20.98 -13.30 -43.93
C LEU D 353 21.06 -14.81 -43.65
N GLY D 354 19.99 -15.39 -43.13
CA GLY D 354 19.96 -16.81 -42.92
C GLY D 354 21.17 -17.48 -42.28
N CYS D 355 21.54 -17.02 -41.09
CA CYS D 355 22.53 -17.73 -40.30
C CYS D 355 21.76 -18.79 -39.57
N ASP D 356 22.48 -19.81 -39.11
CA ASP D 356 21.83 -20.94 -38.43
C ASP D 356 22.17 -20.99 -36.97
N VAL D 357 23.22 -20.29 -36.58
CA VAL D 357 23.39 -20.00 -35.18
C VAL D 357 23.21 -18.50 -34.88
N ILE D 358 22.54 -18.16 -33.78
CA ILE D 358 22.60 -16.80 -33.28
C ILE D 358 23.14 -16.92 -31.88
N ILE D 359 24.22 -16.23 -31.56
CA ILE D 359 24.72 -16.23 -30.19
C ILE D 359 24.40 -14.90 -29.56
N LEU D 360 23.65 -14.91 -28.47
CA LEU D 360 23.22 -13.68 -27.85
C LEU D 360 23.96 -13.58 -26.58
N ASP D 361 25.01 -12.78 -26.56
CA ASP D 361 25.84 -12.68 -25.37
C ASP D 361 25.33 -11.70 -24.39
N HIS D 362 24.65 -12.37 -23.49
CA HIS D 362 24.38 -11.91 -22.18
C HIS D 362 23.00 -11.30 -22.02
N ILE D 363 22.17 -12.26 -21.57
CA ILE D 363 20.75 -12.03 -21.48
C ILE D 363 20.44 -10.99 -20.40
N SER D 364 21.27 -11.00 -19.37
CA SER D 364 21.13 -10.09 -18.22
C SER D 364 20.79 -8.68 -18.66
N ILE D 365 21.43 -8.23 -19.75
CA ILE D 365 21.01 -7.01 -20.43
C ILE D 365 19.69 -7.23 -21.15
N VAL D 366 18.60 -6.69 -20.51
CA VAL D 366 17.28 -6.62 -21.17
C VAL D 366 17.37 -5.56 -22.39
N VAL D 367 16.99 -4.22 -22.07
CA VAL D 367 17.09 -2.86 -22.77
C VAL D 367 16.38 -2.30 -24.05
N SER D 368 15.55 -1.30 -23.48
CA SER D 368 14.63 -0.12 -23.79
C SER D 368 13.11 -0.22 -24.07
N ALA D 369 12.42 0.31 -22.99
CA ALA D 369 10.98 0.47 -22.72
C ALA D 369 10.73 0.71 -21.21
N SER D 370 11.46 1.65 -20.61
CA SER D 370 11.47 1.94 -19.10
C SER D 370 10.31 2.62 -18.31
N GLY D 371 9.50 1.80 -17.65
CA GLY D 371 8.47 2.21 -16.70
C GLY D 371 8.00 1.00 -15.89
N GLU D 372 8.77 -0.09 -16.00
CA GLU D 372 8.38 -1.45 -15.60
C GLU D 372 9.26 -2.12 -14.53
N SER D 373 8.61 -2.86 -13.63
CA SER D 373 9.27 -3.56 -12.49
C SER D 373 10.09 -4.86 -12.83
N ASP D 374 10.26 -5.72 -11.81
CA ASP D 374 11.32 -6.76 -11.73
C ASP D 374 11.92 -7.32 -13.03
N GLU D 375 13.24 -7.18 -13.17
CA GLU D 375 14.00 -7.94 -14.17
C GLU D 375 13.72 -9.44 -13.97
N ARG D 376 13.37 -9.82 -12.74
CA ARG D 376 12.84 -11.16 -12.40
C ARG D 376 11.80 -11.60 -13.43
N LYS D 377 10.76 -10.77 -13.58
CA LYS D 377 9.64 -11.05 -14.45
C LYS D 377 10.03 -10.91 -15.91
N MET D 378 10.59 -9.76 -16.25
CA MET D 378 10.87 -9.45 -17.62
C MET D 378 11.86 -10.42 -18.26
N ILE D 379 12.88 -10.81 -17.52
CA ILE D 379 13.83 -11.80 -18.02
C ILE D 379 13.05 -12.96 -18.66
N ASP D 380 11.98 -13.37 -17.97
CA ASP D 380 11.11 -14.43 -18.43
C ASP D 380 10.38 -14.11 -19.75
N ASN D 381 9.65 -13.01 -19.76
CA ASN D 381 9.03 -12.51 -20.99
C ASN D 381 9.93 -12.57 -22.22
N LEU D 382 11.14 -12.01 -22.13
CA LEU D 382 12.07 -12.15 -23.23
C LEU D 382 12.35 -13.63 -23.52
N MET D 383 12.69 -14.35 -22.46
CA MET D 383 13.05 -15.75 -22.54
C MET D 383 12.15 -16.50 -23.52
N THR D 384 10.86 -16.29 -23.37
CA THR D 384 9.90 -16.94 -24.23
C THR D 384 10.02 -16.47 -25.69
N LYS D 385 9.91 -15.17 -25.94
CA LYS D 385 10.00 -14.67 -27.30
C LYS D 385 11.15 -15.36 -27.99
N LEU D 386 12.23 -15.55 -27.23
CA LEU D 386 13.44 -16.16 -27.75
C LEU D 386 13.16 -17.61 -28.10
N LYS D 387 12.67 -18.38 -27.14
CA LYS D 387 12.42 -19.79 -27.39
C LYS D 387 11.49 -19.97 -28.58
N GLY D 388 10.58 -19.01 -28.73
CA GLY D 388 9.67 -18.91 -29.86
C GLY D 388 10.46 -18.73 -31.13
N PHE D 389 11.06 -17.56 -31.29
CA PHE D 389 12.02 -17.32 -32.37
C PHE D 389 12.77 -18.61 -32.73
N ALA D 390 13.30 -19.27 -31.70
CA ALA D 390 14.10 -20.46 -31.83
C ALA D 390 13.37 -21.55 -32.59
N LYS D 391 12.44 -22.19 -31.87
CA LYS D 391 11.63 -23.30 -32.38
C LYS D 391 10.81 -22.91 -33.64
N SER D 392 10.27 -21.70 -33.61
CA SER D 392 9.47 -21.22 -34.70
C SER D 392 10.32 -21.22 -35.96
N THR D 393 11.64 -21.01 -35.85
CA THR D 393 12.47 -20.80 -37.07
C THR D 393 13.66 -21.76 -37.25
N GLY D 394 13.87 -22.61 -36.24
CA GLY D 394 14.85 -23.67 -36.33
C GLY D 394 16.29 -23.23 -36.26
N VAL D 395 16.51 -21.91 -36.13
CA VAL D 395 17.83 -21.36 -35.84
C VAL D 395 18.33 -21.98 -34.51
N VAL D 396 19.65 -22.15 -34.38
CA VAL D 396 20.24 -22.50 -33.09
C VAL D 396 20.46 -21.21 -32.31
N LEU D 397 19.92 -21.14 -31.10
CA LEU D 397 20.08 -19.93 -30.30
C LEU D 397 20.85 -20.27 -29.09
N VAL D 398 22.13 -19.91 -29.05
CA VAL D 398 22.96 -19.96 -27.83
C VAL D 398 22.71 -18.68 -27.07
N VAL D 399 22.52 -18.76 -25.78
CA VAL D 399 22.23 -17.57 -25.01
C VAL D 399 23.07 -17.65 -23.78
N ILE D 400 23.91 -16.64 -23.62
CA ILE D 400 24.79 -16.54 -22.49
C ILE D 400 24.04 -15.97 -21.33
N CYS D 401 24.47 -16.30 -20.13
CA CYS D 401 23.76 -15.77 -19.00
C CYS D 401 24.53 -15.87 -17.69
N HIS D 402 24.55 -14.74 -16.96
CA HIS D 402 25.39 -14.59 -15.79
C HIS D 402 24.70 -14.91 -14.49
N LEU D 403 25.49 -15.32 -13.50
CA LEU D 403 24.92 -15.85 -12.28
C LEU D 403 24.76 -14.84 -11.15
N LYS D 404 23.60 -14.90 -10.48
CA LYS D 404 23.44 -14.23 -9.19
C LYS D 404 24.51 -14.73 -8.19
N ASN D 405 24.76 -13.98 -7.11
CA ASN D 405 25.86 -14.38 -6.23
C ASN D 405 25.53 -14.82 -4.81
N PRO D 406 25.92 -16.04 -4.51
CA PRO D 406 25.42 -16.88 -3.42
C PRO D 406 24.75 -16.26 -2.19
N ASP D 407 25.54 -15.55 -1.38
CA ASP D 407 25.19 -15.29 0.01
C ASP D 407 25.61 -16.50 0.89
N LYS D 408 25.95 -17.62 0.23
CA LYS D 408 26.41 -18.84 0.91
C LYS D 408 27.91 -19.15 0.74
N GLY D 409 28.64 -18.91 1.84
CA GLY D 409 30.05 -19.24 2.02
C GLY D 409 31.04 -19.04 0.89
N LYS D 410 31.19 -20.07 0.07
CA LYS D 410 32.16 -20.04 -1.00
C LYS D 410 31.59 -19.39 -2.26
N ALA D 411 32.36 -18.46 -2.81
CA ALA D 411 31.95 -17.65 -3.96
C ALA D 411 32.04 -18.42 -5.28
N HIS D 412 32.20 -17.68 -6.38
CA HIS D 412 32.21 -18.29 -7.70
C HIS D 412 33.61 -18.63 -8.17
N GLU D 413 34.54 -17.79 -7.76
CA GLU D 413 35.96 -17.93 -8.09
C GLU D 413 36.58 -18.91 -7.08
N GLU D 414 35.79 -19.29 -6.06
CA GLU D 414 36.15 -20.39 -5.16
C GLU D 414 35.63 -21.73 -5.71
N GLY D 415 35.32 -21.72 -7.00
CA GLY D 415 34.90 -22.91 -7.73
C GLY D 415 33.43 -23.26 -7.61
N ARG D 416 32.85 -23.03 -6.42
CA ARG D 416 31.49 -23.46 -6.08
C ARG D 416 30.62 -23.87 -7.25
N PRO D 417 30.20 -25.13 -7.25
CA PRO D 417 29.38 -25.69 -8.32
C PRO D 417 28.02 -24.99 -8.42
N VAL D 418 27.36 -25.13 -9.57
CA VAL D 418 26.11 -24.44 -9.80
C VAL D 418 25.02 -25.43 -10.17
N SER D 419 23.83 -25.20 -9.63
CA SER D 419 22.65 -26.01 -9.91
C SER D 419 21.63 -25.14 -10.61
N ILE D 420 20.55 -25.76 -11.05
CA ILE D 420 19.51 -25.01 -11.77
C ILE D 420 18.77 -24.10 -10.79
N THR D 421 18.65 -24.55 -9.55
CA THR D 421 18.21 -23.69 -8.46
C THR D 421 19.18 -22.51 -8.43
N ASP D 422 20.47 -22.83 -8.40
CA ASP D 422 21.52 -21.84 -8.43
C ASP D 422 21.19 -20.82 -9.50
N LEU D 423 20.25 -21.19 -10.37
CA LEU D 423 19.84 -20.39 -11.51
C LEU D 423 19.31 -18.97 -11.24
N ARG D 424 19.73 -18.05 -12.10
CA ARG D 424 19.11 -16.72 -12.27
C ARG D 424 17.67 -16.85 -12.86
N GLY D 425 17.10 -15.70 -13.21
CA GLY D 425 15.71 -15.62 -13.68
C GLY D 425 14.71 -15.99 -12.60
N SER D 426 13.50 -16.31 -13.02
CA SER D 426 12.52 -16.76 -12.07
C SER D 426 11.75 -17.94 -12.67
N GLY D 427 12.37 -18.56 -13.67
CA GLY D 427 11.87 -19.82 -14.16
C GLY D 427 11.97 -19.95 -15.65
N ALA D 428 11.82 -18.85 -16.37
CA ALA D 428 11.67 -18.99 -17.81
C ALA D 428 12.83 -19.74 -18.41
N LEU D 429 14.05 -19.35 -18.04
CA LEU D 429 15.24 -19.97 -18.60
C LEU D 429 15.37 -21.34 -18.02
N ARG D 430 15.25 -21.38 -16.71
CA ARG D 430 15.27 -22.65 -16.01
C ARG D 430 14.36 -23.64 -16.73
N GLN D 431 13.45 -23.12 -17.57
CA GLN D 431 12.51 -23.93 -18.33
C GLN D 431 12.79 -23.91 -19.84
N LEU D 432 12.39 -22.82 -20.50
CA LEU D 432 12.47 -22.66 -21.95
C LEU D 432 13.77 -23.08 -22.68
N SER D 433 14.87 -23.11 -21.94
CA SER D 433 16.13 -23.53 -22.53
C SER D 433 16.22 -25.04 -22.72
N ASP D 434 16.73 -25.47 -23.85
CA ASP D 434 16.79 -26.91 -24.08
C ASP D 434 18.04 -27.54 -23.45
N THR D 435 19.23 -27.01 -23.69
CA THR D 435 20.43 -27.50 -23.02
C THR D 435 20.98 -26.40 -22.17
N ILE D 436 21.37 -26.71 -20.94
CA ILE D 436 22.04 -25.76 -20.05
C ILE D 436 23.48 -26.21 -19.82
N ILE D 437 24.46 -25.52 -20.38
CA ILE D 437 25.86 -25.84 -20.07
C ILE D 437 26.38 -24.83 -19.11
N ALA D 438 26.93 -25.29 -18.00
CA ALA D 438 27.52 -24.36 -17.04
C ALA D 438 29.00 -24.62 -16.98
N LEU D 439 29.77 -23.60 -16.63
CA LEU D 439 31.22 -23.74 -16.51
C LEU D 439 31.69 -23.13 -15.21
N GLU D 440 32.42 -23.92 -14.44
CA GLU D 440 32.87 -23.51 -13.13
C GLU D 440 34.36 -23.35 -13.20
N ARG D 441 34.87 -22.43 -12.39
CA ARG D 441 36.30 -22.13 -12.37
C ARG D 441 36.74 -21.57 -11.04
N ASN D 442 37.46 -22.40 -10.28
CA ASN D 442 38.00 -22.00 -8.99
C ASN D 442 39.33 -21.22 -9.13
N GLN D 443 39.22 -19.96 -9.56
CA GLN D 443 40.38 -19.16 -9.96
C GLN D 443 41.40 -18.83 -8.85
N GLN D 444 41.14 -19.30 -7.63
CA GLN D 444 42.16 -19.24 -6.60
C GLN D 444 42.35 -20.64 -6.00
N GLY D 445 43.13 -21.48 -6.68
CA GLY D 445 43.35 -22.84 -6.20
C GLY D 445 44.47 -23.68 -6.79
N ASP D 446 44.18 -24.98 -6.98
CA ASP D 446 45.13 -25.96 -7.50
C ASP D 446 45.35 -25.77 -9.00
N MET D 447 44.26 -25.72 -9.75
CA MET D 447 44.30 -25.36 -11.16
C MET D 447 43.41 -24.12 -11.37
N PRO D 448 44.00 -22.94 -11.14
CA PRO D 448 43.32 -21.67 -11.32
C PRO D 448 42.95 -21.48 -12.77
N ASN D 449 43.53 -22.28 -13.66
CA ASN D 449 43.15 -22.24 -15.06
C ASN D 449 42.27 -23.42 -15.47
N LEU D 450 42.01 -24.34 -14.54
CA LEU D 450 41.12 -25.47 -14.84
C LEU D 450 39.66 -25.08 -14.72
N VAL D 451 38.87 -25.41 -15.75
CA VAL D 451 37.46 -25.13 -15.70
C VAL D 451 36.55 -26.34 -16.01
N LEU D 452 35.53 -26.49 -15.19
CA LEU D 452 34.70 -27.68 -15.22
C LEU D 452 33.48 -27.37 -16.05
N VAL D 453 32.85 -28.41 -16.59
CA VAL D 453 31.65 -28.22 -17.37
C VAL D 453 30.55 -29.13 -16.91
N ARG D 454 29.54 -28.57 -16.27
CA ARG D 454 28.33 -29.30 -15.93
C ARG D 454 27.38 -29.18 -17.09
N ILE D 455 26.73 -30.28 -17.48
CA ILE D 455 25.48 -30.16 -18.23
C ILE D 455 24.36 -30.12 -17.25
N LEU D 456 23.68 -29.00 -17.20
CA LEU D 456 22.74 -28.80 -16.15
C LEU D 456 21.43 -29.26 -16.64
N LYS D 457 21.36 -29.63 -17.91
CA LYS D 457 20.09 -30.04 -18.47
C LYS D 457 20.17 -30.18 -19.97
N CYS D 458 19.34 -31.07 -20.51
CA CYS D 458 19.45 -31.43 -21.91
C CYS D 458 18.23 -32.25 -22.32
N ARG D 459 17.21 -31.57 -22.83
CA ARG D 459 15.92 -32.19 -23.15
C ARG D 459 16.15 -33.39 -24.02
N PHE D 460 16.73 -33.11 -25.18
CA PHE D 460 17.03 -34.10 -26.20
C PHE D 460 17.67 -35.39 -25.69
N THR D 461 18.42 -35.34 -24.58
CA THR D 461 18.98 -36.56 -24.07
C THR D 461 18.69 -36.76 -22.61
N GLY D 462 18.78 -35.71 -21.83
CA GLY D 462 18.54 -35.85 -20.41
C GLY D 462 19.70 -36.54 -19.72
N ASP D 463 20.73 -36.84 -20.50
CA ASP D 463 21.98 -37.28 -19.93
C ASP D 463 22.64 -36.01 -19.49
N THR D 464 22.86 -35.89 -18.18
CA THR D 464 23.41 -34.66 -17.63
C THR D 464 24.56 -34.89 -16.67
N GLY D 465 25.10 -33.80 -16.15
CA GLY D 465 26.16 -33.88 -15.16
C GLY D 465 27.51 -33.34 -15.61
N ILE D 466 28.54 -33.58 -14.80
CA ILE D 466 29.92 -33.28 -15.15
C ILE D 466 30.16 -33.89 -16.51
N ALA D 467 30.83 -33.15 -17.37
CA ALA D 467 30.93 -33.57 -18.75
C ALA D 467 32.31 -33.34 -19.33
N GLY D 468 33.25 -32.95 -18.48
CA GLY D 468 34.60 -32.76 -18.94
C GLY D 468 35.27 -31.51 -18.42
N TYR D 469 36.54 -31.35 -18.75
CA TYR D 469 37.27 -30.21 -18.28
C TYR D 469 37.97 -29.53 -19.43
N MET D 470 38.25 -28.24 -19.24
CA MET D 470 39.10 -27.47 -20.13
C MET D 470 40.07 -26.67 -19.29
N GLU D 471 41.08 -26.13 -19.97
CA GLU D 471 42.09 -25.33 -19.30
C GLU D 471 42.32 -24.04 -20.09
N TYR D 472 42.39 -22.93 -19.38
CA TYR D 472 42.65 -21.66 -20.02
C TYR D 472 44.10 -21.50 -20.38
N ASN D 473 44.36 -21.26 -21.66
CA ASN D 473 45.70 -20.88 -22.07
C ASN D 473 45.77 -19.39 -22.05
N LYS D 474 46.22 -18.81 -20.94
CA LYS D 474 46.38 -17.35 -20.81
C LYS D 474 47.15 -16.79 -21.99
N GLU D 475 47.84 -17.68 -22.68
CA GLU D 475 48.78 -17.34 -23.72
C GLU D 475 48.20 -17.25 -25.14
N THR D 476 47.42 -18.25 -25.54
CA THR D 476 46.75 -18.23 -26.84
C THR D 476 45.36 -17.66 -26.71
N GLY D 477 44.73 -17.88 -25.57
CA GLY D 477 43.45 -17.28 -25.31
C GLY D 477 42.31 -18.28 -25.39
N TRP D 478 42.67 -19.52 -25.71
CA TRP D 478 41.72 -20.61 -25.90
C TRP D 478 41.32 -21.40 -24.66
N LEU D 479 40.09 -21.89 -24.67
CA LEU D 479 39.70 -22.93 -23.76
C LEU D 479 40.13 -24.28 -24.35
N GLU D 480 41.35 -24.72 -24.06
CA GLU D 480 41.86 -26.01 -24.54
C GLU D 480 41.12 -27.13 -23.81
N PRO D 481 40.94 -28.30 -24.47
CA PRO D 481 40.40 -29.48 -23.80
C PRO D 481 41.45 -30.05 -22.82
N SER D 482 41.02 -30.67 -21.71
CA SER D 482 41.99 -31.23 -20.74
C SER D 482 41.73 -32.64 -20.26
N SER D 483 42.83 -33.36 -20.01
CA SER D 483 42.83 -34.60 -19.24
C SER D 483 42.39 -34.38 -17.78
N TYR D 484 41.35 -35.09 -17.35
CA TYR D 484 40.89 -34.95 -15.97
C TYR D 484 39.75 -35.87 -15.50
N SER D 485 39.88 -36.39 -14.28
CA SER D 485 38.76 -37.01 -13.61
C SER D 485 38.99 -37.13 -12.09
N GLY D 486 38.57 -38.28 -11.54
CA GLY D 486 38.58 -38.54 -10.10
C GLY D 486 39.90 -38.38 -9.37
N MET E 1 -19.68 19.57 -45.01
CA MET E 1 -19.18 18.17 -45.05
C MET E 1 -18.10 17.92 -46.07
N THR E 2 -17.57 16.71 -46.09
CA THR E 2 -16.47 16.31 -47.00
C THR E 2 -16.92 15.95 -48.44
N TYR E 3 -16.01 16.12 -49.41
CA TYR E 3 -16.26 15.87 -50.84
C TYR E 3 -16.93 14.51 -51.10
N ASN E 4 -18.13 14.52 -51.66
CA ASN E 4 -18.89 13.29 -51.94
C ASN E 4 -18.14 12.31 -52.82
N VAL E 5 -18.28 11.03 -52.51
CA VAL E 5 -17.68 9.98 -53.33
C VAL E 5 -18.34 10.01 -54.71
N TRP E 6 -17.53 9.98 -55.75
CA TRP E 6 -18.00 10.13 -57.12
C TRP E 6 -18.74 8.90 -57.61
N ASN E 7 -20.02 9.08 -57.94
CA ASN E 7 -20.84 7.96 -58.41
C ASN E 7 -20.55 7.59 -59.87
N PHE E 8 -20.33 6.29 -60.11
CA PHE E 8 -20.10 5.78 -61.45
C PHE E 8 -21.39 5.84 -62.24
N GLY E 9 -21.37 6.54 -63.36
CA GLY E 9 -22.59 6.77 -64.11
C GLY E 9 -23.03 8.20 -63.92
N GLU E 10 -23.23 8.61 -62.66
CA GLU E 10 -23.43 10.02 -62.34
C GLU E 10 -22.40 10.84 -63.12
N SER E 11 -21.13 10.52 -62.90
CA SER E 11 -20.04 10.98 -63.76
C SER E 11 -19.81 9.91 -64.84
N ASN E 12 -19.72 10.34 -66.09
CA ASN E 12 -19.86 9.43 -67.25
C ASN E 12 -18.76 8.38 -67.40
N GLY E 13 -18.85 7.37 -66.53
CA GLY E 13 -17.78 6.44 -66.29
C GLY E 13 -17.68 5.30 -67.28
N ARG E 14 -16.43 4.97 -67.59
CA ARG E 14 -16.11 3.86 -68.46
C ARG E 14 -14.86 3.20 -67.90
N TYR E 15 -14.78 1.88 -67.95
CA TYR E 15 -13.56 1.18 -67.62
C TYR E 15 -12.75 0.99 -68.90
N SER E 16 -12.01 2.03 -69.29
CA SER E 16 -11.24 1.97 -70.53
C SER E 16 -9.76 1.70 -70.26
N ALA E 17 -9.11 1.10 -71.25
CA ALA E 17 -7.70 0.77 -71.13
C ALA E 17 -6.82 2.02 -71.21
N LEU E 18 -5.87 2.11 -70.30
CA LEU E 18 -4.90 3.20 -70.30
C LEU E 18 -3.83 2.93 -71.38
N THR E 19 -4.08 3.39 -72.60
CA THR E 19 -3.20 3.13 -73.74
C THR E 19 -1.82 3.80 -73.58
N ALA E 20 -1.79 4.87 -72.79
CA ALA E 20 -0.58 5.65 -72.53
C ALA E 20 0.39 4.94 -71.59
N ARG E 21 -0.10 3.91 -70.90
CA ARG E 21 0.66 3.27 -69.82
C ARG E 21 0.86 1.76 -70.00
N GLY E 22 0.28 1.19 -71.05
CA GLY E 22 0.33 -0.24 -71.22
C GLY E 22 -0.38 -0.98 -70.09
N ILE E 23 -1.48 -0.40 -69.62
CA ILE E 23 -2.38 -1.07 -68.70
C ILE E 23 -3.62 -1.41 -69.49
N SER E 24 -3.98 -2.70 -69.51
CA SER E 24 -5.13 -3.16 -70.29
C SER E 24 -6.46 -2.67 -69.72
N LYS E 25 -7.50 -2.71 -70.53
CA LYS E 25 -8.82 -2.29 -70.07
C LYS E 25 -9.30 -3.22 -68.96
N GLU E 26 -9.15 -4.53 -69.18
CA GLU E 26 -9.52 -5.55 -68.20
C GLU E 26 -8.82 -5.35 -66.86
N THR E 27 -7.59 -4.81 -66.89
CA THR E 27 -6.83 -4.53 -65.68
C THR E 27 -7.47 -3.41 -64.85
N CYS E 28 -7.58 -2.21 -65.43
CA CYS E 28 -8.21 -1.07 -64.75
C CYS E 28 -9.50 -1.50 -64.10
N GLN E 29 -10.22 -2.39 -64.78
CA GLN E 29 -11.50 -2.90 -64.31
C GLN E 29 -11.44 -3.61 -62.95
N LYS E 30 -10.38 -4.37 -62.71
CA LYS E 30 -10.28 -5.18 -61.47
C LYS E 30 -9.86 -4.34 -60.27
N ALA E 31 -8.89 -3.46 -60.45
CA ALA E 31 -8.41 -2.65 -59.34
C ALA E 31 -9.32 -1.46 -59.03
N GLY E 32 -10.18 -1.12 -59.98
CA GLY E 32 -11.06 0.03 -59.81
C GLY E 32 -10.39 1.32 -60.26
N TYR E 33 -9.85 1.30 -61.48
CA TYR E 33 -9.31 2.50 -62.09
C TYR E 33 -10.18 2.86 -63.26
N TRP E 34 -11.16 3.72 -63.01
CA TRP E 34 -12.15 4.10 -64.01
C TRP E 34 -11.99 5.53 -64.54
N ILE E 35 -12.57 5.78 -65.71
CA ILE E 35 -12.44 7.04 -66.44
C ILE E 35 -13.79 7.75 -66.52
N ALA E 36 -14.00 8.71 -65.61
CA ALA E 36 -15.22 9.52 -65.63
C ALA E 36 -15.08 10.74 -66.56
N LYS E 37 -16.13 11.56 -66.63
CA LYS E 37 -16.03 12.90 -67.23
C LYS E 37 -17.15 13.84 -66.77
N VAL E 38 -16.83 14.71 -65.83
CA VAL E 38 -17.81 15.63 -65.23
C VAL E 38 -17.67 17.09 -65.70
N ASP E 39 -18.81 17.71 -65.98
CA ASP E 39 -18.89 19.12 -66.39
C ASP E 39 -18.05 19.50 -67.62
N GLY E 40 -17.59 18.50 -68.37
CA GLY E 40 -16.86 18.76 -69.61
C GLY E 40 -15.54 18.01 -69.77
N VAL E 41 -14.69 18.07 -68.74
CA VAL E 41 -13.35 17.50 -68.79
C VAL E 41 -13.33 16.04 -68.31
N MET E 42 -12.39 15.25 -68.84
CA MET E 42 -12.34 13.80 -68.58
C MET E 42 -11.30 13.39 -67.51
N TYR E 43 -11.79 12.95 -66.35
CA TYR E 43 -10.93 12.63 -65.20
C TYR E 43 -10.67 11.13 -64.99
N GLN E 44 -9.47 10.82 -64.48
CA GLN E 44 -9.08 9.46 -64.12
C GLN E 44 -9.34 9.18 -62.63
N VAL E 45 -10.26 8.27 -62.31
CA VAL E 45 -10.65 8.02 -60.91
C VAL E 45 -10.13 6.70 -60.33
N ALA E 46 -9.38 6.80 -59.24
CA ALA E 46 -8.93 5.63 -58.49
C ALA E 46 -9.82 5.37 -57.29
N ASP E 47 -10.37 4.16 -57.22
CA ASP E 47 -11.33 3.81 -56.20
C ASP E 47 -10.69 3.11 -55.03
N TYR E 48 -10.53 3.83 -53.93
CA TYR E 48 -10.00 3.25 -52.70
C TYR E 48 -11.14 2.66 -51.86
N ARG E 49 -11.15 1.35 -51.66
CA ARG E 49 -12.11 0.71 -50.76
C ARG E 49 -11.41 0.00 -49.59
N ASP E 50 -12.08 -0.07 -48.44
CA ASP E 50 -11.56 -0.82 -47.29
C ASP E 50 -11.64 -2.34 -47.53
N GLN E 51 -11.11 -3.12 -46.60
CA GLN E 51 -11.10 -4.58 -46.72
C GLN E 51 -12.50 -5.20 -46.85
N ASN E 52 -13.49 -4.41 -46.45
CA ASN E 52 -14.90 -4.80 -46.46
C ASN E 52 -15.58 -4.64 -47.82
N GLY E 53 -14.94 -3.91 -48.73
CA GLY E 53 -15.44 -3.75 -50.07
C GLY E 53 -16.00 -2.37 -50.41
N ASN E 54 -16.49 -1.66 -49.41
CA ASN E 54 -17.10 -0.35 -49.63
C ASN E 54 -16.09 0.73 -50.04
N ILE E 55 -16.48 1.55 -51.01
CA ILE E 55 -15.64 2.66 -51.47
C ILE E 55 -15.61 3.76 -50.41
N VAL E 56 -14.45 3.98 -49.82
CA VAL E 56 -14.32 4.96 -48.75
C VAL E 56 -13.79 6.30 -49.24
N SER E 57 -13.14 6.30 -50.41
CA SER E 57 -12.52 7.51 -50.94
C SER E 57 -12.09 7.35 -52.40
N GLN E 58 -11.90 8.49 -53.07
CA GLN E 58 -11.45 8.51 -54.45
C GLN E 58 -10.25 9.45 -54.63
N LYS E 59 -9.31 9.04 -55.48
CA LYS E 59 -8.27 9.95 -55.95
C LYS E 59 -8.50 10.20 -57.44
N VAL E 60 -8.93 11.41 -57.79
CA VAL E 60 -9.26 11.76 -59.18
C VAL E 60 -8.17 12.61 -59.83
N ARG E 61 -7.93 12.39 -61.12
CA ARG E 61 -6.91 13.12 -61.89
C ARG E 61 -7.52 13.86 -63.05
N ASP E 62 -6.91 14.97 -63.42
CA ASP E 62 -7.14 15.51 -64.76
C ASP E 62 -5.84 15.55 -65.58
N LYS E 63 -6.00 15.59 -66.89
CA LYS E 63 -4.89 15.59 -67.85
C LYS E 63 -3.62 16.28 -67.34
N ASP E 64 -3.72 17.58 -67.10
CA ASP E 64 -2.56 18.46 -66.83
C ASP E 64 -1.70 18.11 -65.60
N LYS E 65 -2.16 17.15 -64.81
CA LYS E 65 -1.33 16.82 -63.67
C LYS E 65 -1.81 17.50 -62.42
N ASN E 66 -3.11 17.58 -62.29
CA ASN E 66 -3.85 17.95 -61.07
C ASN E 66 -4.50 16.78 -60.32
N PHE E 67 -5.11 17.09 -59.17
CA PHE E 67 -5.92 16.11 -58.45
C PHE E 67 -7.24 16.65 -57.86
N LYS E 68 -7.95 15.75 -57.17
CA LYS E 68 -9.20 16.03 -56.46
C LYS E 68 -9.53 14.74 -55.69
N THR E 69 -9.51 14.79 -54.37
CA THR E 69 -9.70 13.58 -53.56
C THR E 69 -11.05 13.49 -52.86
N THR E 70 -11.85 12.50 -53.28
CA THR E 70 -13.21 12.31 -52.77
C THR E 70 -13.28 11.40 -51.54
N GLY E 71 -14.39 11.51 -50.80
CA GLY E 71 -14.61 10.69 -49.63
C GLY E 71 -13.71 11.09 -48.49
N SER E 72 -13.38 10.11 -47.65
CA SER E 72 -12.49 10.35 -46.53
C SER E 72 -11.27 9.46 -46.66
N HIS E 73 -10.17 10.05 -47.14
CA HIS E 73 -8.91 9.34 -47.40
C HIS E 73 -8.12 9.09 -46.12
N LYS E 74 -8.51 8.07 -45.36
CA LYS E 74 -7.92 7.83 -44.04
C LYS E 74 -6.43 7.55 -44.11
N SER E 75 -5.76 7.72 -42.99
CA SER E 75 -4.30 7.62 -42.91
C SER E 75 -3.73 6.23 -43.26
N ASP E 76 -4.64 5.28 -43.47
CA ASP E 76 -4.30 3.88 -43.73
C ASP E 76 -4.75 3.41 -45.13
N ALA E 77 -4.96 4.35 -46.03
CA ALA E 77 -5.46 4.04 -47.36
C ALA E 77 -4.45 3.24 -48.15
N LEU E 78 -4.92 2.14 -48.74
CA LEU E 78 -4.13 1.33 -49.65
C LEU E 78 -4.99 1.04 -50.88
N PHE E 79 -4.54 1.49 -52.05
CA PHE E 79 -5.30 1.25 -53.27
C PHE E 79 -5.09 -0.17 -53.78
N GLY E 80 -6.17 -0.95 -53.76
CA GLY E 80 -6.10 -2.35 -54.15
C GLY E 80 -6.27 -3.26 -52.96
N LYS E 81 -6.17 -2.68 -51.76
CA LYS E 81 -6.26 -3.41 -50.50
C LYS E 81 -7.42 -4.39 -50.41
N HIS E 82 -8.59 -4.00 -50.91
CA HIS E 82 -9.80 -4.80 -50.78
C HIS E 82 -9.76 -6.11 -51.57
N LEU E 83 -8.81 -6.20 -52.50
CA LEU E 83 -8.69 -7.33 -53.42
C LEU E 83 -8.12 -8.56 -52.73
N TRP E 84 -7.18 -8.34 -51.82
CA TRP E 84 -6.43 -9.41 -51.16
C TRP E 84 -6.57 -9.42 -49.64
N ASN E 85 -7.04 -10.56 -49.10
CA ASN E 85 -7.04 -10.80 -47.67
C ASN E 85 -6.27 -12.10 -47.45
N GLY E 86 -4.95 -11.94 -47.35
CA GLY E 86 -4.03 -13.07 -47.20
C GLY E 86 -3.26 -13.35 -48.49
N GLY E 87 -2.25 -14.21 -48.38
CA GLY E 87 -1.45 -14.61 -49.52
C GLY E 87 -0.02 -14.92 -49.15
N LYS E 88 0.73 -15.45 -50.11
CA LYS E 88 2.12 -15.78 -49.88
C LYS E 88 3.08 -14.60 -50.08
N LYS E 89 2.60 -13.55 -50.73
CA LYS E 89 3.46 -12.45 -51.15
C LYS E 89 2.64 -11.29 -51.74
N ILE E 90 2.86 -10.08 -51.24
CA ILE E 90 2.17 -8.88 -51.73
C ILE E 90 3.14 -7.75 -52.09
N VAL E 91 3.21 -7.39 -53.37
CA VAL E 91 4.01 -6.23 -53.81
C VAL E 91 3.30 -4.97 -53.37
N VAL E 92 4.05 -3.98 -52.92
CA VAL E 92 3.45 -2.72 -52.53
C VAL E 92 4.16 -1.61 -53.27
N THR E 93 3.43 -0.96 -54.17
CA THR E 93 4.01 0.09 -55.01
C THR E 93 3.68 1.53 -54.56
N GLU E 94 4.52 2.46 -55.01
CA GLU E 94 4.40 3.87 -54.69
C GLU E 94 3.04 4.48 -55.07
N GLY E 95 2.67 4.37 -56.35
CA GLY E 95 1.45 4.98 -56.87
C GLY E 95 0.47 4.03 -57.52
N GLU E 96 -0.71 4.55 -57.84
CA GLU E 96 -1.77 3.72 -58.39
C GLU E 96 -1.40 3.10 -59.73
N ILE E 97 -0.78 3.87 -60.62
CA ILE E 97 -0.48 3.40 -61.97
C ILE E 97 0.49 2.21 -61.92
N ASP E 98 1.46 2.30 -61.01
CA ASP E 98 2.45 1.24 -60.84
C ASP E 98 1.81 -0.07 -60.33
N MET E 99 0.79 0.07 -59.48
CA MET E 99 0.01 -1.06 -59.01
C MET E 99 -0.64 -1.72 -60.21
N LEU E 100 -1.34 -0.92 -61.02
CA LEU E 100 -1.92 -1.37 -62.29
C LEU E 100 -0.93 -2.14 -63.15
N THR E 101 0.34 -1.74 -63.09
CA THR E 101 1.40 -2.38 -63.85
C THR E 101 1.68 -3.80 -63.39
N VAL E 102 2.01 -3.97 -62.11
CA VAL E 102 2.30 -5.28 -61.54
C VAL E 102 1.10 -6.20 -61.68
N MET E 103 -0.08 -5.59 -61.60
CA MET E 103 -1.37 -6.26 -61.78
C MET E 103 -1.58 -6.77 -63.19
N GLU E 104 -0.61 -6.52 -64.05
CA GLU E 104 -0.71 -6.86 -65.46
C GLU E 104 0.19 -8.01 -65.81
N LEU E 105 1.28 -7.35 -65.71
CA LEU E 105 2.30 -8.37 -65.87
C LEU E 105 1.98 -9.68 -65.18
N GLN E 106 1.09 -9.68 -64.21
CA GLN E 106 0.81 -10.93 -63.54
C GLN E 106 -0.56 -11.47 -63.91
N ASP E 107 -1.24 -10.79 -64.82
CA ASP E 107 -2.58 -11.19 -65.23
C ASP E 107 -3.48 -11.07 -63.99
N CYS E 108 -3.27 -10.01 -63.21
CA CYS E 108 -4.04 -9.72 -61.99
C CYS E 108 -4.29 -10.90 -61.05
N LYS E 109 -3.36 -11.85 -60.99
CA LYS E 109 -3.56 -13.02 -60.15
C LYS E 109 -2.89 -13.00 -58.79
N TYR E 110 -2.13 -11.95 -58.48
CA TYR E 110 -1.45 -11.91 -57.19
C TYR E 110 -1.48 -10.55 -56.50
N PRO E 111 -0.95 -10.40 -55.34
CA PRO E 111 -1.53 -9.17 -54.80
C PRO E 111 -0.63 -7.95 -54.99
N VAL E 112 -1.25 -6.82 -55.35
CA VAL E 112 -0.56 -5.54 -55.40
C VAL E 112 -1.50 -4.49 -54.85
N VAL E 113 -0.95 -3.65 -54.00
CA VAL E 113 -1.67 -2.50 -53.50
C VAL E 113 -0.72 -1.35 -53.66
N SER E 114 -1.24 -0.14 -53.64
CA SER E 114 -0.39 1.05 -53.72
C SER E 114 -0.57 1.95 -52.48
N LEU E 115 0.48 2.68 -52.12
CA LEU E 115 0.45 3.60 -50.97
C LEU E 115 -0.61 4.69 -51.15
N GLY E 116 -1.37 4.93 -50.08
CA GLY E 116 -2.50 5.85 -50.12
C GLY E 116 -2.10 7.30 -50.28
N HIS E 117 -0.99 7.67 -49.65
CA HIS E 117 -0.41 9.00 -49.76
C HIS E 117 1.06 8.81 -50.11
N GLY E 118 1.34 7.56 -50.50
CA GLY E 118 2.60 7.10 -51.07
C GLY E 118 3.87 7.82 -50.69
N ALA E 119 4.45 8.51 -51.68
CA ALA E 119 5.65 9.32 -51.53
C ALA E 119 6.14 9.45 -50.09
N SER E 120 5.64 10.48 -49.42
CA SER E 120 6.15 10.95 -48.14
C SER E 120 5.58 10.21 -46.94
N ALA E 121 4.30 9.85 -47.03
CA ALA E 121 3.58 9.19 -45.95
C ALA E 121 3.78 7.68 -45.98
N ALA E 122 4.99 7.24 -46.33
CA ALA E 122 5.36 5.84 -46.38
C ALA E 122 5.31 5.20 -44.99
N LYS E 123 5.92 5.88 -44.02
CA LYS E 123 5.91 5.42 -42.63
C LYS E 123 4.48 5.31 -42.03
N LYS E 124 3.72 6.40 -42.09
CA LYS E 124 2.37 6.40 -41.50
C LYS E 124 1.43 5.40 -42.15
N THR E 125 1.22 5.52 -43.47
CA THR E 125 0.32 4.62 -44.21
C THR E 125 0.65 3.15 -43.92
N CYS E 126 1.93 2.85 -43.78
CA CYS E 126 2.37 1.47 -43.58
C CYS E 126 2.03 0.93 -42.19
N ALA E 127 2.51 1.61 -41.15
CA ALA E 127 2.31 1.16 -39.77
C ALA E 127 0.84 1.12 -39.42
N ALA E 128 0.07 1.94 -40.10
CA ALA E 128 -1.37 1.94 -39.99
C ALA E 128 -1.93 0.59 -40.42
N ASN E 129 -1.12 -0.18 -41.14
CA ASN E 129 -1.58 -1.39 -41.79
C ASN E 129 -0.84 -2.66 -41.40
N TYR E 130 -0.10 -2.62 -40.29
CA TYR E 130 0.70 -3.76 -39.83
C TYR E 130 -0.05 -5.09 -39.95
N GLU E 131 -1.19 -5.16 -39.30
CA GLU E 131 -2.08 -6.32 -39.35
C GLU E 131 -2.38 -6.75 -40.79
N TYR E 132 -2.92 -5.84 -41.60
CA TYR E 132 -3.28 -6.15 -42.98
C TYR E 132 -2.12 -6.81 -43.73
N PHE E 133 -0.95 -6.19 -43.70
CA PHE E 133 0.25 -6.71 -44.37
C PHE E 133 0.78 -8.02 -43.78
N ASP E 134 0.59 -8.23 -42.48
CA ASP E 134 1.07 -9.45 -41.82
C ASP E 134 0.29 -10.65 -42.30
N GLN E 135 -0.84 -10.38 -42.94
CA GLN E 135 -1.66 -11.40 -43.59
C GLN E 135 -0.89 -12.16 -44.68
N PHE E 136 0.21 -11.60 -45.14
CA PHE E 136 1.02 -12.23 -46.18
C PHE E 136 2.36 -12.68 -45.64
N GLU E 137 2.97 -13.66 -46.30
CA GLU E 137 4.27 -14.24 -45.93
C GLU E 137 5.48 -13.30 -46.11
N GLN E 138 5.56 -12.62 -47.26
CA GLN E 138 6.60 -11.60 -47.50
C GLN E 138 6.09 -10.31 -48.20
N ILE E 139 6.55 -9.15 -47.72
CA ILE E 139 6.09 -7.85 -48.21
C ILE E 139 7.16 -7.24 -49.11
N ILE E 140 6.87 -7.16 -50.41
CA ILE E 140 7.84 -6.66 -51.38
C ILE E 140 7.66 -5.18 -51.70
N LEU E 141 8.47 -4.32 -51.09
CA LEU E 141 8.36 -2.89 -51.34
C LEU E 141 8.96 -2.53 -52.69
N MET E 142 8.11 -2.26 -53.67
CA MET E 142 8.54 -1.81 -54.99
C MET E 142 8.28 -0.33 -55.19
N PHE E 143 9.09 0.47 -54.52
CA PHE E 143 8.99 1.94 -54.56
C PHE E 143 9.89 2.58 -55.64
N ASP E 144 9.81 3.91 -55.72
CA ASP E 144 10.59 4.73 -56.66
C ASP E 144 12.10 4.49 -56.51
N MET E 145 12.80 4.52 -57.63
CA MET E 145 14.24 4.30 -57.68
C MET E 145 15.03 5.62 -57.63
N ASP E 146 14.67 6.48 -56.68
CA ASP E 146 15.33 7.78 -56.52
C ASP E 146 15.62 8.13 -55.06
N GLU E 147 16.30 9.27 -54.85
CA GLU E 147 16.52 9.87 -53.53
C GLU E 147 15.42 9.51 -52.51
N ALA E 148 14.28 10.21 -52.60
CA ALA E 148 13.18 10.09 -51.65
C ALA E 148 12.46 8.75 -51.70
N GLY E 149 12.66 8.01 -52.79
CA GLY E 149 12.06 6.72 -53.02
C GLY E 149 12.75 5.59 -52.27
N ARG E 150 14.07 5.66 -52.20
CA ARG E 150 14.81 4.74 -51.35
C ARG E 150 14.52 5.08 -49.90
N LYS E 151 14.42 6.36 -49.58
CA LYS E 151 14.09 6.79 -48.21
C LYS E 151 12.76 6.23 -47.81
N ALA E 152 11.79 6.30 -48.71
CA ALA E 152 10.45 5.78 -48.47
C ALA E 152 10.50 4.31 -48.06
N VAL E 153 11.22 3.50 -48.85
CA VAL E 153 11.47 2.11 -48.52
C VAL E 153 11.95 1.97 -47.06
N GLU E 154 13.01 2.70 -46.72
CA GLU E 154 13.62 2.69 -45.38
C GLU E 154 12.61 2.94 -44.23
N GLU E 155 11.91 4.08 -44.30
CA GLU E 155 10.92 4.44 -43.30
C GLU E 155 9.80 3.41 -43.26
N ALA E 156 9.52 2.83 -44.40
CA ALA E 156 8.45 1.87 -44.56
C ALA E 156 8.77 0.60 -43.78
N ALA E 157 9.88 -0.03 -44.14
CA ALA E 157 10.28 -1.29 -43.55
C ALA E 157 10.41 -1.19 -42.04
N GLN E 158 10.92 -0.04 -41.59
CA GLN E 158 11.08 0.19 -40.16
C GLN E 158 9.79 -0.15 -39.40
N VAL E 159 8.66 0.33 -39.92
CA VAL E 159 7.38 0.14 -39.26
C VAL E 159 6.67 -1.14 -39.68
N LEU E 160 7.16 -1.79 -40.73
CA LEU E 160 6.57 -3.03 -41.24
C LEU E 160 7.04 -4.27 -40.48
N PRO E 161 6.22 -5.31 -40.51
CA PRO E 161 6.41 -6.52 -39.69
C PRO E 161 7.67 -7.35 -39.95
N ALA E 162 8.50 -7.50 -38.93
CA ALA E 162 9.55 -8.54 -38.85
C ALA E 162 10.44 -8.77 -40.09
N GLY E 163 10.75 -10.04 -40.38
CA GLY E 163 11.67 -10.39 -41.45
C GLY E 163 10.98 -10.70 -42.77
N LYS E 164 9.95 -9.92 -43.06
CA LYS E 164 9.12 -10.13 -44.24
C LYS E 164 9.48 -9.20 -45.41
N VAL E 165 9.95 -8.01 -45.10
CA VAL E 165 10.18 -6.97 -46.10
C VAL E 165 11.35 -7.28 -47.00
N ARG E 166 11.12 -7.16 -48.30
CA ARG E 166 12.21 -7.24 -49.26
C ARG E 166 12.11 -6.08 -50.26
N VAL E 167 13.22 -5.43 -50.55
CA VAL E 167 13.23 -4.28 -51.46
C VAL E 167 13.33 -4.67 -52.92
N ALA E 168 12.46 -4.06 -53.71
CA ALA E 168 12.48 -4.21 -55.16
C ALA E 168 13.51 -3.28 -55.74
N VAL E 169 14.19 -3.75 -56.79
CA VAL E 169 15.24 -2.98 -57.44
C VAL E 169 15.08 -3.05 -58.97
N LEU E 170 14.48 -2.00 -59.52
CA LEU E 170 14.20 -1.93 -60.96
C LEU E 170 15.27 -1.11 -61.70
N PRO E 171 15.36 -1.32 -63.02
CA PRO E 171 16.25 -0.53 -63.89
C PRO E 171 15.86 0.96 -64.07
N CYS E 172 14.62 1.35 -63.80
CA CYS E 172 14.17 2.73 -64.01
C CYS E 172 13.38 3.33 -62.83
N LYS E 173 12.96 4.59 -62.97
CA LYS E 173 12.32 5.33 -61.88
C LYS E 173 11.29 4.47 -61.14
N ASP E 174 10.29 3.96 -61.86
CA ASP E 174 9.28 3.08 -61.25
C ASP E 174 8.94 1.84 -62.09
N ALA E 175 8.11 0.97 -61.53
CA ALA E 175 7.72 -0.26 -62.20
C ALA E 175 7.01 -0.04 -63.54
N ASN E 176 6.39 1.13 -63.72
CA ASN E 176 5.72 1.47 -64.99
C ASN E 176 6.68 1.99 -66.05
N GLU E 177 7.69 2.77 -65.62
CA GLU E 177 8.73 3.25 -66.54
C GLU E 177 9.40 2.06 -67.20
N CYS E 178 9.46 0.95 -66.46
CA CYS E 178 9.97 -0.33 -66.97
C CYS E 178 9.04 -0.90 -68.06
N HIS E 179 7.78 -1.12 -67.67
CA HIS E 179 6.77 -1.62 -68.60
C HIS E 179 6.68 -0.82 -69.89
N LEU E 180 6.46 0.49 -69.76
CA LEU E 180 6.51 1.43 -70.88
C LEU E 180 7.79 1.19 -71.65
N ASN E 181 7.67 0.40 -72.71
CA ASN E 181 8.80 -0.21 -73.41
C ASN E 181 10.13 -0.22 -72.63
N GLY E 182 10.47 -1.41 -72.17
CA GLY E 182 11.72 -1.66 -71.50
C GLY E 182 11.78 -3.11 -71.08
N HIS E 183 11.69 -3.31 -69.77
CA HIS E 183 12.03 -4.59 -69.18
C HIS E 183 10.91 -5.07 -68.28
N ASP E 184 9.88 -5.66 -68.88
CA ASP E 184 8.86 -6.33 -68.10
C ASP E 184 9.51 -7.42 -67.25
N ARG E 185 10.39 -8.20 -67.89
CA ARG E 185 11.08 -9.32 -67.26
C ARG E 185 11.95 -8.90 -66.06
N GLU E 186 12.34 -7.62 -66.03
CA GLU E 186 13.07 -7.06 -64.90
C GLU E 186 12.16 -6.92 -63.67
N ILE E 187 10.95 -6.44 -63.90
CA ILE E 187 9.92 -6.34 -62.84
C ILE E 187 9.57 -7.72 -62.30
N MET E 188 9.51 -8.68 -63.20
CA MET E 188 9.18 -10.06 -62.87
C MET E 188 10.20 -10.69 -61.94
N GLU E 189 11.47 -10.58 -62.31
CA GLU E 189 12.57 -11.15 -61.54
C GLU E 189 12.63 -10.60 -60.10
N GLN E 190 11.82 -9.57 -59.82
CA GLN E 190 11.76 -8.94 -58.49
C GLN E 190 10.52 -9.38 -57.69
N VAL E 191 9.36 -9.35 -58.34
CA VAL E 191 8.12 -9.86 -57.75
C VAL E 191 8.33 -11.27 -57.19
N TRP E 192 8.87 -12.17 -58.00
CA TRP E 192 9.45 -13.41 -57.47
C TRP E 192 10.80 -13.10 -56.87
N ASN E 193 11.05 -13.65 -55.69
CA ASN E 193 12.38 -13.71 -55.03
C ASN E 193 13.47 -12.67 -55.34
N ALA E 194 13.15 -11.40 -55.13
CA ALA E 194 14.15 -10.36 -55.30
C ALA E 194 14.79 -10.01 -53.96
N GLY E 195 15.50 -8.88 -53.94
CA GLY E 195 16.29 -8.48 -52.79
C GLY E 195 15.47 -8.21 -51.52
N PRO E 196 15.91 -8.78 -50.40
CA PRO E 196 15.35 -8.48 -49.07
C PRO E 196 16.32 -7.73 -48.13
N TRP E 197 16.00 -6.50 -47.73
CA TRP E 197 16.77 -5.84 -46.68
C TRP E 197 16.13 -4.63 -45.99
N ILE E 198 16.72 -4.20 -44.87
CA ILE E 198 16.40 -2.94 -44.19
C ILE E 198 17.25 -2.72 -42.92
N PRO E 199 18.20 -3.62 -42.68
CA PRO E 199 18.83 -3.82 -41.37
C PRO E 199 19.57 -2.64 -40.70
N ASP E 200 18.93 -1.93 -39.78
CA ASP E 200 19.57 -0.74 -39.24
C ASP E 200 20.26 -1.03 -37.94
N GLY E 201 21.17 -1.99 -37.98
CA GLY E 201 21.95 -2.32 -36.80
C GLY E 201 22.57 -3.70 -36.91
N VAL E 202 22.12 -4.45 -37.92
CA VAL E 202 22.73 -5.70 -38.24
C VAL E 202 23.82 -5.34 -39.19
N VAL E 203 24.94 -6.04 -39.09
CA VAL E 203 26.16 -5.60 -39.72
C VAL E 203 27.11 -6.74 -40.05
N SER E 204 27.13 -7.23 -41.29
CA SER E 204 27.97 -8.39 -41.58
C SER E 204 29.45 -8.15 -41.26
N ALA E 205 30.15 -9.18 -40.83
CA ALA E 205 31.51 -9.01 -40.34
C ALA E 205 32.39 -8.41 -41.41
N LEU E 206 32.31 -8.98 -42.61
CA LEU E 206 33.10 -8.52 -43.73
C LEU E 206 33.10 -7.01 -43.79
N SER E 207 31.93 -6.44 -43.60
CA SER E 207 31.74 -5.01 -43.75
C SER E 207 32.27 -4.20 -42.59
N LEU E 208 33.15 -4.78 -41.80
CA LEU E 208 33.71 -4.05 -40.67
C LEU E 208 35.21 -3.90 -40.79
N ARG E 209 35.79 -4.45 -41.86
CA ARG E 209 37.25 -4.48 -42.00
C ARG E 209 37.81 -3.15 -41.58
N GLU E 210 37.33 -2.11 -42.22
CA GLU E 210 37.96 -0.85 -41.99
C GLU E 210 37.77 -0.41 -40.56
N ARG E 211 36.53 -0.43 -40.08
CA ARG E 211 36.28 0.01 -38.72
C ARG E 211 37.20 -0.67 -37.74
N ILE E 212 37.48 -1.96 -37.99
CA ILE E 212 38.34 -2.79 -37.15
C ILE E 212 39.77 -2.33 -37.17
N ARG E 213 40.33 -2.20 -38.38
CA ARG E 213 41.70 -1.77 -38.55
C ARG E 213 41.90 -0.50 -37.74
N GLU E 214 41.02 0.47 -37.95
CA GLU E 214 41.22 1.77 -37.35
C GLU E 214 41.07 1.67 -35.86
N HIS E 215 40.19 0.77 -35.43
CA HIS E 215 40.07 0.47 -34.00
C HIS E 215 41.41 0.02 -33.42
N LEU E 216 41.96 -1.04 -34.01
CA LEU E 216 43.20 -1.65 -33.53
C LEU E 216 44.37 -0.66 -33.31
N SER E 217 44.57 0.28 -34.25
CA SER E 217 45.59 1.31 -34.08
C SER E 217 45.18 2.34 -33.04
N SER E 218 43.97 2.86 -33.19
CA SER E 218 43.40 3.80 -32.20
C SER E 218 43.46 3.36 -30.73
N GLU E 219 42.79 2.28 -30.38
CA GLU E 219 42.64 1.96 -28.96
C GLU E 219 43.59 0.92 -28.35
N GLU E 220 43.83 1.07 -27.04
CA GLU E 220 45.16 0.79 -26.54
C GLU E 220 45.52 -0.06 -25.32
N SER E 221 46.86 -0.39 -25.31
CA SER E 221 47.50 -1.57 -24.66
C SER E 221 48.07 -1.36 -23.22
N VAL E 222 49.32 -0.95 -23.13
CA VAL E 222 50.03 -0.83 -21.89
C VAL E 222 49.83 0.59 -21.34
N GLY E 223 48.60 1.13 -21.36
CA GLY E 223 48.34 2.46 -20.78
C GLY E 223 48.66 2.78 -19.30
N LEU E 224 49.68 3.59 -19.06
CA LEU E 224 49.94 4.13 -17.71
C LEU E 224 50.17 3.07 -16.66
N LEU E 225 51.41 2.86 -16.22
CA LEU E 225 51.70 1.67 -15.40
C LEU E 225 51.64 1.94 -13.93
N PHE E 226 50.88 1.10 -13.26
CA PHE E 226 50.71 1.25 -11.86
C PHE E 226 52.07 1.19 -11.22
N SER E 227 52.29 2.05 -10.24
CA SER E 227 53.58 2.06 -9.62
C SER E 227 53.60 1.52 -8.23
N GLY E 228 54.52 0.60 -8.02
CA GLY E 228 54.87 0.19 -6.70
C GLY E 228 54.51 -1.24 -6.50
N CYS E 229 54.27 -1.90 -7.61
CA CYS E 229 53.92 -3.30 -7.55
C CYS E 229 53.66 -3.87 -8.94
N THR E 230 54.72 -4.08 -9.71
CA THR E 230 54.57 -4.82 -10.97
C THR E 230 53.91 -6.11 -10.62
N GLY E 231 52.84 -6.41 -11.33
CA GLY E 231 51.88 -7.28 -10.73
C GLY E 231 50.64 -6.54 -11.04
N ILE E 232 50.28 -5.51 -10.26
CA ILE E 232 49.18 -4.65 -10.68
C ILE E 232 49.28 -4.49 -12.19
N ASN E 233 50.50 -4.32 -12.70
CA ASN E 233 50.68 -4.09 -14.12
C ASN E 233 50.57 -5.37 -14.90
N ASP E 234 51.41 -6.32 -14.52
CA ASP E 234 51.36 -7.66 -15.10
C ASP E 234 49.91 -8.15 -15.33
N LYS E 235 49.04 -7.99 -14.34
CA LYS E 235 47.70 -8.52 -14.44
C LYS E 235 46.79 -7.58 -15.18
N THR E 236 46.94 -6.26 -15.04
CA THR E 236 45.93 -5.36 -15.60
C THR E 236 46.43 -4.67 -16.79
N LEU E 237 47.72 -4.75 -17.02
CA LEU E 237 48.26 -4.09 -18.20
C LEU E 237 48.03 -2.58 -18.15
N GLY E 238 47.71 -2.06 -16.96
CA GLY E 238 47.75 -0.63 -16.69
C GLY E 238 46.40 0.02 -16.68
N ALA E 239 46.42 1.34 -16.70
CA ALA E 239 45.20 2.14 -16.70
C ALA E 239 45.08 2.83 -18.04
N ARG E 240 44.28 2.18 -18.88
CA ARG E 240 44.04 2.59 -20.23
C ARG E 240 43.04 3.70 -20.16
N GLY E 241 43.19 4.69 -21.03
CA GLY E 241 42.27 5.83 -21.03
C GLY E 241 40.84 5.45 -21.31
N GLY E 242 39.86 6.22 -20.84
CA GLY E 242 38.47 5.83 -20.98
C GLY E 242 37.99 4.69 -20.06
N GLU E 243 38.92 3.92 -19.49
CA GLU E 243 38.61 2.98 -18.41
C GLU E 243 38.14 3.71 -17.12
N VAL E 244 37.73 2.93 -16.12
CA VAL E 244 37.43 3.48 -14.80
C VAL E 244 38.08 2.56 -13.75
N ILE E 245 39.27 2.91 -13.30
CA ILE E 245 39.91 2.10 -12.29
C ILE E 245 39.29 2.44 -10.95
N MET E 246 39.01 1.41 -10.15
CA MET E 246 38.43 1.59 -8.85
C MET E 246 39.30 0.95 -7.78
N VAL E 247 39.84 1.78 -6.90
CA VAL E 247 40.66 1.30 -5.80
C VAL E 247 39.81 1.19 -4.57
N THR E 248 39.89 0.06 -3.90
CA THR E 248 39.07 -0.17 -2.73
C THR E 248 39.83 -0.89 -1.65
N SER E 249 39.42 -0.67 -0.40
CA SER E 249 39.84 -1.55 0.66
C SER E 249 39.34 -1.15 2.04
N GLY E 250 39.65 -2.00 3.01
CA GLY E 250 39.23 -1.72 4.36
C GLY E 250 39.72 -0.35 4.79
N SER E 251 39.93 -0.19 6.11
CA SER E 251 40.33 1.14 6.70
C SER E 251 41.37 1.89 5.86
N GLY E 252 42.04 1.15 5.01
CA GLY E 252 43.06 1.71 4.19
C GLY E 252 43.16 3.22 4.07
N MET E 253 44.16 3.74 4.76
CA MET E 253 44.71 5.01 4.41
C MET E 253 45.72 4.60 3.37
N VAL E 254 46.31 3.43 3.65
CA VAL E 254 46.99 2.56 2.72
C VAL E 254 46.40 2.76 1.33
N MET E 255 45.06 2.78 1.27
CA MET E 255 44.33 3.06 0.06
C MET E 255 44.62 4.49 -0.40
N SER E 256 44.41 5.46 0.49
CA SER E 256 44.64 6.86 0.13
C SER E 256 46.09 7.23 -0.17
N THR E 257 47.02 6.35 0.19
CA THR E 257 48.44 6.53 -0.13
C THR E 257 48.66 5.94 -1.48
N PHE E 258 48.18 4.74 -1.64
CA PHE E 258 48.32 4.08 -2.91
C PHE E 258 47.89 5.01 -4.04
N VAL E 259 46.68 5.55 -3.96
CA VAL E 259 46.21 6.41 -5.01
C VAL E 259 47.13 7.60 -5.16
N ARG E 260 47.51 8.16 -4.02
CA ARG E 260 48.36 9.33 -4.01
C ARG E 260 49.69 9.07 -4.69
N GLN E 261 50.25 7.91 -4.42
CA GLN E 261 51.51 7.55 -4.97
C GLN E 261 51.39 7.54 -6.47
N GLN E 262 50.32 6.92 -6.97
CA GLN E 262 50.05 6.85 -8.39
C GLN E 262 49.97 8.24 -9.01
N ALA E 263 49.11 9.06 -8.45
CA ALA E 263 49.04 10.42 -8.87
C ALA E 263 50.43 10.99 -8.96
N LEU E 264 51.24 10.76 -7.94
CA LEU E 264 52.62 11.26 -7.92
C LEU E 264 53.43 10.85 -9.16
N GLN E 265 53.73 9.56 -9.34
CA GLN E 265 54.54 9.12 -10.48
C GLN E 265 53.92 9.37 -11.89
N TRP E 266 52.61 9.41 -12.01
CA TRP E 266 52.01 9.76 -13.29
C TRP E 266 52.23 11.20 -13.67
N GLY E 267 52.28 12.05 -12.66
CA GLY E 267 52.40 13.48 -12.86
C GLY E 267 53.83 14.02 -12.81
N THR E 268 54.80 13.13 -12.85
CA THR E 268 56.16 13.56 -12.79
C THR E 268 57.05 12.70 -13.66
N ALA E 269 57.11 11.41 -13.34
CA ALA E 269 57.85 10.45 -14.14
C ALA E 269 57.28 10.42 -15.55
N MET E 270 56.04 10.02 -15.61
CA MET E 270 55.27 10.11 -16.84
C MET E 270 54.85 11.56 -17.04
N GLY E 271 54.54 11.91 -18.27
CA GLY E 271 54.28 13.31 -18.57
C GLY E 271 52.97 13.73 -17.98
N LYS E 272 52.11 12.74 -17.72
CA LYS E 272 50.70 13.01 -17.64
C LYS E 272 50.27 14.07 -16.61
N LYS E 273 49.26 14.84 -16.96
CA LYS E 273 48.67 15.87 -16.14
C LYS E 273 47.67 15.18 -15.26
N VAL E 274 47.85 15.22 -13.93
CA VAL E 274 46.89 14.61 -13.02
C VAL E 274 45.93 15.63 -12.46
N GLY E 275 44.67 15.24 -12.37
CA GLY E 275 43.69 16.12 -11.80
C GLY E 275 43.08 15.42 -10.61
N LEU E 276 43.04 16.12 -9.46
CA LEU E 276 42.68 15.52 -8.18
C LEU E 276 41.48 16.15 -7.55
N ALA E 277 40.47 15.34 -7.28
CA ALA E 277 39.34 15.72 -6.44
C ALA E 277 39.42 14.88 -5.20
N MET E 278 40.17 15.38 -4.23
CA MET E 278 40.33 14.75 -2.95
C MET E 278 39.25 15.31 -2.04
N LEU E 279 38.03 14.79 -2.13
CA LEU E 279 36.90 15.43 -1.46
C LEU E 279 37.03 15.45 0.08
N GLU E 280 37.83 14.53 0.62
CA GLU E 280 37.99 14.36 2.08
C GLU E 280 38.63 15.60 2.69
N GLU E 281 39.74 16.01 2.09
CA GLU E 281 40.66 16.94 2.69
C GLU E 281 40.73 18.20 1.88
N SER E 282 41.44 19.20 2.41
CA SER E 282 41.62 20.49 1.76
C SER E 282 42.55 20.42 0.55
N VAL E 283 42.60 21.47 -0.25
CA VAL E 283 43.43 21.43 -1.44
C VAL E 283 44.87 21.74 -1.04
N GLU E 284 45.03 22.56 -0.01
CA GLU E 284 46.35 22.83 0.54
C GLU E 284 46.92 21.55 1.18
N GLU E 285 46.10 20.87 1.97
CA GLU E 285 46.51 19.64 2.62
C GLU E 285 47.06 18.64 1.60
N THR E 286 46.27 18.32 0.60
CA THR E 286 46.67 17.30 -0.33
C THR E 286 47.96 17.74 -1.00
N ALA E 287 48.06 19.00 -1.34
CA ALA E 287 49.28 19.47 -1.97
C ALA E 287 50.51 19.19 -1.11
N GLU E 288 50.39 19.41 0.21
CA GLU E 288 51.46 19.12 1.16
C GLU E 288 51.77 17.61 1.14
N ASP E 289 50.73 16.81 1.30
CA ASP E 289 50.91 15.38 1.22
C ASP E 289 51.65 14.96 -0.03
N LEU E 290 51.38 15.59 -1.16
CA LEU E 290 52.12 15.27 -2.35
C LEU E 290 53.58 15.61 -2.10
N ILE E 291 53.85 16.89 -1.89
CA ILE E 291 55.22 17.36 -1.66
C ILE E 291 56.06 16.44 -0.79
N GLY E 292 55.52 16.15 0.39
CA GLY E 292 56.23 15.31 1.35
C GLY E 292 56.52 13.94 0.79
N LEU E 293 55.49 13.35 0.19
CA LEU E 293 55.56 12.04 -0.48
C LEU E 293 56.59 12.05 -1.55
N HIS E 294 56.71 13.16 -2.23
CA HIS E 294 57.63 13.24 -3.34
C HIS E 294 59.04 13.31 -2.81
N ASN E 295 59.16 13.86 -1.60
CA ASN E 295 60.44 14.04 -0.96
C ASN E 295 60.71 13.00 0.09
N ARG E 296 59.90 11.96 0.09
CA ARG E 296 60.11 10.82 0.97
C ARG E 296 60.26 11.23 2.42
N VAL E 297 59.41 12.15 2.84
CA VAL E 297 59.41 12.69 4.20
C VAL E 297 57.96 12.91 4.63
N ARG E 298 57.61 12.59 5.87
CA ARG E 298 56.23 12.75 6.29
C ARG E 298 55.98 14.22 6.65
N LEU E 299 55.77 15.05 5.62
CA LEU E 299 55.77 16.48 5.82
C LEU E 299 54.74 16.96 6.80
N ARG E 300 53.46 16.72 6.60
CA ARG E 300 52.52 17.44 7.47
C ARG E 300 52.63 16.99 8.91
N GLN E 301 52.93 15.73 9.02
CA GLN E 301 53.01 15.01 10.25
C GLN E 301 54.24 15.39 11.12
N SER E 302 54.81 16.58 10.90
CA SER E 302 56.04 17.04 11.58
C SER E 302 56.27 18.56 11.66
N ASP E 303 55.87 19.12 12.79
CA ASP E 303 56.08 20.53 13.15
C ASP E 303 57.46 21.03 12.72
N SER E 304 58.49 20.40 13.27
CA SER E 304 59.89 20.81 13.08
C SER E 304 60.28 20.98 11.61
N LEU E 305 59.97 19.99 10.78
CA LEU E 305 60.42 19.98 9.41
C LEU E 305 59.66 21.05 8.63
N LYS E 306 58.37 21.21 8.92
CA LYS E 306 57.63 22.25 8.25
C LYS E 306 58.43 23.56 8.34
N ARG E 307 58.66 24.00 9.58
CA ARG E 307 59.37 25.25 9.92
C ARG E 307 60.70 25.35 9.21
N GLU E 308 61.51 24.33 9.44
CA GLU E 308 62.78 24.16 8.78
C GLU E 308 62.72 24.54 7.25
N ILE E 309 61.90 23.86 6.46
CA ILE E 309 61.95 24.05 5.02
C ILE E 309 61.29 25.34 4.62
N ILE E 310 60.47 25.93 5.49
CA ILE E 310 59.91 27.25 5.16
C ILE E 310 61.02 28.26 5.16
N GLU E 311 61.87 28.16 6.18
CA GLU E 311 62.97 29.12 6.38
C GLU E 311 64.18 28.84 5.48
N ASN E 312 64.59 27.57 5.35
CA ASN E 312 65.80 27.23 4.61
C ASN E 312 65.61 27.21 3.12
N GLY E 313 64.49 27.77 2.65
CA GLY E 313 64.20 27.86 1.22
C GLY E 313 63.81 26.56 0.54
N LYS E 314 63.97 25.44 1.24
CA LYS E 314 63.73 24.14 0.64
C LYS E 314 62.28 24.01 0.22
N PHE E 315 61.36 24.69 0.93
CA PHE E 315 59.94 24.61 0.55
C PHE E 315 59.73 25.09 -0.87
N ASP E 316 60.10 26.35 -1.08
CA ASP E 316 59.92 27.02 -2.37
C ASP E 316 60.68 26.24 -3.45
N GLN E 317 61.67 25.48 -3.00
CA GLN E 317 62.50 24.69 -3.89
C GLN E 317 61.81 23.37 -4.28
N TRP E 318 61.30 22.67 -3.28
CA TRP E 318 60.66 21.38 -3.49
C TRP E 318 59.43 21.68 -4.24
N PHE E 319 58.80 22.79 -3.91
CA PHE E 319 57.51 23.09 -4.45
C PHE E 319 57.66 23.24 -5.94
N ASP E 320 58.57 24.12 -6.35
CA ASP E 320 58.84 24.30 -7.77
C ASP E 320 59.13 22.93 -8.36
N GLU E 321 60.08 22.25 -7.74
CA GLU E 321 60.55 20.96 -8.20
C GLU E 321 59.45 19.99 -8.60
N LEU E 322 58.49 19.79 -7.72
CA LEU E 322 57.38 18.90 -8.02
C LEU E 322 56.33 19.57 -8.94
N PHE E 323 55.86 20.75 -8.55
CA PHE E 323 54.65 21.26 -9.17
C PHE E 323 54.86 22.02 -10.47
N GLY E 324 56.04 22.59 -10.62
CA GLY E 324 56.28 23.66 -11.59
C GLY E 324 56.34 23.19 -13.02
N ASN E 325 55.50 22.21 -13.29
CA ASN E 325 55.33 21.73 -14.62
C ASN E 325 53.86 21.66 -14.93
N ASP E 326 53.09 22.53 -14.27
CA ASP E 326 51.66 22.68 -14.51
C ASP E 326 50.98 21.37 -14.82
N THR E 327 51.32 20.37 -14.00
CA THR E 327 50.93 19.01 -14.27
C THR E 327 49.90 18.50 -13.26
N PHE E 328 49.97 18.94 -12.00
CA PHE E 328 48.92 18.65 -11.01
C PHE E 328 47.93 19.80 -10.92
N HIS E 329 46.65 19.45 -10.73
CA HIS E 329 45.56 20.43 -10.57
C HIS E 329 44.46 19.83 -9.74
N LEU E 330 43.96 20.58 -8.77
CA LEU E 330 43.02 20.00 -7.82
C LEU E 330 41.65 20.66 -7.85
N TYR E 331 40.59 19.87 -7.85
CA TYR E 331 39.28 20.36 -7.39
C TYR E 331 39.32 20.73 -5.90
N ASP E 332 38.99 21.97 -5.55
CA ASP E 332 38.97 22.41 -4.17
C ASP E 332 37.55 22.72 -3.79
N SER E 333 37.06 22.16 -2.69
CA SER E 333 35.62 22.19 -2.40
C SER E 333 35.00 23.26 -1.42
N PHE E 334 34.38 22.76 -0.33
CA PHE E 334 33.13 23.30 0.26
C PHE E 334 31.96 23.40 -0.77
N GLU E 338 26.96 19.37 -5.28
CA GLU E 338 26.05 18.40 -5.89
C GLU E 338 26.77 17.26 -6.64
N THR E 339 26.00 16.33 -7.21
CA THR E 339 26.56 15.27 -8.07
C THR E 339 26.84 15.86 -9.44
N ASP E 340 25.79 16.49 -9.98
CA ASP E 340 25.85 17.18 -11.27
C ASP E 340 26.94 18.24 -11.24
N ARG E 341 26.87 19.12 -10.21
CA ARG E 341 27.90 20.14 -9.97
C ARG E 341 29.35 19.61 -9.93
N LEU E 342 29.59 18.49 -9.25
CA LEU E 342 30.94 17.93 -9.23
C LEU E 342 31.35 17.46 -10.63
N LEU E 343 30.56 16.53 -11.16
CA LEU E 343 30.82 15.95 -12.47
C LEU E 343 31.23 17.00 -13.49
N ALA E 344 30.58 18.17 -13.40
CA ALA E 344 30.86 19.28 -14.30
C ALA E 344 32.28 19.82 -14.11
N LYS E 345 32.68 20.03 -12.84
CA LYS E 345 34.04 20.48 -12.54
C LYS E 345 35.09 19.47 -13.03
N LEU E 346 34.83 18.20 -12.77
CA LEU E 346 35.74 17.15 -13.21
C LEU E 346 35.91 17.16 -14.72
N ALA E 347 34.81 17.45 -15.42
CA ALA E 347 34.78 17.50 -16.87
C ALA E 347 35.67 18.61 -17.42
N TYR E 348 35.54 19.82 -16.87
CA TYR E 348 36.40 20.94 -17.26
C TYR E 348 37.88 20.69 -16.94
N MET E 349 38.17 19.84 -15.96
CA MET E 349 39.54 19.44 -15.70
C MET E 349 40.05 18.71 -16.93
N ARG E 350 39.30 17.67 -17.32
CA ARG E 350 39.54 16.89 -18.55
C ARG E 350 39.54 17.75 -19.79
N SER E 351 38.49 18.55 -19.97
CA SER E 351 38.25 19.21 -21.24
C SER E 351 39.00 20.50 -21.34
N GLY E 352 39.05 21.24 -20.25
CA GLY E 352 39.68 22.54 -20.27
C GLY E 352 41.18 22.44 -20.07
N LEU E 353 41.58 22.09 -18.85
CA LEU E 353 43.01 21.91 -18.53
C LEU E 353 43.57 20.60 -19.09
N GLY E 354 42.71 19.80 -19.71
CA GLY E 354 43.14 18.57 -20.36
C GLY E 354 44.13 17.68 -19.63
N CYS E 355 43.76 17.22 -18.44
CA CYS E 355 44.58 16.25 -17.78
C CYS E 355 44.03 14.95 -18.26
N ASP E 356 44.82 13.90 -18.13
CA ASP E 356 44.45 12.60 -18.65
C ASP E 356 44.16 11.62 -17.54
N VAL E 357 44.55 11.96 -16.32
CA VAL E 357 43.97 11.23 -15.20
C VAL E 357 43.24 12.17 -14.27
N ILE E 358 42.07 11.71 -13.82
CA ILE E 358 41.37 12.35 -12.74
C ILE E 358 41.24 11.31 -11.65
N ILE E 359 41.69 11.63 -10.44
CA ILE E 359 41.57 10.71 -9.31
C ILE E 359 40.48 11.28 -8.46
N LEU E 360 39.47 10.49 -8.17
CA LEU E 360 38.34 11.01 -7.43
C LEU E 360 38.34 10.29 -6.13
N ASP E 361 38.85 10.97 -5.08
CA ASP E 361 39.00 10.35 -3.74
C ASP E 361 37.77 10.42 -2.91
N HIS E 362 37.15 9.25 -3.10
CA HIS E 362 36.26 8.61 -2.22
C HIS E 362 34.78 8.85 -2.41
N ILE E 363 34.28 8.04 -3.38
CA ILE E 363 32.97 8.07 -3.99
C ILE E 363 31.90 8.10 -2.94
N SER E 364 32.18 7.45 -1.82
CA SER E 364 31.24 7.37 -0.71
C SER E 364 30.56 8.69 -0.43
N ILE E 365 31.35 9.77 -0.46
CA ILE E 365 30.75 11.10 -0.47
C ILE E 365 30.04 11.36 -1.81
N VAL E 366 28.71 11.30 -1.75
CA VAL E 366 27.88 11.73 -2.90
C VAL E 366 28.04 13.34 -3.05
N VAL E 367 27.06 14.13 -2.37
CA VAL E 367 26.88 15.61 -2.03
C VAL E 367 26.60 16.86 -2.93
N SER E 368 25.28 17.20 -2.53
CA SER E 368 24.18 18.25 -2.65
C SER E 368 23.09 18.28 -3.76
N ALA E 369 21.88 17.96 -3.21
CA ALA E 369 20.52 17.85 -3.77
C ALA E 369 19.59 17.02 -2.84
N SER E 370 19.55 17.36 -1.55
CA SER E 370 18.83 16.56 -0.44
C SER E 370 17.29 16.52 -0.25
N GLY E 371 16.68 15.44 -0.73
CA GLY E 371 15.29 15.06 -0.54
C GLY E 371 15.06 13.60 -0.95
N GLU E 372 16.18 12.90 -1.16
CA GLU E 372 16.27 11.58 -1.83
C GLU E 372 16.84 10.40 -1.01
N SER E 373 16.23 9.23 -1.22
CA SER E 373 16.55 7.99 -0.49
C SER E 373 17.85 7.27 -0.92
N ASP E 374 17.92 5.97 -0.62
CA ASP E 374 19.17 5.16 -0.51
C ASP E 374 20.41 5.60 -1.28
N GLU E 375 21.49 5.85 -0.51
CA GLU E 375 22.83 6.00 -1.08
C GLU E 375 23.11 4.73 -1.93
N ARG E 376 22.46 3.63 -1.56
CA ARG E 376 22.44 2.37 -2.34
C ARG E 376 22.19 2.66 -3.82
N LYS E 377 21.07 3.33 -4.08
CA LYS E 377 20.61 3.68 -5.40
C LYS E 377 21.48 4.76 -6.03
N MET E 378 21.61 5.88 -5.32
CA MET E 378 22.31 7.04 -5.84
C MET E 378 23.77 6.76 -6.22
N ILE E 379 24.46 6.03 -5.35
CA ILE E 379 25.83 5.63 -5.62
C ILE E 379 25.90 5.19 -7.07
N ASP E 380 24.91 4.41 -7.49
CA ASP E 380 24.82 3.85 -8.84
C ASP E 380 24.64 4.93 -9.94
N ASN E 381 23.63 5.78 -9.76
CA ASN E 381 23.41 6.92 -10.63
C ASN E 381 24.72 7.68 -10.94
N LEU E 382 25.43 8.12 -9.91
CA LEU E 382 26.68 8.82 -10.13
C LEU E 382 27.64 7.91 -10.90
N MET E 383 27.78 6.67 -10.43
CA MET E 383 28.65 5.66 -11.03
C MET E 383 28.61 5.72 -12.55
N THR E 384 27.41 5.73 -13.10
CA THR E 384 27.25 5.75 -14.53
C THR E 384 27.75 7.06 -15.12
N LYS E 385 27.22 8.20 -14.68
CA LYS E 385 27.68 9.49 -15.20
C LYS E 385 29.20 9.44 -15.30
N LEU E 386 29.83 8.85 -14.30
CA LEU E 386 31.27 8.82 -14.24
C LEU E 386 31.79 8.03 -15.40
N LYS E 387 31.33 6.77 -15.51
CA LYS E 387 31.78 5.84 -16.54
C LYS E 387 31.56 6.43 -17.91
N GLY E 388 30.49 7.22 -18.02
CA GLY E 388 30.21 8.01 -19.19
C GLY E 388 31.32 9.01 -19.43
N PHE E 389 31.42 9.98 -18.55
CA PHE E 389 32.55 10.90 -18.54
C PHE E 389 33.80 10.22 -19.05
N ALA E 390 34.09 9.09 -18.42
CA ALA E 390 35.28 8.29 -18.70
C ALA E 390 35.46 7.92 -20.17
N LYS E 391 34.60 6.98 -20.61
CA LYS E 391 34.57 6.47 -22.00
C LYS E 391 34.26 7.56 -23.04
N SER E 392 33.32 8.42 -22.72
CA SER E 392 33.00 9.53 -23.60
C SER E 392 34.22 10.42 -23.89
N THR E 393 35.15 10.55 -22.96
CA THR E 393 36.22 11.54 -23.14
C THR E 393 37.65 11.01 -23.03
N GLY E 394 37.78 9.74 -22.65
CA GLY E 394 39.05 9.01 -22.74
C GLY E 394 39.99 9.32 -21.62
N VAL E 395 39.54 10.16 -20.70
CA VAL E 395 40.31 10.44 -19.53
C VAL E 395 40.39 9.15 -18.74
N VAL E 396 41.48 8.97 -17.99
CA VAL E 396 41.58 7.88 -17.01
C VAL E 396 40.99 8.31 -15.69
N LEU E 397 39.99 7.58 -15.24
CA LEU E 397 39.29 7.95 -14.02
C LEU E 397 39.51 6.91 -12.96
N VAL E 398 40.42 7.19 -12.02
CA VAL E 398 40.62 6.35 -10.84
C VAL E 398 39.58 6.80 -9.87
N VAL E 399 38.88 5.85 -9.27
CA VAL E 399 37.88 6.22 -8.28
C VAL E 399 38.08 5.38 -7.01
N ILE E 400 38.25 6.08 -5.89
CA ILE E 400 38.54 5.48 -4.62
C ILE E 400 37.24 5.16 -4.00
N CYS E 401 37.20 4.11 -3.21
CA CYS E 401 35.95 3.73 -2.60
C CYS E 401 36.13 2.81 -1.41
N HIS E 402 35.42 3.12 -0.34
CA HIS E 402 35.59 2.45 0.95
C HIS E 402 34.61 1.33 1.21
N LEU E 403 35.01 0.43 2.10
CA LEU E 403 34.25 -0.78 2.26
C LEU E 403 33.23 -0.77 3.41
N LYS E 404 32.02 -1.25 3.13
CA LYS E 404 31.06 -1.59 4.18
C LYS E 404 31.73 -2.59 5.16
N ASN E 405 31.17 -2.77 6.35
CA ASN E 405 31.85 -3.63 7.34
C ASN E 405 31.17 -4.91 7.82
N PRO E 406 31.90 -6.01 7.57
CA PRO E 406 31.38 -7.38 7.51
C PRO E 406 30.06 -7.77 8.23
N ASP E 407 30.09 -7.74 9.56
CA ASP E 407 29.14 -8.49 10.36
C ASP E 407 29.65 -9.94 10.53
N LYS E 408 30.63 -10.33 9.70
CA LYS E 408 31.19 -11.68 9.77
C LYS E 408 32.59 -11.76 10.38
N GLY E 409 32.63 -12.25 11.62
CA GLY E 409 33.84 -12.61 12.36
C GLY E 409 35.05 -11.68 12.33
N LYS E 410 35.92 -11.87 11.32
CA LYS E 410 37.16 -11.11 11.21
C LYS E 410 36.98 -9.82 10.42
N ALA E 411 37.48 -8.74 11.02
CA ALA E 411 37.28 -7.39 10.51
C ALA E 411 38.22 -7.08 9.36
N HIS E 412 38.47 -5.80 9.13
CA HIS E 412 39.28 -5.40 7.99
C HIS E 412 40.73 -5.31 8.37
N GLU E 413 40.96 -4.92 9.62
CA GLU E 413 42.29 -4.74 10.15
C GLU E 413 42.80 -6.09 10.56
N GLU E 414 41.91 -7.08 10.51
CA GLU E 414 42.28 -8.47 10.74
C GLU E 414 42.63 -9.11 9.41
N GLY E 415 42.92 -8.27 8.41
CA GLY E 415 43.34 -8.71 7.10
C GLY E 415 42.21 -9.09 6.16
N ARG E 416 41.14 -9.69 6.66
CA ARG E 416 40.08 -10.31 5.85
C ARG E 416 40.02 -9.88 4.41
N PRO E 417 40.19 -10.83 3.50
CA PRO E 417 40.18 -10.56 2.06
C PRO E 417 38.85 -10.06 1.60
N VAL E 418 38.81 -9.44 0.43
CA VAL E 418 37.60 -8.82 -0.07
C VAL E 418 37.24 -9.40 -1.41
N SER E 419 35.95 -9.54 -1.65
CA SER E 419 35.45 -10.00 -2.95
C SER E 419 34.56 -8.93 -3.54
N ILE E 420 34.10 -9.15 -4.76
CA ILE E 420 33.23 -8.18 -5.40
C ILE E 420 31.85 -8.19 -4.74
N THR E 421 31.47 -9.36 -4.25
CA THR E 421 30.33 -9.45 -3.36
C THR E 421 30.60 -8.52 -2.19
N ASP E 422 31.76 -8.71 -1.57
CA ASP E 422 32.24 -7.89 -0.46
C ASP E 422 32.04 -6.43 -0.81
N LEU E 423 31.76 -6.17 -2.08
CA LEU E 423 31.54 -4.84 -2.59
C LEU E 423 30.42 -4.01 -1.94
N ARG E 424 30.73 -2.72 -1.78
CA ARG E 424 29.74 -1.68 -1.53
C ARG E 424 28.92 -1.38 -2.82
N GLY E 425 28.07 -0.35 -2.73
CA GLY E 425 27.15 0.00 -3.80
C GLY E 425 25.98 -0.97 -3.86
N SER E 426 25.35 -1.02 -5.03
CA SER E 426 24.34 -2.03 -5.27
C SER E 426 24.45 -2.55 -6.70
N GLY E 427 25.63 -2.37 -7.27
CA GLY E 427 25.90 -3.00 -8.54
C GLY E 427 26.56 -2.11 -9.56
N ALA E 428 26.34 -0.81 -9.48
CA ALA E 428 26.87 0.06 -10.53
C ALA E 428 28.39 -0.04 -10.67
N LEU E 429 29.09 0.06 -9.54
CA LEU E 429 30.55 0.01 -9.51
C LEU E 429 30.95 -1.42 -9.79
N ARG E 430 30.36 -2.34 -9.04
CA ARG E 430 30.60 -3.77 -9.25
C ARG E 430 30.48 -4.10 -10.73
N GLN E 431 29.93 -3.16 -11.52
CA GLN E 431 29.78 -3.27 -12.97
C GLN E 431 30.63 -2.25 -13.73
N LEU E 432 30.14 -1.02 -13.76
CA LEU E 432 30.72 0.06 -14.57
C LEU E 432 32.24 0.24 -14.54
N SER E 433 32.87 -0.12 -13.43
CA SER E 433 34.34 -0.01 -13.31
C SER E 433 35.09 -1.02 -14.18
N ASP E 434 36.17 -0.60 -14.78
CA ASP E 434 36.85 -1.54 -15.64
C ASP E 434 37.85 -2.43 -14.88
N THR E 435 38.75 -1.83 -14.10
CA THR E 435 39.65 -2.61 -13.26
C THR E 435 39.37 -2.28 -11.83
N ILE E 436 39.22 -3.32 -11.01
CA ILE E 436 39.02 -3.15 -9.56
C ILE E 436 40.29 -3.57 -8.80
N ILE E 437 41.03 -2.63 -8.21
CA ILE E 437 42.17 -3.03 -7.39
C ILE E 437 41.81 -2.92 -5.95
N ALA E 438 41.99 -4.00 -5.19
CA ALA E 438 41.71 -3.99 -3.76
C ALA E 438 43.00 -4.19 -2.97
N LEU E 439 43.11 -3.53 -1.82
CA LEU E 439 44.29 -3.68 -1.00
C LEU E 439 43.93 -4.07 0.42
N GLU E 440 44.53 -5.15 0.89
CA GLU E 440 44.17 -5.69 2.18
C GLU E 440 45.35 -5.47 3.08
N ARG E 441 45.10 -5.34 4.38
CA ARG E 441 46.15 -5.10 5.36
C ARG E 441 45.66 -5.57 6.69
N ASN E 442 46.29 -6.62 7.20
CA ASN E 442 46.04 -7.13 8.56
C ASN E 442 46.89 -6.44 9.70
N GLN E 443 46.43 -5.25 10.09
CA GLN E 443 47.23 -4.30 10.85
C GLN E 443 47.47 -4.77 12.25
N GLN E 444 46.94 -5.91 12.59
CA GLN E 444 47.33 -6.50 13.85
C GLN E 444 47.78 -7.92 13.58
N GLY E 445 49.03 -8.07 13.15
CA GLY E 445 49.53 -9.41 12.87
C GLY E 445 51.03 -9.59 12.73
N ASP E 446 51.41 -10.40 11.74
CA ASP E 446 52.80 -10.76 11.47
C ASP E 446 53.53 -9.65 10.75
N MET E 447 52.89 -9.14 9.70
CA MET E 447 53.38 -7.95 9.04
C MET E 447 52.25 -6.96 9.04
N PRO E 448 52.17 -6.21 10.12
CA PRO E 448 51.17 -5.17 10.27
C PRO E 448 51.41 -4.10 9.24
N ASN E 449 52.62 -4.08 8.69
CA ASN E 449 52.89 -3.14 7.61
C ASN E 449 52.76 -3.78 6.20
N LEU E 450 52.52 -5.09 6.13
CA LEU E 450 52.41 -5.72 4.84
C LEU E 450 51.02 -5.60 4.28
N VAL E 451 50.94 -5.23 3.01
CA VAL E 451 49.65 -5.06 2.32
C VAL E 451 49.51 -5.79 0.98
N LEU E 452 48.39 -6.50 0.83
CA LEU E 452 48.19 -7.38 -0.29
C LEU E 452 47.41 -6.66 -1.31
N VAL E 453 47.57 -7.04 -2.56
CA VAL E 453 46.80 -6.44 -3.62
C VAL E 453 46.08 -7.45 -4.46
N ARG E 454 44.76 -7.46 -4.40
CA ARG E 454 43.94 -8.32 -5.22
C ARG E 454 43.55 -7.52 -6.42
N ILE E 455 43.64 -8.13 -7.59
CA ILE E 455 42.90 -7.62 -8.72
C ILE E 455 41.55 -8.29 -8.69
N LEU E 456 40.54 -7.47 -8.39
CA LEU E 456 39.21 -7.98 -8.23
C LEU E 456 38.52 -8.09 -9.55
N LYS E 457 39.10 -7.49 -10.59
CA LYS E 457 38.48 -7.45 -11.91
C LYS E 457 39.21 -6.56 -12.88
N CYS E 458 39.17 -6.94 -14.15
CA CYS E 458 39.94 -6.26 -15.16
C CYS E 458 39.44 -6.63 -16.55
N ARG E 459 38.50 -5.85 -17.06
CA ARG E 459 37.87 -6.15 -18.33
C ARG E 459 38.94 -6.48 -19.38
N PHE E 460 39.70 -5.48 -19.76
CA PHE E 460 40.77 -5.56 -20.74
C PHE E 460 41.66 -6.77 -20.67
N THR E 461 41.75 -7.46 -19.53
CA THR E 461 42.51 -8.70 -19.52
C THR E 461 41.82 -9.82 -18.84
N GLY E 462 41.04 -9.54 -17.81
CA GLY E 462 40.40 -10.61 -17.07
C GLY E 462 41.35 -11.57 -16.34
N ASP E 463 42.65 -11.28 -16.45
CA ASP E 463 43.62 -11.89 -15.57
C ASP E 463 43.46 -11.22 -14.23
N THR E 464 42.98 -11.95 -13.22
CA THR E 464 42.73 -11.34 -11.94
C THR E 464 43.37 -12.13 -10.82
N GLY E 465 43.16 -11.69 -9.58
CA GLY E 465 43.67 -12.37 -8.39
C GLY E 465 44.75 -11.64 -7.60
N ILE E 466 45.35 -12.35 -6.66
CA ILE E 466 46.46 -11.83 -5.89
C ILE E 466 47.47 -11.35 -6.89
N ALA E 467 48.03 -10.18 -6.69
CA ALA E 467 48.88 -9.61 -7.72
C ALA E 467 50.19 -9.05 -7.18
N GLY E 468 50.46 -9.21 -5.88
CA GLY E 468 51.69 -8.70 -5.33
C GLY E 468 51.48 -8.08 -3.99
N TYR E 469 52.58 -7.63 -3.41
CA TYR E 469 52.54 -7.10 -2.05
C TYR E 469 53.32 -5.82 -1.98
N MET E 470 53.01 -5.01 -0.99
CA MET E 470 53.82 -3.87 -0.69
C MET E 470 53.94 -3.76 0.80
N GLU E 471 54.76 -2.83 1.25
CA GLU E 471 54.97 -2.62 2.68
C GLU E 471 54.95 -1.13 3.06
N TYR E 472 54.27 -0.80 4.15
CA TYR E 472 54.22 0.57 4.52
C TYR E 472 55.50 0.99 5.17
N ASN E 473 56.13 2.03 4.63
CA ASN E 473 57.23 2.65 5.34
C ASN E 473 56.67 3.79 6.16
N LYS E 474 56.40 3.51 7.44
CA LYS E 474 55.88 4.50 8.41
C LYS E 474 56.76 5.76 8.40
N GLU E 475 57.98 5.55 7.96
CA GLU E 475 59.04 6.54 8.01
C GLU E 475 59.06 7.51 6.83
N THR E 476 59.02 7.01 5.60
CA THR E 476 59.01 7.86 4.44
C THR E 476 57.59 8.16 4.04
N GLY E 477 56.69 7.22 4.36
CA GLY E 477 55.28 7.39 4.06
C GLY E 477 54.77 6.64 2.83
N TRP E 478 55.68 5.90 2.17
CA TRP E 478 55.41 5.29 0.87
C TRP E 478 54.91 3.87 0.97
N LEU E 479 54.20 3.45 -0.05
CA LEU E 479 53.90 2.06 -0.16
C LEU E 479 55.06 1.50 -0.99
N GLU E 480 56.11 1.01 -0.32
CA GLU E 480 57.20 0.32 -1.03
C GLU E 480 56.77 -1.04 -1.61
N PRO E 481 57.36 -1.46 -2.73
CA PRO E 481 57.12 -2.81 -3.28
C PRO E 481 57.81 -3.87 -2.42
N SER E 482 57.27 -5.10 -2.31
CA SER E 482 57.89 -6.11 -1.43
C SER E 482 57.99 -7.46 -2.03
N SER E 483 59.05 -8.14 -1.60
CA SER E 483 59.25 -9.60 -1.79
C SER E 483 58.18 -10.41 -1.03
N TYR E 484 57.43 -11.23 -1.74
CA TYR E 484 56.48 -12.08 -1.02
C TYR E 484 55.70 -13.08 -1.86
N SER E 485 55.57 -14.30 -1.31
CA SER E 485 54.61 -15.26 -1.81
C SER E 485 54.23 -16.35 -0.78
N GLY E 486 54.02 -17.57 -1.29
CA GLY E 486 53.56 -18.69 -0.50
C GLY E 486 54.35 -18.97 0.77
N MET F 1 -2.73 42.88 -31.64
CA MET F 1 -1.47 42.18 -32.08
C MET F 1 -0.18 42.88 -31.68
N THR F 2 0.94 42.24 -31.99
CA THR F 2 2.27 42.77 -31.63
C THR F 2 2.79 43.86 -32.60
N TYR F 3 3.60 44.80 -32.08
CA TYR F 3 4.25 45.87 -32.88
C TYR F 3 4.85 45.39 -34.23
N ASN F 4 4.35 45.93 -35.34
CA ASN F 4 4.78 45.54 -36.68
C ASN F 4 6.22 45.80 -36.92
N VAL F 5 6.88 44.89 -37.65
CA VAL F 5 8.30 45.05 -37.99
C VAL F 5 8.45 46.29 -38.87
N TRP F 6 9.44 47.14 -38.58
CA TRP F 6 9.56 48.41 -39.26
C TRP F 6 10.11 48.22 -40.64
N ASN F 7 9.36 48.66 -41.65
CA ASN F 7 9.77 48.55 -43.06
C ASN F 7 10.80 49.60 -43.49
N PHE F 8 11.84 49.14 -44.16
CA PHE F 8 12.92 50.04 -44.56
C PHE F 8 12.43 50.84 -45.68
N GLY F 9 12.44 52.16 -45.57
CA GLY F 9 11.84 52.94 -46.65
C GLY F 9 10.56 53.52 -46.15
N GLU F 10 9.59 52.67 -45.80
CA GLU F 10 8.40 53.12 -45.07
C GLU F 10 8.85 54.15 -44.02
N SER F 11 9.77 53.77 -43.14
CA SER F 11 10.52 54.68 -42.25
C SER F 11 11.81 55.05 -42.93
N ASN F 12 12.14 56.35 -42.98
CA ASN F 12 13.11 56.87 -43.95
C ASN F 12 14.57 56.40 -43.77
N GLY F 13 14.82 55.15 -44.15
CA GLY F 13 15.99 54.43 -43.75
C GLY F 13 17.18 54.72 -44.60
N ARG F 14 18.31 54.75 -43.92
CA ARG F 14 19.58 54.91 -44.55
C ARG F 14 20.59 54.03 -43.86
N TYR F 15 21.53 53.46 -44.59
CA TYR F 15 22.59 52.75 -43.91
C TYR F 15 23.74 53.73 -43.79
N SER F 16 23.73 54.53 -42.74
CA SER F 16 24.79 55.53 -42.56
C SER F 16 25.75 55.11 -41.51
N ALA F 17 26.96 55.65 -41.56
CA ALA F 17 28.02 55.29 -40.63
C ALA F 17 27.86 55.92 -39.24
N LEU F 18 28.10 55.14 -38.20
CA LEU F 18 27.91 55.64 -36.87
C LEU F 18 29.18 56.39 -36.48
N THR F 19 29.24 57.70 -36.73
CA THR F 19 30.48 58.49 -36.56
C THR F 19 30.83 58.63 -35.10
N ALA F 20 29.82 58.47 -34.27
CA ALA F 20 29.99 58.60 -32.84
C ALA F 20 30.68 57.40 -32.21
N ARG F 21 30.75 56.31 -32.94
CA ARG F 21 31.20 55.07 -32.36
C ARG F 21 32.32 54.45 -33.15
N GLY F 22 32.76 55.12 -34.21
CA GLY F 22 33.79 54.53 -35.04
C GLY F 22 33.37 53.21 -35.67
N ILE F 23 32.12 53.12 -36.08
CA ILE F 23 31.62 52.02 -36.83
C ILE F 23 31.41 52.58 -38.20
N SER F 24 31.99 51.94 -39.19
CA SER F 24 31.89 52.39 -40.59
C SER F 24 30.49 52.23 -41.19
N LYS F 25 30.23 52.92 -42.31
CA LYS F 25 28.90 52.82 -42.95
C LYS F 25 28.70 51.42 -43.50
N GLU F 26 29.72 50.97 -44.25
CA GLU F 26 29.76 49.61 -44.77
C GLU F 26 29.50 48.55 -43.68
N THR F 27 29.98 48.79 -42.46
CA THR F 27 29.77 47.84 -41.38
C THR F 27 28.28 47.77 -41.03
N CYS F 28 27.66 48.89 -40.67
CA CYS F 28 26.29 48.86 -40.21
C CYS F 28 25.49 48.14 -41.25
N GLN F 29 25.89 48.31 -42.50
CA GLN F 29 25.16 47.69 -43.59
C GLN F 29 25.11 46.19 -43.57
N LYS F 30 26.19 45.54 -43.09
CA LYS F 30 26.29 44.10 -43.10
C LYS F 30 25.59 43.46 -41.92
N ALA F 31 25.68 44.03 -40.73
CA ALA F 31 25.00 43.42 -39.59
C ALA F 31 23.53 43.75 -39.51
N GLY F 32 23.15 44.83 -40.16
CA GLY F 32 21.76 45.25 -40.19
C GLY F 32 21.52 46.26 -39.07
N TYR F 33 22.34 47.31 -39.08
CA TYR F 33 22.13 48.46 -38.24
C TYR F 33 21.85 49.66 -39.11
N TRP F 34 20.56 49.89 -39.30
CA TRP F 34 20.09 51.00 -40.13
C TRP F 34 19.47 52.18 -39.33
N ILE F 35 19.45 53.35 -39.96
CA ILE F 35 19.00 54.61 -39.36
C ILE F 35 17.70 55.11 -40.03
N ALA F 36 16.58 54.86 -39.35
CA ALA F 36 15.30 55.29 -39.85
C ALA F 36 14.98 56.72 -39.40
N LYS F 37 13.81 57.23 -39.78
CA LYS F 37 13.25 58.44 -39.13
C LYS F 37 11.73 58.59 -39.32
N VAL F 38 10.98 58.19 -38.30
CA VAL F 38 9.52 58.17 -38.37
C VAL F 38 8.86 59.30 -37.59
N ASP F 39 7.85 59.92 -38.22
CA ASP F 39 7.05 60.98 -37.60
C ASP F 39 7.84 62.20 -37.08
N GLY F 40 9.09 62.35 -37.52
CA GLY F 40 9.88 63.52 -37.15
C GLY F 40 11.26 63.20 -36.59
N VAL F 41 11.31 62.28 -35.63
CA VAL F 41 12.56 61.96 -34.93
C VAL F 41 13.34 60.82 -35.56
N MET F 42 14.66 60.84 -35.44
CA MET F 42 15.50 59.89 -36.15
C MET F 42 15.99 58.73 -35.27
N TYR F 43 15.49 57.52 -35.53
CA TYR F 43 15.80 56.33 -34.73
C TYR F 43 16.88 55.37 -35.30
N GLN F 44 17.56 54.68 -34.39
CA GLN F 44 18.55 53.69 -34.75
C GLN F 44 17.92 52.30 -34.69
N VAL F 45 17.85 51.60 -35.80
CA VAL F 45 17.17 50.31 -35.83
C VAL F 45 18.12 49.12 -36.01
N ALA F 46 18.04 48.15 -35.08
CA ALA F 46 18.81 46.90 -35.18
C ALA F 46 17.91 45.75 -35.61
N ASP F 47 18.34 45.09 -36.67
CA ASP F 47 17.52 44.12 -37.29
C ASP F 47 17.91 42.77 -36.81
N TYR F 48 17.04 42.14 -36.02
CA TYR F 48 17.27 40.77 -35.62
C TYR F 48 16.61 39.76 -36.57
N ARG F 49 17.38 38.91 -37.26
CA ARG F 49 16.78 37.87 -38.13
C ARG F 49 17.14 36.52 -37.64
N ASP F 50 16.36 35.51 -38.01
CA ASP F 50 16.68 34.14 -37.64
C ASP F 50 17.65 33.57 -38.61
N GLN F 51 18.11 32.35 -38.34
CA GLN F 51 19.15 31.70 -39.16
C GLN F 51 18.75 31.51 -40.63
N ASN F 52 17.47 31.67 -40.88
CA ASN F 52 16.90 31.51 -42.17
C ASN F 52 16.96 32.79 -43.00
N GLY F 53 17.23 33.91 -42.37
CA GLY F 53 17.31 35.14 -43.13
C GLY F 53 16.23 36.19 -42.86
N ASN F 54 15.06 35.82 -42.45
CA ASN F 54 14.11 36.81 -42.24
C ASN F 54 14.32 37.64 -41.03
N ILE F 55 13.69 38.75 -41.11
CA ILE F 55 13.72 39.64 -39.96
C ILE F 55 12.60 39.24 -39.04
N VAL F 56 12.91 38.85 -37.81
CA VAL F 56 11.87 38.43 -36.89
C VAL F 56 11.54 39.49 -35.85
N SER F 57 12.42 40.47 -35.71
CA SER F 57 12.21 41.50 -34.71
C SER F 57 13.16 42.69 -34.88
N GLN F 58 12.84 43.82 -34.28
CA GLN F 58 13.69 44.98 -34.33
C GLN F 58 13.92 45.59 -32.95
N LYS F 59 15.13 46.07 -32.70
CA LYS F 59 15.33 46.88 -31.51
C LYS F 59 15.62 48.31 -31.98
N VAL F 60 14.71 49.23 -31.69
CA VAL F 60 14.85 50.62 -32.15
C VAL F 60 15.29 51.57 -31.03
N ARG F 61 16.08 52.58 -31.38
CA ARG F 61 16.62 53.53 -30.41
C ARG F 61 16.24 54.95 -30.77
N ASP F 62 16.06 55.80 -29.78
CA ASP F 62 16.12 57.23 -30.03
C ASP F 62 17.23 57.90 -29.24
N LYS F 63 17.70 59.02 -29.76
CA LYS F 63 18.79 59.79 -29.19
C LYS F 63 18.93 59.65 -27.69
N ASP F 64 17.89 60.10 -26.95
CA ASP F 64 17.94 60.32 -25.49
C ASP F 64 18.22 59.06 -24.65
N LYS F 65 18.23 57.92 -25.32
CA LYS F 65 18.51 56.72 -24.56
C LYS F 65 17.23 55.96 -24.17
N ASN F 66 16.33 55.96 -25.12
CA ASN F 66 15.11 55.14 -25.09
C ASN F 66 15.14 53.89 -25.99
N PHE F 67 14.06 53.10 -25.94
CA PHE F 67 13.89 52.04 -26.92
C PHE F 67 12.46 51.87 -27.46
N LYS F 68 12.32 50.83 -28.30
CA LYS F 68 11.07 50.41 -28.94
C LYS F 68 11.42 49.10 -29.68
N THR F 69 10.82 47.98 -29.26
CA THR F 69 11.11 46.68 -29.87
C THR F 69 10.00 46.11 -30.74
N THR F 70 10.32 45.94 -32.04
CA THR F 70 9.32 45.55 -33.06
C THR F 70 9.37 44.05 -33.31
N GLY F 71 8.30 43.53 -33.88
CA GLY F 71 8.25 42.12 -34.18
C GLY F 71 8.07 41.27 -32.94
N SER F 72 8.60 40.05 -32.99
CA SER F 72 8.54 39.17 -31.83
C SER F 72 9.94 38.78 -31.39
N HIS F 73 10.45 39.45 -30.35
CA HIS F 73 11.81 39.25 -29.87
C HIS F 73 11.90 38.00 -29.02
N LYS F 74 12.07 36.84 -29.67
CA LYS F 74 12.07 35.55 -28.97
C LYS F 74 13.23 35.39 -27.99
N SER F 75 13.05 34.47 -27.04
CA SER F 75 13.98 34.31 -25.93
C SER F 75 15.36 33.87 -26.40
N ASP F 76 15.49 33.61 -27.69
CA ASP F 76 16.74 33.11 -28.27
C ASP F 76 17.38 34.08 -29.27
N ALA F 77 16.98 35.35 -29.21
CA ALA F 77 17.43 36.36 -30.17
C ALA F 77 18.92 36.59 -30.04
N LEU F 78 19.59 36.57 -31.19
CA LEU F 78 21.01 36.92 -31.27
C LEU F 78 21.13 37.88 -32.45
N PHE F 79 21.70 39.06 -32.21
CA PHE F 79 21.84 40.02 -33.28
C PHE F 79 23.06 39.70 -34.05
N GLY F 80 22.89 39.40 -35.31
CA GLY F 80 24.00 39.01 -36.16
C GLY F 80 23.93 37.55 -36.53
N LYS F 81 23.18 36.79 -35.74
CA LYS F 81 23.12 35.34 -35.85
C LYS F 81 23.00 34.86 -37.28
N HIS F 82 22.24 35.56 -38.11
CA HIS F 82 21.90 35.02 -39.41
C HIS F 82 23.06 35.00 -40.35
N LEU F 83 24.12 35.70 -39.97
CA LEU F 83 25.29 35.92 -40.81
C LEU F 83 26.18 34.73 -40.81
N TRP F 84 26.24 34.00 -39.71
CA TRP F 84 27.18 32.86 -39.59
C TRP F 84 26.48 31.54 -39.29
N ASN F 85 26.84 30.50 -40.04
CA ASN F 85 26.30 29.19 -39.73
C ASN F 85 27.49 28.34 -39.87
N GLY F 86 28.16 28.24 -38.71
CA GLY F 86 29.40 27.47 -38.56
C GLY F 86 30.63 28.33 -38.48
N GLY F 87 31.78 27.75 -38.15
CA GLY F 87 33.01 28.52 -38.13
C GLY F 87 34.00 28.01 -37.11
N LYS F 88 35.24 28.50 -37.10
CA LYS F 88 36.21 28.08 -36.10
C LYS F 88 36.10 28.87 -34.79
N LYS F 89 35.41 30.00 -34.75
CA LYS F 89 35.43 30.84 -33.56
C LYS F 89 34.43 31.99 -33.61
N ILE F 90 33.55 32.12 -32.64
CA ILE F 90 32.55 33.17 -32.68
C ILE F 90 32.58 34.04 -31.41
N VAL F 91 32.84 35.34 -31.54
CA VAL F 91 32.80 36.26 -30.43
C VAL F 91 31.34 36.55 -30.15
N VAL F 92 30.98 36.65 -28.88
CA VAL F 92 29.64 36.98 -28.52
C VAL F 92 29.68 38.15 -27.57
N THR F 93 29.11 39.29 -28.00
CA THR F 93 29.17 40.53 -27.21
C THR F 93 27.90 40.88 -26.55
N GLU F 94 28.02 41.71 -25.53
CA GLU F 94 26.86 42.15 -24.74
C GLU F 94 25.73 42.81 -25.60
N GLY F 95 26.06 43.88 -26.32
CA GLY F 95 25.05 44.63 -27.07
C GLY F 95 25.40 44.86 -28.50
N GLU F 96 24.49 45.52 -29.22
CA GLU F 96 24.58 45.58 -30.68
C GLU F 96 25.80 46.41 -31.13
N ILE F 97 26.05 47.51 -30.43
CA ILE F 97 27.11 48.40 -30.84
C ILE F 97 28.44 47.69 -30.71
N ASP F 98 28.60 46.90 -29.67
CA ASP F 98 29.86 46.20 -29.49
C ASP F 98 30.07 45.14 -30.53
N MET F 99 29.01 44.46 -30.92
CA MET F 99 29.03 43.59 -32.11
C MET F 99 29.53 44.34 -33.37
N LEU F 100 28.89 45.47 -33.73
CA LEU F 100 29.39 46.36 -34.79
C LEU F 100 30.89 46.67 -34.71
N THR F 101 31.42 46.77 -33.49
CA THR F 101 32.82 47.04 -33.26
C THR F 101 33.74 45.91 -33.68
N VAL F 102 33.49 44.70 -33.17
CA VAL F 102 34.36 43.55 -33.48
C VAL F 102 34.26 43.26 -34.97
N MET F 103 33.09 43.54 -35.52
CA MET F 103 32.78 43.37 -36.91
C MET F 103 33.56 44.32 -37.76
N GLU F 104 34.36 45.18 -37.15
CA GLU F 104 35.07 46.19 -37.90
C GLU F 104 36.53 45.88 -37.94
N LEU F 105 36.77 46.10 -36.69
CA LEU F 105 38.13 45.66 -36.51
C LEU F 105 38.49 44.43 -37.32
N GLN F 106 37.51 43.63 -37.70
CA GLN F 106 37.83 42.43 -38.42
C GLN F 106 37.46 42.52 -39.89
N ASP F 107 36.97 43.68 -40.30
CA ASP F 107 36.57 43.88 -41.68
C ASP F 107 35.42 42.92 -41.96
N CYS F 108 34.54 42.78 -40.98
CA CYS F 108 33.36 41.91 -41.03
C CYS F 108 33.57 40.50 -41.60
N LYS F 109 34.77 39.94 -41.43
CA LYS F 109 35.04 38.63 -42.00
C LYS F 109 34.90 37.44 -41.08
N TYR F 110 34.58 37.66 -39.81
CA TYR F 110 34.46 36.55 -38.87
C TYR F 110 33.27 36.63 -37.91
N PRO F 111 32.94 35.66 -37.15
CA PRO F 111 31.61 35.83 -36.62
C PRO F 111 31.50 36.58 -35.33
N VAL F 112 30.53 37.48 -35.27
CA VAL F 112 30.15 38.14 -34.02
C VAL F 112 28.64 38.25 -33.97
N VAL F 113 28.09 37.99 -32.83
CA VAL F 113 26.69 38.15 -32.68
C VAL F 113 26.65 38.85 -31.36
N SER F 114 25.52 39.49 -31.05
CA SER F 114 25.26 40.10 -29.74
C SER F 114 24.02 39.51 -29.03
N LEU F 115 24.06 39.55 -27.70
CA LEU F 115 22.98 39.03 -26.86
C LEU F 115 21.66 39.76 -27.12
N GLY F 116 20.56 39.00 -27.22
CA GLY F 116 19.24 39.53 -27.58
C GLY F 116 18.62 40.41 -26.51
N HIS F 117 18.86 40.04 -25.26
CA HIS F 117 18.37 40.79 -24.14
C HIS F 117 19.58 40.97 -23.25
N GLY F 118 20.72 40.69 -23.86
CA GLY F 118 22.05 40.78 -23.28
C GLY F 118 22.28 40.73 -21.76
N ALA F 119 22.60 41.91 -21.23
CA ALA F 119 22.75 42.12 -19.80
C ALA F 119 22.37 40.89 -19.00
N SER F 120 21.10 40.89 -18.58
CA SER F 120 20.61 40.03 -17.52
C SER F 120 20.24 38.64 -18.05
N ALA F 121 19.75 38.62 -19.28
CA ALA F 121 19.24 37.39 -19.87
C ALA F 121 20.35 36.63 -20.58
N ALA F 122 21.53 36.67 -19.99
CA ALA F 122 22.67 35.95 -20.53
C ALA F 122 22.44 34.46 -20.49
N LYS F 123 22.00 33.96 -19.34
CA LYS F 123 21.75 32.53 -19.18
C LYS F 123 20.71 32.02 -20.17
N LYS F 124 19.52 32.64 -20.21
CA LYS F 124 18.42 32.16 -21.04
C LYS F 124 18.74 32.25 -22.50
N THR F 125 19.07 33.46 -22.96
CA THR F 125 19.43 33.66 -24.37
C THR F 125 20.48 32.63 -24.86
N CYS F 126 21.42 32.32 -24.01
CA CYS F 126 22.49 31.44 -24.43
C CYS F 126 22.03 30.01 -24.55
N ALA F 127 21.44 29.46 -23.50
CA ALA F 127 21.06 28.04 -23.52
C ALA F 127 20.01 27.80 -24.56
N ALA F 128 19.31 28.86 -24.89
CA ALA F 128 18.35 28.83 -25.99
C ALA F 128 19.03 28.56 -27.31
N ASN F 129 20.34 28.69 -27.32
CA ASN F 129 21.12 28.67 -28.55
C ASN F 129 22.23 27.65 -28.60
N TYR F 130 22.21 26.69 -27.65
CA TYR F 130 23.25 25.66 -27.57
C TYR F 130 23.68 25.15 -28.93
N GLU F 131 22.75 24.54 -29.64
CA GLU F 131 22.98 24.05 -30.99
C GLU F 131 23.64 25.11 -31.86
N TYR F 132 23.03 26.29 -31.98
CA TYR F 132 23.60 27.33 -32.85
C TYR F 132 25.06 27.56 -32.55
N PHE F 133 25.40 27.77 -31.25
CA PHE F 133 26.77 28.05 -30.82
C PHE F 133 27.73 26.87 -31.01
N ASP F 134 27.21 25.66 -30.81
CA ASP F 134 28.03 24.48 -30.96
C ASP F 134 28.50 24.32 -32.39
N GLN F 135 27.89 25.08 -33.30
CA GLN F 135 28.30 25.11 -34.69
C GLN F 135 29.74 25.63 -34.82
N PHE F 136 30.25 26.25 -33.77
CA PHE F 136 31.58 26.80 -33.80
C PHE F 136 32.48 26.11 -32.81
N GLU F 137 33.80 26.10 -33.10
CA GLU F 137 34.87 25.38 -32.33
C GLU F 137 35.12 25.99 -30.96
N GLN F 138 35.20 27.31 -30.89
CA GLN F 138 35.31 28.01 -29.62
C GLN F 138 34.45 29.28 -29.52
N ILE F 139 33.83 29.49 -28.36
CA ILE F 139 32.89 30.58 -28.16
C ILE F 139 33.53 31.62 -27.23
N ILE F 140 33.84 32.79 -27.76
CA ILE F 140 34.54 33.80 -27.00
C ILE F 140 33.61 34.82 -26.38
N LEU F 141 33.33 34.72 -25.10
CA LEU F 141 32.44 35.68 -24.46
C LEU F 141 33.14 37.02 -24.20
N MET F 142 32.82 38.01 -25.01
CA MET F 142 33.30 39.39 -24.82
C MET F 142 32.22 40.31 -24.24
N PHE F 143 31.90 40.10 -22.97
CA PHE F 143 30.90 40.88 -22.22
C PHE F 143 31.52 42.07 -21.49
N ASP F 144 30.64 42.84 -20.85
CA ASP F 144 31.04 44.01 -20.03
C ASP F 144 32.08 43.69 -18.94
N MET F 145 32.98 44.63 -18.72
CA MET F 145 34.03 44.50 -17.76
C MET F 145 33.61 45.11 -16.43
N ASP F 146 32.44 44.71 -15.93
CA ASP F 146 31.92 45.22 -14.67
C ASP F 146 31.21 44.15 -13.85
N GLU F 147 30.91 44.48 -12.58
CA GLU F 147 30.09 43.65 -11.66
C GLU F 147 29.21 42.65 -12.47
N ALA F 148 28.09 43.17 -13.00
CA ALA F 148 27.04 42.35 -13.59
C ALA F 148 27.49 41.75 -14.89
N GLY F 149 28.57 42.29 -15.43
CA GLY F 149 29.11 41.86 -16.71
C GLY F 149 29.95 40.61 -16.57
N ARG F 150 30.76 40.54 -15.51
CA ARG F 150 31.46 39.31 -15.22
C ARG F 150 30.41 38.24 -14.88
N LYS F 151 29.41 38.61 -14.08
CA LYS F 151 28.34 37.66 -13.73
C LYS F 151 27.73 37.05 -14.99
N ALA F 152 27.48 37.91 -15.97
CA ALA F 152 26.84 37.51 -17.18
C ALA F 152 27.66 36.41 -17.76
N VAL F 153 28.95 36.67 -17.93
CA VAL F 153 29.86 35.64 -18.41
C VAL F 153 29.65 34.32 -17.68
N GLU F 154 29.72 34.37 -16.36
CA GLU F 154 29.52 33.18 -15.54
C GLU F 154 28.24 32.37 -15.85
N GLU F 155 27.09 33.03 -15.79
CA GLU F 155 25.82 32.39 -16.03
C GLU F 155 25.78 31.88 -17.44
N ALA F 156 26.50 32.53 -18.33
CA ALA F 156 26.49 32.21 -19.74
C ALA F 156 27.18 30.89 -20.01
N ALA F 157 28.42 30.86 -19.61
CA ALA F 157 29.26 29.71 -19.83
C ALA F 157 28.66 28.48 -19.18
N GLN F 158 28.07 28.65 -18.01
CA GLN F 158 27.41 27.52 -17.37
C GLN F 158 26.47 26.76 -18.32
N VAL F 159 25.68 27.49 -19.11
CA VAL F 159 24.71 26.85 -19.99
C VAL F 159 25.28 26.61 -21.38
N LEU F 160 26.44 27.19 -21.68
CA LEU F 160 27.07 27.01 -22.99
C LEU F 160 27.88 25.71 -23.12
N PRO F 161 28.04 25.22 -24.35
CA PRO F 161 28.60 23.89 -24.63
C PRO F 161 30.02 23.66 -24.19
N ALA F 162 30.24 22.64 -23.34
CA ALA F 162 31.56 22.01 -23.05
C ALA F 162 32.81 22.93 -22.94
N GLY F 163 33.93 22.49 -23.51
CA GLY F 163 35.20 23.18 -23.33
C GLY F 163 35.48 24.24 -24.37
N LYS F 164 34.43 24.94 -24.77
CA LYS F 164 34.56 25.87 -25.87
C LYS F 164 34.61 27.34 -25.46
N VAL F 165 34.05 27.67 -24.31
CA VAL F 165 33.95 29.07 -23.86
C VAL F 165 35.26 29.65 -23.39
N ARG F 166 35.50 30.86 -23.81
CA ARG F 166 36.69 31.55 -23.31
C ARG F 166 36.31 33.00 -23.02
N VAL F 167 36.75 33.52 -21.91
CA VAL F 167 36.44 34.87 -21.52
C VAL F 167 37.37 35.94 -22.07
N ALA F 168 36.77 36.94 -22.68
CA ALA F 168 37.47 38.09 -23.22
C ALA F 168 37.76 38.98 -22.06
N VAL F 169 38.93 39.60 -22.07
CA VAL F 169 39.30 40.55 -21.02
C VAL F 169 39.87 41.84 -21.62
N LEU F 170 39.06 42.90 -21.65
CA LEU F 170 39.42 44.19 -22.23
C LEU F 170 39.82 45.21 -21.19
N PRO F 171 40.58 46.22 -21.63
CA PRO F 171 40.97 47.34 -20.79
C PRO F 171 39.84 48.25 -20.30
N CYS F 172 38.71 48.24 -21.00
CA CYS F 172 37.60 49.15 -20.65
C CYS F 172 36.23 48.50 -20.53
N LYS F 173 35.22 49.31 -20.21
CA LYS F 173 33.91 48.74 -19.88
C LYS F 173 33.50 47.72 -20.94
N ASP F 174 33.56 48.10 -22.21
CA ASP F 174 33.24 47.17 -23.29
C ASP F 174 34.16 47.27 -24.49
N ALA F 175 33.97 46.37 -25.43
CA ALA F 175 34.77 46.36 -26.66
C ALA F 175 34.74 47.67 -27.46
N ASN F 176 33.65 48.42 -27.41
CA ASN F 176 33.55 49.71 -28.08
C ASN F 176 34.28 50.81 -27.31
N GLU F 177 34.24 50.78 -25.98
CA GLU F 177 34.90 51.82 -25.22
C GLU F 177 36.34 51.78 -25.63
N CYS F 178 36.80 50.59 -26.00
CA CYS F 178 38.19 50.39 -26.43
C CYS F 178 38.44 51.08 -27.75
N HIS F 179 37.68 50.66 -28.73
CA HIS F 179 37.76 51.22 -30.06
C HIS F 179 37.72 52.74 -30.03
N LEU F 180 36.64 53.32 -29.46
CA LEU F 180 36.52 54.78 -29.23
C LEU F 180 37.81 55.24 -28.60
N ASN F 181 38.66 55.78 -29.44
CA ASN F 181 40.06 55.98 -29.06
C ASN F 181 40.55 55.23 -27.77
N GLY F 182 41.36 54.23 -28.06
CA GLY F 182 42.12 53.50 -27.09
C GLY F 182 42.87 52.40 -27.81
N HIS F 183 42.40 51.18 -27.64
CA HIS F 183 43.22 50.00 -27.88
C HIS F 183 42.47 49.01 -28.73
N ASP F 184 42.44 49.30 -30.01
CA ASP F 184 41.90 48.32 -30.93
C ASP F 184 42.66 47.02 -30.73
N ARG F 185 43.98 47.13 -30.70
CA ARG F 185 44.86 45.98 -30.65
C ARG F 185 44.60 45.12 -29.42
N GLU F 186 43.98 45.71 -28.41
CA GLU F 186 43.69 44.98 -27.20
C GLU F 186 42.52 44.04 -27.46
N ILE F 187 41.52 44.55 -28.16
CA ILE F 187 40.38 43.75 -28.54
C ILE F 187 40.87 42.61 -29.39
N MET F 188 41.78 42.91 -30.26
CA MET F 188 42.30 41.95 -31.19
C MET F 188 42.95 40.79 -30.48
N GLU F 189 43.91 41.11 -29.61
CA GLU F 189 44.63 40.09 -28.85
C GLU F 189 43.70 39.11 -28.12
N GLN F 190 42.40 39.42 -28.04
CA GLN F 190 41.45 38.58 -27.34
C GLN F 190 40.61 37.76 -28.32
N VAL F 191 40.14 38.41 -29.38
CA VAL F 191 39.42 37.68 -30.40
C VAL F 191 40.20 36.45 -30.82
N TRP F 192 41.48 36.62 -31.22
CA TRP F 192 42.43 35.51 -31.32
C TRP F 192 42.79 35.17 -29.90
N ASN F 193 42.70 33.92 -29.49
CA ASN F 193 43.21 33.55 -28.13
C ASN F 193 42.85 34.29 -26.80
N ALA F 194 41.58 34.25 -26.42
CA ALA F 194 41.19 34.71 -25.11
C ALA F 194 41.50 33.65 -24.08
N GLY F 195 41.38 34.06 -22.81
CA GLY F 195 41.48 33.17 -21.66
C GLY F 195 40.46 32.12 -21.91
N PRO F 196 40.47 31.05 -21.14
CA PRO F 196 39.71 29.89 -21.51
C PRO F 196 38.81 29.50 -20.34
N TRP F 197 37.68 30.16 -20.07
CA TRP F 197 37.02 29.68 -18.84
C TRP F 197 35.69 30.08 -18.26
N ILE F 198 35.56 29.38 -17.16
CA ILE F 198 34.67 29.55 -16.02
C ILE F 198 35.26 28.60 -14.93
N PRO F 199 36.57 28.14 -14.93
CA PRO F 199 36.73 27.19 -13.84
C PRO F 199 36.57 27.85 -12.49
N ASP F 200 35.40 27.78 -11.87
CA ASP F 200 35.22 28.45 -10.58
C ASP F 200 35.32 27.50 -9.41
N GLY F 201 36.42 26.78 -9.34
CA GLY F 201 36.61 25.74 -8.33
C GLY F 201 37.69 24.74 -8.71
N VAL F 202 38.07 24.76 -9.98
CA VAL F 202 39.21 24.03 -10.42
C VAL F 202 40.38 24.95 -10.23
N VAL F 203 41.52 24.40 -9.80
CA VAL F 203 42.62 25.21 -9.32
C VAL F 203 43.96 24.58 -9.51
N SER F 204 44.67 24.82 -10.62
CA SER F 204 45.95 24.10 -10.83
C SER F 204 46.85 24.16 -9.58
N ALA F 205 47.70 23.14 -9.33
CA ALA F 205 48.56 23.14 -8.14
C ALA F 205 49.52 24.32 -8.08
N LEU F 206 50.18 24.60 -9.20
CA LEU F 206 51.13 25.70 -9.33
C LEU F 206 50.56 26.90 -8.68
N SER F 207 49.28 27.09 -8.89
CA SER F 207 48.63 28.31 -8.49
C SER F 207 48.27 28.34 -7.03
N LEU F 208 48.87 27.42 -6.28
CA LEU F 208 48.58 27.31 -4.85
C LEU F 208 49.79 27.65 -3.99
N ARG F 209 50.97 27.75 -4.60
CA ARG F 209 52.22 27.99 -3.86
C ARG F 209 51.93 28.83 -2.63
N GLU F 210 51.45 30.05 -2.84
CA GLU F 210 51.33 30.95 -1.74
C GLU F 210 50.35 30.43 -0.72
N ARG F 211 49.17 30.01 -1.14
CA ARG F 211 48.17 29.55 -0.18
C ARG F 211 48.73 28.45 0.73
N ILE F 212 49.58 27.59 0.16
CA ILE F 212 50.24 26.48 0.83
C ILE F 212 51.20 26.99 1.87
N ARG F 213 52.21 27.75 1.43
CA ARG F 213 53.20 28.34 2.34
C ARG F 213 52.52 28.90 3.59
N GLU F 214 51.56 29.77 3.37
CA GLU F 214 50.93 30.43 4.48
C GLU F 214 50.15 29.44 5.31
N HIS F 215 49.61 28.39 4.69
CA HIS F 215 49.05 27.27 5.48
C HIS F 215 50.09 26.67 6.41
N LEU F 216 51.19 26.20 5.83
CA LEU F 216 52.19 25.46 6.58
C LEU F 216 52.60 26.15 7.87
N SER F 217 52.85 27.44 7.80
CA SER F 217 53.17 28.24 8.99
C SER F 217 51.97 28.40 9.95
N SER F 218 50.85 28.80 9.38
CA SER F 218 49.63 28.99 10.15
C SER F 218 49.14 27.80 10.95
N GLU F 219 48.84 26.69 10.25
CA GLU F 219 48.27 25.48 10.91
C GLU F 219 49.14 24.25 11.30
N GLU F 220 48.68 23.66 12.40
CA GLU F 220 49.62 23.22 13.37
C GLU F 220 49.37 21.81 13.81
N SER F 221 50.23 20.95 13.23
CA SER F 221 50.76 19.73 13.83
C SER F 221 50.16 19.34 15.20
N VAL F 222 50.56 20.13 16.20
CA VAL F 222 50.18 20.00 17.61
C VAL F 222 48.95 20.85 18.00
N GLY F 223 47.92 20.77 17.16
CA GLY F 223 46.67 21.50 17.38
C GLY F 223 45.94 21.28 18.70
N LEU F 224 46.01 22.27 19.59
CA LEU F 224 45.12 22.24 20.73
C LEU F 224 45.27 20.95 21.55
N LEU F 225 45.84 21.05 22.75
CA LEU F 225 46.17 19.83 23.44
C LEU F 225 45.15 19.40 24.43
N PHE F 226 44.71 18.16 24.26
CA PHE F 226 43.78 17.62 25.18
C PHE F 226 44.33 17.80 26.59
N SER F 227 43.43 18.07 27.52
CA SER F 227 43.91 18.26 28.86
C SER F 227 43.38 17.25 29.86
N GLY F 228 44.30 16.75 30.66
CA GLY F 228 43.96 15.88 31.75
C GLY F 228 44.45 14.49 31.50
N CYS F 229 45.28 14.34 30.49
CA CYS F 229 45.83 13.03 30.17
C CYS F 229 46.80 13.06 29.01
N THR F 230 48.00 13.59 29.24
CA THR F 230 49.04 13.47 28.21
C THR F 230 49.05 11.99 27.89
N GLY F 231 48.97 11.68 26.61
CA GLY F 231 48.51 10.36 26.24
C GLY F 231 47.53 10.70 25.17
N ILE F 232 46.32 11.08 25.55
CA ILE F 232 45.43 11.62 24.55
C ILE F 232 46.27 12.42 23.58
N ASN F 233 47.16 13.24 24.11
CA ASN F 233 47.99 14.09 23.26
C ASN F 233 49.05 13.31 22.52
N ASP F 234 49.88 12.63 23.30
CA ASP F 234 50.91 11.73 22.78
C ASP F 234 50.45 10.92 21.57
N LYS F 235 49.21 10.44 21.62
CA LYS F 235 48.72 9.54 20.59
C LYS F 235 48.03 10.30 19.49
N THR F 236 47.33 11.38 19.81
CA THR F 236 46.57 12.04 18.78
C THR F 236 47.15 13.33 18.34
N LEU F 237 48.11 13.83 19.09
CA LEU F 237 48.79 15.06 18.68
C LEU F 237 47.83 16.23 18.63
N GLY F 238 46.69 16.06 19.29
CA GLY F 238 45.75 17.14 19.55
C GLY F 238 44.51 17.19 18.69
N ALA F 239 43.85 18.32 18.78
CA ALA F 239 42.66 18.57 18.01
C ALA F 239 42.95 19.65 17.00
N ARG F 240 43.29 19.18 15.82
CA ARG F 240 43.67 20.04 14.74
C ARG F 240 42.38 20.59 14.18
N GLY F 241 42.42 21.84 13.74
CA GLY F 241 41.24 22.46 13.15
C GLY F 241 40.72 21.71 11.94
N GLY F 242 39.41 21.80 11.70
CA GLY F 242 38.79 21.10 10.58
C GLY F 242 38.62 19.60 10.79
N GLU F 243 39.34 19.05 11.76
CA GLU F 243 39.09 17.70 12.24
C GLU F 243 37.68 17.54 12.85
N VAL F 244 37.31 16.30 13.17
CA VAL F 244 36.08 16.05 13.91
C VAL F 244 36.38 15.05 15.03
N ILE F 245 36.64 15.58 16.23
CA ILE F 245 36.92 14.70 17.37
C ILE F 245 35.60 14.15 17.85
N MET F 246 35.59 12.89 18.21
CA MET F 246 34.39 12.26 18.71
C MET F 246 34.64 11.57 20.05
N VAL F 247 34.06 12.12 21.10
CA VAL F 247 34.17 11.52 22.41
C VAL F 247 32.98 10.60 22.66
N THR F 248 33.28 9.41 23.14
CA THR F 248 32.24 8.45 23.38
C THR F 248 32.52 7.65 24.64
N SER F 249 31.47 7.03 25.12
CA SER F 249 31.60 6.05 26.17
C SER F 249 30.27 5.62 26.80
N GLY F 250 30.35 4.63 27.66
CA GLY F 250 29.16 4.13 28.34
C GLY F 250 28.44 5.26 29.08
N SER F 251 27.78 4.90 30.19
CA SER F 251 26.99 5.86 30.97
C SER F 251 27.65 7.20 31.20
N GLY F 252 28.93 7.22 30.96
CA GLY F 252 29.68 8.42 31.13
C GLY F 252 28.99 9.77 31.17
N MET F 253 28.95 10.27 32.40
CA MET F 253 28.84 11.68 32.67
C MET F 253 30.29 12.09 32.66
N VAL F 254 31.12 11.16 33.14
CA VAL F 254 32.55 11.07 32.89
C VAL F 254 32.84 11.64 31.53
N MET F 255 32.03 11.24 30.56
CA MET F 255 32.13 11.79 29.22
C MET F 255 31.78 13.28 29.16
N SER F 256 30.65 13.64 29.72
CA SER F 256 30.23 15.03 29.66
C SER F 256 31.11 15.96 30.48
N THR F 257 31.90 15.38 31.39
CA THR F 257 32.86 16.13 32.20
C THR F 257 34.08 16.31 31.38
N PHE F 258 34.52 15.23 30.80
CA PHE F 258 35.74 15.28 30.01
C PHE F 258 35.65 16.37 28.94
N VAL F 259 34.55 16.40 28.21
CA VAL F 259 34.38 17.42 27.20
C VAL F 259 34.36 18.80 27.81
N ARG F 260 33.62 18.92 28.91
CA ARG F 260 33.47 20.16 29.64
C ARG F 260 34.83 20.70 30.02
N GLN F 261 35.62 19.83 30.62
CA GLN F 261 36.94 20.15 31.04
C GLN F 261 37.69 20.76 29.88
N GLN F 262 37.75 20.07 28.74
CA GLN F 262 38.45 20.55 27.55
C GLN F 262 37.98 21.92 27.11
N ALA F 263 36.65 22.05 27.00
CA ALA F 263 36.01 23.33 26.78
C ALA F 263 36.63 24.36 27.69
N LEU F 264 36.70 24.04 28.98
CA LEU F 264 37.29 24.91 29.98
C LEU F 264 38.70 25.35 29.63
N GLN F 265 39.65 24.43 29.60
CA GLN F 265 41.03 24.83 29.42
C GLN F 265 41.27 25.47 28.05
N TRP F 266 40.51 25.10 27.02
CA TRP F 266 40.71 25.70 25.70
C TRP F 266 40.30 27.15 25.64
N GLY F 267 39.26 27.48 26.41
CA GLY F 267 38.74 28.84 26.42
C GLY F 267 39.36 29.72 27.49
N THR F 268 40.44 29.27 28.10
CA THR F 268 40.98 30.06 29.17
C THR F 268 42.48 29.99 29.10
N ALA F 269 43.01 28.78 29.24
CA ALA F 269 44.46 28.62 29.21
C ALA F 269 44.93 29.07 27.85
N MET F 270 44.42 28.34 26.88
CA MET F 270 44.60 28.73 25.51
C MET F 270 43.72 29.93 25.19
N GLY F 271 43.96 30.58 24.05
CA GLY F 271 43.24 31.81 23.76
C GLY F 271 41.88 31.50 23.18
N LYS F 272 41.76 30.30 22.62
CA LYS F 272 40.61 29.96 21.82
C LYS F 272 39.19 30.23 22.39
N LYS F 273 38.35 30.71 21.49
CA LYS F 273 36.92 30.92 21.71
C LYS F 273 36.13 29.63 21.59
N VAL F 274 35.56 29.13 22.68
CA VAL F 274 34.75 27.91 22.60
C VAL F 274 33.28 28.20 22.38
N GLY F 275 32.67 27.42 21.51
CA GLY F 275 31.23 27.45 21.33
C GLY F 275 30.63 26.13 21.77
N LEU F 276 29.55 26.23 22.54
CA LEU F 276 28.95 25.04 23.13
C LEU F 276 27.51 24.85 22.76
N ALA F 277 27.20 23.67 22.27
CA ALA F 277 25.83 23.26 22.04
C ALA F 277 25.57 22.04 22.90
N MET F 278 25.26 22.31 24.15
CA MET F 278 24.99 21.28 25.12
C MET F 278 23.52 20.98 25.06
N LEU F 279 23.12 20.15 24.11
CA LEU F 279 21.67 20.00 23.83
C LEU F 279 20.83 19.43 24.99
N GLU F 280 21.52 18.73 25.89
CA GLU F 280 20.87 18.04 27.00
C GLU F 280 20.26 19.02 28.00
N GLU F 281 21.08 19.98 28.41
CA GLU F 281 20.81 20.87 29.53
C GLU F 281 20.59 22.31 29.08
N SER F 282 20.21 23.16 30.04
CA SER F 282 19.92 24.56 29.76
C SER F 282 21.18 25.35 29.54
N VAL F 283 21.07 26.57 29.07
CA VAL F 283 22.28 27.34 28.86
C VAL F 283 22.81 27.91 30.18
N GLU F 284 21.90 28.24 31.06
CA GLU F 284 22.27 28.67 32.39
C GLU F 284 22.98 27.55 33.11
N GLU F 285 22.42 26.34 33.04
CA GLU F 285 22.95 25.19 33.75
C GLU F 285 24.40 24.97 33.35
N THR F 286 24.66 24.82 32.06
CA THR F 286 26.03 24.54 31.62
C THR F 286 26.99 25.63 32.11
N ALA F 287 26.59 26.89 31.98
CA ALA F 287 27.43 27.97 32.48
C ALA F 287 27.79 27.79 33.93
N GLU F 288 26.87 27.31 34.74
CA GLU F 288 27.15 27.07 36.15
C GLU F 288 28.15 25.97 36.25
N ASP F 289 27.91 24.89 35.51
CA ASP F 289 28.83 23.76 35.55
C ASP F 289 30.22 24.15 35.16
N LEU F 290 30.37 25.08 34.24
CA LEU F 290 31.67 25.64 33.91
C LEU F 290 32.28 26.37 35.10
N ILE F 291 31.66 27.48 35.51
CA ILE F 291 32.07 28.23 36.68
C ILE F 291 32.50 27.37 37.85
N GLY F 292 31.68 26.42 38.26
CA GLY F 292 32.02 25.57 39.38
C GLY F 292 33.24 24.72 39.08
N LEU F 293 33.29 24.16 37.89
CA LEU F 293 34.42 23.37 37.42
C LEU F 293 35.69 24.18 37.35
N HIS F 294 35.53 25.44 36.99
CA HIS F 294 36.67 26.29 36.90
C HIS F 294 37.18 26.61 38.28
N ASN F 295 36.30 26.61 39.26
CA ASN F 295 36.69 26.93 40.59
C ASN F 295 36.78 25.69 41.43
N ARG F 296 36.91 24.56 40.77
CA ARG F 296 37.08 23.29 41.47
C ARG F 296 36.15 23.09 42.65
N VAL F 297 34.89 23.39 42.45
CA VAL F 297 33.86 23.21 43.45
C VAL F 297 32.62 22.71 42.74
N ARG F 298 31.85 21.80 43.36
CA ARG F 298 30.64 21.28 42.71
C ARG F 298 29.50 22.25 42.90
N LEU F 299 29.44 23.25 42.04
CA LEU F 299 28.61 24.40 42.32
C LEU F 299 27.14 24.11 42.32
N ARG F 300 26.55 23.60 41.24
CA ARG F 300 25.10 23.42 41.24
C ARG F 300 24.67 22.44 42.31
N GLN F 301 25.53 21.44 42.50
CA GLN F 301 25.28 20.34 43.39
C GLN F 301 25.36 20.70 44.90
N SER F 302 25.03 21.96 45.27
CA SER F 302 25.20 22.45 46.65
C SER F 302 24.46 23.73 46.97
N ASP F 303 23.36 23.54 47.64
CA ASP F 303 22.51 24.62 48.10
C ASP F 303 23.35 25.71 48.77
N SER F 304 24.08 25.30 49.80
CA SER F 304 24.79 26.23 50.66
C SER F 304 25.77 27.20 49.94
N LEU F 305 26.57 26.62 49.07
CA LEU F 305 27.62 27.36 48.41
C LEU F 305 27.00 28.31 47.40
N LYS F 306 25.94 27.86 46.73
CA LYS F 306 25.27 28.73 45.80
C LYS F 306 24.95 30.04 46.53
N ARG F 307 24.21 29.91 47.64
CA ARG F 307 23.77 31.07 48.42
C ARG F 307 24.92 31.94 48.83
N GLU F 308 25.93 31.26 49.38
CA GLU F 308 27.16 31.88 49.85
C GLU F 308 27.77 32.85 48.86
N ILE F 309 28.14 32.38 47.68
CA ILE F 309 28.80 33.22 46.68
C ILE F 309 27.90 34.27 46.02
N ILE F 310 26.58 34.04 46.03
CA ILE F 310 25.68 35.06 45.53
C ILE F 310 25.82 36.26 46.41
N GLU F 311 25.80 36.02 47.71
CA GLU F 311 25.83 37.08 48.72
C GLU F 311 27.23 37.71 48.93
N ASN F 312 28.26 36.87 49.08
CA ASN F 312 29.62 37.37 49.35
C ASN F 312 30.34 37.96 48.16
N GLY F 313 29.59 38.21 47.10
CA GLY F 313 30.13 38.79 45.87
C GLY F 313 31.00 37.88 45.01
N LYS F 314 31.35 36.71 45.54
CA LYS F 314 32.26 35.82 44.84
C LYS F 314 31.67 35.39 43.50
N PHE F 315 30.32 35.30 43.40
CA PHE F 315 29.71 34.90 42.13
C PHE F 315 30.09 35.85 40.98
N ASP F 316 29.76 37.12 41.18
CA ASP F 316 30.01 38.14 40.18
C ASP F 316 31.48 38.23 39.92
N GLN F 317 32.27 37.79 40.89
CA GLN F 317 33.71 37.80 40.77
C GLN F 317 34.19 36.63 39.93
N TRP F 318 33.73 35.43 40.30
CA TRP F 318 34.15 34.22 39.63
C TRP F 318 33.71 34.35 38.20
N PHE F 319 32.50 34.89 38.03
CA PHE F 319 31.85 34.94 36.74
C PHE F 319 32.66 35.78 35.81
N ASP F 320 32.98 36.99 36.23
CA ASP F 320 33.88 37.83 35.47
C ASP F 320 35.17 37.05 35.14
N GLU F 321 35.83 36.62 36.21
CA GLU F 321 37.05 35.86 36.13
C GLU F 321 37.07 34.88 34.96
N LEU F 322 36.07 34.01 34.88
CA LEU F 322 36.05 32.97 33.87
C LEU F 322 35.58 33.50 32.53
N PHE F 323 34.46 34.20 32.55
CA PHE F 323 33.72 34.50 31.32
C PHE F 323 34.14 35.77 30.61
N GLY F 324 34.57 36.77 31.37
CA GLY F 324 34.72 38.13 30.87
C GLY F 324 35.81 38.35 29.85
N ASN F 325 36.02 37.35 29.01
CA ASN F 325 36.95 37.44 27.93
C ASN F 325 36.27 36.96 26.67
N ASP F 326 34.96 37.20 26.64
CA ASP F 326 34.06 36.89 25.53
C ASP F 326 34.53 35.70 24.73
N THR F 327 34.86 34.64 25.45
CA THR F 327 35.53 33.50 24.86
C THR F 327 34.62 32.27 24.84
N PHE F 328 33.73 32.17 25.81
CA PHE F 328 32.66 31.16 25.78
C PHE F 328 31.37 31.72 25.19
N HIS F 329 30.70 30.89 24.37
CA HIS F 329 29.40 31.16 23.76
C HIS F 329 28.59 29.87 23.55
N LEU F 330 27.33 29.90 23.93
CA LEU F 330 26.51 28.69 23.95
C LEU F 330 25.30 28.79 23.05
N TYR F 331 25.03 27.74 22.28
CA TYR F 331 23.72 27.57 21.66
C TYR F 331 22.72 27.23 22.74
N ASP F 332 21.63 28.01 22.84
CA ASP F 332 20.60 27.76 23.85
C ASP F 332 19.32 27.37 23.11
N SER F 333 18.70 26.28 23.54
CA SER F 333 17.64 25.66 22.74
C SER F 333 16.13 25.91 23.07
N PHE F 334 15.41 24.80 23.29
CA PHE F 334 14.01 24.57 22.88
C PHE F 334 13.85 24.66 21.36
N GLU F 338 15.55 21.61 14.34
CA GLU F 338 15.81 20.71 13.23
C GLU F 338 17.28 20.32 13.14
N THR F 339 17.63 19.49 12.15
CA THR F 339 19.02 19.21 11.85
C THR F 339 19.63 20.40 11.11
N ASP F 340 18.97 20.78 10.03
CA ASP F 340 19.38 21.93 9.22
C ASP F 340 19.43 23.19 10.11
N ARG F 341 18.36 23.41 10.87
CA ARG F 341 18.28 24.54 11.80
C ARG F 341 19.43 24.61 12.79
N LEU F 342 19.82 23.47 13.38
CA LEU F 342 20.94 23.46 14.34
C LEU F 342 22.25 23.82 13.65
N LEU F 343 22.57 23.02 12.63
CA LEU F 343 23.79 23.18 11.83
C LEU F 343 24.02 24.63 11.47
N ALA F 344 22.94 25.33 11.09
CA ALA F 344 22.99 26.76 10.76
C ALA F 344 23.47 27.60 11.94
N LYS F 345 22.89 27.34 13.10
CA LYS F 345 23.27 28.03 14.31
C LYS F 345 24.75 27.81 14.58
N LEU F 346 25.16 26.56 14.58
CA LEU F 346 26.55 26.18 14.82
C LEU F 346 27.51 26.92 13.90
N ALA F 347 27.07 27.08 12.65
CA ALA F 347 27.86 27.72 11.62
C ALA F 347 28.09 29.19 11.96
N TYR F 348 27.02 29.90 12.30
CA TYR F 348 27.19 31.28 12.67
C TYR F 348 28.08 31.45 13.91
N MET F 349 28.14 30.44 14.76
CA MET F 349 29.06 30.48 15.88
C MET F 349 30.45 30.59 15.29
N ARG F 350 30.77 29.62 14.41
CA ARG F 350 32.03 29.57 13.67
C ARG F 350 32.29 30.85 12.87
N SER F 351 31.28 31.27 12.10
CA SER F 351 31.49 32.27 11.07
C SER F 351 31.33 33.66 11.59
N GLY F 352 30.34 33.81 12.45
CA GLY F 352 29.98 35.11 13.00
C GLY F 352 30.81 35.47 14.20
N LEU F 353 30.60 34.77 15.31
CA LEU F 353 31.41 35.01 16.49
C LEU F 353 32.81 34.36 16.38
N GLY F 354 33.06 33.58 15.33
CA GLY F 354 34.40 33.09 15.11
C GLY F 354 35.07 32.39 16.28
N CYS F 355 34.41 31.35 16.80
CA CYS F 355 35.04 30.45 17.75
C CYS F 355 35.70 29.37 16.93
N ASP F 356 36.72 28.76 17.52
CA ASP F 356 37.54 27.80 16.82
C ASP F 356 37.26 26.42 17.32
N VAL F 357 36.65 26.30 18.48
CA VAL F 357 36.05 25.02 18.81
C VAL F 357 34.52 25.14 18.92
N ILE F 358 33.83 24.09 18.49
CA ILE F 358 32.42 23.94 18.76
C ILE F 358 32.28 22.59 19.39
N ILE F 359 31.76 22.55 20.61
CA ILE F 359 31.52 21.27 21.23
C ILE F 359 30.03 20.97 21.10
N LEU F 360 29.72 19.83 20.48
CA LEU F 360 28.33 19.44 20.29
C LEU F 360 28.03 18.25 21.18
N ASP F 361 27.42 18.54 22.34
CA ASP F 361 27.12 17.50 23.31
C ASP F 361 25.84 16.82 23.05
N HIS F 362 26.14 15.73 22.38
CA HIS F 362 25.41 14.51 22.35
C HIS F 362 24.48 14.25 21.17
N ILE F 363 25.21 13.84 20.10
CA ILE F 363 24.72 13.69 18.76
C ILE F 363 23.42 12.90 18.73
N SER F 364 23.29 11.95 19.67
CA SER F 364 22.14 11.07 19.80
C SER F 364 20.83 11.83 19.61
N ILE F 365 20.74 13.02 20.19
CA ILE F 365 19.65 13.91 19.86
C ILE F 365 19.82 14.47 18.46
N VAL F 366 19.00 13.94 17.54
CA VAL F 366 18.89 14.51 16.18
C VAL F 366 18.19 15.95 16.30
N VAL F 367 16.78 15.98 16.14
CA VAL F 367 15.65 17.01 16.35
C VAL F 367 15.30 18.33 15.60
N SER F 368 14.08 17.98 14.98
CA SER F 368 12.88 18.52 14.20
C SER F 368 12.81 18.65 12.66
N ALA F 369 11.93 17.71 12.18
CA ALA F 369 11.48 17.39 10.80
C ALA F 369 10.84 15.98 10.75
N SER F 370 9.91 15.69 11.65
CA SER F 370 9.27 14.31 11.86
C SER F 370 8.24 13.65 10.92
N GLY F 371 8.74 12.74 10.10
CA GLY F 371 7.96 11.87 9.22
C GLY F 371 8.86 10.76 8.66
N GLU F 372 10.05 10.65 9.26
CA GLU F 372 11.20 9.87 8.74
C GLU F 372 11.76 8.73 9.63
N SER F 373 12.13 7.63 8.98
CA SER F 373 12.59 6.39 9.63
C SER F 373 14.02 6.42 10.22
N ASP F 374 14.62 5.23 10.39
CA ASP F 374 15.76 4.96 11.29
C ASP F 374 16.72 6.09 11.66
N GLU F 375 16.85 6.34 12.98
CA GLU F 375 17.93 7.20 13.49
C GLU F 375 19.27 6.59 13.04
N ARG F 376 19.25 5.29 12.75
CA ARG F 376 20.36 4.57 12.09
C ARG F 376 20.88 5.37 10.89
N LYS F 377 19.97 5.63 9.96
CA LYS F 377 20.26 6.36 8.72
C LYS F 377 20.55 7.83 8.98
N MET F 378 19.61 8.49 9.65
CA MET F 378 19.69 9.93 9.84
C MET F 378 20.95 10.36 10.60
N ILE F 379 21.31 9.61 11.63
CA ILE F 379 22.53 9.89 12.37
C ILE F 379 23.67 10.15 11.40
N ASP F 380 23.71 9.34 10.35
CA ASP F 380 24.72 9.44 9.29
C ASP F 380 24.62 10.73 8.46
N ASN F 381 23.42 11.02 7.94
CA ASN F 381 23.13 12.28 7.25
C ASN F 381 23.66 13.51 7.98
N LEU F 382 23.30 13.67 9.24
CA LEU F 382 23.84 14.78 10.04
C LEU F 382 25.37 14.70 10.10
N MET F 383 25.86 13.53 10.51
CA MET F 383 27.28 13.24 10.60
C MET F 383 28.06 13.95 9.51
N THR F 384 27.62 13.77 8.28
CA THR F 384 28.29 14.34 7.13
C THR F 384 28.20 15.87 7.12
N LYS F 385 26.99 16.44 7.22
CA LYS F 385 26.87 17.90 7.23
C LYS F 385 27.87 18.47 8.21
N LEU F 386 28.03 17.75 9.31
CA LEU F 386 28.96 18.11 10.36
C LEU F 386 30.37 18.11 9.84
N LYS F 387 30.85 16.95 9.41
CA LYS F 387 32.21 16.82 8.89
C LYS F 387 32.48 17.87 7.82
N GLY F 388 31.43 18.22 7.09
CA GLY F 388 31.49 19.26 6.07
C GLY F 388 31.77 20.56 6.73
N PHE F 389 30.80 21.04 7.50
CA PHE F 389 31.00 22.19 8.38
C PHE F 389 32.44 22.31 8.91
N ALA F 390 32.92 21.20 9.46
CA ALA F 390 34.27 21.04 10.01
C ALA F 390 35.39 21.43 9.05
N LYS F 391 35.66 20.52 8.11
CA LYS F 391 36.69 20.68 7.07
C LYS F 391 36.48 21.95 6.23
N SER F 392 35.22 22.20 5.85
CA SER F 392 34.88 23.38 5.06
C SER F 392 35.28 24.68 5.75
N THR F 393 35.31 24.69 7.08
CA THR F 393 35.53 25.93 7.79
C THR F 393 36.68 25.93 8.82
N GLY F 394 37.29 24.75 8.99
CA GLY F 394 38.48 24.61 9.81
C GLY F 394 38.28 24.78 11.31
N VAL F 395 37.02 24.98 11.71
CA VAL F 395 36.62 24.91 13.10
C VAL F 395 36.95 23.51 13.65
N VAL F 396 37.29 23.44 14.94
CA VAL F 396 37.43 22.17 15.62
C VAL F 396 36.06 21.73 16.13
N LEU F 397 35.60 20.57 15.68
CA LEU F 397 34.31 20.05 16.09
C LEU F 397 34.43 18.79 16.93
N VAL F 398 34.35 18.97 18.24
CA VAL F 398 34.18 17.86 19.18
C VAL F 398 32.73 17.48 19.17
N VAL F 399 32.47 16.18 19.12
CA VAL F 399 31.12 15.71 19.11
C VAL F 399 31.02 14.57 20.09
N ILE F 400 30.14 14.74 21.05
CA ILE F 400 29.91 13.71 22.04
C ILE F 400 28.95 12.71 21.47
N CYS F 401 29.05 11.49 21.97
CA CYS F 401 28.16 10.47 21.49
C CYS F 401 28.05 9.27 22.41
N HIS F 402 26.83 8.85 22.67
CA HIS F 402 26.59 7.81 23.65
C HIS F 402 26.46 6.42 23.04
N LEU F 403 26.70 5.41 23.86
CA LEU F 403 26.83 4.05 23.35
C LEU F 403 25.56 3.23 23.45
N LYS F 404 25.26 2.48 22.40
CA LYS F 404 24.26 1.42 22.45
C LYS F 404 24.65 0.40 23.54
N ASN F 405 23.73 -0.42 24.01
CA ASN F 405 24.05 -1.33 25.13
C ASN F 405 24.05 -2.85 24.90
N PRO F 406 25.22 -3.41 25.15
CA PRO F 406 25.70 -4.71 24.64
C PRO F 406 24.70 -5.78 24.18
N ASP F 407 23.97 -6.33 25.13
CA ASP F 407 23.33 -7.64 24.96
C ASP F 407 24.33 -8.75 25.31
N LYS F 408 25.62 -8.39 25.40
CA LYS F 408 26.70 -9.33 25.77
C LYS F 408 27.27 -9.15 27.20
N GLY F 409 26.85 -10.07 28.09
CA GLY F 409 27.39 -10.26 29.43
C GLY F 409 27.63 -9.07 30.34
N LYS F 410 28.83 -8.51 30.25
CA LYS F 410 29.25 -7.40 31.10
C LYS F 410 28.86 -6.04 30.50
N ALA F 411 28.23 -5.21 31.34
CA ALA F 411 27.66 -3.94 30.91
C ALA F 411 28.73 -2.88 30.74
N HIS F 412 28.33 -1.61 30.88
CA HIS F 412 29.24 -0.48 30.67
C HIS F 412 29.88 0.00 31.97
N GLU F 413 29.09 -0.09 33.05
CA GLU F 413 29.55 0.27 34.38
C GLU F 413 30.36 -0.91 34.95
N GLU F 414 30.34 -2.06 34.23
CA GLU F 414 31.23 -3.20 34.49
C GLU F 414 32.54 -3.06 33.74
N GLY F 415 32.83 -1.82 33.33
CA GLY F 415 34.07 -1.46 32.64
C GLY F 415 34.11 -1.76 31.16
N ARG F 416 33.56 -2.91 30.76
CA ARG F 416 33.66 -3.43 29.39
C ARG F 416 34.19 -2.42 28.39
N PRO F 417 35.33 -2.76 27.80
CA PRO F 417 35.98 -1.91 26.79
C PRO F 417 35.10 -1.73 25.55
N VAL F 418 35.42 -0.72 24.74
CA VAL F 418 34.61 -0.41 23.58
C VAL F 418 35.46 -0.43 22.32
N SER F 419 34.88 -0.96 21.25
CA SER F 419 35.53 -0.96 19.95
C SER F 419 34.73 -0.09 18.99
N ILE F 420 35.25 0.11 17.79
CA ILE F 420 34.54 0.90 16.79
C ILE F 420 33.32 0.12 16.25
N THR F 421 33.43 -1.21 16.25
CA THR F 421 32.28 -2.09 16.05
C THR F 421 31.28 -1.77 17.15
N ASP F 422 31.77 -1.78 18.39
CA ASP F 422 31.02 -1.37 19.58
C ASP F 422 30.29 -0.05 19.32
N LEU F 423 30.66 0.60 18.22
CA LEU F 423 30.12 1.88 17.82
C LEU F 423 28.62 1.94 17.53
N ARG F 424 28.03 3.05 17.95
CA ARG F 424 26.70 3.48 17.50
C ARG F 424 26.73 3.95 16.02
N GLY F 425 25.63 4.53 15.58
CA GLY F 425 25.46 4.88 14.18
C GLY F 425 25.35 3.67 13.27
N SER F 426 25.56 3.90 11.98
CA SER F 426 25.62 2.80 11.02
C SER F 426 26.75 3.01 10.01
N GLY F 427 27.72 3.83 10.41
CA GLY F 427 28.94 3.97 9.66
C GLY F 427 29.46 5.38 9.52
N ALA F 428 28.58 6.37 9.52
CA ALA F 428 28.99 7.76 9.23
C ALA F 428 30.06 8.27 10.20
N LEU F 429 29.76 8.13 11.50
CA LEU F 429 30.71 8.54 12.55
C LEU F 429 31.92 7.61 12.51
N ARG F 430 31.63 6.31 12.56
CA ARG F 430 32.66 5.28 12.47
C ARG F 430 33.63 5.61 11.31
N GLN F 431 33.20 6.53 10.44
CA GLN F 431 34.01 7.00 9.31
C GLN F 431 34.37 8.48 9.47
N LEU F 432 33.43 9.35 9.17
CA LEU F 432 33.64 10.81 9.11
C LEU F 432 34.46 11.47 10.24
N SER F 433 34.47 10.86 11.42
CA SER F 433 35.22 11.39 12.56
C SER F 433 36.71 11.19 12.39
N ASP F 434 37.50 12.21 12.71
CA ASP F 434 38.94 12.07 12.55
C ASP F 434 39.62 11.39 13.75
N THR F 435 39.40 11.89 14.95
CA THR F 435 39.86 11.18 16.13
C THR F 435 38.67 10.67 16.94
N ILE F 436 38.75 9.40 17.37
CA ILE F 436 37.78 8.81 18.29
C ILE F 436 38.39 8.55 19.67
N ILE F 437 38.01 9.35 20.67
CA ILE F 437 38.41 9.08 22.05
C ILE F 437 37.27 8.45 22.82
N ALA F 438 37.55 7.28 23.40
CA ALA F 438 36.57 6.61 24.22
C ALA F 438 37.07 6.56 25.64
N LEU F 439 36.13 6.59 26.59
CA LEU F 439 36.46 6.53 28.01
C LEU F 439 35.65 5.46 28.70
N GLU F 440 36.33 4.56 29.38
CA GLU F 440 35.67 3.44 30.02
C GLU F 440 35.77 3.59 31.51
N ARG F 441 34.78 3.09 32.21
CA ARG F 441 34.72 3.26 33.65
C ARG F 441 33.91 2.13 34.29
N ASN F 442 34.61 1.27 35.00
CA ASN F 442 33.98 0.18 35.73
C ASN F 442 33.54 0.63 37.13
N GLN F 443 32.41 1.32 37.17
CA GLN F 443 31.95 2.01 38.37
C GLN F 443 31.55 1.09 39.52
N GLN F 444 31.60 -0.22 39.31
CA GLN F 444 31.47 -1.15 40.42
C GLN F 444 32.69 -2.05 40.45
N GLY F 445 33.77 -1.55 41.03
CA GLY F 445 35.02 -2.31 41.08
C GLY F 445 36.15 -1.86 42.03
N ASP F 446 37.38 -2.02 41.52
CA ASP F 446 38.59 -1.75 42.29
C ASP F 446 38.80 -0.25 42.41
N MET F 447 38.78 0.41 41.26
CA MET F 447 38.78 1.86 41.19
C MET F 447 37.51 2.32 40.47
N PRO F 448 36.43 2.44 41.24
CA PRO F 448 35.14 2.89 40.71
C PRO F 448 35.27 4.34 40.21
N ASN F 449 36.35 4.99 40.61
CA ASN F 449 36.59 6.32 40.11
C ASN F 449 37.67 6.35 39.04
N LEU F 450 38.24 5.19 38.73
CA LEU F 450 39.26 5.14 37.67
C LEU F 450 38.65 5.02 36.29
N VAL F 451 39.08 5.88 35.38
CA VAL F 451 38.58 5.82 34.02
C VAL F 451 39.68 5.72 32.93
N LEU F 452 39.47 4.80 32.01
CA LEU F 452 40.44 4.48 30.99
C LEU F 452 40.13 5.26 29.74
N VAL F 453 41.17 5.57 28.98
CA VAL F 453 41.00 6.26 27.70
C VAL F 453 41.60 5.46 26.52
N ARG F 454 40.73 4.96 25.66
CA ARG F 454 41.14 4.35 24.42
C ARG F 454 41.15 5.43 23.37
N ILE F 455 42.22 5.48 22.58
CA ILE F 455 42.09 6.16 21.31
C ILE F 455 41.59 5.13 20.36
N LEU F 456 40.39 5.34 19.85
CA LEU F 456 39.77 4.35 18.99
C LEU F 456 40.13 4.58 17.53
N LYS F 457 40.80 5.70 17.27
CA LYS F 457 41.11 6.07 15.90
C LYS F 457 41.64 7.50 15.84
N CYS F 458 42.53 7.73 14.87
CA CYS F 458 43.20 9.00 14.75
C CYS F 458 43.86 9.13 13.38
N ARG F 459 43.14 9.66 12.39
CA ARG F 459 43.62 9.77 11.02
C ARG F 459 45.03 10.31 11.01
N PHE F 460 45.13 11.57 11.41
CA PHE F 460 46.38 12.30 11.49
C PHE F 460 47.59 11.54 12.03
N THR F 461 47.39 10.52 12.88
CA THR F 461 48.53 9.74 13.35
C THR F 461 48.37 8.23 13.21
N GLY F 462 47.17 7.73 13.45
CA GLY F 462 46.93 6.31 13.39
C GLY F 462 47.57 5.57 14.53
N ASP F 463 48.28 6.30 15.38
CA ASP F 463 48.71 5.76 16.66
C ASP F 463 47.48 5.72 17.54
N THR F 464 47.05 4.51 17.90
CA THR F 464 45.81 4.35 18.66
C THR F 464 46.02 3.46 19.86
N GLY F 465 44.96 3.27 20.61
CA GLY F 465 44.94 2.32 21.71
C GLY F 465 44.76 2.96 23.07
N ILE F 466 45.02 2.16 24.11
CA ILE F 466 45.02 2.67 25.49
C ILE F 466 45.96 3.85 25.53
N ALA F 467 45.52 4.91 26.19
CA ALA F 467 46.27 6.13 26.10
C ALA F 467 46.51 6.80 27.45
N GLY F 468 46.09 6.13 28.52
CA GLY F 468 46.23 6.73 29.82
C GLY F 468 44.97 6.65 30.68
N TYR F 469 45.12 7.10 31.92
CA TYR F 469 44.02 7.00 32.86
C TYR F 469 43.79 8.35 33.55
N MET F 470 42.56 8.53 33.99
CA MET F 470 42.21 9.62 34.86
C MET F 470 41.40 9.07 36.04
N GLU F 471 41.18 9.92 37.03
CA GLU F 471 40.41 9.55 38.19
C GLU F 471 39.38 10.66 38.48
N TYR F 472 38.14 10.27 38.77
CA TYR F 472 37.13 11.24 39.13
C TYR F 472 37.34 11.72 40.53
N ASN F 473 37.41 13.03 40.70
CA ASN F 473 37.37 13.60 42.01
C ASN F 473 35.96 14.01 42.28
N LYS F 474 35.19 13.10 42.92
CA LYS F 474 33.78 13.35 43.29
C LYS F 474 33.65 14.69 44.01
N GLU F 475 34.74 15.11 44.62
CA GLU F 475 34.82 16.28 45.46
C GLU F 475 34.95 17.62 44.70
N THR F 476 35.92 17.72 43.77
CA THR F 476 36.11 18.91 42.95
C THR F 476 35.31 18.83 41.67
N GLY F 477 35.16 17.63 41.15
CA GLY F 477 34.32 17.45 39.99
C GLY F 477 35.12 17.24 38.73
N TRP F 478 36.44 17.22 38.89
CA TRP F 478 37.34 17.10 37.76
C TRP F 478 37.74 15.70 37.37
N LEU F 479 38.07 15.52 36.11
CA LEU F 479 38.78 14.33 35.72
C LEU F 479 40.27 14.63 35.90
N GLU F 480 40.82 14.34 37.08
CA GLU F 480 42.27 14.46 37.29
C GLU F 480 43.06 13.41 36.50
N PRO F 481 44.28 13.73 36.12
CA PRO F 481 45.17 12.74 35.50
C PRO F 481 45.65 11.71 36.53
N SER F 482 45.86 10.45 36.16
CA SER F 482 46.32 9.44 37.13
C SER F 482 47.53 8.60 36.69
N SER F 483 48.25 8.10 37.70
CA SER F 483 49.37 7.12 37.62
C SER F 483 48.87 5.70 37.29
N TYR F 484 49.52 5.06 36.30
CA TYR F 484 49.10 3.72 36.05
C TYR F 484 49.56 3.04 34.78
N SER F 485 49.45 1.68 34.78
CA SER F 485 49.74 0.98 33.47
C SER F 485 49.42 -0.55 33.36
N GLY F 486 50.37 -1.47 33.68
CA GLY F 486 50.28 -2.92 33.77
C GLY F 486 50.14 -3.46 35.19
N MET G 1 11.38 50.08 -24.87
CA MET G 1 12.50 50.08 -23.88
C MET G 1 12.16 50.66 -22.52
N THR G 2 13.12 50.56 -21.58
CA THR G 2 12.95 51.05 -20.19
C THR G 2 13.14 52.59 -20.03
N TYR G 3 12.46 53.17 -19.02
CA TYR G 3 12.50 54.63 -18.73
C TYR G 3 13.93 55.18 -18.73
N ASN G 4 14.25 56.08 -19.66
CA ASN G 4 15.63 56.61 -19.75
C ASN G 4 16.07 57.34 -18.48
N VAL G 5 17.35 57.21 -18.19
CA VAL G 5 17.92 57.88 -17.03
C VAL G 5 17.82 59.39 -17.22
N TRP G 6 17.38 60.09 -16.18
CA TRP G 6 17.14 61.53 -16.25
C TRP G 6 18.42 62.34 -16.31
N ASN G 7 18.62 63.07 -17.41
CA ASN G 7 19.81 63.90 -17.57
C ASN G 7 19.76 65.19 -16.75
N PHE G 8 20.83 65.44 -15.98
CA PHE G 8 20.95 66.66 -15.20
C PHE G 8 21.17 67.83 -16.14
N GLY G 9 20.27 68.81 -16.08
CA GLY G 9 20.32 69.92 -17.01
C GLY G 9 19.18 69.79 -17.99
N GLU G 10 19.13 68.66 -18.69
CA GLU G 10 17.96 68.31 -19.50
C GLU G 10 16.70 68.63 -18.67
N SER G 11 16.63 68.02 -17.49
CA SER G 11 15.67 68.42 -16.46
C SER G 11 16.37 69.43 -15.56
N ASN G 12 15.69 70.55 -15.28
CA ASN G 12 16.34 71.74 -14.73
C ASN G 12 16.94 71.60 -13.31
N GLY G 13 18.05 70.87 -13.26
CA GLY G 13 18.59 70.36 -12.03
C GLY G 13 19.41 71.32 -11.21
N ARG G 14 19.26 71.21 -9.90
CA ARG G 14 20.01 72.00 -8.95
C ARG G 14 20.33 71.11 -7.76
N TYR G 15 21.51 71.25 -7.20
CA TYR G 15 21.84 70.57 -5.95
C TYR G 15 21.47 71.52 -4.80
N SER G 16 20.20 71.55 -4.43
CA SER G 16 19.75 72.46 -3.37
C SER G 16 19.59 71.71 -2.05
N ALA G 17 19.71 72.45 -0.96
CA ALA G 17 19.56 71.88 0.37
C ALA G 17 18.10 71.56 0.70
N LEU G 18 17.88 70.36 1.24
CA LEU G 18 16.55 69.95 1.67
C LEU G 18 16.22 70.60 3.01
N THR G 19 15.63 71.79 2.98
CA THR G 19 15.37 72.56 4.18
C THR G 19 14.34 71.90 5.08
N ALA G 20 13.50 71.07 4.48
CA ALA G 20 12.43 70.35 5.20
C ALA G 20 12.95 69.19 6.06
N ARG G 21 14.19 68.79 5.82
CA ARG G 21 14.74 67.57 6.43
C ARG G 21 16.04 67.79 7.21
N GLY G 22 16.56 69.02 7.22
CA GLY G 22 17.84 69.29 7.85
C GLY G 22 18.98 68.56 7.17
N ILE G 23 18.89 68.45 5.85
CA ILE G 23 19.99 67.94 5.03
C ILE G 23 20.57 69.12 4.30
N SER G 24 21.87 69.36 4.48
CA SER G 24 22.52 70.53 3.88
C SER G 24 22.63 70.41 2.37
N LYS G 25 22.85 71.54 1.69
CA LYS G 25 22.99 71.54 0.25
C LYS G 25 24.22 70.74 -0.15
N GLU G 26 25.33 70.99 0.56
CA GLU G 26 26.60 70.27 0.34
C GLU G 26 26.44 68.75 0.46
N THR G 27 25.53 68.32 1.34
CA THR G 27 25.27 66.90 1.55
C THR G 27 24.61 66.26 0.34
N CYS G 28 23.43 66.74 -0.04
CA CYS G 28 22.72 66.23 -1.22
C CYS G 28 23.68 66.11 -2.41
N GLN G 29 24.62 67.05 -2.50
CA GLN G 29 25.60 67.10 -3.57
C GLN G 29 26.52 65.89 -3.65
N LYS G 30 26.94 65.38 -2.50
CA LYS G 30 27.84 64.24 -2.46
C LYS G 30 27.17 62.89 -2.75
N ALA G 31 26.00 62.64 -2.17
CA ALA G 31 25.31 61.36 -2.37
C ALA G 31 24.56 61.28 -3.71
N GLY G 32 24.37 62.43 -4.34
CA GLY G 32 23.64 62.49 -5.59
C GLY G 32 22.15 62.55 -5.34
N TYR G 33 21.74 63.51 -4.50
CA TYR G 33 20.33 63.84 -4.29
C TYR G 33 20.06 65.22 -4.89
N TRP G 34 19.64 65.24 -6.15
CA TRP G 34 19.43 66.49 -6.88
C TRP G 34 17.94 66.82 -7.13
N ILE G 35 17.67 68.09 -7.39
CA ILE G 35 16.30 68.61 -7.54
C ILE G 35 16.04 69.10 -8.96
N ALA G 36 15.42 68.26 -9.77
CA ALA G 36 15.07 68.62 -11.13
C ALA G 36 13.72 69.35 -11.19
N LYS G 37 13.28 69.71 -12.41
CA LYS G 37 11.91 70.13 -12.66
C LYS G 37 11.50 70.01 -14.14
N VAL G 38 10.77 68.94 -14.46
CA VAL G 38 10.36 68.64 -15.84
C VAL G 38 8.87 68.91 -16.14
N ASP G 39 8.61 69.54 -17.29
CA ASP G 39 7.26 69.81 -17.78
C ASP G 39 6.37 70.65 -16.83
N GLY G 40 6.99 71.26 -15.81
CA GLY G 40 6.29 72.16 -14.91
C GLY G 40 6.53 71.93 -13.43
N VAL G 41 6.39 70.67 -13.00
CA VAL G 41 6.47 70.29 -11.59
C VAL G 41 7.90 69.94 -11.15
N MET G 42 8.22 70.19 -9.88
CA MET G 42 9.59 70.04 -9.37
C MET G 42 9.83 68.72 -8.59
N TYR G 43 10.64 67.84 -9.19
CA TYR G 43 10.89 66.48 -8.67
C TYR G 43 12.24 66.31 -7.94
N GLN G 44 12.23 65.45 -6.93
CA GLN G 44 13.43 65.09 -6.16
C GLN G 44 14.04 63.80 -6.74
N VAL G 45 15.24 63.89 -7.29
CA VAL G 45 15.89 62.74 -7.94
C VAL G 45 17.07 62.14 -7.18
N ALA G 46 16.95 60.86 -6.82
CA ALA G 46 18.02 60.08 -6.19
C ALA G 46 18.80 59.25 -7.23
N ASP G 47 20.10 59.48 -7.28
CA ASP G 47 20.97 58.89 -8.30
C ASP G 47 21.64 57.63 -7.79
N TYR G 48 21.14 56.48 -8.23
CA TYR G 48 21.75 55.20 -7.90
C TYR G 48 22.82 54.84 -8.94
N ARG G 49 24.08 54.78 -8.51
CA ARG G 49 25.17 54.32 -9.40
C ARG G 49 25.80 53.04 -8.87
N ASP G 50 26.34 52.22 -9.76
CA ASP G 50 27.06 51.02 -9.34
C ASP G 50 28.43 51.41 -8.80
N GLN G 51 29.17 50.42 -8.29
CA GLN G 51 30.50 50.65 -7.69
C GLN G 51 31.49 51.29 -8.65
N ASN G 52 31.18 51.20 -9.94
CA ASN G 52 32.00 51.71 -11.03
C ASN G 52 31.81 53.21 -11.32
N GLY G 53 30.74 53.77 -10.76
CA GLY G 53 30.50 55.20 -10.87
C GLY G 53 29.33 55.59 -11.77
N ASN G 54 29.03 54.77 -12.77
CA ASN G 54 27.99 55.09 -13.74
C ASN G 54 26.60 55.03 -13.16
N ILE G 55 25.77 56.01 -13.53
CA ILE G 55 24.39 56.06 -13.07
C ILE G 55 23.58 54.96 -13.74
N VAL G 56 23.11 54.00 -12.95
CA VAL G 56 22.38 52.87 -13.50
C VAL G 56 20.88 53.04 -13.37
N SER G 57 20.43 53.90 -12.46
CA SER G 57 19.00 54.09 -12.24
C SER G 57 18.68 55.33 -11.40
N GLN G 58 17.43 55.79 -11.48
CA GLN G 58 16.99 56.92 -10.68
C GLN G 58 15.70 56.61 -9.93
N LYS G 59 15.59 57.13 -8.72
CA LYS G 59 14.32 57.13 -8.02
C LYS G 59 13.87 58.58 -7.87
N VAL G 60 12.83 58.96 -8.60
CA VAL G 60 12.35 60.34 -8.60
C VAL G 60 11.07 60.50 -7.76
N ARG G 61 10.95 61.64 -7.09
CA ARG G 61 9.76 61.96 -6.26
C ARG G 61 9.03 63.20 -6.75
N ASP G 62 7.73 63.25 -6.53
CA ASP G 62 7.05 64.53 -6.55
C ASP G 62 6.41 64.85 -5.19
N LYS G 63 6.16 66.13 -4.96
CA LYS G 63 5.62 66.65 -3.71
C LYS G 63 4.67 65.70 -2.98
N ASP G 64 3.55 65.38 -3.63
CA ASP G 64 2.41 64.68 -3.01
C ASP G 64 2.71 63.27 -2.46
N LYS G 65 3.91 62.71 -2.73
CA LYS G 65 4.28 61.37 -2.22
C LYS G 65 4.22 60.26 -3.26
N ASN G 66 4.34 60.67 -4.48
CA ASN G 66 4.49 59.75 -5.61
C ASN G 66 5.93 59.37 -5.96
N PHE G 67 6.07 58.50 -6.95
CA PHE G 67 7.39 58.17 -7.51
C PHE G 67 7.43 58.05 -9.04
N LYS G 68 8.62 57.71 -9.52
CA LYS G 68 8.93 57.44 -10.93
C LYS G 68 10.36 56.93 -10.95
N THR G 69 10.57 55.67 -11.35
CA THR G 69 11.91 55.09 -11.28
C THR G 69 12.60 54.92 -12.66
N THR G 70 13.68 55.67 -12.88
CA THR G 70 14.40 55.69 -14.17
C THR G 70 15.51 54.65 -14.25
N GLY G 71 15.91 54.32 -15.48
CA GLY G 71 16.98 53.36 -15.70
C GLY G 71 16.56 51.94 -15.39
N SER G 72 17.51 51.12 -14.95
CA SER G 72 17.23 49.75 -14.58
C SER G 72 17.63 49.55 -13.13
N HIS G 73 16.65 49.59 -12.23
CA HIS G 73 16.84 49.45 -10.78
C HIS G 73 17.06 48.01 -10.33
N LYS G 74 18.28 47.51 -10.53
CA LYS G 74 18.60 46.09 -10.29
C LYS G 74 18.34 45.66 -8.83
N SER G 75 18.21 44.35 -8.63
CA SER G 75 17.76 43.77 -7.37
C SER G 75 18.79 43.99 -6.28
N ASP G 76 19.92 44.59 -6.65
CA ASP G 76 21.07 44.83 -5.76
C ASP G 76 21.37 46.31 -5.55
N ALA G 77 20.41 47.17 -5.87
CA ALA G 77 20.61 48.61 -5.82
C ALA G 77 20.86 49.08 -4.38
N LEU G 78 21.89 49.89 -4.21
CA LEU G 78 22.16 50.53 -2.93
C LEU G 78 22.45 51.99 -3.23
N PHE G 79 21.66 52.89 -2.64
CA PHE G 79 21.88 54.31 -2.87
C PHE G 79 23.03 54.82 -2.02
N GLY G 80 24.11 55.24 -2.68
CA GLY G 80 25.30 55.70 -1.99
C GLY G 80 26.45 54.73 -2.16
N LYS G 81 26.13 53.53 -2.65
CA LYS G 81 27.09 52.43 -2.80
C LYS G 81 28.40 52.82 -3.49
N HIS G 82 28.32 53.65 -4.52
CA HIS G 82 29.49 53.98 -5.31
C HIS G 82 30.52 54.81 -4.55
N LEU G 83 30.10 55.40 -3.44
CA LEU G 83 30.93 56.29 -2.64
C LEU G 83 32.02 55.55 -1.86
N TRP G 84 31.68 54.36 -1.36
CA TRP G 84 32.55 53.58 -0.47
C TRP G 84 32.93 52.22 -1.03
N ASN G 85 34.23 51.95 -1.15
CA ASN G 85 34.73 50.62 -1.49
C ASN G 85 35.71 50.23 -0.40
N GLY G 86 35.16 49.67 0.67
CA GLY G 86 35.91 49.31 1.86
C GLY G 86 35.66 50.29 3.01
N GLY G 87 36.16 49.93 4.19
CA GLY G 87 36.05 50.80 5.36
C GLY G 87 35.92 49.99 6.63
N LYS G 88 35.97 50.67 7.78
CA LYS G 88 35.87 49.97 9.06
C LYS G 88 34.42 49.72 9.52
N LYS G 89 33.46 50.42 8.91
CA LYS G 89 32.08 50.38 9.39
C LYS G 89 31.16 51.10 8.38
N ILE G 90 30.07 50.44 7.97
CA ILE G 90 29.12 51.06 7.05
C ILE G 90 27.68 50.99 7.59
N VAL G 91 27.07 52.15 7.85
CA VAL G 91 25.66 52.23 8.22
C VAL G 91 24.80 51.96 7.00
N VAL G 92 23.73 51.19 7.19
CA VAL G 92 22.82 50.89 6.11
C VAL G 92 21.41 51.26 6.53
N THR G 93 20.87 52.31 5.91
CA THR G 93 19.55 52.85 6.26
C THR G 93 18.45 52.43 5.30
N GLU G 94 17.22 52.49 5.80
CA GLU G 94 16.03 52.06 5.07
C GLU G 94 15.85 52.83 3.76
N GLY G 95 15.84 54.16 3.85
CA GLY G 95 15.57 55.02 2.70
C GLY G 95 16.62 56.07 2.37
N GLU G 96 16.43 56.77 1.25
CA GLU G 96 17.43 57.72 0.76
C GLU G 96 17.61 58.90 1.71
N ILE G 97 16.50 59.44 2.22
CA ILE G 97 16.56 60.61 3.09
C ILE G 97 17.36 60.31 4.36
N ASP G 98 17.15 59.13 4.94
CA ASP G 98 17.84 58.71 6.16
C ASP G 98 19.34 58.53 5.92
N MET G 99 19.71 58.07 4.73
CA MET G 99 21.10 58.03 4.32
C MET G 99 21.69 59.44 4.35
N LEU G 100 21.02 60.38 3.68
CA LEU G 100 21.39 61.80 3.70
C LEU G 100 21.63 62.32 5.11
N THR G 101 20.85 61.79 6.06
CA THR G 101 20.94 62.18 7.46
C THR G 101 22.26 61.78 8.13
N VAL G 102 22.57 60.48 8.11
CA VAL G 102 23.81 59.96 8.70
C VAL G 102 25.01 60.59 8.02
N MET G 103 24.84 60.88 6.73
CA MET G 103 25.85 61.53 5.89
C MET G 103 26.11 62.96 6.30
N GLU G 104 25.39 63.42 7.31
CA GLU G 104 25.47 64.80 7.75
C GLU G 104 26.17 64.91 9.08
N LEU G 105 25.20 64.39 9.76
CA LEU G 105 25.77 64.26 11.08
C LEU G 105 27.22 63.84 11.10
N GLN G 106 27.70 63.24 10.03
CA GLN G 106 29.08 62.81 10.05
C GLN G 106 29.95 63.66 9.16
N ASP G 107 29.36 64.70 8.58
CA ASP G 107 30.10 65.56 7.66
C ASP G 107 30.54 64.72 6.47
N CYS G 108 29.64 63.83 6.03
CA CYS G 108 29.86 62.92 4.90
C CYS G 108 31.22 62.21 4.84
N LYS G 109 31.81 61.92 6.00
CA LYS G 109 33.12 61.29 6.02
C LYS G 109 33.17 59.79 6.21
N TYR G 110 32.00 59.16 6.39
CA TYR G 110 32.00 57.72 6.60
C TYR G 110 30.91 56.97 5.87
N PRO G 111 30.82 55.70 5.94
CA PRO G 111 29.99 55.29 4.82
C PRO G 111 28.53 55.09 5.20
N VAL G 112 27.62 55.53 4.33
CA VAL G 112 26.21 55.22 4.46
C VAL G 112 25.65 54.92 3.09
N VAL G 113 24.87 53.86 3.02
CA VAL G 113 24.14 53.54 1.81
C VAL G 113 22.73 53.28 2.27
N SER G 114 21.79 53.34 1.35
CA SER G 114 20.39 53.03 1.66
C SER G 114 19.87 51.89 0.78
N LEU G 115 18.93 51.12 1.32
CA LEU G 115 18.31 50.00 0.62
C LEU G 115 17.64 50.47 -0.68
N GLY G 116 17.83 49.69 -1.74
CA GLY G 116 17.35 50.04 -3.07
C GLY G 116 15.86 49.92 -3.21
N HIS G 117 15.30 48.92 -2.55
CA HIS G 117 13.86 48.71 -2.51
C HIS G 117 13.48 48.58 -1.05
N GLY G 118 14.47 48.93 -0.22
CA GLY G 118 14.37 49.08 1.22
C GLY G 118 13.38 48.22 1.95
N ALA G 119 12.35 48.89 2.45
CA ALA G 119 11.23 48.26 3.14
C ALA G 119 11.26 46.72 3.12
N SER G 120 10.57 46.19 2.11
CA SER G 120 10.21 44.79 2.03
C SER G 120 11.30 43.92 1.45
N ALA G 121 12.06 44.49 0.52
CA ALA G 121 13.13 43.78 -0.18
C ALA G 121 14.46 43.84 0.57
N ALA G 122 14.38 43.80 1.90
CA ALA G 122 15.56 43.83 2.75
C ALA G 122 16.42 42.59 2.52
N LYS G 123 15.78 41.42 2.51
CA LYS G 123 16.49 40.16 2.32
C LYS G 123 17.20 40.11 0.96
N LYS G 124 16.44 40.32 -0.13
CA LYS G 124 17.02 40.23 -1.49
C LYS G 124 18.12 41.25 -1.77
N THR G 125 17.82 42.55 -1.60
CA THR G 125 18.80 43.63 -1.82
C THR G 125 20.10 43.37 -1.06
N CYS G 126 19.97 42.82 0.15
CA CYS G 126 21.13 42.60 0.99
C CYS G 126 22.00 41.46 0.49
N ALA G 127 21.43 40.25 0.38
CA ALA G 127 22.20 39.08 -0.05
C ALA G 127 22.78 39.24 -1.45
N ALA G 128 22.15 40.10 -2.25
CA ALA G 128 22.66 40.47 -3.56
C ALA G 128 24.02 41.17 -3.43
N ASN G 129 24.31 41.64 -2.22
CA ASN G 129 25.44 42.52 -1.97
C ASN G 129 26.47 42.00 -0.97
N TYR G 130 26.41 40.71 -0.63
CA TYR G 130 27.29 40.07 0.36
C TYR G 130 28.72 40.57 0.24
N GLU G 131 29.29 40.34 -0.93
CA GLU G 131 30.64 40.78 -1.26
C GLU G 131 30.84 42.28 -0.97
N TYR G 132 29.99 43.14 -1.54
CA TYR G 132 30.13 44.57 -1.32
C TYR G 132 30.21 44.96 0.15
N PHE G 133 29.25 44.46 0.95
CA PHE G 133 29.20 44.73 2.39
C PHE G 133 30.34 44.10 3.19
N ASP G 134 30.84 42.94 2.74
CA ASP G 134 31.95 42.27 3.42
C ASP G 134 33.24 43.09 3.32
N GLN G 135 33.24 44.05 2.41
CA GLN G 135 34.33 45.03 2.27
C GLN G 135 34.56 45.84 3.55
N PHE G 136 33.58 45.83 4.44
CA PHE G 136 33.66 46.57 5.71
C PHE G 136 33.73 45.62 6.92
N GLU G 137 34.32 46.13 7.99
CA GLU G 137 34.52 45.39 9.25
C GLU G 137 33.22 45.10 10.00
N GLN G 138 32.34 46.09 10.12
CA GLN G 138 31.02 45.87 10.73
C GLN G 138 29.88 46.61 9.99
N ILE G 139 28.75 45.92 9.83
CA ILE G 139 27.59 46.42 9.09
C ILE G 139 26.49 46.84 10.06
N ILE G 140 26.23 48.14 10.12
CA ILE G 140 25.28 48.70 11.09
C ILE G 140 23.90 48.94 10.47
N LEU G 141 22.97 48.02 10.72
CA LEU G 141 21.62 48.15 10.19
C LEU G 141 20.80 49.18 10.97
N MET G 142 20.67 50.37 10.40
CA MET G 142 19.86 51.41 10.99
C MET G 142 18.53 51.55 10.26
N PHE G 143 17.64 50.58 10.48
CA PHE G 143 16.32 50.54 9.83
C PHE G 143 15.23 51.22 10.66
N ASP G 144 14.01 51.24 10.10
CA ASP G 144 12.81 51.77 10.77
C ASP G 144 12.55 51.13 12.14
N MET G 145 12.05 51.94 13.06
CA MET G 145 11.78 51.50 14.43
C MET G 145 10.33 51.05 14.61
N ASP G 146 9.85 50.21 13.70
CA ASP G 146 8.46 49.73 13.73
C ASP G 146 8.35 48.24 13.42
N GLU G 147 7.12 47.72 13.54
CA GLU G 147 6.76 46.36 13.13
C GLU G 147 7.65 45.83 12.02
N ALA G 148 7.35 46.26 10.79
CA ALA G 148 8.00 45.75 9.58
C ALA G 148 9.46 46.14 9.48
N GLY G 149 9.86 47.14 10.27
CA GLY G 149 11.20 47.67 10.28
C GLY G 149 12.17 46.81 11.09
N ARG G 150 11.68 46.28 12.21
CA ARG G 150 12.46 45.32 12.95
C ARG G 150 12.55 44.03 12.15
N LYS G 151 11.45 43.64 11.51
CA LYS G 151 11.44 42.46 10.65
C LYS G 151 12.48 42.60 9.56
N ALA G 152 12.56 43.78 8.95
CA ALA G 152 13.52 44.04 7.88
C ALA G 152 14.93 43.74 8.37
N VAL G 153 15.28 44.30 9.52
CA VAL G 153 16.55 44.01 10.17
C VAL G 153 16.82 42.50 10.25
N GLU G 154 15.87 41.75 10.80
CA GLU G 154 15.96 40.29 10.94
C GLU G 154 16.28 39.53 9.64
N GLU G 155 15.44 39.74 8.62
CA GLU G 155 15.64 39.13 7.32
C GLU G 155 16.97 39.55 6.70
N ALA G 156 17.37 40.79 6.98
CA ALA G 156 18.59 41.37 6.46
C ALA G 156 19.82 40.66 6.99
N ALA G 157 19.97 40.68 8.31
CA ALA G 157 21.10 40.07 8.99
C ALA G 157 21.22 38.60 8.63
N GLN G 158 20.09 37.91 8.51
CA GLN G 158 20.11 36.51 8.13
C GLN G 158 20.97 36.25 6.89
N VAL G 159 20.80 37.07 5.86
CA VAL G 159 21.54 36.92 4.60
C VAL G 159 22.88 37.67 4.57
N LEU G 160 23.12 38.54 5.56
CA LEU G 160 24.36 39.32 5.66
C LEU G 160 25.53 38.57 6.33
N PRO G 161 26.76 38.96 5.99
CA PRO G 161 27.96 38.22 6.37
C PRO G 161 28.24 38.09 7.87
N ALA G 162 28.34 36.85 8.36
CA ALA G 162 28.96 36.51 9.67
C ALA G 162 28.65 37.41 10.89
N GLY G 163 29.66 37.65 11.73
CA GLY G 163 29.45 38.37 12.98
C GLY G 163 29.68 39.86 12.86
N LYS G 164 29.21 40.43 11.75
CA LYS G 164 29.46 41.83 11.44
C LYS G 164 28.26 42.71 11.74
N VAL G 165 27.06 42.15 11.65
CA VAL G 165 25.84 42.94 11.76
C VAL G 165 25.55 43.42 13.15
N ARG G 166 25.24 44.70 13.27
CA ARG G 166 24.77 45.21 14.54
C ARG G 166 23.55 46.11 14.32
N VAL G 167 22.53 45.94 15.15
CA VAL G 167 21.29 46.68 14.97
C VAL G 167 21.33 48.06 15.61
N ALA G 168 20.91 49.05 14.83
CA ALA G 168 20.74 50.42 15.33
C ALA G 168 19.41 50.53 16.08
N VAL G 169 19.41 51.30 17.16
CA VAL G 169 18.22 51.50 17.97
C VAL G 169 18.01 52.98 18.29
N LEU G 170 17.14 53.62 17.53
CA LEU G 170 16.86 55.05 17.68
C LEU G 170 15.61 55.32 18.51
N PRO G 171 15.53 56.53 19.06
CA PRO G 171 14.34 56.98 19.80
C PRO G 171 13.06 57.15 18.96
N CYS G 172 13.17 57.31 17.64
CA CYS G 172 11.99 57.54 16.79
C CYS G 172 11.94 56.66 15.54
N LYS G 173 10.91 56.86 14.73
CA LYS G 173 10.65 55.99 13.57
C LYS G 173 11.93 55.71 12.79
N ASP G 174 12.58 56.77 12.33
CA ASP G 174 13.83 56.63 11.59
C ASP G 174 14.91 57.63 11.98
N ALA G 175 16.11 57.45 11.42
CA ALA G 175 17.25 58.31 11.72
C ALA G 175 17.02 59.79 11.40
N ASN G 176 16.11 60.06 10.47
CA ASN G 176 15.73 61.45 10.14
C ASN G 176 14.70 62.07 11.09
N GLU G 177 13.73 61.27 11.54
CA GLU G 177 12.77 61.74 12.53
C GLU G 177 13.54 62.23 13.76
N CYS G 178 14.68 61.61 14.03
CA CYS G 178 15.59 62.01 15.11
C CYS G 178 16.20 63.38 14.83
N HIS G 179 16.90 63.48 13.70
CA HIS G 179 17.52 64.73 13.27
C HIS G 179 16.53 65.91 13.28
N LEU G 180 15.42 65.76 12.57
CA LEU G 180 14.32 66.74 12.56
C LEU G 180 13.95 67.05 13.99
N ASN G 181 14.53 68.13 14.50
CA ASN G 181 14.60 68.42 15.92
C ASN G 181 14.32 67.25 16.86
N GLY G 182 15.39 66.81 17.48
CA GLY G 182 15.34 65.75 18.47
C GLY G 182 16.74 65.44 18.94
N HIS G 183 17.22 64.26 18.56
CA HIS G 183 18.41 63.70 19.17
C HIS G 183 19.41 63.27 18.12
N ASP G 184 20.15 64.24 17.61
CA ASP G 184 21.27 63.93 16.74
C ASP G 184 22.22 63.01 17.49
N ARG G 185 22.52 63.36 18.73
CA ARG G 185 23.46 62.61 19.57
C ARG G 185 23.02 61.17 19.82
N GLU G 186 21.73 60.90 19.67
CA GLU G 186 21.20 59.55 19.79
C GLU G 186 21.62 58.69 18.59
N ILE G 187 21.48 59.25 17.38
CA ILE G 187 21.96 58.62 16.13
C ILE G 187 23.46 58.33 16.18
N MET G 188 24.22 59.28 16.74
CA MET G 188 25.67 59.20 16.89
C MET G 188 26.11 58.04 17.77
N GLU G 189 25.52 57.96 18.96
CA GLU G 189 25.82 56.88 19.92
C GLU G 189 25.57 55.48 19.34
N GLN G 190 24.93 55.40 18.16
CA GLN G 190 24.66 54.14 17.49
C GLN G 190 25.62 53.87 16.34
N VAL G 191 25.84 54.87 15.49
CA VAL G 191 26.83 54.78 14.43
C VAL G 191 28.17 54.29 14.98
N TRP G 192 28.68 54.94 16.02
CA TRP G 192 29.73 54.33 16.88
C TRP G 192 29.06 53.39 17.86
N ASN G 193 29.77 52.41 18.38
CA ASN G 193 29.22 51.57 19.47
C ASN G 193 27.69 51.42 19.54
N ALA G 194 27.11 50.70 18.58
CA ALA G 194 25.74 50.19 18.72
C ALA G 194 25.78 48.67 18.97
N GLY G 195 24.89 48.17 19.83
CA GLY G 195 24.91 46.77 20.24
C GLY G 195 24.63 45.75 19.14
N PRO G 196 25.35 44.61 19.16
CA PRO G 196 25.21 43.56 18.14
C PRO G 196 24.14 42.47 18.43
N TRP G 197 23.53 41.87 17.39
CA TRP G 197 22.73 40.64 17.57
C TRP G 197 22.46 39.75 16.30
N ILE G 198 21.28 39.15 16.11
CA ILE G 198 20.78 38.41 14.82
C ILE G 198 20.90 36.88 14.39
N PRO G 199 21.41 36.31 15.38
CA PRO G 199 21.35 34.95 15.92
C PRO G 199 20.16 34.79 16.87
N ASP G 200 19.11 34.10 16.49
CA ASP G 200 17.97 33.99 17.37
C ASP G 200 17.96 32.70 18.19
N GLY G 201 19.03 32.46 18.93
CA GLY G 201 19.12 31.27 19.77
C GLY G 201 20.56 30.98 20.16
N VAL G 202 21.50 31.66 19.49
CA VAL G 202 22.90 31.68 19.88
C VAL G 202 23.05 32.79 20.88
N VAL G 203 23.88 32.56 21.90
CA VAL G 203 23.88 33.41 23.08
C VAL G 203 25.25 33.44 23.76
N SER G 204 26.09 34.43 23.46
CA SER G 204 27.40 34.48 24.13
C SER G 204 27.28 34.37 25.67
N ALA G 205 28.22 33.67 26.30
CA ALA G 205 28.14 33.43 27.75
C ALA G 205 28.10 34.71 28.55
N LEU G 206 29.01 35.64 28.19
CA LEU G 206 29.11 36.95 28.82
C LEU G 206 27.75 37.56 29.01
N SER G 207 26.93 37.40 27.99
CA SER G 207 25.58 37.94 27.99
C SER G 207 24.59 37.14 28.81
N LEU G 208 25.08 36.27 29.70
CA LEU G 208 24.17 35.51 30.53
C LEU G 208 24.30 35.82 32.02
N ARG G 209 25.28 36.65 32.36
CA ARG G 209 25.55 36.98 33.76
C ARG G 209 24.25 37.01 34.54
N GLU G 210 23.43 37.99 34.19
CA GLU G 210 22.23 38.23 34.95
C GLU G 210 21.39 37.01 35.01
N ARG G 211 21.09 36.41 33.87
CA ARG G 211 20.16 35.26 33.88
C ARG G 211 20.64 34.16 34.84
N ILE G 212 21.97 34.07 34.94
CA ILE G 212 22.64 33.07 35.78
C ILE G 212 22.44 33.36 37.25
N ARG G 213 22.88 34.55 37.65
CA ARG G 213 22.70 35.02 39.02
C ARG G 213 21.24 34.97 39.40
N GLU G 214 20.29 35.43 38.65
CA GLU G 214 18.95 35.11 39.17
C GLU G 214 18.64 33.59 39.22
N HIS G 215 19.25 32.77 38.35
CA HIS G 215 19.03 31.32 38.39
C HIS G 215 19.46 30.77 39.75
N LEU G 216 20.72 31.09 40.09
CA LEU G 216 21.40 30.49 41.23
C LEU G 216 20.61 30.66 42.52
N SER G 217 20.05 31.85 42.70
CA SER G 217 19.19 32.13 43.86
C SER G 217 17.86 31.40 43.74
N SER G 218 17.22 31.56 42.61
CA SER G 218 15.92 30.98 42.35
C SER G 218 15.83 29.47 42.53
N GLU G 219 16.66 28.73 41.77
CA GLU G 219 16.54 27.27 41.78
C GLU G 219 17.52 26.45 42.57
N GLU G 220 16.98 25.32 42.97
CA GLU G 220 17.28 24.82 44.27
C GLU G 220 17.67 23.41 44.44
N SER G 221 18.48 23.40 45.45
CA SER G 221 19.45 22.41 45.63
C SER G 221 18.82 21.16 46.22
N VAL G 222 18.39 21.27 47.47
CA VAL G 222 18.01 20.12 48.26
C VAL G 222 16.51 19.94 48.28
N GLY G 223 15.88 20.12 47.12
CA GLY G 223 14.43 20.01 47.03
C GLY G 223 13.76 18.71 47.47
N LEU G 224 13.04 18.76 48.58
CA LEU G 224 12.15 17.64 48.96
C LEU G 224 12.87 16.30 49.08
N LEU G 225 13.15 15.88 50.30
CA LEU G 225 14.02 14.73 50.48
C LEU G 225 13.26 13.43 50.54
N PHE G 226 13.70 12.53 49.68
CA PHE G 226 13.11 11.22 49.63
C PHE G 226 13.16 10.62 51.04
N SER G 227 12.10 9.93 51.39
CA SER G 227 12.08 9.36 52.72
C SER G 227 12.22 7.86 52.73
N GLY G 228 13.08 7.40 53.63
CA GLY G 228 13.14 6.00 53.94
C GLY G 228 14.37 5.37 53.38
N CYS G 229 15.28 6.21 52.93
CA CYS G 229 16.56 5.72 52.45
C CYS G 229 17.51 6.86 52.10
N THR G 230 18.08 7.53 53.10
CA THR G 230 19.10 8.49 52.77
C THR G 230 20.07 7.69 51.92
N GLY G 231 20.41 8.26 50.77
CA GLY G 231 20.94 7.43 49.71
C GLY G 231 20.20 7.99 48.55
N ILE G 232 18.98 7.53 48.33
CA ILE G 232 18.11 8.25 47.38
C ILE G 232 18.46 9.75 47.44
N ASN G 233 18.68 10.27 48.65
CA ASN G 233 18.90 11.68 48.83
C ASN G 233 20.30 12.01 48.51
N ASP G 234 21.18 11.33 49.20
CA ASP G 234 22.61 11.46 48.93
C ASP G 234 22.94 11.52 47.43
N LYS G 235 22.29 10.67 46.63
CA LYS G 235 22.66 10.56 45.24
C LYS G 235 21.89 11.53 44.40
N THR G 236 20.64 11.79 44.75
CA THR G 236 19.82 12.64 43.88
C THR G 236 19.67 14.04 44.39
N LEU G 237 19.98 14.25 45.67
CA LEU G 237 19.79 15.57 46.23
C LEU G 237 18.31 15.98 46.26
N GLY G 238 17.41 15.00 46.11
CA GLY G 238 15.99 15.21 46.22
C GLY G 238 15.17 15.32 44.94
N ALA G 239 13.95 15.82 45.16
CA ALA G 239 13.00 16.05 44.09
C ALA G 239 12.81 17.52 44.01
N ARG G 240 13.63 18.12 43.14
CA ARG G 240 13.54 19.54 42.82
C ARG G 240 12.31 19.81 41.94
N GLY G 241 11.67 20.97 42.15
CA GLY G 241 10.46 21.29 41.37
C GLY G 241 10.72 21.37 39.87
N GLY G 242 9.70 21.13 39.06
CA GLY G 242 9.85 21.11 37.62
C GLY G 242 10.57 19.89 37.06
N GLU G 243 11.24 19.15 37.93
CA GLU G 243 11.78 17.84 37.57
C GLU G 243 10.66 16.85 37.23
N VAL G 244 11.03 15.65 36.80
CA VAL G 244 10.05 14.56 36.67
C VAL G 244 10.68 13.29 37.21
N ILE G 245 10.39 12.96 38.47
CA ILE G 245 10.95 11.76 39.09
C ILE G 245 10.18 10.58 38.62
N MET G 246 10.88 9.50 38.30
CA MET G 246 10.20 8.33 37.76
C MET G 246 10.52 7.09 38.58
N VAL G 247 9.54 6.56 39.30
CA VAL G 247 9.75 5.37 40.08
C VAL G 247 9.36 4.18 39.27
N THR G 248 10.22 3.15 39.24
CA THR G 248 9.94 1.95 38.47
C THR G 248 10.42 0.73 39.19
N SER G 249 9.85 -0.40 38.82
CA SER G 249 10.41 -1.67 39.18
C SER G 249 9.53 -2.86 38.81
N GLY G 250 10.01 -4.08 39.02
CA GLY G 250 9.25 -5.27 38.64
C GLY G 250 7.81 -5.18 39.16
N SER G 251 7.38 -6.34 39.76
CA SER G 251 6.04 -6.53 40.32
C SER G 251 5.75 -5.52 41.46
N GLY G 252 6.83 -4.94 42.04
CA GLY G 252 6.73 -3.84 42.98
C GLY G 252 5.30 -3.33 43.27
N MET G 253 4.75 -3.82 44.37
CA MET G 253 3.76 -3.09 45.12
C MET G 253 4.63 -2.28 46.07
N VAL G 254 5.70 -2.92 46.47
CA VAL G 254 6.93 -2.27 46.90
C VAL G 254 7.06 -0.90 46.24
N MET G 255 6.95 -0.86 44.93
CA MET G 255 6.90 0.42 44.21
C MET G 255 5.75 1.35 44.64
N SER G 256 4.53 0.82 44.65
CA SER G 256 3.33 1.59 45.00
C SER G 256 3.28 2.05 46.46
N THR G 257 4.14 1.43 47.28
CA THR G 257 4.26 1.74 48.69
C THR G 257 5.25 2.84 48.79
N PHE G 258 6.34 2.65 48.09
CA PHE G 258 7.40 3.60 48.18
C PHE G 258 6.83 4.97 47.82
N VAL G 259 6.14 5.04 46.68
CA VAL G 259 5.57 6.30 46.26
C VAL G 259 4.61 6.85 47.29
N ARG G 260 3.76 5.96 47.80
CA ARG G 260 2.79 6.31 48.83
C ARG G 260 3.46 6.92 50.07
N GLN G 261 4.55 6.28 50.46
CA GLN G 261 5.23 6.67 51.62
C GLN G 261 5.66 8.11 51.39
N GLN G 262 6.34 8.35 50.27
CA GLN G 262 6.76 9.69 49.93
C GLN G 262 5.62 10.70 50.03
N ALA G 263 4.54 10.43 49.29
CA ALA G 263 3.35 11.24 49.34
C ALA G 263 3.03 11.54 50.78
N LEU G 264 3.08 10.50 51.62
CA LEU G 264 2.80 10.66 53.04
C LEU G 264 3.69 11.72 53.70
N GLN G 265 5.00 11.49 53.75
CA GLN G 265 5.85 12.41 54.51
C GLN G 265 5.92 13.81 53.89
N TRP G 266 5.75 13.93 52.58
CA TRP G 266 5.77 15.24 51.96
C TRP G 266 4.58 16.09 52.39
N GLY G 267 3.47 15.43 52.63
CA GLY G 267 2.24 16.17 52.88
C GLY G 267 1.95 16.35 54.35
N THR G 268 2.92 16.00 55.18
CA THR G 268 2.69 16.05 56.61
C THR G 268 3.93 16.58 57.31
N ALA G 269 5.04 15.86 57.21
CA ALA G 269 6.28 16.30 57.83
C ALA G 269 6.58 17.65 57.21
N MET G 270 6.83 17.61 55.90
CA MET G 270 6.99 18.79 55.09
C MET G 270 5.60 19.47 54.94
N GLY G 271 5.60 20.76 54.61
CA GLY G 271 4.34 21.45 54.44
C GLY G 271 3.62 21.06 53.17
N LYS G 272 4.35 20.51 52.23
CA LYS G 272 3.89 20.44 50.87
C LYS G 272 2.52 19.81 50.68
N LYS G 273 1.75 20.39 49.76
CA LYS G 273 0.48 19.90 49.31
C LYS G 273 0.70 18.78 48.26
N VAL G 274 0.27 17.56 48.54
CA VAL G 274 0.37 16.49 47.54
C VAL G 274 -0.91 16.30 46.72
N GLY G 275 -0.76 16.13 45.42
CA GLY G 275 -1.89 15.73 44.61
C GLY G 275 -1.66 14.33 44.08
N LEU G 276 -2.67 13.47 44.15
CA LEU G 276 -2.50 12.08 43.77
C LEU G 276 -3.42 11.73 42.67
N ALA G 277 -2.89 11.10 41.64
CA ALA G 277 -3.73 10.47 40.62
C ALA G 277 -3.37 9.03 40.64
N MET G 278 -4.00 8.27 41.52
CA MET G 278 -3.75 6.83 41.64
C MET G 278 -4.65 6.11 40.68
N LEU G 279 -4.26 5.97 39.44
CA LEU G 279 -5.26 5.57 38.47
C LEU G 279 -5.78 4.15 38.67
N GLU G 280 -5.02 3.35 39.44
CA GLU G 280 -5.27 1.92 39.58
C GLU G 280 -6.49 1.68 40.40
N GLU G 281 -6.55 2.40 41.51
CA GLU G 281 -7.50 2.18 42.59
C GLU G 281 -8.49 3.33 42.76
N SER G 282 -9.43 3.19 43.67
CA SER G 282 -10.45 4.21 43.91
C SER G 282 -9.93 5.32 44.79
N VAL G 283 -10.67 6.39 44.95
CA VAL G 283 -10.12 7.50 45.69
C VAL G 283 -10.27 7.20 47.17
N GLU G 284 -11.28 6.42 47.49
CA GLU G 284 -11.57 6.11 48.87
C GLU G 284 -10.48 5.18 49.26
N GLU G 285 -10.23 4.13 48.47
CA GLU G 285 -9.20 3.14 48.77
C GLU G 285 -7.90 3.86 49.09
N THR G 286 -7.39 4.66 48.18
CA THR G 286 -6.07 5.19 48.41
C THR G 286 -6.06 5.96 49.71
N ALA G 287 -7.15 6.66 49.99
CA ALA G 287 -7.25 7.44 51.23
C ALA G 287 -7.10 6.57 52.45
N GLU G 288 -7.72 5.38 52.43
CA GLU G 288 -7.57 4.42 53.51
C GLU G 288 -6.10 4.03 53.58
N ASP G 289 -5.54 3.62 52.44
CA ASP G 289 -4.17 3.20 52.43
C ASP G 289 -3.27 4.22 53.03
N LEU G 290 -3.54 5.50 52.78
CA LEU G 290 -2.79 6.55 53.42
C LEU G 290 -2.97 6.53 54.94
N ILE G 291 -4.19 6.72 55.41
CA ILE G 291 -4.50 6.66 56.84
C ILE G 291 -3.84 5.53 57.54
N GLY G 292 -3.97 4.33 56.98
CA GLY G 292 -3.37 3.17 57.60
C GLY G 292 -1.86 3.30 57.72
N LEU G 293 -1.26 3.72 56.63
CA LEU G 293 0.17 3.86 56.51
C LEU G 293 0.67 4.90 57.44
N HIS G 294 -0.15 5.87 57.70
CA HIS G 294 0.28 6.96 58.53
C HIS G 294 0.21 6.48 59.94
N ASN G 295 -0.69 5.56 60.21
CA ASN G 295 -0.86 5.01 61.54
C ASN G 295 -0.19 3.63 61.69
N ARG G 296 0.76 3.34 60.81
CA ARG G 296 1.57 2.13 60.87
C ARG G 296 0.74 0.90 61.16
N VAL G 297 -0.40 0.78 60.50
CA VAL G 297 -1.26 -0.38 60.68
C VAL G 297 -1.80 -0.74 59.32
N ARG G 298 -1.96 -2.02 58.99
CA ARG G 298 -2.48 -2.37 57.65
C ARG G 298 -4.01 -2.28 57.60
N LEU G 299 -4.49 -1.06 57.42
CA LEU G 299 -5.90 -0.77 57.62
C LEU G 299 -6.85 -1.51 56.72
N ARG G 300 -6.75 -1.40 55.40
CA ARG G 300 -7.80 -2.05 54.61
C ARG G 300 -7.77 -3.54 54.74
N GLN G 301 -6.56 -4.02 54.97
CA GLN G 301 -6.21 -5.43 55.00
C GLN G 301 -6.70 -6.10 56.29
N SER G 302 -7.71 -5.55 56.98
CA SER G 302 -8.12 -6.07 58.29
C SER G 302 -9.52 -5.73 58.74
N ASP G 303 -10.41 -6.70 58.60
CA ASP G 303 -11.84 -6.54 58.90
C ASP G 303 -11.98 -5.93 60.30
N SER G 304 -11.29 -6.54 61.27
CA SER G 304 -11.45 -6.27 62.69
C SER G 304 -11.16 -4.82 63.06
N LEU G 305 -10.04 -4.33 62.54
CA LEU G 305 -9.56 -3.02 62.88
C LEU G 305 -10.45 -1.98 62.27
N LYS G 306 -10.87 -2.21 61.04
CA LYS G 306 -11.80 -1.29 60.38
C LYS G 306 -12.96 -1.01 61.31
N ARG G 307 -13.68 -2.07 61.70
CA ARG G 307 -14.86 -1.96 62.55
C ARG G 307 -14.51 -1.17 63.80
N GLU G 308 -13.37 -1.58 64.40
CA GLU G 308 -12.89 -1.09 65.65
C GLU G 308 -12.82 0.42 65.62
N ILE G 309 -12.05 0.98 64.68
CA ILE G 309 -11.87 2.42 64.67
C ILE G 309 -13.05 3.20 64.18
N ILE G 310 -13.96 2.54 63.48
CA ILE G 310 -15.19 3.22 63.10
C ILE G 310 -15.97 3.53 64.36
N GLU G 311 -16.14 2.51 65.19
CA GLU G 311 -16.88 2.64 66.46
C GLU G 311 -16.20 3.47 67.56
N ASN G 312 -14.92 3.16 67.84
CA ASN G 312 -14.19 3.80 68.92
C ASN G 312 -13.75 5.23 68.62
N GLY G 313 -14.29 5.82 67.55
CA GLY G 313 -14.00 7.20 67.22
C GLY G 313 -12.62 7.45 66.63
N LYS G 314 -11.74 6.46 66.69
CA LYS G 314 -10.39 6.67 66.25
C LYS G 314 -10.33 7.03 64.78
N PHE G 315 -11.29 6.56 63.98
CA PHE G 315 -11.29 6.85 62.54
C PHE G 315 -11.35 8.33 62.34
N ASP G 316 -12.41 8.94 62.87
CA ASP G 316 -12.68 10.36 62.69
C ASP G 316 -11.52 11.12 63.25
N GLN G 317 -10.82 10.51 64.18
CA GLN G 317 -9.69 11.15 64.84
C GLN G 317 -8.50 11.09 63.93
N TRP G 318 -8.19 9.90 63.43
CA TRP G 318 -7.01 9.65 62.62
C TRP G 318 -7.15 10.45 61.38
N PHE G 319 -8.38 10.47 60.88
CA PHE G 319 -8.71 11.09 59.63
C PHE G 319 -8.42 12.56 59.72
N ASP G 320 -8.95 13.21 60.74
CA ASP G 320 -8.66 14.61 60.96
C ASP G 320 -7.14 14.74 61.03
N GLU G 321 -6.54 13.97 61.94
CA GLU G 321 -5.09 13.97 62.20
C GLU G 321 -4.25 14.07 60.95
N LEU G 322 -4.48 13.17 60.01
CA LEU G 322 -3.74 13.16 58.76
C LEU G 322 -4.22 14.25 57.79
N PHE G 323 -5.51 14.28 57.57
CA PHE G 323 -6.02 14.95 56.39
C PHE G 323 -6.38 16.41 56.58
N GLY G 324 -6.70 16.77 57.81
CA GLY G 324 -7.31 18.07 58.10
C GLY G 324 -6.40 19.29 58.01
N ASN G 325 -5.45 19.20 57.09
CA ASN G 325 -4.58 20.28 56.77
C ASN G 325 -4.63 20.57 55.27
N ASP G 326 -5.78 20.22 54.67
CA ASP G 326 -6.07 20.42 53.24
C ASP G 326 -4.82 20.32 52.41
N THR G 327 -4.07 19.26 52.66
CA THR G 327 -2.77 19.11 52.08
C THR G 327 -2.76 17.95 51.05
N PHE G 328 -3.60 16.92 51.25
CA PHE G 328 -3.77 15.88 50.26
C PHE G 328 -5.01 16.14 49.44
N HIS G 329 -4.87 15.90 48.12
CA HIS G 329 -5.99 15.96 47.14
C HIS G 329 -5.84 14.93 46.02
N LEU G 330 -6.94 14.26 45.67
CA LEU G 330 -6.84 13.15 44.72
C LEU G 330 -7.68 13.33 43.48
N TYR G 331 -7.10 13.03 42.32
CA TYR G 331 -7.90 12.84 41.11
C TYR G 331 -8.64 11.56 41.30
N ASP G 332 -9.97 11.55 41.15
CA ASP G 332 -10.77 10.33 41.29
C ASP G 332 -11.38 10.07 39.95
N SER G 333 -11.22 8.84 39.45
CA SER G 333 -11.62 8.56 38.03
C SER G 333 -13.02 7.99 37.62
N PHE G 334 -12.96 6.83 36.94
CA PHE G 334 -13.84 6.43 35.80
C PHE G 334 -13.76 7.38 34.60
N GLU G 338 -9.20 10.45 28.98
CA GLU G 338 -8.29 10.65 27.84
C GLU G 338 -6.91 10.99 28.35
N THR G 339 -5.96 11.17 27.45
CA THR G 339 -4.64 11.70 27.82
C THR G 339 -4.76 13.20 28.11
N ASP G 340 -5.31 13.90 27.12
CA ASP G 340 -5.56 15.34 27.20
C ASP G 340 -6.43 15.63 28.46
N ARG G 341 -7.59 14.96 28.54
CA ARG G 341 -8.48 15.05 29.70
C ARG G 341 -7.79 14.88 31.06
N LEU G 342 -6.88 13.91 31.18
CA LEU G 342 -6.17 13.69 32.46
C LEU G 342 -5.25 14.86 32.74
N LEU G 343 -4.38 15.13 31.77
CA LEU G 343 -3.37 16.16 31.88
C LEU G 343 -3.98 17.45 32.36
N ALA G 344 -5.16 17.75 31.85
CA ALA G 344 -5.95 18.92 32.26
C ALA G 344 -6.31 18.93 33.75
N LYS G 345 -6.80 17.79 34.25
CA LYS G 345 -7.13 17.64 35.67
C LYS G 345 -5.89 17.87 36.50
N LEU G 346 -4.81 17.19 36.13
CA LEU G 346 -3.55 17.29 36.85
C LEU G 346 -3.08 18.73 36.92
N ALA G 347 -3.30 19.47 35.84
CA ALA G 347 -2.86 20.84 35.78
C ALA G 347 -3.60 21.68 36.79
N TYR G 348 -4.92 21.49 36.87
CA TYR G 348 -5.72 22.27 37.81
C TYR G 348 -5.36 21.95 39.23
N MET G 349 -4.86 20.74 39.46
CA MET G 349 -4.33 20.41 40.78
C MET G 349 -3.19 21.38 41.09
N ARG G 350 -2.21 21.40 40.18
CA ARG G 350 -1.11 22.35 40.20
C ARG G 350 -1.60 23.79 40.28
N SER G 351 -2.45 24.19 39.35
CA SER G 351 -2.70 25.61 39.18
C SER G 351 -3.78 26.15 40.08
N GLY G 352 -4.77 25.32 40.33
CA GLY G 352 -5.95 25.73 41.07
C GLY G 352 -5.74 25.52 42.54
N LEU G 353 -5.68 24.26 42.97
CA LEU G 353 -5.36 23.94 44.37
C LEU G 353 -3.87 24.10 44.74
N GLY G 354 -3.04 24.35 43.73
CA GLY G 354 -1.65 24.62 44.00
C GLY G 354 -0.94 23.63 44.88
N CYS G 355 -0.92 22.38 44.46
CA CYS G 355 -0.07 21.42 45.14
C CYS G 355 1.27 21.48 44.44
N ASP G 356 2.33 21.07 45.12
CA ASP G 356 3.66 21.15 44.57
C ASP G 356 4.21 19.79 44.20
N VAL G 357 3.58 18.74 44.67
CA VAL G 357 3.86 17.43 44.10
C VAL G 357 2.60 16.82 43.50
N ILE G 358 2.74 16.19 42.34
CA ILE G 358 1.65 15.41 41.80
C ILE G 358 2.26 14.07 41.64
N ILE G 359 1.62 13.05 42.20
CA ILE G 359 2.06 11.68 42.02
C ILE G 359 1.11 11.02 41.04
N LEU G 360 1.62 10.51 39.93
CA LEU G 360 0.74 9.91 38.94
C LEU G 360 1.02 8.45 38.91
N ASP G 361 0.19 7.66 39.62
CA ASP G 361 0.45 6.23 39.76
C ASP G 361 -0.05 5.47 38.59
N HIS G 362 0.96 5.28 37.77
CA HIS G 362 1.05 4.26 36.82
C HIS G 362 0.69 4.66 35.41
N ILE G 363 1.79 5.12 34.79
CA ILE G 363 1.76 5.67 33.45
C ILE G 363 1.17 4.68 32.46
N SER G 364 1.48 3.40 32.68
CA SER G 364 1.14 2.30 31.80
C SER G 364 -0.27 2.45 31.31
N ILE G 365 -1.14 2.86 32.23
CA ILE G 365 -2.49 3.27 31.84
C ILE G 365 -2.44 4.61 31.12
N VAL G 366 -2.56 4.51 29.76
CA VAL G 366 -2.72 5.73 28.94
C VAL G 366 -4.17 6.37 29.29
N VAL G 367 -5.25 5.96 28.47
CA VAL G 367 -6.79 6.10 28.49
C VAL G 367 -7.72 7.35 28.33
N SER G 368 -8.35 7.05 27.11
CA SER G 368 -9.47 7.48 26.14
C SER G 368 -9.33 8.53 25.00
N ALA G 369 -9.35 7.87 23.80
CA ALA G 369 -9.26 8.38 22.41
C ALA G 369 -8.90 7.23 21.42
N SER G 370 -9.61 6.11 21.51
CA SER G 370 -9.31 4.80 20.75
C SER G 370 -9.54 4.58 19.23
N GLY G 371 -8.45 4.72 18.48
CA GLY G 371 -8.37 4.40 17.06
C GLY G 371 -6.91 4.33 16.62
N GLU G 372 -6.03 4.29 17.64
CA GLU G 372 -4.57 4.53 17.51
C GLU G 372 -3.63 3.39 17.95
N SER G 373 -2.55 3.20 17.17
CA SER G 373 -1.58 2.11 17.35
C SER G 373 -0.61 2.28 18.53
N ASP G 374 0.53 1.60 18.44
CA ASP G 374 1.45 1.29 19.58
C ASP G 374 1.46 2.16 20.85
N GLU G 375 1.17 1.53 21.99
CA GLU G 375 1.41 2.17 23.29
C GLU G 375 2.90 2.57 23.36
N ARG G 376 3.73 1.86 22.59
CA ARG G 376 5.13 2.19 22.39
C ARG G 376 5.27 3.69 22.10
N LYS G 377 4.56 4.13 21.05
CA LYS G 377 4.57 5.50 20.55
C LYS G 377 3.86 6.43 21.53
N MET G 378 2.60 6.09 21.82
CA MET G 378 1.79 6.97 22.64
C MET G 378 2.35 7.24 24.03
N ILE G 379 2.89 6.21 24.68
CA ILE G 379 3.53 6.40 25.98
C ILE G 379 4.46 7.62 25.94
N ASP G 380 5.20 7.76 24.84
CA ASP G 380 6.10 8.88 24.62
C ASP G 380 5.35 10.22 24.51
N ASN G 381 4.39 10.31 23.60
CA ASN G 381 3.54 11.50 23.47
C ASN G 381 3.07 12.05 24.81
N LEU G 382 2.45 11.21 25.64
CA LEU G 382 2.06 11.65 26.99
C LEU G 382 3.29 12.13 27.78
N MET G 383 4.31 11.28 27.81
CA MET G 383 5.57 11.56 28.49
C MET G 383 5.97 13.01 28.36
N THR G 384 5.91 13.51 27.14
CA THR G 384 6.31 14.88 26.87
C THR G 384 5.32 15.86 27.51
N LYS G 385 4.03 15.75 27.21
CA LYS G 385 3.06 16.68 27.79
C LYS G 385 3.34 16.81 29.27
N LEU G 386 3.72 15.69 29.85
CA LEU G 386 3.97 15.63 31.27
C LEU G 386 5.18 16.49 31.60
N LYS G 387 6.32 16.17 31.00
CA LYS G 387 7.57 16.90 31.27
C LYS G 387 7.39 18.40 31.05
N GLY G 388 6.51 18.71 30.10
CA GLY G 388 6.08 20.06 29.82
C GLY G 388 5.39 20.59 31.05
N PHE G 389 4.19 20.08 31.31
CA PHE G 389 3.50 20.34 32.57
C PHE G 389 4.51 20.62 33.72
N ALA G 390 5.44 19.69 33.90
CA ALA G 390 6.42 19.75 34.97
C ALA G 390 7.23 21.03 34.95
N LYS G 391 8.10 21.14 33.95
CA LYS G 391 9.02 22.26 33.79
C LYS G 391 8.30 23.57 33.59
N SER G 392 7.26 23.55 32.77
CA SER G 392 6.42 24.71 32.55
C SER G 392 5.77 25.28 33.84
N THR G 393 5.60 24.46 34.87
CA THR G 393 4.88 24.96 36.05
C THR G 393 5.57 24.73 37.39
N GLY G 394 6.69 24.01 37.35
CA GLY G 394 7.56 23.88 38.50
C GLY G 394 7.05 22.96 39.56
N VAL G 395 5.92 22.33 39.29
CA VAL G 395 5.43 21.26 40.13
C VAL G 395 6.41 20.08 40.08
N VAL G 396 6.53 19.36 41.19
CA VAL G 396 7.23 18.10 41.20
C VAL G 396 6.29 16.99 40.72
N LEU G 397 6.69 16.35 39.63
CA LEU G 397 5.92 15.24 39.07
C LEU G 397 6.65 13.93 39.26
N VAL G 398 6.22 13.15 40.26
CA VAL G 398 6.59 11.76 40.37
C VAL G 398 5.69 10.94 39.47
N VAL G 399 6.27 10.02 38.72
CA VAL G 399 5.49 9.21 37.82
C VAL G 399 5.94 7.79 38.00
N ILE G 400 4.96 6.93 38.33
CA ILE G 400 5.18 5.52 38.57
C ILE G 400 5.11 4.84 37.26
N CYS G 401 5.87 3.76 37.11
CA CYS G 401 5.89 3.07 35.83
C CYS G 401 6.41 1.63 35.92
N HIS G 402 5.66 0.71 35.31
CA HIS G 402 5.92 -0.71 35.48
C HIS G 402 6.77 -1.30 34.40
N LEU G 403 7.41 -2.42 34.73
CA LEU G 403 8.40 -2.98 33.84
C LEU G 403 7.91 -4.07 32.90
N LYS G 404 8.28 -3.97 31.63
CA LYS G 404 8.12 -5.10 30.71
C LYS G 404 8.83 -6.35 31.30
N ASN G 405 8.53 -7.55 30.80
CA ASN G 405 9.13 -8.75 31.40
C ASN G 405 10.10 -9.61 30.58
N PRO G 406 11.30 -9.71 31.12
CA PRO G 406 12.56 -10.08 30.42
C PRO G 406 12.53 -10.89 29.12
N ASP G 407 12.09 -12.14 29.21
CA ASP G 407 12.41 -13.17 28.21
C ASP G 407 13.80 -13.77 28.49
N LYS G 408 14.57 -13.11 29.37
CA LYS G 408 15.90 -13.58 29.78
C LYS G 408 15.99 -14.16 31.22
N GLY G 409 16.12 -15.49 31.27
CA GLY G 409 16.34 -16.31 32.46
C GLY G 409 15.61 -15.97 33.77
N LYS G 410 16.23 -15.09 34.56
CA LYS G 410 15.74 -14.74 35.88
C LYS G 410 14.74 -13.60 35.81
N ALA G 411 13.59 -13.80 36.48
CA ALA G 411 12.47 -12.88 36.43
C ALA G 411 12.69 -11.68 37.33
N HIS G 412 11.59 -11.08 37.75
CA HIS G 412 11.66 -9.85 38.55
C HIS G 412 11.66 -10.15 40.03
N GLU G 413 10.94 -11.19 40.38
CA GLU G 413 10.81 -11.64 41.75
C GLU G 413 12.03 -12.47 42.10
N GLU G 414 12.84 -12.74 41.07
CA GLU G 414 14.16 -13.36 41.24
C GLU G 414 15.23 -12.29 41.42
N GLY G 415 14.77 -11.08 41.77
CA GLY G 415 15.65 -9.96 42.07
C GLY G 415 16.18 -9.21 40.86
N ARG G 416 16.50 -9.93 39.78
CA ARG G 416 17.12 -9.36 38.57
C ARG G 416 17.12 -7.85 38.50
N PRO G 417 18.32 -7.28 38.49
CA PRO G 417 18.49 -5.81 38.41
C PRO G 417 17.92 -5.21 37.13
N VAL G 418 17.71 -3.92 37.13
CA VAL G 418 17.11 -3.25 36.00
C VAL G 418 18.00 -2.14 35.49
N SER G 419 18.03 -2.01 34.16
CA SER G 419 18.79 -0.95 33.53
C SER G 419 17.83 -0.04 32.78
N ILE G 420 18.34 1.06 32.24
CA ILE G 420 17.52 1.98 31.45
C ILE G 420 17.13 1.33 30.09
N THR G 421 18.01 0.48 29.57
CA THR G 421 17.65 -0.43 28.48
C THR G 421 16.46 -1.27 28.94
N ASP G 422 16.63 -1.89 30.11
CA ASP G 422 15.61 -2.69 30.77
C ASP G 422 14.32 -1.93 30.73
N LEU G 423 14.43 -0.66 30.41
CA LEU G 423 13.30 0.27 30.40
C LEU G 423 12.15 -0.03 29.44
N ARG G 424 10.94 0.26 29.96
CA ARG G 424 9.73 0.35 29.14
C ARG G 424 9.76 1.61 28.25
N GLY G 425 8.61 1.90 27.63
CA GLY G 425 8.51 2.95 26.63
C GLY G 425 9.32 2.68 25.38
N SER G 426 9.58 3.74 24.62
CA SER G 426 10.46 3.64 23.47
C SER G 426 11.43 4.83 23.38
N GLY G 427 11.60 5.50 24.53
CA GLY G 427 12.63 6.52 24.65
C GLY G 427 12.21 7.77 25.40
N ALA G 428 10.91 8.08 25.40
CA ALA G 428 10.48 9.33 25.96
C ALA G 428 10.82 9.42 27.44
N LEU G 429 10.46 8.38 28.21
CA LEU G 429 10.72 8.40 29.66
C LEU G 429 12.20 8.24 29.86
N ARG G 430 12.75 7.25 29.16
CA ARG G 430 14.18 6.98 29.20
C ARG G 430 14.94 8.28 29.01
N GLN G 431 14.23 9.31 28.52
CA GLN G 431 14.77 10.65 28.29
C GLN G 431 14.15 11.69 29.22
N LEU G 432 12.97 12.16 28.85
CA LEU G 432 12.25 13.23 29.56
C LEU G 432 12.28 13.23 31.09
N SER G 433 12.41 12.06 31.72
CA SER G 433 12.45 12.01 33.17
C SER G 433 13.78 12.52 33.69
N ASP G 434 13.74 13.26 34.79
CA ASP G 434 14.98 13.79 35.36
C ASP G 434 15.73 12.84 36.30
N THR G 435 15.06 12.30 37.31
CA THR G 435 15.66 11.24 38.13
C THR G 435 14.89 9.95 37.91
N ILE G 436 15.59 8.84 37.73
CA ILE G 436 14.95 7.52 37.64
C ILE G 436 15.29 6.68 38.90
N ILE G 437 14.36 6.46 39.81
CA ILE G 437 14.63 5.55 40.90
C ILE G 437 14.03 4.20 40.59
N ALA G 438 14.82 3.14 40.68
CA ALA G 438 14.29 1.80 40.51
C ALA G 438 14.40 1.04 41.81
N LEU G 439 13.48 0.11 42.05
CA LEU G 439 13.52 -0.71 43.24
C LEU G 439 13.41 -2.16 42.87
N GLU G 440 14.37 -2.95 43.36
CA GLU G 440 14.42 -4.36 43.04
C GLU G 440 14.08 -5.17 44.26
N ARG G 441 13.51 -6.35 44.05
CA ARG G 441 13.13 -7.19 45.16
C ARG G 441 13.08 -8.65 44.75
N ASN G 442 14.03 -9.42 45.24
CA ASN G 442 14.06 -10.85 44.99
C ASN G 442 13.17 -11.65 45.99
N GLN G 443 11.86 -11.56 45.77
CA GLN G 443 10.87 -12.06 46.72
C GLN G 443 10.88 -13.56 46.96
N GLN G 444 11.81 -14.28 46.30
CA GLN G 444 12.05 -15.67 46.66
C GLN G 444 13.52 -15.84 46.93
N GLY G 445 13.96 -15.45 48.12
CA GLY G 445 15.37 -15.58 48.45
C GLY G 445 15.80 -15.48 49.91
N ASP G 446 16.93 -14.79 50.09
CA ASP G 446 17.56 -14.65 51.40
C ASP G 446 16.83 -13.63 52.23
N MET G 447 16.62 -12.47 51.64
CA MET G 447 15.77 -11.46 52.24
C MET G 447 14.67 -11.15 51.26
N PRO G 448 13.61 -11.96 51.32
CA PRO G 448 12.44 -11.78 50.47
C PRO G 448 11.75 -10.47 50.79
N ASN G 449 12.09 -9.89 51.93
CA ASN G 449 11.58 -8.58 52.25
C ASN G 449 12.59 -7.45 52.00
N LEU G 450 13.81 -7.80 51.60
CA LEU G 450 14.82 -6.79 51.31
C LEU G 450 14.68 -6.19 49.93
N VAL G 451 14.73 -4.89 49.85
CA VAL G 451 14.61 -4.26 48.55
C VAL G 451 15.68 -3.21 48.30
N LEU G 452 16.22 -3.26 47.09
CA LEU G 452 17.36 -2.47 46.68
C LEU G 452 16.87 -1.27 45.92
N VAL G 453 17.65 -0.22 45.97
CA VAL G 453 17.30 0.97 45.22
C VAL G 453 18.44 1.39 44.31
N ARG G 454 18.25 1.26 43.00
CA ARG G 454 19.17 1.81 42.03
C ARG G 454 18.72 3.22 41.69
N ILE G 455 19.65 4.16 41.63
CA ILE G 455 19.37 5.39 40.90
C ILE G 455 19.80 5.14 39.48
N LEU G 456 18.83 5.15 38.58
CA LEU G 456 19.09 4.78 37.22
C LEU G 456 19.48 6.01 36.45
N LYS G 457 19.30 7.17 37.06
CA LYS G 457 19.61 8.41 36.36
C LYS G 457 19.19 9.62 37.18
N CYS G 458 19.93 10.72 37.00
CA CYS G 458 19.70 11.92 37.78
C CYS G 458 20.39 13.10 37.15
N ARG G 459 19.67 13.85 36.34
CA ARG G 459 20.27 14.96 35.60
C ARG G 459 21.08 15.86 36.51
N PHE G 460 20.34 16.50 37.41
CA PHE G 460 20.88 17.40 38.42
C PHE G 460 22.20 16.98 39.11
N THR G 461 22.49 15.69 39.18
CA THR G 461 23.72 15.29 39.79
C THR G 461 24.47 14.28 38.98
N GLY G 462 23.77 13.38 38.32
CA GLY G 462 24.46 12.35 37.59
C GLY G 462 25.27 11.39 38.46
N ASP G 463 25.14 11.57 39.76
CA ASP G 463 25.61 10.55 40.67
C ASP G 463 24.53 9.49 40.68
N THR G 464 24.87 8.29 40.22
CA THR G 464 23.89 7.23 40.09
C THR G 464 24.37 5.91 40.67
N GLY G 465 23.50 4.90 40.58
CA GLY G 465 23.80 3.55 41.03
C GLY G 465 23.03 3.07 42.25
N ILE G 466 23.49 1.95 42.80
CA ILE G 466 22.96 1.43 44.07
C ILE G 466 23.01 2.53 45.07
N ALA G 467 21.92 2.72 45.78
CA ALA G 467 21.82 3.89 46.64
C ALA G 467 21.28 3.59 48.03
N GLY G 468 21.10 2.30 48.33
CA GLY G 468 20.66 1.91 49.65
C GLY G 468 19.65 0.80 49.63
N TYR G 469 19.23 0.39 50.81
CA TYR G 469 18.28 -0.69 50.90
C TYR G 469 17.15 -0.31 51.84
N MET G 470 16.00 -0.96 51.62
CA MET G 470 14.93 -0.96 52.58
C MET G 470 14.44 -2.36 52.81
N GLU G 471 13.59 -2.48 53.81
CA GLU G 471 12.95 -3.75 54.13
C GLU G 471 11.40 -3.58 54.31
N TYR G 472 10.63 -4.48 53.71
CA TYR G 472 9.19 -4.43 53.88
C TYR G 472 8.81 -4.92 55.24
N ASN G 473 8.05 -4.13 55.99
CA ASN G 473 7.47 -4.61 57.23
C ASN G 473 6.10 -5.08 56.90
N LYS G 474 5.93 -6.38 56.68
CA LYS G 474 4.62 -6.94 56.30
C LYS G 474 3.55 -6.60 57.31
N GLU G 475 4.02 -6.20 58.48
CA GLU G 475 3.22 -5.94 59.66
C GLU G 475 2.66 -4.51 59.77
N THR G 476 3.52 -3.49 59.61
CA THR G 476 3.11 -2.08 59.62
C THR G 476 2.77 -1.61 58.23
N GLY G 477 3.46 -2.17 57.24
CA GLY G 477 3.20 -1.89 55.85
C GLY G 477 4.20 -0.90 55.24
N TRP G 478 5.19 -0.50 56.02
CA TRP G 478 6.14 0.48 55.56
C TRP G 478 7.37 -0.04 54.86
N LEU G 479 7.92 0.75 53.97
CA LEU G 479 9.24 0.45 53.54
C LEU G 479 10.22 1.07 54.54
N GLU G 480 10.64 0.29 55.53
CA GLU G 480 11.69 0.73 56.53
C GLU G 480 13.07 0.82 55.89
N PRO G 481 13.87 1.77 56.35
CA PRO G 481 15.26 1.87 55.90
C PRO G 481 16.09 0.72 56.49
N SER G 482 17.14 0.23 55.83
CA SER G 482 17.87 -0.93 56.36
C SER G 482 19.35 -0.80 56.27
N SER G 483 20.00 -1.39 57.27
CA SER G 483 21.43 -1.68 57.25
C SER G 483 21.79 -2.67 56.12
N TYR G 484 22.72 -2.28 55.24
CA TYR G 484 23.17 -3.20 54.20
C TYR G 484 24.27 -2.71 53.26
N SER G 485 25.23 -3.61 53.00
CA SER G 485 26.14 -3.42 51.88
C SER G 485 26.80 -4.73 51.41
N GLY G 486 28.10 -4.65 51.09
CA GLY G 486 28.87 -5.73 50.50
C GLY G 486 28.81 -7.09 51.18
#